data_1DAO
#
_entry.id   1DAO
#
_cell.length_a   326.400
_cell.length_b   136.900
_cell.length_c   196.500
_cell.angle_alpha   90.00
_cell.angle_beta   90.00
_cell.angle_gamma   90.00
#
_symmetry.space_group_name_H-M   'C 2 2 21'
#
loop_
_entity.id
_entity.type
_entity.pdbx_description
1 polymer 'D-AMINO ACID OXIDASE'
2 non-polymer 'FLAVIN-ADENINE DINUCLEOTIDE-N5-ISOBUTYL KETONE'
3 water water
#
_entity_poly.entity_id   1
_entity_poly.type   'polypeptide(L)'
_entity_poly.pdbx_seq_one_letter_code
;MRVVVIGAGVIGLSTALCIHERYHSVLQPLDVKVYADRFTPFTTTDVAAGLWQPYTSEPSNPQEANWNQQTFNYLLSHIG
SPNAANMGLTPVSGYNLFREAVPDPYWKDMVLGFRKLTPRELDMFPDYRYGWFNTSLILEGRKYLQWLTERLTERGVKFF
LRKVESFEEVARGGADVIINCTGVWAGVLQPDPLLQPGRGQIIKVDAPWLKNFIITHDLERGIYNSPYIIPGLQAVTLGG
TFQVGNWNEINNIQDHNTIWEGCCRLEPTLKDAKIVGEYTGFRPVRPQVRLEREQLRFGSSNTEVIHNYGHGGYGLTIHW
GCALEVAKLFGKVLEERNLLTMPPSHL
;
_entity_poly.pdbx_strand_id   A,B,C,D,E,F,G,H
#
# COMPACT_ATOMS: atom_id res chain seq x y z
N MET A 1 79.47 -19.06 4.73
CA MET A 1 79.58 -17.69 5.21
C MET A 1 78.26 -17.08 5.67
N ARG A 2 78.31 -16.44 6.83
CA ARG A 2 77.08 -15.90 7.30
C ARG A 2 76.77 -14.51 6.87
N VAL A 3 75.73 -14.44 6.06
CA VAL A 3 75.27 -13.18 5.55
C VAL A 3 73.95 -12.85 6.20
N VAL A 4 73.76 -11.58 6.51
CA VAL A 4 72.49 -11.16 7.09
C VAL A 4 72.01 -9.91 6.41
N VAL A 5 70.81 -10.05 5.87
CA VAL A 5 70.26 -8.93 5.17
C VAL A 5 69.25 -8.33 6.11
N ILE A 6 69.39 -7.04 6.34
CA ILE A 6 68.44 -6.41 7.20
C ILE A 6 67.56 -5.61 6.30
N GLY A 7 66.26 -5.84 6.56
CA GLY A 7 65.14 -5.25 5.85
C GLY A 7 64.62 -6.21 4.78
N ALA A 8 63.31 -6.17 4.60
CA ALA A 8 62.64 -7.05 3.67
C ALA A 8 61.73 -6.27 2.72
N GLY A 9 62.14 -5.06 2.37
CA GLY A 9 61.39 -4.24 1.43
C GLY A 9 61.85 -4.77 0.07
N VAL A 10 61.50 -4.03 -0.98
CA VAL A 10 61.95 -4.52 -2.27
C VAL A 10 63.46 -4.57 -2.31
N ILE A 11 64.07 -3.61 -1.64
CA ILE A 11 65.53 -3.62 -1.64
C ILE A 11 66.16 -4.82 -0.96
N GLY A 12 65.77 -5.08 0.28
CA GLY A 12 66.40 -6.22 0.90
C GLY A 12 66.27 -7.50 0.08
N LEU A 13 65.04 -7.77 -0.30
CA LEU A 13 64.81 -9.00 -1.02
C LEU A 13 65.55 -9.19 -2.31
N SER A 14 65.40 -8.21 -3.18
CA SER A 14 66.05 -8.33 -4.45
C SER A 14 67.51 -8.58 -4.20
N THR A 15 68.01 -7.78 -3.30
CA THR A 15 69.42 -7.88 -3.01
C THR A 15 69.81 -9.26 -2.56
N ALA A 16 69.08 -9.70 -1.56
CA ALA A 16 69.38 -11.02 -1.06
C ALA A 16 69.32 -12.04 -2.18
N LEU A 17 68.25 -11.96 -2.92
CA LEU A 17 68.13 -12.92 -3.99
C LEU A 17 69.33 -12.93 -4.92
N CYS A 18 69.54 -11.72 -5.36
CA CYS A 18 70.57 -11.47 -6.28
C CYS A 18 71.89 -12.02 -5.76
N ILE A 19 72.19 -11.81 -4.49
CA ILE A 19 73.48 -12.29 -3.99
C ILE A 19 73.47 -13.80 -4.09
N HIS A 20 72.45 -14.39 -3.49
CA HIS A 20 72.34 -15.83 -3.47
C HIS A 20 72.33 -16.42 -4.85
N GLU A 21 71.55 -15.78 -5.70
CA GLU A 21 71.42 -16.26 -7.05
C GLU A 21 72.78 -16.36 -7.72
N ARG A 22 73.67 -15.42 -7.40
CA ARG A 22 74.99 -15.32 -7.99
C ARG A 22 76.14 -16.03 -7.32
N TYR A 23 75.96 -16.33 -6.05
CA TYR A 23 77.07 -16.93 -5.37
C TYR A 23 76.73 -18.16 -4.66
N HIS A 24 75.46 -18.54 -4.69
CA HIS A 24 75.19 -19.71 -3.92
C HIS A 24 76.15 -20.84 -4.16
N SER A 25 76.24 -21.26 -5.40
CA SER A 25 77.17 -22.35 -5.64
C SER A 25 78.48 -21.93 -6.29
N VAL A 26 78.96 -20.74 -5.90
CA VAL A 26 80.23 -20.24 -6.41
C VAL A 26 81.09 -20.47 -5.16
N LEU A 27 80.43 -20.33 -4.01
CA LEU A 27 80.92 -20.55 -2.64
C LEU A 27 80.04 -21.69 -2.15
N GLN A 28 80.56 -22.64 -1.40
CA GLN A 28 79.70 -23.74 -0.97
C GLN A 28 78.60 -23.48 0.06
N PRO A 29 78.99 -23.40 1.32
CA PRO A 29 78.02 -23.20 2.39
C PRO A 29 77.01 -22.09 2.16
N LEU A 30 77.53 -20.87 2.09
CA LEU A 30 76.70 -19.69 1.91
C LEU A 30 75.38 -19.60 2.67
N ASP A 31 75.43 -19.03 3.86
CA ASP A 31 74.23 -18.90 4.69
C ASP A 31 73.60 -17.51 4.73
N VAL A 32 72.42 -17.46 4.13
CA VAL A 32 71.68 -16.22 4.12
C VAL A 32 70.44 -16.16 4.99
N LYS A 33 70.26 -15.04 5.69
CA LYS A 33 69.08 -14.92 6.54
C LYS A 33 68.70 -13.47 6.36
N VAL A 34 67.42 -13.27 6.61
CA VAL A 34 66.91 -11.94 6.48
C VAL A 34 66.17 -11.63 7.74
N TYR A 35 66.60 -10.53 8.34
CA TYR A 35 65.96 -10.06 9.54
C TYR A 35 65.21 -8.83 9.12
N ALA A 36 64.01 -8.64 9.68
CA ALA A 36 63.23 -7.44 9.45
C ALA A 36 62.10 -7.34 10.43
N ASP A 37 61.90 -6.11 10.91
CA ASP A 37 60.87 -5.82 11.88
C ASP A 37 59.58 -5.71 11.09
N ARG A 38 59.65 -5.49 9.77
CA ARG A 38 58.38 -5.41 9.03
C ARG A 38 58.58 -6.18 7.74
N PHE A 39 57.51 -6.88 7.38
CA PHE A 39 57.43 -7.71 6.20
C PHE A 39 56.11 -7.31 5.51
N THR A 40 56.00 -7.63 4.24
CA THR A 40 54.78 -7.23 3.56
C THR A 40 53.60 -7.84 4.27
N PRO A 41 52.47 -7.19 4.24
CA PRO A 41 52.22 -5.92 3.62
C PRO A 41 52.70 -4.71 4.38
N PHE A 42 53.64 -4.90 5.30
CA PHE A 42 54.05 -3.69 5.98
C PHE A 42 55.16 -2.77 5.55
N THR A 43 55.94 -3.12 4.53
CA THR A 43 57.02 -2.27 4.09
C THR A 43 56.60 -1.03 3.35
N THR A 44 57.58 -0.15 3.20
CA THR A 44 57.29 1.08 2.50
C THR A 44 56.94 0.60 1.13
N THR A 45 57.78 -0.32 0.69
CA THR A 45 57.60 -0.91 -0.63
C THR A 45 56.13 -1.26 -0.86
N ASP A 46 55.47 -1.89 0.10
CA ASP A 46 54.06 -2.22 -0.07
C ASP A 46 53.16 -1.06 -0.48
N VAL A 47 53.53 0.17 -0.18
CA VAL A 47 52.70 1.31 -0.52
C VAL A 47 53.09 2.05 -1.79
N ALA A 48 54.22 1.72 -2.42
CA ALA A 48 54.57 2.43 -3.64
C ALA A 48 53.48 2.38 -4.70
N ALA A 49 53.43 3.46 -5.47
CA ALA A 49 52.50 3.61 -6.56
C ALA A 49 52.68 2.44 -7.56
N GLY A 50 53.87 1.84 -7.57
CA GLY A 50 54.06 0.67 -8.42
C GLY A 50 54.44 0.90 -9.87
N LEU A 51 54.97 2.09 -10.15
CA LEU A 51 55.31 2.40 -11.52
C LEU A 51 56.80 2.55 -11.77
N TRP A 52 57.26 2.14 -12.94
CA TRP A 52 58.67 2.34 -13.23
C TRP A 52 58.78 3.70 -13.87
N GLN A 53 59.44 4.64 -13.17
CA GLN A 53 59.65 5.96 -13.66
C GLN A 53 60.55 6.74 -12.73
N PRO A 54 61.79 6.94 -13.16
CA PRO A 54 62.74 7.70 -12.38
C PRO A 54 62.31 9.16 -12.42
N TYR A 55 62.87 9.95 -11.50
CA TYR A 55 62.55 11.37 -11.45
C TYR A 55 62.91 12.00 -12.79
N THR A 56 62.49 13.21 -12.97
CA THR A 56 62.72 13.83 -14.22
C THR A 56 64.13 14.25 -14.44
N SER A 57 64.74 14.66 -13.33
CA SER A 57 66.05 15.23 -13.25
C SER A 57 67.10 14.20 -13.25
N GLU A 58 68.18 14.45 -13.97
CA GLU A 58 69.34 13.55 -14.13
C GLU A 58 69.95 13.35 -12.78
N PRO A 59 70.24 12.11 -12.37
CA PRO A 59 70.74 11.70 -11.05
C PRO A 59 72.09 12.28 -10.66
N SER A 60 72.39 12.53 -9.39
CA SER A 60 73.73 13.07 -9.06
C SER A 60 74.86 12.08 -9.23
N ASN A 61 74.68 10.86 -8.79
CA ASN A 61 75.73 9.89 -9.04
C ASN A 61 75.16 9.31 -10.32
N PRO A 62 75.77 9.57 -11.45
CA PRO A 62 75.30 9.16 -12.73
C PRO A 62 75.09 7.71 -13.00
N GLN A 63 75.58 6.93 -12.08
CA GLN A 63 75.47 5.52 -12.31
C GLN A 63 74.04 5.11 -12.05
N GLU A 64 73.32 5.97 -11.34
CA GLU A 64 71.95 5.69 -10.97
C GLU A 64 71.20 5.37 -12.27
N ALA A 65 71.36 6.20 -13.29
CA ALA A 65 70.67 5.95 -14.54
C ALA A 65 71.03 4.62 -15.04
N ASN A 66 72.24 4.14 -14.79
CA ASN A 66 72.42 2.78 -15.26
C ASN A 66 71.57 1.83 -14.48
N TRP A 67 71.61 1.94 -13.17
CA TRP A 67 70.82 1.05 -12.35
C TRP A 67 69.38 1.04 -12.82
N ASN A 68 68.90 2.25 -13.12
CA ASN A 68 67.56 2.35 -13.64
C ASN A 68 67.42 1.60 -14.94
N GLN A 69 68.30 1.91 -15.88
CA GLN A 69 68.23 1.16 -17.11
C GLN A 69 68.31 -0.33 -16.92
N GLN A 70 69.32 -0.77 -16.19
CA GLN A 70 69.42 -2.19 -15.93
C GLN A 70 68.12 -2.74 -15.32
N THR A 71 67.54 -2.04 -14.35
CA THR A 71 66.30 -2.50 -13.73
C THR A 71 65.19 -2.65 -14.81
N PHE A 72 65.08 -1.61 -15.62
CA PHE A 72 64.07 -1.73 -16.64
C PHE A 72 64.23 -2.87 -17.59
N ASN A 73 65.47 -3.19 -17.92
CA ASN A 73 65.58 -4.24 -18.90
C ASN A 73 65.23 -5.57 -18.32
N TYR A 74 65.73 -5.73 -17.11
CA TYR A 74 65.49 -6.95 -16.41
C TYR A 74 64.00 -7.09 -16.34
N LEU A 75 63.36 -5.99 -16.00
CA LEU A 75 61.95 -6.21 -15.92
C LEU A 75 61.34 -6.61 -17.23
N LEU A 76 61.60 -5.77 -18.23
CA LEU A 76 61.04 -5.96 -19.56
C LEU A 76 61.24 -7.38 -20.02
N SER A 77 62.44 -7.88 -19.75
CA SER A 77 62.78 -9.23 -20.15
C SER A 77 61.72 -10.24 -19.69
N HIS A 78 61.08 -9.97 -18.57
CA HIS A 78 60.09 -10.89 -18.08
C HIS A 78 58.77 -10.82 -18.80
N ILE A 79 58.45 -9.63 -19.32
CA ILE A 79 57.21 -9.43 -20.06
C ILE A 79 57.33 -10.29 -21.29
N GLY A 80 56.50 -11.33 -21.28
CA GLY A 80 56.45 -12.33 -22.34
C GLY A 80 56.21 -13.71 -21.69
N SER A 81 56.73 -13.86 -20.48
CA SER A 81 56.58 -15.06 -19.69
C SER A 81 55.18 -15.04 -19.09
N PRO A 82 54.72 -16.22 -18.72
CA PRO A 82 53.40 -16.42 -18.14
C PRO A 82 53.30 -15.84 -16.76
N ASN A 83 54.42 -15.88 -16.06
CA ASN A 83 54.43 -15.39 -14.69
C ASN A 83 54.55 -13.91 -14.36
N ALA A 84 54.79 -13.15 -15.42
CA ALA A 84 55.01 -11.76 -15.21
C ALA A 84 54.00 -11.10 -14.31
N ALA A 85 52.72 -11.42 -14.46
CA ALA A 85 51.86 -10.68 -13.57
C ALA A 85 51.94 -11.37 -12.25
N ASN A 86 52.39 -12.61 -12.27
CA ASN A 86 52.51 -13.22 -10.96
C ASN A 86 53.67 -12.56 -10.25
N MET A 87 54.60 -11.98 -10.97
CA MET A 87 55.67 -11.29 -10.28
C MET A 87 55.13 -9.93 -9.88
N GLY A 88 53.99 -9.50 -10.44
CA GLY A 88 53.41 -8.20 -10.12
C GLY A 88 53.74 -7.18 -11.22
N LEU A 89 54.14 -7.71 -12.37
CA LEU A 89 54.44 -6.90 -13.53
C LEU A 89 53.47 -6.82 -14.69
N THR A 90 53.35 -5.64 -15.30
CA THR A 90 52.61 -5.43 -16.55
C THR A 90 52.85 -4.10 -17.20
N PRO A 91 52.72 -4.12 -18.50
CA PRO A 91 53.00 -2.92 -19.24
C PRO A 91 51.83 -2.02 -19.04
N VAL A 92 52.12 -0.72 -19.02
CA VAL A 92 51.11 0.30 -18.92
C VAL A 92 51.66 1.51 -19.67
N SER A 93 50.75 2.24 -20.28
CA SER A 93 51.19 3.42 -21.01
C SER A 93 50.58 4.61 -20.32
N GLY A 94 51.12 5.80 -20.55
CA GLY A 94 50.48 6.91 -19.88
C GLY A 94 51.15 8.23 -20.13
N TYR A 95 50.55 9.20 -19.47
CA TYR A 95 50.96 10.58 -19.57
C TYR A 95 51.67 11.24 -18.41
N ASN A 96 52.43 12.27 -18.77
CA ASN A 96 53.15 13.12 -17.83
C ASN A 96 52.83 14.52 -18.32
N LEU A 97 52.05 15.18 -17.48
CA LEU A 97 51.59 16.51 -17.77
C LEU A 97 52.40 17.57 -17.06
N PHE A 98 52.45 18.72 -17.73
CA PHE A 98 53.15 19.88 -17.28
C PHE A 98 52.45 21.15 -17.70
N ARG A 99 52.85 22.18 -16.98
CA ARG A 99 52.23 23.45 -17.24
C ARG A 99 52.99 24.36 -18.19
N GLU A 100 54.27 24.06 -18.37
CA GLU A 100 55.18 24.81 -19.19
C GLU A 100 55.99 23.74 -19.90
N ALA A 101 56.65 24.10 -20.99
CA ALA A 101 57.43 23.10 -21.66
C ALA A 101 58.59 22.77 -20.78
N VAL A 102 59.16 21.61 -21.07
CA VAL A 102 60.23 21.04 -20.30
C VAL A 102 61.04 20.01 -21.08
N PRO A 103 62.31 20.02 -20.71
CA PRO A 103 63.28 19.12 -21.28
C PRO A 103 62.92 17.65 -21.07
N ASP A 104 63.24 16.90 -22.11
CA ASP A 104 62.99 15.48 -22.09
C ASP A 104 63.74 14.82 -20.96
N PRO A 105 63.18 13.80 -20.34
CA PRO A 105 63.85 13.15 -19.23
C PRO A 105 65.04 12.35 -19.71
N TYR A 106 66.04 12.16 -18.87
CA TYR A 106 67.13 11.32 -19.37
C TYR A 106 66.69 9.93 -19.72
N TRP A 107 65.67 9.47 -19.04
CA TRP A 107 65.22 8.14 -19.34
C TRP A 107 64.34 8.02 -20.58
N LYS A 108 64.21 9.14 -21.28
CA LYS A 108 63.37 9.16 -22.46
C LYS A 108 63.61 7.90 -23.28
N ASP A 109 64.86 7.47 -23.37
CA ASP A 109 65.06 6.28 -24.19
C ASP A 109 65.00 4.95 -23.49
N MET A 110 64.80 4.95 -22.18
CA MET A 110 64.79 3.66 -21.54
C MET A 110 63.38 3.16 -21.66
N VAL A 111 62.44 4.09 -21.65
CA VAL A 111 61.07 3.63 -21.76
C VAL A 111 60.71 3.39 -23.19
N LEU A 112 59.62 2.65 -23.36
CA LEU A 112 59.09 2.33 -24.67
C LEU A 112 58.22 3.41 -25.28
N GLY A 113 58.53 3.79 -26.51
CA GLY A 113 57.71 4.75 -27.23
C GLY A 113 57.60 6.20 -26.82
N PHE A 114 58.59 6.67 -26.07
CA PHE A 114 58.49 8.04 -25.62
C PHE A 114 58.21 9.03 -26.73
N ARG A 115 57.39 10.02 -26.45
CA ARG A 115 57.06 11.07 -27.41
C ARG A 115 56.33 12.18 -26.72
N LYS A 116 56.41 13.39 -27.29
CA LYS A 116 55.76 14.56 -26.72
C LYS A 116 54.31 14.52 -27.11
N LEU A 117 53.42 14.95 -26.24
CA LEU A 117 52.03 14.81 -26.58
C LEU A 117 51.68 15.91 -27.52
N THR A 118 50.72 15.63 -28.38
CA THR A 118 50.12 16.52 -29.33
C THR A 118 48.99 17.27 -28.61
N PRO A 119 48.51 18.26 -29.30
CA PRO A 119 47.44 19.09 -28.78
C PRO A 119 46.15 18.35 -28.53
N ARG A 120 45.71 17.54 -29.50
CA ARG A 120 44.45 16.84 -29.30
C ARG A 120 44.52 16.08 -28.01
N GLU A 121 45.70 15.51 -27.84
CA GLU A 121 45.92 14.72 -26.68
C GLU A 121 45.78 15.61 -25.47
N LEU A 122 46.50 16.73 -25.53
CA LEU A 122 46.47 17.66 -24.44
C LEU A 122 45.09 18.15 -24.19
N ASP A 123 44.27 18.15 -25.22
CA ASP A 123 42.95 18.67 -24.98
C ASP A 123 42.29 17.73 -24.00
N MET A 124 42.78 16.50 -23.95
CA MET A 124 42.16 15.63 -22.97
C MET A 124 42.40 16.10 -21.55
N PHE A 125 43.27 17.08 -21.36
CA PHE A 125 43.47 17.56 -20.02
C PHE A 125 43.69 19.03 -20.25
N PRO A 126 42.75 19.80 -19.78
CA PRO A 126 42.77 21.22 -20.05
C PRO A 126 43.68 21.97 -19.12
N ASP A 127 44.02 21.33 -18.02
CA ASP A 127 44.88 22.18 -17.22
C ASP A 127 46.28 22.37 -17.81
N TYR A 128 46.87 21.22 -18.09
CA TYR A 128 48.21 21.18 -18.59
C TYR A 128 48.45 21.69 -19.98
N ARG A 129 49.64 22.26 -20.14
CA ARG A 129 50.04 22.86 -21.43
C ARG A 129 51.08 22.14 -22.29
N TYR A 130 51.68 21.10 -21.71
CA TYR A 130 52.79 20.39 -22.29
C TYR A 130 52.98 19.01 -21.56
N GLY A 131 53.49 18.08 -22.30
CA GLY A 131 53.70 16.78 -21.66
C GLY A 131 54.24 15.70 -22.56
N TRP A 132 54.40 14.54 -21.95
CA TRP A 132 54.94 13.42 -22.67
C TRP A 132 54.04 12.22 -22.58
N PHE A 133 54.41 11.25 -23.42
CA PHE A 133 53.74 9.99 -23.50
C PHE A 133 54.74 8.86 -23.75
N ASN A 134 54.46 7.76 -23.06
CA ASN A 134 55.32 6.59 -23.21
C ASN A 134 54.67 5.44 -22.49
N THR A 135 55.19 4.28 -22.83
CA THR A 135 54.68 3.12 -22.22
C THR A 135 55.80 2.66 -21.33
N SER A 136 55.42 2.01 -20.22
CA SER A 136 56.32 1.51 -19.22
C SER A 136 55.73 0.29 -18.50
N LEU A 137 56.16 0.08 -17.26
CA LEU A 137 55.72 -1.08 -16.52
C LEU A 137 55.21 -0.83 -15.13
N ILE A 138 54.27 -1.67 -14.76
CA ILE A 138 53.78 -1.58 -13.42
C ILE A 138 54.48 -2.74 -12.76
N LEU A 139 55.03 -2.47 -11.60
CA LEU A 139 55.68 -3.53 -10.87
C LEU A 139 55.10 -3.25 -9.50
N GLU A 140 54.12 -4.06 -9.14
CA GLU A 140 53.50 -3.88 -7.84
C GLU A 140 54.24 -4.40 -6.64
N GLY A 141 54.42 -3.50 -5.68
CA GLY A 141 55.16 -3.75 -4.45
C GLY A 141 54.81 -5.07 -3.79
N ARG A 142 53.64 -5.09 -3.18
CA ARG A 142 53.15 -6.27 -2.48
C ARG A 142 53.40 -7.51 -3.30
N LYS A 143 52.75 -7.62 -4.46
CA LYS A 143 52.97 -8.83 -5.23
C LYS A 143 54.43 -9.18 -5.45
N TYR A 144 55.22 -8.22 -5.90
CA TYR A 144 56.63 -8.49 -6.11
C TYR A 144 57.30 -9.02 -4.85
N LEU A 145 56.92 -8.39 -3.74
CA LEU A 145 57.51 -8.81 -2.49
C LEU A 145 57.22 -10.26 -2.21
N GLN A 146 55.96 -10.61 -2.37
CA GLN A 146 55.62 -11.99 -2.14
C GLN A 146 56.33 -12.89 -3.15
N TRP A 147 56.42 -12.43 -4.39
CA TRP A 147 57.11 -13.27 -5.34
C TRP A 147 58.52 -13.51 -4.88
N LEU A 148 59.20 -12.39 -4.67
CA LEU A 148 60.58 -12.41 -4.22
C LEU A 148 60.64 -13.32 -3.01
N THR A 149 59.69 -13.14 -2.13
CA THR A 149 59.79 -14.01 -1.00
C THR A 149 59.79 -15.52 -1.26
N GLU A 150 58.78 -15.95 -2.04
CA GLU A 150 58.65 -17.37 -2.34
C GLU A 150 59.96 -17.77 -3.00
N ARG A 151 60.41 -16.96 -3.93
CA ARG A 151 61.66 -17.34 -4.54
C ARG A 151 62.75 -17.59 -3.50
N LEU A 152 63.02 -16.61 -2.65
CA LEU A 152 64.09 -16.76 -1.66
C LEU A 152 63.81 -17.96 -0.82
N THR A 153 62.56 -18.08 -0.46
CA THR A 153 62.26 -19.18 0.39
C THR A 153 62.65 -20.51 -0.19
N GLU A 154 62.24 -20.73 -1.43
CA GLU A 154 62.56 -21.99 -2.06
C GLU A 154 64.06 -22.15 -2.24
N ARG A 155 64.77 -21.03 -2.31
CA ARG A 155 66.21 -21.02 -2.49
C ARG A 155 66.81 -21.34 -1.13
N GLY A 156 65.96 -21.39 -0.12
CA GLY A 156 66.46 -21.70 1.20
C GLY A 156 66.85 -20.55 2.11
N VAL A 157 66.63 -19.37 1.59
CA VAL A 157 66.96 -18.26 2.41
C VAL A 157 65.89 -18.25 3.53
N LYS A 158 66.32 -18.01 4.78
CA LYS A 158 65.46 -17.92 5.95
C LYS A 158 65.12 -16.53 6.49
N PHE A 159 63.87 -16.35 6.90
CA PHE A 159 63.45 -15.02 7.39
C PHE A 159 63.25 -15.00 8.89
N PHE A 160 63.28 -13.82 9.51
CA PHE A 160 63.24 -13.59 10.95
C PHE A 160 62.74 -12.27 11.38
N LEU A 161 61.74 -12.41 12.22
CA LEU A 161 61.12 -11.27 12.81
C LEU A 161 62.28 -10.88 13.73
N ARG A 162 62.79 -9.66 13.50
CA ARG A 162 63.88 -9.13 14.31
C ARG A 162 63.85 -7.57 14.26
N LYS A 163 64.30 -6.94 15.33
CA LYS A 163 64.38 -5.50 15.23
C LYS A 163 65.84 -5.46 15.73
N VAL A 164 66.74 -5.09 14.83
CA VAL A 164 68.19 -5.04 15.07
C VAL A 164 68.33 -3.75 15.73
N GLU A 165 69.17 -3.80 16.75
CA GLU A 165 69.33 -2.64 17.56
C GLU A 165 70.58 -1.96 17.20
N SER A 166 71.44 -2.83 16.68
CA SER A 166 72.77 -2.46 16.25
C SER A 166 73.34 -3.47 15.28
N PHE A 167 74.32 -2.99 14.54
CA PHE A 167 74.99 -3.87 13.60
C PHE A 167 75.85 -4.74 14.50
N GLU A 168 76.25 -4.08 15.57
CA GLU A 168 77.13 -4.70 16.54
C GLU A 168 76.58 -6.04 16.96
N GLU A 169 75.27 -5.85 17.18
CA GLU A 169 74.35 -6.87 17.61
C GLU A 169 74.58 -8.04 16.67
N VAL A 170 74.27 -7.72 15.41
CA VAL A 170 74.32 -8.74 14.40
C VAL A 170 75.64 -9.37 14.21
N ALA A 171 76.63 -8.52 14.41
CA ALA A 171 77.95 -9.01 14.22
C ALA A 171 78.23 -9.90 15.41
N ARG A 172 78.16 -9.44 16.68
CA ARG A 172 78.43 -10.29 17.84
C ARG A 172 77.73 -11.60 17.69
N GLY A 173 76.67 -11.51 16.89
CA GLY A 173 75.83 -12.65 16.53
C GLY A 173 76.48 -13.71 15.63
N GLY A 174 77.24 -13.22 14.67
CA GLY A 174 77.87 -14.21 13.80
C GLY A 174 77.92 -13.82 12.32
N ALA A 175 77.32 -12.69 11.99
CA ALA A 175 77.33 -12.23 10.61
C ALA A 175 78.72 -11.91 10.12
N ASP A 176 79.06 -12.49 9.00
CA ASP A 176 80.35 -12.15 8.46
C ASP A 176 79.96 -10.89 7.71
N VAL A 177 78.99 -10.95 6.80
CA VAL A 177 78.54 -9.74 6.16
C VAL A 177 77.17 -9.31 6.61
N ILE A 178 76.90 -8.03 6.45
CA ILE A 178 75.62 -7.52 6.82
C ILE A 178 75.27 -6.52 5.76
N ILE A 179 74.06 -6.77 5.29
CA ILE A 179 73.59 -5.91 4.28
C ILE A 179 72.42 -5.10 4.77
N ASN A 180 72.71 -3.83 4.89
CA ASN A 180 71.81 -2.85 5.43
C ASN A 180 70.89 -2.34 4.39
N CYS A 181 69.67 -2.79 4.39
CA CYS A 181 68.61 -2.31 3.51
C CYS A 181 67.41 -1.93 4.32
N THR A 182 67.68 -1.08 5.29
CA THR A 182 66.72 -0.60 6.25
C THR A 182 65.93 0.64 5.91
N GLY A 183 65.99 1.01 4.64
CA GLY A 183 65.21 2.16 4.21
C GLY A 183 65.27 3.44 5.01
N VAL A 184 64.18 4.20 5.17
CA VAL A 184 64.30 5.43 5.98
C VAL A 184 64.82 5.22 7.41
N TRP A 185 64.45 4.08 7.94
CA TRP A 185 64.88 3.84 9.28
C TRP A 185 66.32 3.46 9.52
N ALA A 186 67.07 3.59 8.44
CA ALA A 186 68.48 3.26 8.45
C ALA A 186 69.28 4.11 9.44
N GLY A 187 68.76 5.32 9.58
CA GLY A 187 69.46 6.27 10.42
C GLY A 187 69.68 5.76 11.83
N VAL A 188 68.72 4.97 12.23
CA VAL A 188 68.80 4.46 13.55
C VAL A 188 70.02 3.59 13.78
N LEU A 189 70.27 2.65 12.89
CA LEU A 189 71.45 1.83 13.06
C LEU A 189 72.76 2.59 12.95
N GLN A 190 72.74 3.77 12.35
CA GLN A 190 73.91 4.62 12.15
C GLN A 190 73.43 5.84 11.42
N PRO A 191 73.57 6.94 12.13
CA PRO A 191 73.09 8.24 11.71
C PRO A 191 73.48 8.65 10.34
N ASP A 192 72.54 9.36 9.74
CA ASP A 192 72.72 9.85 8.38
C ASP A 192 71.70 10.91 8.11
N PRO A 193 72.10 12.13 8.41
CA PRO A 193 71.27 13.30 8.25
C PRO A 193 70.89 13.54 6.82
N LEU A 194 71.48 12.77 5.92
CA LEU A 194 71.15 12.95 4.51
C LEU A 194 69.82 12.37 4.14
N LEU A 195 69.56 11.31 4.89
CA LEU A 195 68.37 10.52 4.82
C LEU A 195 67.19 11.17 5.51
N GLN A 196 66.06 11.21 4.82
CA GLN A 196 64.84 11.75 5.40
C GLN A 196 63.63 11.15 4.79
N PRO A 197 62.53 11.19 5.56
CA PRO A 197 61.26 10.65 5.12
C PRO A 197 60.63 11.57 4.07
N GLY A 198 60.20 10.97 2.96
CA GLY A 198 59.49 11.69 1.91
C GLY A 198 58.07 11.15 2.03
N ARG A 199 57.31 11.69 2.99
CA ARG A 199 55.99 11.18 3.21
C ARG A 199 55.05 11.27 2.02
N GLY A 200 54.28 10.21 1.85
CA GLY A 200 53.32 10.25 0.77
C GLY A 200 52.09 9.44 1.18
N GLN A 201 50.91 10.06 1.06
CA GLN A 201 49.68 9.35 1.35
C GLN A 201 49.05 9.01 -0.02
N ILE A 202 48.19 7.99 -0.08
CA ILE A 202 47.54 7.67 -1.35
C ILE A 202 46.17 7.06 -1.06
N ILE A 203 45.45 6.90 -2.15
CA ILE A 203 44.14 6.33 -2.00
C ILE A 203 43.98 5.31 -3.11
N LYS A 204 43.60 4.10 -2.71
CA LYS A 204 43.34 3.05 -3.66
C LYS A 204 41.86 3.16 -3.94
N VAL A 205 41.52 2.94 -5.18
CA VAL A 205 40.14 3.12 -5.50
C VAL A 205 39.85 2.12 -6.61
N ASP A 206 38.59 1.72 -6.69
CA ASP A 206 38.25 0.77 -7.72
C ASP A 206 37.68 1.50 -8.92
N ALA A 207 38.39 1.47 -10.06
CA ALA A 207 37.94 2.15 -11.27
C ALA A 207 38.69 1.58 -12.47
N PRO A 208 38.23 0.40 -12.82
CA PRO A 208 38.75 -0.41 -13.90
C PRO A 208 38.71 0.25 -15.24
N TRP A 209 37.95 1.31 -15.40
CA TRP A 209 38.07 1.78 -16.76
C TRP A 209 39.31 2.66 -16.98
N LEU A 210 40.04 2.98 -15.92
CA LEU A 210 41.22 3.80 -16.22
C LEU A 210 42.35 2.81 -16.56
N LYS A 211 42.83 2.91 -17.80
CA LYS A 211 43.85 1.99 -18.26
C LYS A 211 45.24 2.60 -18.43
N ASN A 212 45.34 3.91 -18.22
CA ASN A 212 46.63 4.56 -18.43
C ASN A 212 46.98 5.40 -17.23
N PHE A 213 48.27 5.51 -16.99
CA PHE A 213 48.68 6.35 -15.90
C PHE A 213 48.72 7.80 -16.38
N ILE A 214 48.61 8.68 -15.40
CA ILE A 214 48.62 10.10 -15.65
C ILE A 214 49.26 10.75 -14.44
N ILE A 215 50.36 11.42 -14.72
CA ILE A 215 51.14 12.06 -13.68
C ILE A 215 51.34 13.52 -14.04
N THR A 216 50.81 14.37 -13.17
CA THR A 216 50.96 15.79 -13.41
C THR A 216 52.16 16.25 -12.63
N HIS A 217 52.59 17.44 -13.04
CA HIS A 217 53.75 18.01 -12.39
C HIS A 217 53.65 19.50 -12.17
N ASP A 218 53.87 19.96 -10.93
CA ASP A 218 53.89 21.38 -10.53
C ASP A 218 55.33 21.69 -10.14
N LEU A 219 56.01 22.37 -11.04
CA LEU A 219 57.43 22.70 -10.91
C LEU A 219 57.73 23.42 -9.59
N GLU A 220 56.76 24.18 -9.10
CA GLU A 220 56.94 24.92 -7.84
C GLU A 220 56.73 24.01 -6.62
N ARG A 221 55.55 23.42 -6.62
CA ARG A 221 55.05 22.56 -5.52
C ARG A 221 55.99 21.39 -5.18
N GLY A 222 56.92 21.11 -6.07
CA GLY A 222 57.88 20.01 -5.88
C GLY A 222 57.31 18.73 -6.51
N ILE A 223 58.17 17.72 -6.61
CA ILE A 223 57.78 16.44 -7.25
C ILE A 223 56.87 15.60 -6.37
N TYR A 224 55.86 15.09 -7.04
CA TYR A 224 54.84 14.20 -6.48
C TYR A 224 54.00 14.91 -5.42
N ASN A 225 53.73 16.16 -5.71
CA ASN A 225 52.89 16.99 -4.86
C ASN A 225 51.68 17.38 -5.66
N SER A 226 51.73 16.89 -6.87
CA SER A 226 50.69 17.11 -7.86
C SER A 226 49.89 15.82 -7.96
N PRO A 227 48.68 15.87 -8.44
CA PRO A 227 47.85 14.69 -8.52
C PRO A 227 48.45 13.73 -9.49
N TYR A 228 48.30 12.47 -9.17
CA TYR A 228 48.69 11.41 -10.11
C TYR A 228 47.78 10.23 -9.95
N ILE A 229 47.69 9.50 -11.05
CA ILE A 229 46.79 8.37 -11.06
C ILE A 229 47.47 7.22 -11.68
N ILE A 230 47.52 6.13 -10.94
CA ILE A 230 48.20 5.00 -11.52
C ILE A 230 47.46 3.71 -11.34
N PRO A 231 47.10 3.15 -12.49
CA PRO A 231 46.38 1.91 -12.63
C PRO A 231 47.33 0.87 -12.09
N GLY A 232 46.79 -0.23 -11.57
CA GLY A 232 47.66 -1.23 -10.98
C GLY A 232 47.07 -2.55 -11.42
N LEU A 233 47.52 -3.64 -10.81
CA LEU A 233 47.04 -4.95 -11.17
C LEU A 233 45.56 -5.06 -10.96
N GLN A 234 44.99 -4.44 -9.92
CA GLN A 234 43.55 -4.47 -9.79
C GLN A 234 43.05 -3.06 -9.48
N ALA A 235 43.47 -2.48 -8.35
CA ALA A 235 43.04 -1.10 -8.10
C ALA A 235 43.84 0.00 -8.74
N VAL A 236 43.30 1.20 -8.57
CA VAL A 236 44.01 2.35 -9.06
C VAL A 236 44.46 3.13 -7.88
N THR A 237 45.66 3.66 -8.00
CA THR A 237 46.22 4.47 -6.96
C THR A 237 46.13 5.91 -7.32
N LEU A 238 45.45 6.63 -6.44
CA LEU A 238 45.28 8.07 -6.50
C LEU A 238 46.38 8.63 -5.65
N GLY A 239 47.07 9.60 -6.20
CA GLY A 239 48.14 10.11 -5.38
C GLY A 239 48.40 11.58 -5.57
N GLY A 240 49.27 12.04 -4.70
CA GLY A 240 49.61 13.44 -4.76
C GLY A 240 50.44 14.10 -3.70
N THR A 241 51.12 13.40 -2.80
CA THR A 241 51.96 14.11 -1.83
C THR A 241 53.37 13.57 -1.60
N PHE A 242 54.27 14.46 -1.22
CA PHE A 242 55.63 14.00 -0.99
C PHE A 242 56.18 15.03 -0.02
N GLN A 243 56.02 14.82 1.28
CA GLN A 243 56.44 15.78 2.33
C GLN A 243 57.71 15.40 3.06
N VAL A 244 58.76 16.17 2.79
CA VAL A 244 60.02 15.86 3.43
C VAL A 244 60.19 16.11 4.89
N GLY A 245 60.75 15.17 5.60
CA GLY A 245 60.89 15.35 7.03
C GLY A 245 59.58 15.10 7.78
N ASN A 246 58.51 14.75 7.08
CA ASN A 246 57.30 14.46 7.83
C ASN A 246 57.27 12.99 8.23
N TRP A 247 57.09 12.75 9.51
CA TRP A 247 57.03 11.36 9.92
C TRP A 247 55.70 10.85 10.38
N ASN A 248 54.61 11.63 10.29
CA ASN A 248 53.32 11.11 10.76
C ASN A 248 53.02 9.92 9.90
N GLU A 249 52.74 8.77 10.52
CA GLU A 249 52.40 7.64 9.68
C GLU A 249 50.93 7.42 9.53
N ILE A 250 50.12 8.35 10.02
CA ILE A 250 48.70 8.15 9.81
C ILE A 250 48.22 8.90 8.59
N ASN A 251 47.15 8.38 7.99
CA ASN A 251 46.59 9.04 6.83
C ASN A 251 45.94 10.30 7.36
N ASN A 252 46.12 11.43 6.71
CA ASN A 252 45.47 12.62 7.21
C ASN A 252 44.33 13.06 6.33
N ILE A 253 43.25 13.47 6.96
CA ILE A 253 42.11 13.85 6.15
C ILE A 253 42.42 14.95 5.13
N GLN A 254 43.22 15.91 5.53
CA GLN A 254 43.53 17.03 4.63
C GLN A 254 44.09 16.50 3.32
N ASP A 255 45.11 15.68 3.45
CA ASP A 255 45.78 15.10 2.29
C ASP A 255 44.78 14.30 1.48
N HIS A 256 44.07 13.46 2.16
CA HIS A 256 43.05 12.66 1.52
C HIS A 256 42.21 13.55 0.63
N ASN A 257 41.80 14.69 1.14
CA ASN A 257 40.99 15.49 0.24
C ASN A 257 41.82 16.12 -0.85
N THR A 258 42.97 16.64 -0.49
CA THR A 258 43.67 17.24 -1.60
C THR A 258 43.96 16.24 -2.72
N ILE A 259 44.10 14.98 -2.37
CA ILE A 259 44.34 13.98 -3.40
C ILE A 259 43.04 13.69 -4.13
N TRP A 260 42.07 13.40 -3.29
CA TRP A 260 40.80 13.12 -3.90
C TRP A 260 40.32 14.23 -4.82
N GLU A 261 40.43 15.47 -4.38
CA GLU A 261 39.89 16.47 -5.28
C GLU A 261 40.76 16.72 -6.47
N GLY A 262 42.04 16.62 -6.23
CA GLY A 262 42.88 16.88 -7.37
C GLY A 262 42.74 15.86 -8.49
N CYS A 263 42.67 14.60 -8.12
CA CYS A 263 42.58 13.59 -9.15
C CYS A 263 41.20 13.68 -9.79
N CYS A 264 40.24 13.91 -8.93
CA CYS A 264 38.90 13.93 -9.40
C CYS A 264 38.81 15.02 -10.41
N ARG A 265 39.63 16.03 -10.19
CA ARG A 265 39.56 17.13 -11.11
C ARG A 265 40.25 16.81 -12.35
N LEU A 266 41.33 16.07 -12.20
CA LEU A 266 42.12 15.73 -13.37
C LEU A 266 41.40 14.76 -14.27
N GLU A 267 40.72 13.86 -13.58
CA GLU A 267 40.02 12.75 -14.12
C GLU A 267 38.63 12.72 -13.49
N PRO A 268 37.79 13.47 -14.13
CA PRO A 268 36.41 13.72 -13.77
C PRO A 268 35.54 12.54 -13.56
N THR A 269 35.74 11.47 -14.29
CA THR A 269 34.92 10.33 -14.19
C THR A 269 35.14 9.67 -12.87
N LEU A 270 36.20 10.09 -12.20
CA LEU A 270 36.53 9.49 -10.90
C LEU A 270 35.42 9.55 -9.80
N LYS A 271 34.41 10.28 -10.27
CA LYS A 271 33.25 10.68 -9.49
C LYS A 271 32.54 9.42 -9.05
N ASP A 272 32.70 8.37 -9.84
CA ASP A 272 32.06 7.12 -9.51
C ASP A 272 32.98 6.05 -9.02
N ALA A 273 34.27 6.34 -8.89
CA ALA A 273 35.19 5.33 -8.39
C ALA A 273 34.94 5.10 -6.90
N LYS A 274 35.05 3.86 -6.45
CA LYS A 274 34.81 3.54 -5.04
C LYS A 274 36.11 3.44 -4.27
N ILE A 275 36.20 4.19 -3.19
CA ILE A 275 37.46 4.08 -2.50
C ILE A 275 37.61 2.79 -1.75
N VAL A 276 38.75 2.15 -1.92
CA VAL A 276 38.88 0.92 -1.15
C VAL A 276 39.97 0.95 -0.09
N GLY A 277 40.76 2.01 -0.06
CA GLY A 277 41.81 2.08 0.95
C GLY A 277 42.64 3.35 0.89
N GLU A 278 43.31 3.66 1.99
CA GLU A 278 44.18 4.83 2.01
C GLU A 278 45.42 4.44 2.73
N TYR A 279 46.55 4.93 2.24
CA TYR A 279 47.74 4.52 2.92
C TYR A 279 48.73 5.63 2.85
N THR A 280 49.66 5.52 3.78
CA THR A 280 50.72 6.49 3.85
C THR A 280 52.08 5.84 4.06
N GLY A 281 53.14 6.35 3.44
CA GLY A 281 54.48 5.76 3.55
C GLY A 281 55.60 6.80 3.50
N PHE A 282 56.80 6.36 3.89
CA PHE A 282 57.94 7.26 3.90
C PHE A 282 58.95 7.03 2.78
N ARG A 283 59.11 7.94 1.84
CA ARG A 283 60.12 7.63 0.84
C ARG A 283 61.47 7.88 1.50
N PRO A 284 62.36 6.92 1.38
CA PRO A 284 63.67 7.07 1.97
C PRO A 284 64.47 8.05 1.14
N VAL A 285 64.12 9.30 1.37
CA VAL A 285 64.74 10.41 0.67
C VAL A 285 66.21 10.61 1.05
N ARG A 286 67.04 10.84 0.04
CA ARG A 286 68.47 11.09 0.18
C ARG A 286 69.05 11.58 -1.14
N PRO A 287 69.88 12.61 -1.03
CA PRO A 287 70.55 13.29 -2.13
C PRO A 287 71.07 12.28 -3.13
N GLN A 288 71.48 11.17 -2.59
CA GLN A 288 71.92 10.14 -3.48
C GLN A 288 71.76 8.80 -2.76
N VAL A 289 71.81 7.76 -3.50
CA VAL A 289 71.66 6.49 -2.83
C VAL A 289 72.89 6.09 -2.05
N ARG A 290 72.72 5.50 -0.89
CA ARG A 290 73.93 5.07 -0.24
C ARG A 290 74.04 3.59 -0.54
N LEU A 291 75.08 3.28 -1.27
CA LEU A 291 75.31 1.90 -1.65
C LEU A 291 76.82 1.77 -1.73
N GLU A 292 77.38 1.34 -0.61
CA GLU A 292 78.80 1.20 -0.48
C GLU A 292 79.11 0.30 0.70
N ARG A 293 80.33 -0.18 0.61
CA ARG A 293 80.88 -1.09 1.58
C ARG A 293 81.40 -0.35 2.83
N GLU A 294 81.42 -1.04 3.97
CA GLU A 294 81.92 -0.41 5.20
C GLU A 294 82.31 -1.52 6.16
N GLN A 295 83.57 -1.48 6.59
CA GLN A 295 84.07 -2.49 7.51
C GLN A 295 83.76 -1.98 8.92
N LEU A 296 83.56 -2.89 9.87
CA LEU A 296 83.27 -2.51 11.25
C LEU A 296 83.98 -3.45 12.20
N ARG A 297 84.84 -2.85 13.04
CA ARG A 297 85.64 -3.56 14.03
C ARG A 297 84.87 -3.62 15.33
N PHE A 298 84.78 -4.85 15.86
CA PHE A 298 84.10 -5.13 17.11
C PHE A 298 84.96 -6.16 17.82
N GLY A 299 85.70 -5.70 18.83
CA GLY A 299 86.60 -6.59 19.55
C GLY A 299 87.77 -6.87 18.59
N SER A 300 88.16 -8.15 18.54
CA SER A 300 89.24 -8.56 17.66
C SER A 300 88.73 -9.01 16.28
N SER A 301 87.44 -8.75 16.02
CA SER A 301 86.90 -9.20 14.75
C SER A 301 86.22 -8.14 13.91
N ASN A 302 86.65 -8.13 12.65
CA ASN A 302 86.08 -7.22 11.67
C ASN A 302 84.77 -7.76 11.11
N THR A 303 83.91 -6.84 10.69
CA THR A 303 82.64 -7.24 10.11
C THR A 303 82.30 -6.32 8.98
N GLU A 304 81.93 -6.96 7.89
CA GLU A 304 81.60 -6.28 6.66
C GLU A 304 80.16 -5.89 6.44
N VAL A 305 80.02 -4.60 6.18
CA VAL A 305 78.70 -4.08 5.90
C VAL A 305 78.57 -3.57 4.48
N ILE A 306 77.39 -3.70 3.92
CA ILE A 306 77.19 -3.12 2.61
C ILE A 306 75.85 -2.46 2.70
N HIS A 307 75.92 -1.16 2.49
CA HIS A 307 74.73 -0.36 2.58
C HIS A 307 74.01 -0.31 1.26
N ASN A 308 72.69 -0.17 1.34
CA ASN A 308 71.91 -0.05 0.13
C ASN A 308 70.64 0.62 0.59
N TYR A 309 70.68 1.95 0.56
CA TYR A 309 69.48 2.61 1.00
C TYR A 309 69.38 4.05 0.54
N GLY A 310 68.17 4.62 0.60
CA GLY A 310 67.90 6.00 0.22
C GLY A 310 67.46 6.15 -1.21
N HIS A 311 66.64 5.19 -1.65
CA HIS A 311 66.14 5.18 -3.03
C HIS A 311 64.93 6.07 -3.25
N GLY A 312 64.72 6.96 -2.29
CA GLY A 312 63.64 7.91 -2.40
C GLY A 312 62.35 7.40 -3.03
N GLY A 313 61.95 8.02 -4.12
CA GLY A 313 60.71 7.65 -4.79
C GLY A 313 60.91 6.79 -6.01
N TYR A 314 62.03 6.07 -6.09
CA TYR A 314 62.29 5.22 -7.24
C TYR A 314 62.88 3.88 -6.87
N GLY A 315 62.63 3.55 -5.60
CA GLY A 315 63.14 2.27 -5.12
C GLY A 315 62.78 1.10 -6.05
N LEU A 316 61.55 1.10 -6.56
CA LEU A 316 61.19 -0.01 -7.43
C LEU A 316 61.88 0.15 -8.77
N THR A 317 61.80 1.37 -9.25
CA THR A 317 62.35 1.72 -10.55
C THR A 317 63.78 1.34 -10.72
N ILE A 318 64.50 1.27 -9.62
CA ILE A 318 65.91 1.00 -9.77
C ILE A 318 66.43 -0.12 -8.88
N HIS A 319 65.53 -0.85 -8.25
CA HIS A 319 65.95 -1.85 -7.30
C HIS A 319 67.01 -2.82 -7.75
N TRP A 320 66.72 -3.40 -8.89
CA TRP A 320 67.57 -4.42 -9.45
C TRP A 320 69.00 -4.01 -9.73
N GLY A 321 69.13 -2.77 -10.19
CA GLY A 321 70.44 -2.22 -10.55
C GLY A 321 71.39 -2.30 -9.38
N CYS A 322 70.87 -1.72 -8.30
CA CYS A 322 71.63 -1.73 -7.08
C CYS A 322 71.89 -3.15 -6.62
N ALA A 323 70.83 -3.97 -6.63
CA ALA A 323 70.96 -5.34 -6.15
C ALA A 323 72.16 -5.98 -6.79
N LEU A 324 72.35 -5.65 -8.05
CA LEU A 324 73.50 -6.20 -8.74
C LEU A 324 74.81 -5.69 -8.18
N GLU A 325 74.92 -4.37 -8.12
CA GLU A 325 76.11 -3.77 -7.56
C GLU A 325 76.52 -4.37 -6.21
N VAL A 326 75.53 -4.51 -5.35
CA VAL A 326 75.87 -5.11 -4.08
C VAL A 326 76.49 -6.48 -4.23
N ALA A 327 75.85 -7.25 -5.07
CA ALA A 327 76.39 -8.58 -5.26
C ALA A 327 77.87 -8.51 -5.66
N LYS A 328 78.11 -7.55 -6.54
CA LYS A 328 79.44 -7.24 -7.01
C LYS A 328 80.36 -6.95 -5.81
N LEU A 329 79.99 -5.99 -4.98
CA LEU A 329 80.88 -5.73 -3.87
C LEU A 329 80.95 -6.95 -3.00
N PHE A 330 79.80 -7.57 -2.87
CA PHE A 330 79.82 -8.70 -1.99
C PHE A 330 80.87 -9.66 -2.47
N GLY A 331 80.96 -9.70 -3.78
CA GLY A 331 81.94 -10.61 -4.32
C GLY A 331 83.35 -10.23 -3.92
N LYS A 332 83.68 -8.95 -4.10
CA LYS A 332 85.00 -8.44 -3.74
C LYS A 332 85.23 -8.88 -2.31
N VAL A 333 84.25 -8.65 -1.46
CA VAL A 333 84.44 -9.11 -0.11
C VAL A 333 84.85 -10.58 -0.10
N LEU A 334 84.19 -11.43 -0.87
CA LEU A 334 84.63 -12.81 -0.86
C LEU A 334 86.05 -12.96 -1.36
N GLU A 335 86.43 -12.19 -2.38
CA GLU A 335 87.78 -12.35 -2.90
C GLU A 335 88.77 -12.10 -1.78
N GLU A 336 88.57 -10.98 -1.10
CA GLU A 336 89.44 -10.61 0.01
C GLU A 336 89.49 -11.73 1.06
N ARG A 337 88.38 -12.41 1.31
CA ARG A 337 88.41 -13.48 2.28
C ARG A 337 89.02 -14.70 1.57
N ASN A 338 89.40 -14.51 0.32
CA ASN A 338 89.99 -15.61 -0.46
C ASN A 338 88.96 -16.71 -0.66
N LEU A 339 87.71 -16.31 -0.84
CA LEU A 339 86.58 -17.22 -1.06
C LEU A 339 86.28 -17.98 0.23
N MET B 1 40.85 -53.78 -15.37
CA MET B 1 39.53 -53.72 -15.99
C MET B 1 39.21 -52.39 -16.65
N ARG B 2 38.68 -52.47 -17.86
CA ARG B 2 38.41 -51.23 -18.51
C ARG B 2 37.05 -50.66 -18.29
N VAL B 3 37.10 -49.54 -17.59
CA VAL B 3 35.89 -48.82 -17.29
C VAL B 3 35.86 -47.55 -18.10
N VAL B 4 34.68 -47.19 -18.58
CA VAL B 4 34.54 -45.96 -19.33
C VAL B 4 33.33 -45.21 -18.84
N VAL B 5 33.62 -43.99 -18.42
CA VAL B 5 32.55 -43.18 -17.92
C VAL B 5 32.24 -42.21 -19.02
N ILE B 6 30.96 -42.17 -19.37
CA ILE B 6 30.58 -41.25 -20.41
C ILE B 6 29.87 -40.13 -19.70
N GLY B 7 30.35 -38.94 -20.06
CA GLY B 7 29.88 -37.66 -19.55
C GLY B 7 30.83 -37.18 -18.43
N ALA B 8 30.98 -35.86 -18.40
CA ALA B 8 31.88 -35.24 -17.45
C ALA B 8 31.18 -34.10 -16.69
N GLY B 9 29.89 -34.26 -16.43
CA GLY B 9 29.12 -33.29 -15.67
C GLY B 9 29.44 -33.65 -14.23
N VAL B 10 28.67 -33.08 -13.32
CA VAL B 10 28.95 -33.42 -11.93
C VAL B 10 28.74 -34.91 -11.73
N ILE B 11 27.75 -35.44 -12.43
CA ILE B 11 27.51 -36.87 -12.29
C ILE B 11 28.65 -37.76 -12.77
N GLY B 12 29.08 -37.57 -14.00
CA GLY B 12 30.16 -38.45 -14.42
C GLY B 12 31.36 -38.43 -13.46
N LEU B 13 31.80 -37.22 -13.18
CA LEU B 13 32.97 -37.10 -12.36
C LEU B 13 32.91 -37.70 -10.99
N SER B 14 31.89 -37.29 -10.25
CA SER B 14 31.78 -37.79 -8.91
C SER B 14 31.80 -39.29 -8.98
N THR B 15 31.01 -39.77 -9.92
CA THR B 15 30.90 -41.19 -10.04
C THR B 15 32.21 -41.85 -10.29
N ALA B 16 32.87 -41.32 -11.30
CA ALA B 16 34.17 -41.89 -11.62
C ALA B 16 35.05 -41.87 -10.40
N LEU B 17 35.10 -40.71 -9.78
CA LEU B 17 35.96 -40.61 -8.64
C LEU B 17 35.67 -41.68 -7.60
N CYS B 18 34.41 -41.64 -7.27
CA CYS B 18 33.90 -42.50 -6.29
C CYS B 18 34.26 -43.95 -6.60
N ILE B 19 34.12 -44.36 -7.85
CA ILE B 19 34.42 -45.76 -8.15
C ILE B 19 35.89 -45.98 -7.88
N HIS B 20 36.70 -45.15 -8.52
CA HIS B 20 38.14 -45.27 -8.39
C HIS B 20 38.58 -45.19 -6.94
N GLU B 21 38.02 -44.22 -6.26
CA GLU B 21 38.38 -44.01 -4.89
C GLU B 21 38.18 -45.27 -4.07
N ARG B 22 37.14 -46.02 -4.41
CA ARG B 22 36.74 -47.23 -3.69
C ARG B 22 37.31 -48.55 -4.14
N TYR B 23 37.77 -48.59 -5.39
CA TYR B 23 38.22 -49.86 -5.89
C TYR B 23 39.55 -49.80 -6.48
N HIS B 24 40.14 -48.62 -6.54
CA HIS B 24 41.41 -48.64 -7.19
C HIS B 24 42.33 -49.73 -6.73
N SER B 25 42.61 -49.72 -5.44
CA SER B 25 43.49 -50.79 -4.98
C SER B 25 42.78 -51.93 -4.26
N VAL B 26 41.59 -52.24 -4.72
CA VAL B 26 40.82 -53.35 -4.15
C VAL B 26 41.02 -54.38 -5.27
N LEU B 27 41.09 -53.86 -6.50
CA LEU B 27 41.36 -54.53 -7.77
C LEU B 27 42.68 -53.91 -8.22
N GLN B 28 43.59 -54.68 -8.80
CA GLN B 28 44.86 -54.05 -9.17
C GLN B 28 44.90 -53.06 -10.35
N PRO B 29 44.87 -53.58 -11.55
CA PRO B 29 44.95 -52.74 -12.73
C PRO B 29 44.00 -51.53 -12.74
N LEU B 30 42.72 -51.84 -12.76
CA LEU B 30 41.68 -50.82 -12.80
C LEU B 30 41.90 -49.61 -13.70
N ASP B 31 41.44 -49.71 -14.94
CA ASP B 31 41.59 -48.62 -15.89
C ASP B 31 40.34 -47.77 -16.15
N VAL B 32 40.44 -46.53 -15.68
CA VAL B 32 39.35 -45.61 -15.90
C VAL B 32 39.58 -44.49 -16.90
N LYS B 33 38.60 -44.22 -17.73
CA LYS B 33 38.76 -43.17 -18.71
C LYS B 33 37.39 -42.52 -18.75
N VAL B 34 37.43 -41.27 -19.14
CA VAL B 34 36.19 -40.54 -19.21
C VAL B 34 36.15 -39.92 -20.57
N TYR B 35 35.05 -40.24 -21.25
CA TYR B 35 34.82 -39.68 -22.56
C TYR B 35 33.70 -38.70 -22.36
N ALA B 36 33.78 -37.57 -23.05
CA ALA B 36 32.70 -36.58 -23.05
C ALA B 36 32.89 -35.56 -24.15
N ASP B 37 31.77 -35.24 -24.77
CA ASP B 37 31.76 -34.31 -25.88
C ASP B 37 31.80 -32.92 -25.24
N ARG B 38 31.45 -32.79 -23.97
CA ARG B 38 31.51 -31.46 -23.37
C ARG B 38 32.11 -31.61 -21.99
N PHE B 39 32.95 -30.63 -21.67
CA PHE B 39 33.66 -30.55 -20.41
C PHE B 39 33.44 -29.11 -19.92
N THR B 40 33.64 -28.89 -18.63
CA THR B 40 33.40 -27.55 -18.14
C THR B 40 34.27 -26.58 -18.88
N PRO B 41 33.82 -25.37 -19.05
CA PRO B 41 32.56 -24.84 -18.60
C PRO B 41 31.37 -25.22 -19.45
N PHE B 42 31.47 -26.28 -20.23
CA PHE B 42 30.28 -26.55 -21.00
C PHE B 42 29.15 -27.46 -20.58
N THR B 43 29.27 -28.15 -19.45
CA THR B 43 28.20 -29.02 -18.99
C THR B 43 26.98 -28.31 -18.45
N THR B 44 25.94 -29.12 -18.29
CA THR B 44 24.72 -28.54 -17.78
C THR B 44 25.12 -28.11 -16.39
N THR B 45 25.84 -29.03 -15.76
CA THR B 45 26.32 -28.79 -14.42
C THR B 45 26.89 -27.38 -14.30
N ASP B 46 27.71 -26.95 -15.26
CA ASP B 46 28.26 -25.60 -15.20
C ASP B 46 27.24 -24.48 -15.01
N VAL B 47 26.00 -24.68 -15.41
CA VAL B 47 25.00 -23.64 -15.30
C VAL B 47 24.08 -23.75 -14.07
N ALA B 48 24.15 -24.84 -13.31
CA ALA B 48 23.28 -24.91 -12.14
C ALA B 48 23.42 -23.73 -11.20
N ALA B 49 22.30 -23.42 -10.58
CA ALA B 49 22.20 -22.34 -9.61
C ALA B 49 23.23 -22.59 -8.47
N GLY B 50 23.60 -23.84 -8.26
CA GLY B 50 24.64 -24.13 -7.27
C GLY B 50 24.21 -24.27 -5.82
N LEU B 51 22.93 -24.56 -5.63
CA LEU B 51 22.44 -24.70 -4.28
C LEU B 51 22.00 -26.09 -3.90
N TRP B 52 22.22 -26.47 -2.64
CA TRP B 52 21.76 -27.78 -2.24
C TRP B 52 20.33 -27.59 -1.73
N GLN B 53 19.38 -28.17 -2.46
CA GLN B 53 17.98 -28.11 -2.11
C GLN B 53 17.15 -28.98 -3.03
N PRO B 54 16.72 -30.10 -2.50
CA PRO B 54 15.89 -31.01 -3.25
C PRO B 54 14.52 -30.35 -3.43
N TYR B 55 13.74 -30.88 -4.37
CA TYR B 55 12.40 -30.35 -4.62
C TYR B 55 11.59 -30.44 -3.32
N THR B 56 10.49 -29.71 -3.27
CA THR B 56 9.62 -29.71 -2.10
C THR B 56 8.85 -31.03 -1.95
N SER B 57 8.32 -31.45 -3.08
CA SER B 57 7.59 -32.72 -3.23
C SER B 57 8.35 -33.90 -2.69
N GLU B 58 7.64 -34.84 -2.07
CA GLU B 58 8.31 -35.99 -1.47
C GLU B 58 8.70 -36.73 -2.70
N PRO B 59 9.76 -37.51 -2.61
CA PRO B 59 10.33 -38.22 -3.76
C PRO B 59 9.66 -39.49 -4.34
N SER B 60 9.83 -39.71 -5.65
CA SER B 60 9.25 -40.92 -6.19
C SER B 60 10.00 -42.15 -5.70
N ASN B 61 11.33 -42.16 -5.81
CA ASN B 61 12.11 -43.32 -5.37
C ASN B 61 12.20 -42.81 -3.95
N PRO B 62 12.23 -43.71 -3.01
CA PRO B 62 12.34 -43.30 -1.62
C PRO B 62 13.81 -42.97 -1.39
N GLN B 63 14.63 -43.85 -1.97
CA GLN B 63 16.08 -43.76 -1.95
C GLN B 63 16.59 -42.41 -2.41
N GLU B 64 15.77 -41.67 -3.14
CA GLU B 64 16.21 -40.35 -3.56
C GLU B 64 16.60 -39.64 -2.31
N ALA B 65 15.65 -39.51 -1.40
CA ALA B 65 15.92 -38.88 -0.13
C ALA B 65 17.25 -39.28 0.47
N ASN B 66 17.50 -40.59 0.52
CA ASN B 66 18.75 -40.93 1.16
C ASN B 66 19.92 -40.34 0.41
N TRP B 67 19.92 -40.52 -0.90
CA TRP B 67 21.01 -39.99 -1.69
C TRP B 67 21.21 -38.53 -1.37
N ASN B 68 20.09 -37.83 -1.26
CA ASN B 68 20.17 -36.44 -0.90
C ASN B 68 20.81 -36.25 0.45
N GLN B 69 20.27 -36.96 1.44
CA GLN B 69 20.89 -36.87 2.74
C GLN B 69 22.35 -37.20 2.73
N GLN B 70 22.68 -38.35 2.16
CA GLN B 70 24.08 -38.70 2.07
C GLN B 70 24.91 -37.60 1.40
N THR B 71 24.41 -37.03 0.30
CA THR B 71 25.14 -35.97 -0.40
C THR B 71 25.37 -34.78 0.58
N PHE B 72 24.30 -34.41 1.25
CA PHE B 72 24.48 -33.30 2.16
C PHE B 72 25.49 -33.53 3.26
N ASN B 73 25.56 -34.76 3.74
CA ASN B 73 26.48 -34.93 4.85
C ASN B 73 27.89 -34.85 4.39
N TYR B 74 28.08 -35.51 3.26
CA TYR B 74 29.39 -35.57 2.68
C TYR B 74 29.78 -34.13 2.48
N LEU B 75 28.86 -33.37 1.94
CA LEU B 75 29.32 -32.04 1.74
C LEU B 75 29.69 -31.35 3.02
N LEU B 76 28.73 -31.34 3.94
CA LEU B 76 28.88 -30.67 5.22
C LEU B 76 30.20 -31.03 5.85
N SER B 77 30.50 -32.32 5.77
CA SER B 77 31.73 -32.82 6.35
C SER B 77 32.95 -32.00 5.91
N HIS B 78 32.90 -31.46 4.71
CA HIS B 78 34.01 -30.70 4.22
C HIS B 78 34.11 -29.31 4.79
N ILE B 79 32.95 -28.74 5.14
CA ILE B 79 32.89 -27.41 5.70
C ILE B 79 33.61 -27.52 7.03
N GLY B 80 34.77 -26.86 7.06
CA GLY B 80 35.65 -26.86 8.21
C GLY B 80 37.10 -26.91 7.71
N SER B 81 37.29 -27.60 6.58
CA SER B 81 38.56 -27.74 5.91
C SER B 81 38.84 -26.44 5.18
N PRO B 82 40.11 -26.22 4.90
CA PRO B 82 40.59 -25.04 4.21
C PRO B 82 40.17 -25.01 2.77
N ASN B 83 40.08 -26.20 2.20
CA ASN B 83 39.73 -26.29 0.79
C ASN B 83 38.29 -26.21 0.31
N ALA B 84 37.41 -26.20 1.29
CA ALA B 84 36.03 -26.21 0.96
C ALA B 84 35.62 -25.24 -0.11
N ALA B 85 36.15 -24.02 -0.07
CA ALA B 85 35.66 -23.15 -1.12
C ALA B 85 36.45 -23.51 -2.33
N ASN B 86 37.58 -24.14 -2.13
CA ASN B 86 38.29 -24.52 -3.33
C ASN B 86 37.51 -25.64 -4.00
N MET B 87 36.71 -26.38 -3.25
CA MET B 87 35.92 -27.39 -3.91
C MET B 87 34.71 -26.69 -4.51
N GLY B 88 34.44 -25.44 -4.12
CA GLY B 88 33.28 -24.70 -4.65
C GLY B 88 32.13 -24.73 -3.64
N LEU B 89 32.47 -25.06 -2.41
CA LEU B 89 31.52 -25.09 -1.31
C LEU B 89 31.49 -23.97 -0.28
N THR B 90 30.29 -23.59 0.17
CA THR B 90 30.09 -22.68 1.31
C THR B 90 28.70 -22.63 1.82
N PRO B 91 28.62 -22.34 3.10
CA PRO B 91 27.32 -22.34 3.72
C PRO B 91 26.64 -21.08 3.30
N VAL B 92 25.33 -21.16 3.16
CA VAL B 92 24.52 -20.01 2.84
C VAL B 92 23.17 -20.27 3.50
N SER B 93 22.53 -19.19 3.93
CA SER B 93 21.25 -19.33 4.55
C SER B 93 20.25 -18.63 3.68
N GLY B 94 18.97 -18.94 3.83
CA GLY B 94 18.06 -18.21 2.97
C GLY B 94 16.62 -18.63 3.14
N TYR B 95 15.83 -17.97 2.31
CA TYR B 95 14.41 -18.13 2.29
C TYR B 95 13.75 -18.86 1.15
N ASN B 96 12.57 -19.40 1.46
CA ASN B 96 11.70 -20.08 0.52
C ASN B 96 10.34 -19.49 0.80
N LEU B 97 9.90 -18.73 -0.18
CA LEU B 97 8.65 -18.03 -0.10
C LEU B 97 7.54 -18.73 -0.82
N PHE B 98 6.35 -18.51 -0.30
CA PHE B 98 5.13 -19.07 -0.80
C PHE B 98 3.97 -18.13 -0.60
N ARG B 99 2.94 -18.44 -1.38
CA ARG B 99 1.78 -17.59 -1.34
C ARG B 99 0.66 -18.08 -0.44
N GLU B 100 0.73 -19.35 -0.09
CA GLU B 100 -0.24 -20.03 0.73
C GLU B 100 0.59 -20.92 1.64
N ALA B 101 0.03 -21.36 2.74
CA ALA B 101 0.81 -22.21 3.61
C ALA B 101 1.02 -23.51 2.89
N VAL B 102 2.02 -24.22 3.37
CA VAL B 102 2.47 -25.45 2.78
C VAL B 102 3.27 -26.31 3.76
N PRO B 103 3.08 -27.59 3.54
CA PRO B 103 3.74 -28.62 4.30
C PRO B 103 5.26 -28.54 4.21
N ASP B 104 5.84 -28.85 5.36
CA ASP B 104 7.29 -28.82 5.47
C ASP B 104 7.91 -29.80 4.52
N PRO B 105 9.06 -29.49 3.96
CA PRO B 105 9.69 -30.39 3.00
C PRO B 105 10.23 -31.62 3.69
N TYR B 106 10.33 -32.74 2.99
CA TYR B 106 10.90 -33.88 3.70
C TYR B 106 12.31 -33.63 4.16
N TRP B 107 13.00 -32.78 3.41
CA TRP B 107 14.36 -32.52 3.83
C TRP B 107 14.51 -31.53 4.97
N LYS B 108 13.36 -31.13 5.52
CA LYS B 108 13.38 -30.17 6.61
C LYS B 108 14.49 -30.50 7.58
N ASP B 109 14.69 -31.78 7.85
CA ASP B 109 15.75 -32.07 8.81
C ASP B 109 17.13 -32.31 8.28
N MET B 110 17.28 -32.28 6.95
CA MET B 110 18.62 -32.55 6.48
C MET B 110 19.33 -31.23 6.50
N VAL B 111 18.58 -30.16 6.28
CA VAL B 111 19.26 -28.89 6.30
C VAL B 111 19.42 -28.39 7.71
N LEU B 112 20.32 -27.43 7.85
CA LEU B 112 20.61 -26.80 9.12
C LEU B 112 19.63 -25.69 9.50
N GLY B 113 19.10 -25.79 10.71
CA GLY B 113 18.22 -24.74 11.23
C GLY B 113 16.86 -24.46 10.64
N PHE B 114 16.30 -25.45 9.96
CA PHE B 114 15.01 -25.18 9.34
C PHE B 114 14.00 -24.61 10.30
N ARG B 115 13.19 -23.68 9.83
CA ARG B 115 12.12 -23.08 10.62
C ARG B 115 11.22 -22.26 9.73
N LYS B 116 9.98 -22.08 10.17
CA LYS B 116 8.99 -21.32 9.41
C LYS B 116 9.25 -19.86 9.65
N LEU B 117 9.06 -19.04 8.64
CA LEU B 117 9.41 -17.65 8.85
C LEU B 117 8.30 -17.01 9.61
N THR B 118 8.66 -16.02 10.40
CA THR B 118 7.79 -15.17 11.18
C THR B 118 7.33 -14.03 10.26
N PRO B 119 6.36 -13.32 10.77
CA PRO B 119 5.80 -12.21 10.05
C PRO B 119 6.77 -11.08 9.76
N ARG B 120 7.54 -10.67 10.76
CA ARG B 120 8.46 -9.56 10.51
C ARG B 120 9.32 -9.91 9.33
N GLU B 121 9.69 -11.18 9.36
CA GLU B 121 10.54 -11.67 8.31
C GLU B 121 9.80 -11.54 7.01
N LEU B 122 8.59 -12.05 7.02
CA LEU B 122 7.77 -12.01 5.83
C LEU B 122 7.55 -10.60 5.38
N ASP B 123 7.61 -9.68 6.32
CA ASP B 123 7.34 -8.33 5.88
C ASP B 123 8.46 -7.96 4.95
N MET B 124 9.59 -8.64 5.08
CA MET B 124 10.65 -8.30 4.16
C MET B 124 10.29 -8.62 2.73
N PHE B 125 9.36 -9.42 2.54
CA PHE B 125 8.93 -9.91 1.24
C PHE B 125 7.47 -9.85 1.13
N PRO B 126 6.89 -8.68 0.94
CA PRO B 126 5.46 -8.51 0.82
C PRO B 126 4.66 -9.48 0.02
N ASP B 127 4.85 -9.49 -1.26
CA ASP B 127 4.00 -10.31 -2.12
C ASP B 127 3.90 -11.77 -1.63
N TYR B 128 4.86 -12.24 -0.88
CA TYR B 128 4.53 -13.54 -0.19
C TYR B 128 3.74 -13.54 1.10
N ARG B 129 3.41 -14.72 1.58
CA ARG B 129 2.55 -14.82 2.76
C ARG B 129 3.05 -15.77 3.80
N TYR B 130 3.82 -16.70 3.33
CA TYR B 130 4.27 -17.82 4.15
C TYR B 130 5.61 -18.29 3.60
N GLY B 131 6.37 -19.08 4.39
CA GLY B 131 7.65 -19.56 3.94
C GLY B 131 8.54 -20.17 5.01
N TRP B 132 9.70 -20.58 4.55
CA TRP B 132 10.64 -21.20 5.45
C TRP B 132 11.98 -20.52 5.39
N PHE B 133 12.78 -20.93 6.37
CA PHE B 133 14.13 -20.47 6.53
C PHE B 133 15.04 -21.60 7.02
N ASN B 134 16.23 -21.60 6.43
CA ASN B 134 17.21 -22.60 6.80
C ASN B 134 18.52 -22.24 6.15
N THR B 135 19.54 -22.90 6.68
CA THR B 135 20.84 -22.65 6.15
C THR B 135 21.18 -23.93 5.44
N SER B 136 21.98 -23.80 4.38
CA SER B 136 22.41 -24.89 3.54
C SER B 136 23.77 -24.58 2.91
N LEU B 137 24.02 -25.19 1.76
CA LEU B 137 25.30 -25.04 1.10
C LEU B 137 25.27 -24.67 -0.35
N ILE B 138 26.29 -23.93 -0.72
CA ILE B 138 26.42 -23.59 -2.11
C ILE B 138 27.50 -24.55 -2.55
N LEU B 139 27.25 -25.18 -3.68
CA LEU B 139 28.24 -26.07 -4.21
C LEU B 139 28.21 -25.63 -5.65
N GLU B 140 29.20 -24.85 -6.02
CA GLU B 140 29.26 -24.37 -7.38
C GLU B 140 29.74 -25.34 -8.43
N GLY B 141 28.92 -25.47 -9.46
CA GLY B 141 29.16 -26.39 -10.57
C GLY B 141 30.57 -26.35 -11.11
N ARG B 142 30.87 -25.27 -11.83
CA ARG B 142 32.17 -25.07 -12.45
C ARG B 142 33.27 -25.40 -11.47
N LYS B 143 33.36 -24.65 -10.38
CA LYS B 143 34.44 -24.95 -9.45
C LYS B 143 34.53 -26.43 -9.05
N TYR B 144 33.40 -26.99 -8.63
CA TYR B 144 33.40 -28.39 -8.24
C TYR B 144 33.92 -29.28 -9.35
N LEU B 145 33.47 -28.94 -10.56
CA LEU B 145 33.89 -29.74 -11.69
C LEU B 145 35.40 -29.73 -11.83
N GLN B 146 35.94 -28.52 -11.77
CA GLN B 146 37.38 -28.44 -11.88
C GLN B 146 38.04 -29.16 -10.69
N TRP B 147 37.47 -29.03 -9.52
CA TRP B 147 38.08 -29.72 -8.40
C TRP B 147 38.12 -31.20 -8.68
N LEU B 148 36.92 -31.71 -8.94
CA LEU B 148 36.74 -33.11 -9.25
C LEU B 148 37.74 -33.47 -10.34
N THR B 149 37.81 -32.62 -11.33
CA THR B 149 38.75 -33.00 -12.34
C THR B 149 40.20 -33.20 -11.91
N GLU B 150 40.73 -32.19 -11.20
CA GLU B 150 42.11 -32.25 -10.75
C GLU B 150 42.23 -33.52 -9.91
N ARG B 151 41.26 -33.71 -9.04
CA ARG B 151 41.36 -34.92 -8.26
C ARG B 151 41.51 -36.15 -9.15
N LEU B 152 40.58 -36.37 -10.08
CA LEU B 152 40.63 -37.56 -10.91
C LEU B 152 41.96 -37.59 -11.64
N THR B 153 42.31 -36.42 -12.11
CA THR B 153 43.52 -36.41 -12.87
C THR B 153 44.70 -36.93 -12.09
N GLU B 154 44.88 -36.42 -10.89
CA GLU B 154 46.00 -36.85 -10.09
C GLU B 154 45.87 -38.33 -9.73
N ARG B 155 44.66 -38.83 -9.72
CA ARG B 155 44.38 -40.22 -9.39
C ARG B 155 44.72 -41.02 -10.63
N GLY B 156 45.00 -40.32 -11.72
CA GLY B 156 45.35 -41.03 -12.95
C GLY B 156 44.24 -41.32 -13.93
N VAL B 157 43.05 -40.78 -13.71
CA VAL B 157 41.99 -41.07 -14.67
C VAL B 157 42.21 -40.25 -15.91
N LYS B 158 42.12 -40.89 -17.07
CA LYS B 158 42.36 -40.17 -18.30
C LYS B 158 41.05 -39.73 -18.97
N PHE B 159 41.07 -38.56 -19.56
CA PHE B 159 39.80 -38.14 -20.10
C PHE B 159 40.08 -37.85 -21.49
N PHE B 160 39.07 -37.78 -22.33
CA PHE B 160 39.26 -37.45 -23.72
C PHE B 160 37.98 -36.97 -24.37
N LEU B 161 38.21 -35.98 -25.24
CA LEU B 161 37.12 -35.44 -26.01
C LEU B 161 36.66 -36.61 -26.85
N ARG B 162 35.41 -36.87 -26.81
CA ARG B 162 34.85 -37.96 -27.57
C ARG B 162 33.34 -37.92 -27.43
N LYS B 163 32.75 -37.86 -28.58
CA LYS B 163 31.30 -37.88 -28.73
C LYS B 163 30.92 -39.29 -29.10
N VAL B 164 30.45 -40.03 -28.12
CA VAL B 164 30.07 -41.42 -28.32
C VAL B 164 28.87 -41.53 -29.25
N GLU B 165 28.99 -42.40 -30.23
CA GLU B 165 27.91 -42.60 -31.19
C GLU B 165 27.05 -43.77 -30.75
N SER B 166 27.55 -44.56 -29.82
CA SER B 166 26.80 -45.73 -29.35
C SER B 166 27.46 -46.51 -28.22
N PHE B 167 26.68 -47.36 -27.60
CA PHE B 167 27.38 -48.06 -26.51
C PHE B 167 28.29 -49.10 -27.20
N GLU B 168 27.74 -49.59 -28.30
CA GLU B 168 28.38 -50.63 -29.07
C GLU B 168 29.78 -50.15 -29.35
N GLU B 169 29.77 -49.02 -30.04
CA GLU B 169 31.00 -48.39 -30.42
C GLU B 169 32.00 -48.42 -29.29
N VAL B 170 31.49 -48.27 -28.11
CA VAL B 170 32.34 -48.17 -26.93
C VAL B 170 32.85 -49.52 -26.45
N ALA B 171 32.03 -50.54 -26.51
CA ALA B 171 32.50 -51.85 -26.08
C ALA B 171 33.63 -52.28 -27.02
N ARG B 172 33.42 -51.91 -28.27
CA ARG B 172 34.32 -52.24 -29.40
C ARG B 172 35.75 -51.73 -29.13
N GLY B 173 35.83 -50.69 -28.33
CA GLY B 173 37.11 -50.08 -27.92
C GLY B 173 37.69 -50.88 -26.75
N GLY B 174 37.01 -51.96 -26.44
CA GLY B 174 37.42 -52.88 -25.36
C GLY B 174 36.88 -52.43 -23.99
N ALA B 175 35.90 -51.53 -24.01
CA ALA B 175 35.28 -51.02 -22.76
C ALA B 175 34.56 -52.17 -22.04
N ASP B 176 35.08 -52.51 -20.87
CA ASP B 176 34.57 -53.66 -20.10
C ASP B 176 33.24 -53.37 -19.41
N VAL B 177 33.12 -52.16 -18.95
CA VAL B 177 31.93 -51.66 -18.25
C VAL B 177 31.78 -50.19 -18.58
N ILE B 178 30.51 -49.87 -18.68
CA ILE B 178 30.23 -48.50 -18.97
C ILE B 178 29.32 -47.87 -17.93
N ILE B 179 29.71 -46.63 -17.64
CA ILE B 179 29.01 -45.77 -16.70
C ILE B 179 28.33 -44.70 -17.56
N ASN B 180 27.01 -44.76 -17.54
CA ASN B 180 26.28 -43.87 -18.44
C ASN B 180 25.85 -42.62 -17.75
N CYS B 181 26.56 -41.52 -17.91
CA CYS B 181 26.19 -40.30 -17.20
C CYS B 181 26.10 -39.17 -18.17
N THR B 182 25.32 -39.42 -19.20
CA THR B 182 25.11 -38.50 -20.30
C THR B 182 23.98 -37.50 -20.20
N GLY B 183 23.49 -37.34 -18.97
CA GLY B 183 22.45 -36.34 -18.76
C GLY B 183 21.27 -36.29 -19.70
N VAL B 184 20.73 -35.12 -20.05
CA VAL B 184 19.58 -35.14 -20.97
C VAL B 184 19.82 -35.85 -22.31
N TRP B 185 21.05 -35.74 -22.74
CA TRP B 185 21.35 -36.37 -24.00
C TRP B 185 21.50 -37.87 -24.03
N ALA B 186 21.13 -38.45 -22.91
CA ALA B 186 21.23 -39.89 -22.73
C ALA B 186 20.35 -40.64 -23.72
N GLY B 187 19.26 -39.96 -24.05
CA GLY B 187 18.29 -40.60 -24.92
C GLY B 187 18.87 -41.06 -26.24
N VAL B 188 19.86 -40.30 -26.64
CA VAL B 188 20.47 -40.63 -27.88
C VAL B 188 21.13 -41.98 -27.88
N LEU B 189 21.92 -42.27 -26.87
CA LEU B 189 22.55 -43.57 -26.82
C LEU B 189 21.56 -44.73 -26.66
N GLN B 190 20.36 -44.45 -26.19
CA GLN B 190 19.30 -45.44 -25.98
C GLN B 190 18.12 -44.68 -25.45
N PRO B 191 17.08 -44.72 -26.26
CA PRO B 191 15.85 -43.99 -26.04
C PRO B 191 15.25 -44.15 -24.69
N ASP B 192 14.66 -43.03 -24.27
CA ASP B 192 14.02 -42.97 -22.97
C ASP B 192 13.13 -41.77 -22.94
N PRO B 193 11.89 -41.99 -23.33
CA PRO B 193 10.87 -40.98 -23.39
C PRO B 193 10.57 -40.40 -22.04
N LEU B 194 11.14 -40.98 -21.01
CA LEU B 194 10.89 -40.46 -19.68
C LEU B 194 11.64 -39.20 -19.38
N LEU B 195 12.80 -39.22 -20.01
CA LEU B 195 13.77 -38.16 -19.99
C LEU B 195 13.40 -36.99 -20.86
N GLN B 196 13.49 -35.79 -20.31
CA GLN B 196 13.22 -34.59 -21.07
C GLN B 196 13.97 -33.41 -20.52
N PRO B 197 14.20 -32.44 -21.39
CA PRO B 197 14.90 -31.22 -21.03
C PRO B 197 14.00 -30.32 -20.16
N GLY B 198 14.57 -29.87 -19.05
CA GLY B 198 13.88 -28.93 -18.16
C GLY B 198 14.67 -27.63 -18.38
N ARG B 199 14.35 -26.93 -19.46
CA ARG B 199 15.11 -25.73 -19.76
C ARG B 199 15.08 -24.66 -18.69
N GLY B 200 16.22 -24.05 -18.49
CA GLY B 200 16.25 -22.98 -17.52
C GLY B 200 17.28 -21.95 -17.97
N GLN B 201 16.88 -20.69 -18.03
CA GLN B 201 17.82 -19.62 -18.37
C GLN B 201 18.13 -18.89 -17.05
N ILE B 202 19.27 -18.21 -16.95
CA ILE B 202 19.58 -17.46 -15.73
C ILE B 202 20.43 -16.27 -16.10
N ILE B 203 20.62 -15.44 -15.08
CA ILE B 203 21.42 -14.27 -15.30
C ILE B 203 22.33 -14.15 -14.10
N LYS B 204 23.62 -14.01 -14.40
CA LYS B 204 24.61 -13.82 -13.37
C LYS B 204 24.74 -12.31 -13.26
N VAL B 205 24.89 -11.87 -12.04
CA VAL B 205 24.93 -10.45 -11.89
C VAL B 205 25.84 -10.19 -10.71
N ASP B 206 26.44 -9.02 -10.71
CA ASP B 206 27.35 -8.71 -9.62
C ASP B 206 26.61 -7.88 -8.57
N ALA B 207 26.40 -8.44 -7.38
CA ALA B 207 25.69 -7.75 -6.30
C ALA B 207 26.02 -8.42 -4.99
N PRO B 208 27.23 -8.12 -4.54
CA PRO B 208 27.81 -8.63 -3.33
C PRO B 208 27.05 -8.32 -2.09
N TRP B 209 26.13 -7.39 -2.12
CA TRP B 209 25.51 -7.26 -0.83
C TRP B 209 24.42 -8.30 -0.58
N LEU B 210 24.08 -9.11 -1.58
CA LEU B 210 23.05 -10.09 -1.26
C LEU B 210 23.78 -11.32 -0.69
N LYS B 211 23.50 -11.62 0.56
CA LYS B 211 24.18 -12.71 1.24
C LYS B 211 23.32 -13.95 1.48
N ASN B 212 22.04 -13.86 1.14
CA ASN B 212 21.16 -15.00 1.39
C ASN B 212 20.39 -15.35 0.14
N PHE B 213 20.08 -16.63 0.04
CA PHE B 213 19.29 -17.03 -1.09
C PHE B 213 17.82 -16.79 -0.78
N ILE B 214 17.06 -16.64 -1.86
CA ILE B 214 15.65 -16.39 -1.77
C ILE B 214 15.02 -17.06 -2.98
N ILE B 215 14.14 -18.00 -2.66
CA ILE B 215 13.47 -18.78 -3.67
C ILE B 215 11.98 -18.71 -3.47
N THR B 216 11.32 -18.16 -4.49
CA THR B 216 9.88 -18.04 -4.38
C THR B 216 9.29 -19.24 -5.07
N HIS B 217 8.02 -19.43 -4.78
CA HIS B 217 7.32 -20.55 -5.36
C HIS B 217 5.89 -20.24 -5.75
N ASP B 218 5.53 -20.53 -7.01
CA ASP B 218 4.17 -20.37 -7.56
C ASP B 218 3.64 -21.79 -7.83
N LEU B 219 2.78 -22.23 -6.95
CA LEU B 219 2.22 -23.58 -6.97
C LEU B 219 1.59 -23.92 -8.32
N GLU B 220 1.06 -22.92 -9.00
CA GLU B 220 0.43 -23.12 -10.30
C GLU B 220 1.46 -23.21 -11.43
N ARG B 221 2.25 -22.15 -11.50
CA ARG B 221 3.28 -21.92 -12.52
C ARG B 221 4.30 -23.07 -12.63
N GLY B 222 4.32 -23.93 -11.62
CA GLY B 222 5.26 -25.07 -11.59
C GLY B 222 6.55 -24.64 -10.88
N ILE B 223 7.39 -25.63 -10.56
CA ILE B 223 8.64 -25.37 -9.83
C ILE B 223 9.71 -24.72 -10.71
N TYR B 224 10.33 -23.73 -10.09
CA TYR B 224 11.43 -22.94 -10.65
C TYR B 224 10.98 -22.14 -11.87
N ASN B 225 9.77 -21.65 -11.76
CA ASN B 225 9.17 -20.79 -12.78
C ASN B 225 8.92 -19.44 -12.15
N SER B 226 9.29 -19.42 -10.89
CA SER B 226 9.15 -18.25 -10.05
C SER B 226 10.54 -17.67 -9.89
N PRO B 227 10.66 -16.40 -9.54
CA PRO B 227 11.96 -15.77 -9.42
C PRO B 227 12.70 -16.39 -8.29
N TYR B 228 14.00 -16.49 -8.47
CA TYR B 228 14.87 -16.93 -7.39
C TYR B 228 16.21 -16.24 -7.50
N ILE B 229 16.84 -16.14 -6.35
CA ILE B 229 18.09 -15.44 -6.29
C ILE B 229 19.04 -16.22 -5.48
N ILE B 230 20.18 -16.54 -6.09
CA ILE B 230 21.12 -17.31 -5.32
C ILE B 230 22.53 -16.81 -5.41
N PRO B 231 23.03 -16.41 -4.25
CA PRO B 231 24.35 -15.88 -4.06
C PRO B 231 25.27 -17.05 -4.38
N GLY B 232 26.48 -16.76 -4.82
CA GLY B 232 27.37 -17.84 -5.18
C GLY B 232 28.72 -17.42 -4.67
N LEU B 233 29.76 -18.13 -5.10
CA LEU B 233 31.09 -17.81 -4.65
C LEU B 233 31.49 -16.40 -5.00
N GLN B 234 31.08 -15.87 -6.15
CA GLN B 234 31.36 -14.48 -6.43
C GLN B 234 30.09 -13.81 -6.95
N ALA B 235 29.56 -14.27 -8.08
CA ALA B 235 28.30 -13.64 -8.53
C ALA B 235 27.03 -14.18 -7.94
N VAL B 236 25.96 -13.48 -8.31
CA VAL B 236 24.66 -13.92 -7.88
C VAL B 236 23.94 -14.39 -9.09
N THR B 237 23.19 -15.46 -8.89
CA THR B 237 22.41 -16.01 -9.97
C THR B 237 20.97 -15.65 -9.78
N LEU B 238 20.47 -14.97 -10.80
CA LEU B 238 19.09 -14.56 -10.93
C LEU B 238 18.42 -15.65 -11.72
N GLY B 239 17.30 -16.11 -11.22
CA GLY B 239 16.70 -17.17 -11.97
C GLY B 239 15.19 -17.16 -11.92
N GLY B 240 14.66 -18.06 -12.74
CA GLY B 240 13.24 -18.16 -12.80
C GLY B 240 12.55 -18.98 -13.84
N THR B 241 13.21 -19.88 -14.58
CA THR B 241 12.45 -20.70 -15.54
C THR B 241 12.76 -22.20 -15.56
N PHE B 242 11.77 -22.99 -15.94
CA PHE B 242 12.01 -24.42 -15.97
C PHE B 242 11.00 -24.91 -16.99
N GLN B 243 11.35 -24.94 -18.27
CA GLN B 243 10.44 -25.34 -19.37
C GLN B 243 10.66 -26.73 -19.91
N VAL B 244 9.70 -27.60 -19.63
CA VAL B 244 9.85 -28.97 -20.08
C VAL B 244 9.70 -29.26 -21.54
N GLY B 245 10.60 -30.06 -22.08
CA GLY B 245 10.53 -30.34 -23.50
C GLY B 245 11.08 -29.18 -24.34
N ASN B 246 11.53 -28.10 -23.73
CA ASN B 246 12.10 -27.06 -24.57
C ASN B 246 13.59 -27.31 -24.80
N TRP B 247 13.98 -27.33 -26.06
CA TRP B 247 15.38 -27.55 -26.30
C TRP B 247 16.16 -26.38 -26.84
N ASN B 248 15.57 -25.18 -26.95
CA ASN B 248 16.35 -24.06 -27.48
C ASN B 248 17.50 -23.85 -26.53
N GLU B 249 18.71 -23.83 -27.04
CA GLU B 249 19.81 -23.58 -26.12
C GLU B 249 20.26 -22.15 -26.10
N ILE B 250 19.55 -21.28 -26.77
CA ILE B 250 19.96 -19.89 -26.70
C ILE B 250 19.20 -19.14 -25.62
N ASN B 251 19.84 -18.12 -25.08
CA ASN B 251 19.17 -17.31 -24.07
C ASN B 251 18.10 -16.53 -24.80
N ASN B 252 16.89 -16.46 -24.26
CA ASN B 252 15.89 -15.69 -24.98
C ASN B 252 15.58 -14.40 -24.27
N ILE B 253 15.42 -13.35 -25.05
CA ILE B 253 15.16 -12.08 -24.42
C ILE B 253 13.94 -12.07 -23.51
N GLN B 254 12.86 -12.78 -23.92
CA GLN B 254 11.61 -12.79 -23.13
C GLN B 254 11.96 -13.29 -21.72
N ASP B 255 12.59 -14.39 -21.64
CA ASP B 255 12.94 -15.00 -20.36
C ASP B 255 13.81 -14.05 -19.58
N HIS B 256 14.84 -13.56 -20.23
CA HIS B 256 15.73 -12.62 -19.60
C HIS B 256 14.92 -11.54 -18.91
N ASN B 257 13.92 -11.02 -19.59
CA ASN B 257 13.18 -10.00 -18.88
C ASN B 257 12.33 -10.58 -17.78
N THR B 258 11.65 -11.65 -18.08
CA THR B 258 10.83 -12.12 -16.98
C THR B 258 11.65 -12.43 -15.73
N ILE B 259 12.91 -12.80 -15.92
CA ILE B 259 13.75 -13.08 -14.76
C ILE B 259 14.19 -11.76 -14.14
N TRP B 260 14.71 -10.95 -15.04
CA TRP B 260 15.14 -9.69 -14.54
C TRP B 260 14.06 -8.92 -13.81
N GLU B 261 12.87 -8.87 -14.37
CA GLU B 261 11.89 -8.08 -13.66
C GLU B 261 11.38 -8.75 -12.41
N GLY B 262 11.29 -10.05 -12.50
CA GLY B 262 10.78 -10.69 -11.31
C GLY B 262 11.69 -10.58 -10.12
N CYS B 263 12.98 -10.77 -10.34
CA CYS B 263 13.88 -10.71 -9.22
C CYS B 263 13.98 -9.27 -8.73
N CYS B 264 13.99 -8.40 -9.72
CA CYS B 264 14.16 -7.01 -9.41
C CYS B 264 13.00 -6.64 -8.52
N ARG B 265 11.91 -7.29 -8.72
CA ARG B 265 10.87 -6.89 -7.83
C ARG B 265 10.95 -7.65 -6.56
N LEU B 266 11.37 -8.90 -6.60
CA LEU B 266 11.50 -9.67 -5.40
C LEU B 266 12.60 -8.92 -4.67
N GLU B 267 13.47 -8.21 -5.38
CA GLU B 267 14.62 -7.63 -4.66
C GLU B 267 15.08 -6.45 -5.44
N PRO B 268 14.44 -5.37 -5.06
CA PRO B 268 14.61 -4.04 -5.63
C PRO B 268 15.98 -3.37 -5.63
N THR B 269 16.93 -3.96 -4.90
CA THR B 269 18.25 -3.42 -4.90
C THR B 269 19.01 -3.72 -6.17
N LEU B 270 18.65 -4.83 -6.75
CA LEU B 270 19.27 -5.27 -7.99
C LEU B 270 19.26 -4.12 -8.97
N LYS B 271 18.43 -3.10 -8.59
CA LYS B 271 18.31 -1.99 -9.52
C LYS B 271 19.71 -1.57 -9.89
N ASP B 272 20.64 -1.79 -8.98
CA ASP B 272 22.01 -1.40 -9.22
C ASP B 272 22.95 -2.53 -9.49
N ALA B 273 22.45 -3.76 -9.51
CA ALA B 273 23.33 -4.89 -9.80
C ALA B 273 23.74 -4.87 -11.27
N LYS B 274 24.98 -5.22 -11.56
CA LYS B 274 25.46 -5.21 -12.93
C LYS B 274 25.42 -6.60 -13.55
N ILE B 275 24.76 -6.69 -14.70
CA ILE B 275 24.73 -8.03 -15.25
C ILE B 275 26.04 -8.48 -15.82
N VAL B 276 26.45 -9.68 -15.46
CA VAL B 276 27.70 -10.09 -16.07
C VAL B 276 27.59 -11.28 -17.00
N GLY B 277 26.42 -11.90 -17.07
CA GLY B 277 26.26 -13.04 -17.97
C GLY B 277 24.87 -13.63 -17.96
N GLU B 278 24.55 -14.38 -19.02
CA GLU B 278 23.26 -15.04 -19.08
C GLU B 278 23.49 -16.41 -19.62
N TYR B 279 22.77 -17.38 -19.08
CA TYR B 279 23.04 -18.70 -19.58
C TYR B 279 21.77 -19.47 -19.53
N THR B 280 21.80 -20.51 -20.34
CA THR B 280 20.67 -21.40 -20.40
C THR B 280 21.10 -22.86 -20.39
N GLY B 281 20.36 -23.75 -19.74
CA GLY B 281 20.71 -25.17 -19.64
C GLY B 281 19.49 -26.10 -19.58
N PHE B 282 19.76 -27.38 -19.80
CA PHE B 282 18.68 -28.36 -19.79
C PHE B 282 18.62 -29.26 -18.55
N ARG B 283 17.62 -29.14 -17.71
CA ARG B 283 17.66 -30.06 -16.58
C ARG B 283 17.24 -31.42 -17.11
N PRO B 284 18.01 -32.44 -16.79
CA PRO B 284 17.70 -33.78 -17.27
C PRO B 284 16.52 -34.29 -16.48
N VAL B 285 15.37 -33.79 -16.89
CA VAL B 285 14.11 -34.12 -16.25
C VAL B 285 13.70 -35.57 -16.50
N ARG B 286 13.24 -36.23 -15.43
CA ARG B 286 12.75 -37.62 -15.46
C ARG B 286 12.05 -37.93 -14.15
N PRO B 287 10.92 -38.60 -14.29
CA PRO B 287 10.03 -39.02 -13.21
C PRO B 287 10.82 -39.56 -12.05
N GLN B 288 11.92 -40.22 -12.37
CA GLN B 288 12.73 -40.66 -11.26
C GLN B 288 14.04 -40.89 -11.92
N VAL B 289 15.10 -40.97 -11.09
CA VAL B 289 16.43 -41.11 -11.62
C VAL B 289 16.68 -42.46 -12.22
N ARG B 290 17.40 -42.54 -13.33
CA ARG B 290 17.68 -43.88 -13.79
C ARG B 290 19.08 -44.18 -13.31
N LEU B 291 19.13 -45.16 -12.44
CA LEU B 291 20.41 -45.55 -11.89
C LEU B 291 20.28 -47.05 -11.63
N GLU B 292 20.70 -47.80 -12.64
CA GLU B 292 20.60 -49.23 -12.60
C GLU B 292 21.54 -49.82 -13.63
N ARG B 293 21.80 -51.09 -13.36
CA ARG B 293 22.69 -51.89 -14.15
C ARG B 293 22.00 -52.43 -15.42
N GLU B 294 22.76 -52.71 -16.47
CA GLU B 294 22.19 -53.24 -17.71
C GLU B 294 23.30 -53.91 -18.49
N GLN B 295 23.09 -55.20 -18.78
CA GLN B 295 24.08 -55.96 -19.52
C GLN B 295 23.75 -55.75 -21.01
N LEU B 296 24.78 -55.82 -21.86
CA LEU B 296 24.59 -55.64 -23.30
C LEU B 296 25.47 -56.60 -24.06
N ARG B 297 24.82 -57.45 -24.87
CA ARG B 297 25.48 -58.46 -25.68
C ARG B 297 25.79 -57.88 -27.04
N PHE B 298 27.06 -58.05 -27.43
CA PHE B 298 27.57 -57.58 -28.71
C PHE B 298 28.51 -58.67 -29.20
N GLY B 299 28.03 -59.45 -30.17
CA GLY B 299 28.80 -60.56 -30.69
C GLY B 299 28.79 -61.64 -29.59
N SER B 300 29.97 -62.21 -29.34
CA SER B 300 30.10 -63.23 -28.32
C SER B 300 30.49 -62.63 -26.96
N SER B 301 30.45 -61.30 -26.86
CA SER B 301 30.85 -60.69 -25.62
C SER B 301 29.85 -59.76 -24.98
N ASN B 302 29.65 -60.00 -23.69
CA ASN B 302 28.76 -59.20 -22.89
C ASN B 302 29.46 -57.93 -22.41
N THR B 303 28.67 -56.88 -22.18
CA THR B 303 29.22 -55.65 -21.70
C THR B 303 28.27 -55.02 -20.72
N GLU B 304 28.87 -54.63 -19.61
CA GLU B 304 28.14 -54.05 -18.51
C GLU B 304 27.97 -52.54 -18.49
N VAL B 305 26.72 -52.17 -18.39
CA VAL B 305 26.41 -50.76 -18.31
C VAL B 305 25.79 -50.38 -16.98
N ILE B 306 26.07 -49.17 -16.54
CA ILE B 306 25.43 -48.73 -15.33
C ILE B 306 25.01 -47.32 -15.62
N HIS B 307 23.71 -47.15 -15.57
CA HIS B 307 23.13 -45.88 -15.87
C HIS B 307 23.08 -44.99 -14.65
N ASN B 308 23.18 -43.69 -14.87
CA ASN B 308 23.09 -42.76 -13.77
C ASN B 308 22.69 -41.46 -14.43
N TYR B 309 21.38 -41.29 -14.56
CA TYR B 309 20.97 -40.05 -15.20
C TYR B 309 19.54 -39.67 -14.92
N GLY B 310 19.20 -38.41 -15.16
CA GLY B 310 17.84 -37.88 -14.98
C GLY B 310 17.65 -37.25 -13.62
N HIS B 311 18.68 -36.54 -13.17
CA HIS B 311 18.65 -35.88 -11.86
C HIS B 311 17.96 -34.53 -11.87
N GLY B 312 17.21 -34.30 -12.93
CA GLY B 312 16.46 -33.07 -13.05
C GLY B 312 17.13 -31.82 -12.50
N GLY B 313 16.47 -31.19 -11.54
CA GLY B 313 17.00 -29.95 -10.97
C GLY B 313 17.69 -30.15 -9.63
N TYR B 314 18.20 -31.34 -9.36
CA TYR B 314 18.87 -31.59 -8.10
C TYR B 314 20.11 -32.43 -8.25
N GLY B 315 20.60 -32.40 -9.48
CA GLY B 315 21.82 -33.16 -9.77
C GLY B 315 22.95 -32.88 -8.75
N LEU B 316 23.11 -31.62 -8.38
CA LEU B 316 24.17 -31.33 -7.42
C LEU B 316 23.78 -31.81 -6.05
N THR B 317 22.54 -31.48 -5.72
CA THR B 317 21.98 -31.80 -4.43
C THR B 317 22.09 -33.25 -4.07
N ILE B 318 22.14 -34.10 -5.06
CA ILE B 318 22.15 -35.50 -4.75
C ILE B 318 23.24 -36.31 -5.44
N HIS B 319 24.17 -35.62 -6.07
CA HIS B 319 25.16 -36.31 -6.85
C HIS B 319 25.89 -37.44 -6.19
N TRP B 320 26.40 -37.12 -5.02
CA TRP B 320 27.21 -38.04 -4.27
C TRP B 320 26.53 -39.35 -3.89
N GLY B 321 25.24 -39.21 -3.56
CA GLY B 321 24.46 -40.37 -3.12
C GLY B 321 24.47 -41.46 -4.18
N CYS B 322 24.10 -40.99 -5.35
CA CYS B 322 24.09 -41.88 -6.49
C CYS B 322 25.49 -42.42 -6.76
N ALA B 323 26.46 -41.51 -6.76
CA ALA B 323 27.83 -41.91 -7.07
C ALA B 323 28.20 -43.12 -6.25
N LEU B 324 27.72 -43.10 -5.02
CA LEU B 324 28.00 -44.22 -4.15
C LEU B 324 27.32 -45.49 -4.63
N GLU B 325 26.02 -45.39 -4.82
CA GLU B 325 25.27 -46.53 -5.32
C GLU B 325 25.92 -47.19 -6.53
N VAL B 326 26.31 -46.36 -7.48
CA VAL B 326 26.96 -46.94 -8.63
C VAL B 326 28.17 -47.76 -8.26
N ALA B 327 28.97 -47.15 -7.40
CA ALA B 327 30.17 -47.87 -7.02
C ALA B 327 29.80 -49.25 -6.47
N LYS B 328 28.73 -49.23 -5.68
CA LYS B 328 28.16 -50.42 -5.11
C LYS B 328 27.83 -51.42 -6.24
N LEU B 329 27.02 -51.00 -7.21
CA LEU B 329 26.72 -51.97 -8.25
C LEU B 329 27.99 -52.34 -8.96
N PHE B 330 28.81 -51.33 -9.13
CA PHE B 330 29.99 -51.63 -9.87
C PHE B 330 30.71 -52.76 -9.18
N GLY B 331 30.62 -52.70 -7.87
CA GLY B 331 31.28 -53.74 -7.12
C GLY B 331 30.70 -55.11 -7.42
N LYS B 332 29.38 -55.20 -7.36
CA LYS B 332 28.68 -56.45 -7.63
C LYS B 332 29.20 -56.93 -8.97
N VAL B 333 29.23 -56.04 -9.94
CA VAL B 333 29.79 -56.45 -11.21
C VAL B 333 31.16 -57.08 -11.01
N LEU B 334 32.03 -56.49 -10.21
CA LEU B 334 33.30 -57.14 -10.02
C LEU B 334 33.16 -58.49 -9.36
N GLU B 335 32.25 -58.62 -8.40
CA GLU B 335 32.12 -59.90 -7.73
C GLU B 335 31.81 -60.97 -8.77
N GLU B 336 30.80 -60.69 -9.58
CA GLU B 336 30.40 -61.61 -10.63
C GLU B 336 31.59 -61.97 -11.53
N ARG B 337 32.47 -61.02 -11.82
CA ARG B 337 33.62 -61.34 -12.65
C ARG B 337 34.63 -62.05 -11.75
N ASN B 338 34.26 -62.23 -10.49
CA ASN B 338 35.16 -62.89 -9.53
C ASN B 338 36.40 -62.03 -9.31
N LEU B 339 36.20 -60.73 -9.32
CA LEU B 339 37.26 -59.74 -9.12
C LEU B 339 38.20 -59.71 -10.34
N MET C 1 -61.12 5.10 47.93
CA MET C 1 -62.27 5.16 47.05
C MET C 1 -62.06 4.54 45.68
N ARG C 2 -63.03 3.74 45.27
CA ARG C 2 -62.81 3.12 43.99
C ARG C 2 -63.33 3.86 42.81
N VAL C 3 -62.35 4.29 42.03
CA VAL C 3 -62.66 5.01 40.82
C VAL C 3 -62.34 4.14 39.63
N VAL C 4 -63.18 4.22 38.61
CA VAL C 4 -62.92 3.45 37.41
C VAL C 4 -63.12 4.32 36.20
N VAL C 5 -62.05 4.39 35.44
CA VAL C 5 -62.11 5.22 34.26
C VAL C 5 -62.28 4.26 33.11
N ILE C 6 -63.31 4.53 32.33
CA ILE C 6 -63.52 3.67 31.19
C ILE C 6 -63.08 4.46 30.00
N GLY C 7 -62.24 3.76 29.24
CA GLY C 7 -61.61 4.24 28.01
C GLY C 7 -60.19 4.72 28.31
N ALA C 8 -59.33 4.49 27.34
CA ALA C 8 -57.92 4.83 27.47
C ALA C 8 -57.43 5.65 26.28
N GLY C 9 -58.30 6.51 25.74
CA GLY C 9 -57.94 7.38 24.64
C GLY C 9 -57.28 8.56 25.35
N VAL C 10 -57.07 9.63 24.60
CA VAL C 10 -56.45 10.77 25.26
C VAL C 10 -57.33 11.24 26.39
N ILE C 11 -58.63 11.16 26.16
CA ILE C 11 -59.53 11.59 27.20
C ILE C 11 -59.45 10.78 28.50
N GLY C 12 -59.60 9.47 28.39
CA GLY C 12 -59.54 8.72 29.63
C GLY C 12 -58.26 9.01 30.43
N LEU C 13 -57.16 8.88 29.74
CA LEU C 13 -55.91 9.05 30.42
C LEU C 13 -55.66 10.37 31.09
N SER C 14 -55.81 11.42 30.31
CA SER C 14 -55.55 12.72 30.88
C SER C 14 -56.41 12.85 32.10
N THR C 15 -57.65 12.46 31.91
CA THR C 15 -58.58 12.61 32.99
C THR C 15 -58.14 11.87 34.21
N ALA C 16 -57.85 10.61 33.98
CA ALA C 16 -57.41 9.82 35.12
C ALA C 16 -56.23 10.47 35.78
N LEU C 17 -55.28 10.83 34.96
CA LEU C 17 -54.11 11.42 35.55
C LEU C 17 -54.43 12.63 36.42
N CYS C 18 -55.13 13.48 35.75
CA CYS C 18 -55.52 14.71 36.32
C CYS C 18 -56.22 14.46 37.65
N ILE C 19 -57.11 13.48 37.72
CA ILE C 19 -57.83 13.28 38.97
C ILE C 19 -56.81 12.87 40.02
N HIS C 20 -56.07 11.82 39.68
CA HIS C 20 -55.08 11.30 40.60
C HIS C 20 -54.07 12.34 41.01
N GLU C 21 -53.62 13.07 40.00
CA GLU C 21 -52.63 14.07 40.26
C GLU C 21 -53.10 15.05 41.32
N ARG C 22 -54.40 15.35 41.30
CA ARG C 22 -55.02 16.32 42.19
C ARG C 22 -55.58 15.85 43.51
N TYR C 23 -55.84 14.56 43.58
CA TYR C 23 -56.45 14.09 44.79
C TYR C 23 -55.76 12.94 45.39
N HIS C 24 -54.72 12.46 44.73
CA HIS C 24 -54.15 11.31 45.35
C HIS C 24 -53.91 11.45 46.81
N SER C 25 -53.13 12.44 47.18
CA SER C 25 -52.91 12.58 48.61
C SER C 25 -53.70 13.70 49.27
N VAL C 26 -54.92 13.89 48.78
CA VAL C 26 -55.81 14.89 49.36
C VAL C 26 -56.76 13.96 50.14
N LEU C 27 -56.97 12.78 49.56
CA LEU C 27 -57.74 11.64 50.04
C LEU C 27 -56.67 10.55 50.20
N GLN C 28 -56.74 9.73 51.24
CA GLN C 28 -55.68 8.73 51.36
C GLN C 28 -55.63 7.55 50.38
N PRO C 29 -56.49 6.57 50.61
CA PRO C 29 -56.50 5.39 49.76
C PRO C 29 -56.49 5.64 48.26
N LEU C 30 -57.56 6.27 47.80
CA LEU C 30 -57.72 6.56 46.38
C LEU C 30 -57.30 5.51 45.36
N ASP C 31 -58.23 4.64 44.99
CA ASP C 31 -57.95 3.59 44.03
C ASP C 31 -58.47 3.82 42.61
N VAL C 32 -57.50 4.01 41.73
CA VAL C 32 -57.84 4.19 40.33
C VAL C 32 -57.49 3.05 39.39
N LYS C 33 -58.41 2.74 38.49
CA LYS C 33 -58.15 1.66 37.56
C LYS C 33 -58.76 2.17 36.27
N VAL C 34 -58.21 1.62 35.21
CA VAL C 34 -58.70 2.03 33.92
C VAL C 34 -59.00 0.78 33.17
N TYR C 35 -60.24 0.73 32.71
CA TYR C 35 -60.69 -0.38 31.91
C TYR C 35 -60.82 0.17 30.52
N ALA C 36 -60.45 -0.64 29.53
CA ALA C 36 -60.64 -0.28 28.12
C ALA C 36 -60.44 -1.46 27.23
N ASP C 37 -61.32 -1.55 26.24
CA ASP C 37 -61.30 -2.64 25.30
C ASP C 37 -60.22 -2.29 24.29
N ARG C 38 -59.81 -1.03 24.20
CA ARG C 38 -58.75 -0.71 23.23
C ARG C 38 -57.79 0.24 23.91
N PHE C 39 -56.52 0.00 23.63
CA PHE C 39 -55.40 0.76 24.15
C PHE C 39 -54.54 1.09 22.93
N THR C 40 -53.69 2.10 23.07
CA THR C 40 -52.89 2.46 21.92
C THR C 40 -52.08 1.28 21.49
N PRO C 41 -51.78 1.15 20.22
CA PRO C 41 -52.16 2.06 19.17
C PRO C 41 -53.58 1.91 18.68
N PHE C 42 -54.45 1.33 19.48
CA PHE C 42 -55.79 1.24 18.92
C PHE C 42 -56.89 2.27 19.10
N THR C 43 -56.67 3.30 19.91
CA THR C 43 -57.70 4.31 20.10
C THR C 43 -57.90 5.24 18.94
N THR C 44 -59.01 5.97 19.06
CA THR C 44 -59.30 6.91 17.99
C THR C 44 -58.16 7.87 18.09
N THR C 45 -57.89 8.23 19.33
CA THR C 45 -56.81 9.14 19.62
C THR C 45 -55.57 8.78 18.80
N ASP C 46 -55.19 7.51 18.75
CA ASP C 46 -54.03 7.13 17.95
C ASP C 46 -54.03 7.60 16.51
N VAL C 47 -55.18 7.85 15.92
CA VAL C 47 -55.25 8.27 14.53
C VAL C 47 -55.39 9.78 14.32
N ALA C 48 -55.60 10.57 15.36
CA ALA C 48 -55.73 12.00 15.13
C ALA C 48 -54.53 12.60 14.38
N ALA C 49 -54.86 13.62 13.60
CA ALA C 49 -53.89 14.37 12.84
C ALA C 49 -52.79 14.92 13.79
N GLY C 50 -53.13 15.11 15.06
CA GLY C 50 -52.13 15.54 16.02
C GLY C 50 -51.86 17.03 16.13
N LEU C 51 -52.82 17.83 15.70
CA LEU C 51 -52.62 19.26 15.75
C LEU C 51 -53.53 19.99 16.71
N TRP C 52 -53.02 21.04 17.35
CA TRP C 52 -53.90 21.79 18.22
C TRP C 52 -54.55 22.85 17.36
N GLN C 53 -55.87 22.73 17.19
CA GLN C 53 -56.64 23.68 16.42
C GLN C 53 -58.12 23.38 16.53
N PRO C 54 -58.81 24.20 17.28
CA PRO C 54 -60.24 24.05 17.44
C PRO C 54 -60.90 24.43 16.12
N TYR C 55 -62.16 24.04 15.97
CA TYR C 55 -62.91 24.36 14.76
C TYR C 55 -62.94 25.88 14.60
N THR C 56 -63.46 26.26 13.44
CA THR C 56 -63.51 27.62 12.94
C THR C 56 -64.54 28.57 13.59
N SER C 57 -65.70 27.95 13.71
CA SER C 57 -66.91 28.51 14.31
C SER C 57 -66.88 28.65 15.84
N GLU C 58 -67.71 29.55 16.36
CA GLU C 58 -67.68 29.72 17.81
C GLU C 58 -68.37 28.51 18.47
N PRO C 59 -67.82 28.15 19.61
CA PRO C 59 -68.35 26.95 20.26
C PRO C 59 -69.76 27.21 20.71
N SER C 60 -70.58 26.15 20.89
CA SER C 60 -71.95 26.21 21.45
C SER C 60 -71.74 26.37 22.98
N ASN C 61 -71.10 25.40 23.61
CA ASN C 61 -70.84 25.65 25.01
C ASN C 61 -69.80 26.74 24.97
N PRO C 62 -69.99 27.85 25.66
CA PRO C 62 -68.96 28.87 25.74
C PRO C 62 -67.69 28.45 26.53
N GLN C 63 -67.79 27.41 27.36
CA GLN C 63 -66.70 26.87 28.20
C GLN C 63 -65.73 26.04 27.39
N GLU C 64 -66.15 25.66 26.19
CA GLU C 64 -65.26 24.94 25.28
C GLU C 64 -64.04 25.86 25.11
N ALA C 65 -64.29 27.05 24.58
CA ALA C 65 -63.22 28.03 24.46
C ALA C 65 -62.24 28.19 25.62
N ASN C 66 -62.76 27.94 26.78
CA ASN C 66 -61.80 27.97 27.85
C ASN C 66 -60.99 26.71 27.90
N TRP C 67 -61.68 25.58 27.84
CA TRP C 67 -60.99 24.31 27.88
C TRP C 67 -59.89 24.29 26.84
N ASN C 68 -60.23 24.81 25.68
CA ASN C 68 -59.23 24.90 24.64
C ASN C 68 -58.07 25.77 25.05
N GLN C 69 -58.40 26.97 25.50
CA GLN C 69 -57.31 27.81 25.97
C GLN C 69 -56.50 27.17 27.05
N GLN C 70 -57.17 26.68 28.08
CA GLN C 70 -56.43 26.01 29.13
C GLN C 70 -55.55 24.90 28.57
N THR C 71 -56.07 24.09 27.66
CA THR C 71 -55.29 22.99 27.08
C THR C 71 -54.01 23.57 26.39
N PHE C 72 -54.25 24.60 25.60
CA PHE C 72 -53.10 25.16 24.95
C PHE C 72 -52.03 25.68 25.87
N ASN C 73 -52.44 26.25 26.99
CA ASN C 73 -51.40 26.82 27.81
C ASN C 73 -50.58 25.76 28.47
N TYR C 74 -51.34 24.79 28.92
CA TYR C 74 -50.72 23.67 29.60
C TYR C 74 -49.73 23.11 28.61
N LEU C 75 -50.20 22.97 27.39
CA LEU C 75 -49.22 22.40 26.52
C LEU C 75 -48.00 23.24 26.37
N LEU C 76 -48.25 24.49 25.98
CA LEU C 76 -47.19 25.45 25.72
C LEU C 76 -46.18 25.44 26.85
N SER C 77 -46.74 25.42 28.06
CA SER C 77 -45.89 25.43 29.23
C SER C 77 -44.79 24.37 29.16
N HIS C 78 -45.07 23.27 28.51
CA HIS C 78 -44.09 22.22 28.43
C HIS C 78 -42.99 22.48 27.43
N ILE C 79 -43.32 23.24 26.39
CA ILE C 79 -42.36 23.58 25.35
C ILE C 79 -41.32 24.43 26.05
N GLY C 80 -40.14 23.83 26.16
CA GLY C 80 -39.00 24.43 26.83
C GLY C 80 -38.24 23.33 27.59
N SER C 81 -39.01 22.36 28.08
CA SER C 81 -38.51 21.20 28.80
C SER C 81 -37.92 20.24 27.77
N PRO C 82 -37.03 19.38 28.25
CA PRO C 82 -36.36 18.39 27.44
C PRO C 82 -37.29 17.32 26.94
N ASN C 83 -38.27 17.03 27.77
CA ASN C 83 -39.21 15.97 27.44
C ASN C 83 -40.39 16.20 26.49
N ALA C 84 -40.54 17.45 26.15
CA ALA C 84 -41.67 17.80 25.35
C ALA C 84 -41.88 16.91 24.16
N ALA C 85 -40.81 16.55 23.46
CA ALA C 85 -41.15 15.72 22.31
C ALA C 85 -41.35 14.35 22.84
N ASN C 86 -40.83 14.09 24.02
CA ASN C 86 -41.09 12.77 24.53
C ASN C 86 -42.55 12.70 24.91
N MET C 87 -43.18 13.83 25.19
CA MET C 87 -44.60 13.75 25.47
C MET C 87 -45.32 13.69 24.13
N GLY C 88 -44.63 13.98 23.02
CA GLY C 88 -45.25 13.94 21.70
C GLY C 88 -45.62 15.35 21.23
N LEU C 89 -45.01 16.33 21.90
CA LEU C 89 -45.20 17.73 21.57
C LEU C 89 -44.12 18.49 20.81
N THR C 90 -44.53 19.39 19.91
CA THR C 90 -43.65 20.35 19.24
C THR C 90 -44.36 21.43 18.50
N PRO C 91 -43.67 22.56 18.42
CA PRO C 91 -44.29 23.69 17.80
C PRO C 91 -44.25 23.47 16.33
N VAL C 92 -45.27 23.96 15.66
CA VAL C 92 -45.33 23.89 14.21
C VAL C 92 -46.12 25.13 13.79
N SER C 93 -45.75 25.64 12.62
CA SER C 93 -46.45 26.80 12.12
C SER C 93 -47.15 26.40 10.85
N GLY C 94 -48.15 27.16 10.43
CA GLY C 94 -48.76 26.73 9.19
C GLY C 94 -49.92 27.59 8.76
N TYR C 95 -50.47 27.13 7.65
CA TYR C 95 -51.55 27.80 6.99
C TYR C 95 -52.94 27.20 7.05
N ASN C 96 -53.91 28.09 6.88
CA ASN C 96 -55.33 27.76 6.81
C ASN C 96 -55.81 28.56 5.62
N LEU C 97 -56.13 27.78 4.59
CA LEU C 97 -56.58 28.33 3.34
C LEU C 97 -58.07 28.31 3.19
N PHE C 98 -58.53 29.30 2.43
CA PHE C 98 -59.92 29.49 2.13
C PHE C 98 -60.11 30.06 0.76
N ARG C 99 -61.35 29.89 0.32
CA ARG C 99 -61.67 30.35 -1.01
C ARG C 99 -62.31 31.72 -1.08
N GLU C 100 -62.82 32.18 0.05
CA GLU C 100 -63.49 33.44 0.19
C GLU C 100 -63.00 33.98 1.52
N ALA C 101 -63.14 35.26 1.75
CA ALA C 101 -62.67 35.78 3.02
C ALA C 101 -63.58 35.24 4.08
N VAL C 102 -63.07 35.29 5.29
CA VAL C 102 -63.71 34.74 6.46
C VAL C 102 -63.20 35.34 7.76
N PRO C 103 -64.15 35.41 8.66
CA PRO C 103 -63.92 35.92 10.00
C PRO C 103 -62.85 35.14 10.75
N ASP C 104 -62.10 35.93 11.51
CA ASP C 104 -61.04 35.36 12.31
C ASP C 104 -61.59 34.37 13.30
N PRO C 105 -60.85 33.30 13.59
CA PRO C 105 -61.36 32.29 14.52
C PRO C 105 -61.35 32.83 15.94
N TYR C 106 -62.23 32.32 16.80
CA TYR C 106 -62.15 32.83 18.16
C TYR C 106 -60.82 32.56 18.79
N TRP C 107 -60.21 31.47 18.38
CA TRP C 107 -58.93 31.17 18.98
C TRP C 107 -57.76 31.97 18.43
N LYS C 108 -58.08 32.93 17.57
CA LYS C 108 -57.04 33.73 16.96
C LYS C 108 -56.01 34.12 18.00
N ASP C 109 -56.46 34.44 19.21
CA ASP C 109 -55.45 34.84 20.17
C ASP C 109 -54.88 33.76 21.05
N MET C 110 -55.36 32.54 20.90
CA MET C 110 -54.79 31.53 21.78
C MET C 110 -53.55 31.05 21.11
N VAL C 111 -53.58 31.06 19.79
CA VAL C 111 -52.38 30.58 19.11
C VAL C 111 -51.35 31.67 19.02
N LEU C 112 -50.13 31.24 18.76
CA LEU C 112 -49.00 32.14 18.61
C LEU C 112 -48.88 32.77 17.23
N GLY C 113 -48.77 34.09 17.20
CA GLY C 113 -48.55 34.81 15.95
C GLY C 113 -49.61 34.88 14.86
N PHE C 114 -50.85 34.67 15.25
CA PHE C 114 -51.87 34.68 14.22
C PHE C 114 -51.83 35.91 13.35
N ARG C 115 -52.09 35.75 12.07
CA ARG C 115 -52.13 36.84 11.11
C ARG C 115 -52.70 36.36 9.80
N LYS C 116 -53.26 37.30 9.04
CA LYS C 116 -53.88 36.98 7.75
C LYS C 116 -52.77 36.87 6.74
N LEU C 117 -52.90 35.95 5.80
CA LEU C 117 -51.79 35.79 4.89
C LEU C 117 -51.86 36.88 3.88
N THR C 118 -50.70 37.26 3.39
CA THR C 118 -50.46 38.22 2.34
C THR C 118 -50.57 37.47 1.02
N PRO C 119 -50.60 38.27 -0.02
CA PRO C 119 -50.70 37.74 -1.37
C PRO C 119 -49.54 36.88 -1.79
N ARG C 120 -48.31 37.34 -1.55
CA ARG C 120 -47.18 36.55 -1.97
C ARG C 120 -47.30 35.17 -1.41
N GLU C 121 -47.74 35.20 -0.17
CA GLU C 121 -47.90 33.96 0.54
C GLU C 121 -48.93 33.13 -0.18
N LEU C 122 -50.06 33.78 -0.44
CA LEU C 122 -51.14 33.10 -1.11
C LEU C 122 -50.70 32.62 -2.45
N ASP C 123 -49.73 33.29 -3.03
CA ASP C 123 -49.36 32.83 -4.35
C ASP C 123 -48.79 31.45 -4.17
N MET C 124 -48.33 31.15 -2.98
CA MET C 124 -47.81 29.81 -2.83
C MET C 124 -48.90 28.76 -2.99
N PHE C 125 -50.13 29.22 -2.94
CA PHE C 125 -51.28 28.34 -3.04
C PHE C 125 -52.44 28.95 -3.83
N PRO C 126 -52.26 28.80 -5.10
CA PRO C 126 -53.10 29.34 -6.12
C PRO C 126 -54.52 28.78 -6.13
N ASP C 127 -54.71 27.59 -5.61
CA ASP C 127 -56.11 27.25 -5.67
C ASP C 127 -56.94 28.01 -4.64
N TYR C 128 -56.28 28.56 -3.64
CA TYR C 128 -56.94 29.32 -2.59
C TYR C 128 -56.91 30.83 -2.69
N ARG C 129 -57.88 31.45 -2.00
CA ARG C 129 -58.07 32.89 -2.06
C ARG C 129 -57.86 33.80 -0.92
N TYR C 130 -57.89 33.24 0.30
CA TYR C 130 -57.83 33.97 1.56
C TYR C 130 -57.35 32.97 2.59
N GLY C 131 -56.72 33.48 3.65
CA GLY C 131 -56.31 32.56 4.70
C GLY C 131 -55.53 33.17 5.84
N TRP C 132 -55.16 32.28 6.76
CA TRP C 132 -54.46 32.73 7.93
C TRP C 132 -53.16 31.97 8.10
N PHE C 133 -52.40 32.51 9.04
CA PHE C 133 -51.13 31.96 9.43
C PHE C 133 -50.91 32.13 10.93
N ASN C 134 -50.35 31.07 11.50
CA ASN C 134 -50.07 31.09 12.93
C ASN C 134 -49.24 29.85 13.25
N THR C 135 -48.67 29.94 14.44
CA THR C 135 -47.87 28.85 14.86
C THR C 135 -48.68 28.25 15.98
N SER C 136 -48.51 26.94 16.15
CA SER C 136 -49.21 26.15 17.15
C SER C 136 -48.38 24.93 17.55
N LEU C 137 -49.07 23.89 17.99
CA LEU C 137 -48.39 22.71 18.48
C LEU C 137 -48.85 21.40 17.93
N ILE C 138 -47.90 20.50 17.82
CA ILE C 138 -48.25 19.17 17.40
C ILE C 138 -48.24 18.43 18.72
N LEU C 139 -49.28 17.65 18.90
CA LEU C 139 -49.32 16.84 20.10
C LEU C 139 -49.75 15.53 19.48
N GLU C 140 -48.79 14.65 19.34
CA GLU C 140 -49.10 13.36 18.75
C GLU C 140 -49.78 12.34 19.65
N GLY C 141 -50.90 11.83 19.14
CA GLY C 141 -51.75 10.88 19.84
C GLY C 141 -50.99 9.75 20.50
N ARG C 142 -50.51 8.84 19.66
CA ARG C 142 -49.78 7.67 20.13
C ARG C 142 -48.75 8.07 21.17
N LYS C 143 -47.77 8.87 20.77
CA LYS C 143 -46.77 9.23 21.78
C LYS C 143 -47.36 9.75 23.08
N TYR C 144 -48.27 10.72 22.99
CA TYR C 144 -48.87 11.25 24.19
C TYR C 144 -49.51 10.16 25.03
N LEU C 145 -50.18 9.26 24.31
CA LEU C 145 -50.84 8.19 25.02
C LEU C 145 -49.85 7.36 25.82
N GLN C 146 -48.77 7.01 25.15
CA GLN C 146 -47.77 6.24 25.86
C GLN C 146 -47.19 7.07 27.01
N TRP C 147 -46.98 8.35 26.76
CA TRP C 147 -46.43 9.14 27.85
C TRP C 147 -47.37 9.08 29.03
N LEU C 148 -48.60 9.48 28.74
CA LEU C 148 -49.65 9.48 29.75
C LEU C 148 -49.64 8.13 30.42
N THR C 149 -49.57 7.11 29.59
CA THR C 149 -49.58 5.84 30.26
C THR C 149 -48.49 5.57 31.30
N GLU C 150 -47.24 5.81 30.88
CA GLU C 150 -46.11 5.58 31.77
C GLU C 150 -46.36 6.44 33.00
N ARG C 151 -46.75 7.68 32.77
CA ARG C 151 -47.00 8.48 33.93
C ARG C 151 -47.99 7.81 34.89
N LEU C 152 -49.17 7.45 34.40
CA LEU C 152 -50.17 6.86 35.27
C LEU C 152 -49.61 5.62 35.90
N THR C 153 -48.92 4.87 35.08
CA THR C 153 -48.42 3.65 35.61
C THR C 153 -47.54 3.86 36.81
N GLU C 154 -46.59 4.76 36.69
CA GLU C 154 -45.68 5.01 37.79
C GLU C 154 -46.43 5.58 38.98
N ARG C 155 -47.56 6.23 38.72
CA ARG C 155 -48.37 6.83 39.76
C ARG C 155 -49.16 5.70 40.39
N GLY C 156 -49.06 4.52 39.80
CA GLY C 156 -49.77 3.39 40.39
C GLY C 156 -51.15 3.09 39.85
N VAL C 157 -51.59 3.76 38.82
CA VAL C 157 -52.91 3.29 38.40
C VAL C 157 -52.79 2.07 37.50
N LYS C 158 -53.55 1.03 37.80
CA LYS C 158 -53.55 -0.16 36.97
C LYS C 158 -54.39 0.00 35.69
N PHE C 159 -54.33 -0.97 34.79
CA PHE C 159 -55.11 -0.76 33.57
C PHE C 159 -55.48 -2.09 33.08
N PHE C 160 -56.70 -2.26 32.62
CA PHE C 160 -57.10 -3.60 32.23
C PHE C 160 -57.82 -3.65 30.94
N LEU C 161 -57.63 -4.81 30.33
CA LEU C 161 -58.17 -4.80 29.02
C LEU C 161 -59.53 -5.35 29.14
N ARG C 162 -60.58 -4.54 29.22
CA ARG C 162 -61.89 -5.17 29.33
C ARG C 162 -62.87 -4.34 28.59
N LYS C 163 -63.92 -4.98 28.12
CA LYS C 163 -64.99 -4.27 27.43
C LYS C 163 -66.03 -4.23 28.54
N VAL C 164 -66.26 -3.03 29.05
CA VAL C 164 -67.21 -2.92 30.12
C VAL C 164 -68.49 -3.08 29.35
N GLU C 165 -69.37 -3.82 30.02
CA GLU C 165 -70.63 -4.26 29.48
C GLU C 165 -71.88 -3.45 29.62
N SER C 166 -71.91 -2.77 30.76
CA SER C 166 -72.99 -1.96 31.32
C SER C 166 -72.40 -1.19 32.49
N PHE C 167 -72.91 0.00 32.71
CA PHE C 167 -72.28 0.61 33.86
C PHE C 167 -72.67 -0.20 35.07
N GLU C 168 -73.82 -0.87 34.93
CA GLU C 168 -74.37 -1.65 36.02
C GLU C 168 -73.30 -2.51 36.55
N GLU C 169 -72.88 -3.48 35.75
CA GLU C 169 -71.79 -4.38 36.08
C GLU C 169 -70.71 -3.64 36.85
N VAL C 170 -70.35 -2.48 36.34
CA VAL C 170 -69.27 -1.91 37.10
C VAL C 170 -69.67 -1.49 38.46
N ALA C 171 -70.90 -1.01 38.51
CA ALA C 171 -71.54 -0.47 39.71
C ALA C 171 -71.67 -1.41 40.89
N ARG C 172 -72.45 -2.44 40.64
CA ARG C 172 -72.64 -3.46 41.65
C ARG C 172 -71.25 -3.91 42.13
N GLY C 173 -70.30 -3.81 41.21
CA GLY C 173 -68.92 -4.17 41.49
C GLY C 173 -68.40 -3.53 42.76
N GLY C 174 -69.01 -2.41 43.15
CA GLY C 174 -68.61 -1.65 44.33
C GLY C 174 -67.54 -0.67 43.86
N ALA C 175 -67.96 0.01 42.79
CA ALA C 175 -67.28 1.00 41.97
C ALA C 175 -67.77 2.33 42.46
N ASP C 176 -66.97 3.07 43.23
CA ASP C 176 -67.46 4.37 43.72
C ASP C 176 -67.83 5.48 42.69
N VAL C 177 -66.97 5.68 41.71
CA VAL C 177 -67.31 6.64 40.66
C VAL C 177 -66.88 5.91 39.42
N ILE C 178 -67.51 6.25 38.30
CA ILE C 178 -67.14 5.76 37.01
C ILE C 178 -66.93 7.06 36.20
N ILE C 179 -65.71 7.37 35.77
CA ILE C 179 -65.46 8.51 34.90
C ILE C 179 -65.52 7.84 33.51
N ASN C 180 -66.55 8.19 32.76
CA ASN C 180 -66.76 7.58 31.47
C ASN C 180 -66.27 8.37 30.25
N CYS C 181 -65.34 7.75 29.59
CA CYS C 181 -64.60 8.37 28.51
C CYS C 181 -64.46 7.39 27.37
N THR C 182 -65.61 6.90 26.98
CA THR C 182 -65.75 5.90 25.94
C THR C 182 -65.92 6.37 24.52
N GLY C 183 -65.62 7.64 24.31
CA GLY C 183 -65.67 8.17 22.95
C GLY C 183 -66.90 7.89 22.10
N VAL C 184 -66.78 7.66 20.79
CA VAL C 184 -68.01 7.38 20.02
C VAL C 184 -68.84 6.21 20.53
N TRP C 185 -68.13 5.24 21.05
CA TRP C 185 -68.84 4.10 21.52
C TRP C 185 -69.58 4.19 22.82
N ALA C 186 -69.66 5.43 23.28
CA ALA C 186 -70.32 5.75 24.54
C ALA C 186 -71.80 5.38 24.51
N GLY C 187 -72.32 5.50 23.29
CA GLY C 187 -73.76 5.27 23.13
C GLY C 187 -74.20 3.91 23.63
N VAL C 188 -73.26 3.01 23.49
CA VAL C 188 -73.58 1.68 23.89
C VAL C 188 -73.88 1.58 25.36
N LEU C 189 -73.04 2.13 26.21
CA LEU C 189 -73.32 2.07 27.62
C LEU C 189 -74.57 2.82 28.05
N GLN C 190 -75.03 3.75 27.22
CA GLN C 190 -76.23 4.55 27.49
C GLN C 190 -76.38 5.45 26.29
N PRO C 191 -77.50 5.23 25.62
CA PRO C 191 -77.84 5.89 24.39
C PRO C 191 -77.73 7.37 24.39
N ASP C 192 -77.33 7.85 23.23
CA ASP C 192 -77.15 9.28 23.02
C ASP C 192 -77.08 9.56 21.55
N PRO C 193 -78.25 9.82 21.00
CA PRO C 193 -78.41 10.08 19.59
C PRO C 193 -77.69 11.33 19.16
N LEU C 194 -77.15 12.06 20.13
CA LEU C 194 -76.43 13.27 19.77
C LEU C 194 -75.07 13.00 19.20
N LEU C 195 -74.57 11.92 19.77
CA LEU C 195 -73.28 11.34 19.44
C LEU C 195 -73.28 10.58 18.15
N GLN C 196 -72.30 10.86 17.31
CA GLN C 196 -72.15 10.14 16.04
C GLN C 196 -70.73 10.12 15.59
N PRO C 197 -70.43 9.11 14.77
CA PRO C 197 -69.09 8.94 14.22
C PRO C 197 -68.82 9.99 13.13
N GLY C 198 -67.67 10.64 13.24
CA GLY C 198 -67.23 11.61 12.25
C GLY C 198 -66.05 10.88 11.59
N ARG C 199 -66.35 9.98 10.66
CA ARG C 199 -65.30 9.20 10.05
C ARG C 199 -64.24 10.00 9.33
N GLY C 200 -63.01 9.57 9.50
CA GLY C 200 -61.95 10.26 8.80
C GLY C 200 -60.87 9.25 8.46
N GLN C 201 -60.47 9.19 7.19
CA GLN C 201 -59.37 8.32 6.79
C GLN C 201 -58.15 9.24 6.57
N ILE C 202 -56.94 8.70 6.66
CA ILE C 202 -55.76 9.53 6.42
C ILE C 202 -54.65 8.65 5.85
N ILE C 203 -53.61 9.34 5.44
CA ILE C 203 -52.49 8.62 4.89
C ILE C 203 -51.24 9.22 5.49
N LYS C 204 -50.41 8.36 6.05
CA LYS C 204 -49.15 8.78 6.60
C LYS C 204 -48.17 8.60 5.46
N VAL C 205 -47.26 9.54 5.37
CA VAL C 205 -46.39 9.46 4.25
C VAL C 205 -45.07 10.03 4.73
N ASP C 206 -43.99 9.59 4.11
CA ASP C 206 -42.69 10.09 4.53
C ASP C 206 -42.27 11.23 3.62
N ALA C 207 -42.18 12.45 4.16
CA ALA C 207 -41.80 13.62 3.37
C ALA C 207 -41.35 14.73 4.31
N PRO C 208 -40.15 14.52 4.81
CA PRO C 208 -39.47 15.38 5.74
C PRO C 208 -39.28 16.78 5.27
N TRP C 209 -39.40 17.05 3.99
CA TRP C 209 -39.18 18.45 3.75
C TRP C 209 -40.40 19.31 4.04
N LEU C 210 -41.55 18.69 4.36
CA LEU C 210 -42.67 19.59 4.63
C LEU C 210 -42.58 19.91 6.13
N LYS C 211 -42.38 21.20 6.43
CA LYS C 211 -42.21 21.63 7.81
C LYS C 211 -43.39 22.41 8.37
N ASN C 212 -44.39 22.69 7.54
CA ASN C 212 -45.52 23.47 8.03
C ASN C 212 -46.81 22.79 7.69
N PHE C 213 -47.79 23.01 8.55
CA PHE C 213 -49.08 22.43 8.26
C PHE C 213 -49.83 23.35 7.29
N ILE C 214 -50.75 22.74 6.58
CA ILE C 214 -51.56 23.43 5.61
C ILE C 214 -52.92 22.75 5.61
N ILE C 215 -53.91 23.56 5.96
CA ILE C 215 -55.27 23.09 6.06
C ILE C 215 -56.17 23.95 5.19
N THR C 216 -56.79 23.29 4.22
CA THR C 216 -57.67 24.02 3.35
C THR C 216 -59.07 23.84 3.89
N HIS C 217 -59.92 24.72 3.38
CA HIS C 217 -61.29 24.69 3.83
C HIS C 217 -62.29 24.96 2.72
N ASP C 218 -63.28 24.07 2.55
CA ASP C 218 -64.39 24.19 1.59
C ASP C 218 -65.66 24.38 2.40
N LEU C 219 -66.10 25.61 2.42
CA LEU C 219 -67.25 26.05 3.23
C LEU C 219 -68.50 25.19 2.93
N GLU C 220 -68.61 24.71 1.71
CA GLU C 220 -69.76 23.88 1.32
C GLU C 220 -69.60 22.43 1.79
N ARG C 221 -68.49 21.86 1.34
CA ARG C 221 -68.12 20.46 1.56
C ARG C 221 -68.09 20.06 3.06
N GLY C 222 -68.10 21.04 3.92
CA GLY C 222 -68.07 20.80 5.38
C GLY C 222 -66.61 20.77 5.86
N ILE C 223 -66.44 20.80 7.17
CA ILE C 223 -65.10 20.83 7.78
C ILE C 223 -64.39 19.47 7.70
N TYR C 224 -63.13 19.60 7.33
CA TYR C 224 -62.17 18.48 7.20
C TYR C 224 -62.59 17.52 6.10
N ASN C 225 -63.10 18.11 5.05
CA ASN C 225 -63.50 17.37 3.85
C ASN C 225 -62.63 17.84 2.72
N SER C 226 -61.81 18.78 3.10
CA SER C 226 -60.86 19.41 2.20
C SER C 226 -59.50 18.83 2.52
N PRO C 227 -58.55 18.91 1.61
CA PRO C 227 -57.24 18.33 1.83
C PRO C 227 -56.56 19.06 2.93
N TYR C 228 -55.80 18.31 3.70
CA TYR C 228 -54.95 18.92 4.72
C TYR C 228 -53.68 18.12 4.87
N ILE C 229 -52.66 18.83 5.32
CA ILE C 229 -51.38 18.20 5.45
C ILE C 229 -50.79 18.59 6.75
N ILE C 230 -50.45 17.58 7.54
CA ILE C 230 -49.88 17.93 8.81
C ILE C 230 -48.67 17.12 9.16
N PRO C 231 -47.57 17.86 9.31
CA PRO C 231 -46.26 17.34 9.64
C PRO C 231 -46.43 16.81 11.05
N GLY C 232 -45.63 15.83 11.41
CA GLY C 232 -45.78 15.24 12.73
C GLY C 232 -44.38 15.01 13.22
N LEU C 233 -44.23 14.25 14.29
CA LEU C 233 -42.93 14.00 14.85
C LEU C 233 -42.03 13.31 13.85
N GLN C 234 -42.54 12.41 13.02
CA GLN C 234 -41.70 11.84 11.99
C GLN C 234 -42.43 11.87 10.65
N ALA C 235 -43.56 11.20 10.54
CA ALA C 235 -44.30 11.29 9.28
C ALA C 235 -45.21 12.47 9.11
N VAL C 236 -45.73 12.54 7.88
CA VAL C 236 -46.68 13.57 7.60
C VAL C 236 -48.00 12.92 7.38
N THR C 237 -49.03 13.58 7.88
CA THR C 237 -50.36 13.07 7.71
C THR C 237 -51.08 13.85 6.66
N LEU C 238 -51.50 13.09 5.66
CA LEU C 238 -52.30 13.57 4.54
C LEU C 238 -53.72 13.32 4.95
N GLY C 239 -54.53 14.34 4.78
CA GLY C 239 -55.89 14.11 5.19
C GLY C 239 -56.91 14.85 4.35
N GLY C 240 -58.14 14.49 4.67
CA GLY C 240 -59.22 15.10 3.95
C GLY C 240 -60.63 14.64 4.07
N THR C 241 -61.01 13.81 5.05
CA THR C 241 -62.43 13.42 5.15
C THR C 241 -63.06 13.48 6.54
N PHE C 242 -64.35 13.70 6.58
CA PHE C 242 -65.01 13.77 7.87
C PHE C 242 -66.44 13.41 7.56
N GLN C 243 -66.81 12.13 7.57
CA GLN C 243 -68.14 11.63 7.21
C GLN C 243 -69.02 11.25 8.39
N VAL C 244 -70.04 12.06 8.61
CA VAL C 244 -70.91 11.78 9.74
C VAL C 244 -71.84 10.61 9.66
N GLY C 245 -71.90 9.83 10.73
CA GLY C 245 -72.75 8.66 10.69
C GLY C 245 -72.11 7.52 9.91
N ASN C 246 -70.92 7.69 9.38
CA ASN C 246 -70.30 6.55 8.71
C ASN C 246 -69.52 5.70 9.70
N TRP C 247 -69.84 4.42 9.73
CA TRP C 247 -69.10 3.59 10.64
C TRP C 247 -68.15 2.60 10.03
N ASN C 248 -67.93 2.61 8.71
CA ASN C 248 -67.01 1.62 8.14
C ASN C 248 -65.66 1.90 8.75
N GLU C 249 -65.04 0.88 9.33
CA GLU C 249 -63.72 1.15 9.87
C GLU C 249 -62.59 0.76 8.97
N ILE C 250 -62.91 0.39 7.74
CA ILE C 250 -61.81 0.06 6.84
C ILE C 250 -61.44 1.25 5.99
N ASN C 251 -60.17 1.30 5.59
CA ASN C 251 -59.73 2.37 4.73
C ASN C 251 -60.37 2.11 3.38
N ASN C 252 -60.93 3.14 2.74
CA ASN C 252 -61.52 2.87 1.44
C ASN C 252 -60.69 3.45 0.32
N ILE C 253 -60.57 2.69 -0.74
CA ILE C 253 -59.75 3.19 -1.83
C ILE C 253 -60.18 4.55 -2.36
N GLN C 254 -61.51 4.72 -2.36
CA GLN C 254 -62.02 5.98 -2.87
C GLN C 254 -61.41 7.20 -2.16
N ASP C 255 -61.57 7.13 -0.92
CA ASP C 255 -61.09 8.18 -0.01
C ASP C 255 -59.58 8.33 -0.18
N HIS C 256 -58.91 7.22 -0.11
CA HIS C 256 -57.48 7.23 -0.29
C HIS C 256 -57.12 8.06 -1.51
N ASN C 257 -57.84 7.84 -2.60
CA ASN C 257 -57.44 8.67 -3.73
C ASN C 257 -57.86 10.10 -3.56
N THR C 258 -59.08 10.31 -3.09
CA THR C 258 -59.40 11.72 -3.00
C THR C 258 -58.44 12.47 -2.09
N ILE C 259 -57.87 11.78 -1.11
CA ILE C 259 -56.91 12.45 -0.24
C ILE C 259 -55.59 12.61 -0.98
N TRP C 260 -55.18 11.46 -1.49
CA TRP C 260 -53.94 11.53 -2.21
C TRP C 260 -53.94 12.56 -3.32
N GLU C 261 -55.00 12.60 -4.09
CA GLU C 261 -54.92 13.57 -5.17
C GLU C 261 -55.07 15.00 -4.70
N GLY C 262 -55.91 15.14 -3.70
CA GLY C 262 -56.08 16.50 -3.28
C GLY C 262 -54.84 17.13 -2.67
N CYS C 263 -54.16 16.35 -1.84
CA CYS C 263 -52.99 16.91 -1.21
C CYS C 263 -51.90 17.10 -2.25
N CYS C 264 -51.84 16.11 -3.12
CA CYS C 264 -50.81 16.11 -4.10
C CYS C 264 -51.00 17.37 -4.91
N ARG C 265 -52.23 17.69 -5.22
CA ARG C 265 -52.42 18.87 -6.00
C ARG C 265 -51.98 20.04 -5.21
N LEU C 266 -52.34 20.05 -3.93
CA LEU C 266 -52.12 21.14 -3.01
C LEU C 266 -50.67 21.31 -2.78
N GLU C 267 -49.95 20.18 -2.72
CA GLU C 267 -48.51 20.30 -2.52
C GLU C 267 -47.72 19.28 -3.34
N PRO C 268 -47.55 19.65 -4.60
CA PRO C 268 -46.93 18.85 -5.65
C PRO C 268 -45.68 18.03 -5.25
N THR C 269 -44.80 18.61 -4.44
CA THR C 269 -43.56 17.95 -4.10
C THR C 269 -43.79 16.61 -3.47
N LEU C 270 -45.06 16.27 -3.22
CA LEU C 270 -45.34 14.99 -2.57
C LEU C 270 -45.29 13.88 -3.57
N LYS C 271 -45.29 14.32 -4.82
CA LYS C 271 -45.17 13.41 -5.93
C LYS C 271 -44.13 12.38 -5.58
N ASP C 272 -43.20 12.78 -4.73
CA ASP C 272 -42.14 11.88 -4.33
C ASP C 272 -42.24 11.36 -2.92
N ALA C 273 -43.29 11.75 -2.20
CA ALA C 273 -43.44 11.25 -0.84
C ALA C 273 -43.80 9.77 -0.86
N LYS C 274 -43.27 9.00 0.06
CA LYS C 274 -43.55 7.56 0.10
C LYS C 274 -44.64 7.23 1.11
N ILE C 275 -45.66 6.55 0.65
CA ILE C 275 -46.68 6.27 1.63
C ILE C 275 -46.30 5.23 2.63
N VAL C 276 -46.50 5.52 3.89
CA VAL C 276 -46.14 4.47 4.83
C VAL C 276 -47.31 3.87 5.60
N GLY C 277 -48.50 4.43 5.43
CA GLY C 277 -49.65 3.87 6.13
C GLY C 277 -50.94 4.61 5.86
N GLU C 278 -52.06 3.93 6.11
CA GLU C 278 -53.36 4.55 5.93
C GLU C 278 -54.21 4.17 7.09
N TYR C 279 -55.00 5.12 7.58
CA TYR C 279 -55.79 4.73 8.72
C TYR C 279 -57.07 5.46 8.66
N THR C 280 -58.00 4.89 9.40
CA THR C 280 -59.31 5.48 9.49
C THR C 280 -59.82 5.48 10.93
N GLY C 281 -60.54 6.52 11.35
CA GLY C 281 -61.04 6.65 12.72
C GLY C 281 -62.38 7.39 12.81
N PHE C 282 -63.01 7.26 13.98
CA PHE C 282 -64.31 7.89 14.17
C PHE C 282 -64.29 9.12 15.08
N ARG C 283 -64.54 10.32 14.57
CA ARG C 283 -64.51 11.42 15.51
C ARG C 283 -65.80 11.33 16.31
N PRO C 284 -65.69 11.40 17.63
CA PRO C 284 -66.87 11.31 18.46
C PRO C 284 -67.62 12.62 18.36
N VAL C 285 -68.31 12.72 17.25
CA VAL C 285 -69.10 13.90 16.93
C VAL C 285 -70.31 14.08 17.85
N ARG C 286 -70.51 15.32 18.30
CA ARG C 286 -71.63 15.71 19.16
C ARG C 286 -71.70 17.22 19.23
N PRO C 287 -72.93 17.71 19.13
CA PRO C 287 -73.29 19.13 19.16
C PRO C 287 -72.52 19.85 20.22
N GLN C 288 -72.48 19.23 21.38
CA GLN C 288 -71.61 19.73 22.42
C GLN C 288 -71.05 18.60 23.32
N VAL C 289 -69.91 18.92 23.89
CA VAL C 289 -69.29 17.86 24.66
C VAL C 289 -70.15 17.41 25.82
N ARG C 290 -70.20 16.12 26.10
CA ARG C 290 -70.95 15.77 27.27
C ARG C 290 -69.93 15.58 28.38
N LEU C 291 -70.06 16.47 29.34
CA LEU C 291 -69.14 16.42 30.46
C LEU C 291 -69.95 16.90 31.65
N GLU C 292 -70.52 15.94 32.34
CA GLU C 292 -71.38 16.21 33.46
C GLU C 292 -71.52 14.96 34.29
N ARG C 293 -71.93 15.25 35.51
CA ARG C 293 -72.12 14.26 36.53
C ARG C 293 -73.48 13.55 36.39
N GLU C 294 -73.57 12.31 36.87
CA GLU C 294 -74.84 11.56 36.78
C GLU C 294 -74.79 10.47 37.83
N GLN C 295 -75.79 10.48 38.71
CA GLN C 295 -75.86 9.48 39.76
C GLN C 295 -76.64 8.30 39.18
N LEU C 296 -76.36 7.10 39.66
CA LEU C 296 -77.04 5.89 39.18
C LEU C 296 -77.30 4.95 40.33
N ARG C 297 -78.60 4.66 40.53
CA ARG C 297 -79.08 3.79 41.59
C ARG C 297 -79.15 2.36 41.08
N PHE C 298 -78.54 1.47 41.85
CA PHE C 298 -78.51 0.04 41.54
C PHE C 298 -78.70 -0.67 42.88
N GLY C 299 -79.91 -1.19 43.09
CA GLY C 299 -80.22 -1.85 44.35
C GLY C 299 -80.34 -0.72 45.39
N SER C 300 -79.72 -0.96 46.55
CA SER C 300 -79.73 0.01 47.64
C SER C 300 -78.51 0.93 47.58
N SER C 301 -77.76 0.86 46.48
CA SER C 301 -76.57 1.68 46.40
C SER C 301 -76.46 2.57 45.19
N ASN C 302 -76.15 3.83 45.49
CA ASN C 302 -75.95 4.83 44.46
C ASN C 302 -74.54 4.75 43.88
N THR C 303 -74.40 5.17 42.63
CA THR C 303 -73.10 5.15 42.00
C THR C 303 -72.97 6.37 41.12
N GLU C 304 -71.83 7.01 41.31
CA GLU C 304 -71.52 8.24 40.61
C GLU C 304 -70.78 8.12 39.29
N VAL C 305 -71.40 8.74 38.30
CA VAL C 305 -70.79 8.74 37.00
C VAL C 305 -70.42 10.14 36.56
N ILE C 306 -69.34 10.24 35.80
CA ILE C 306 -68.99 11.53 35.27
C ILE C 306 -68.62 11.27 33.85
N HIS C 307 -69.41 11.90 32.99
CA HIS C 307 -69.24 11.72 31.58
C HIS C 307 -68.21 12.70 31.03
N ASN C 308 -67.53 12.27 29.98
CA ASN C 308 -66.57 13.15 29.35
C ASN C 308 -66.43 12.57 27.96
N TYR C 309 -67.29 13.03 27.08
CA TYR C 309 -67.17 12.49 25.74
C TYR C 309 -67.82 13.35 24.68
N GLY C 310 -67.47 13.12 23.41
CA GLY C 310 -68.02 13.82 22.26
C GLY C 310 -67.19 15.02 21.85
N HIS C 311 -65.88 14.84 21.93
CA HIS C 311 -64.94 15.91 21.58
C HIS C 311 -64.67 16.03 20.09
N GLY C 312 -65.54 15.41 19.32
CA GLY C 312 -65.43 15.48 17.89
C GLY C 312 -64.02 15.48 17.32
N GLY C 313 -63.69 16.54 16.59
CA GLY C 313 -62.37 16.63 15.96
C GLY C 313 -61.39 17.50 16.72
N TYR C 314 -61.59 17.67 18.02
CA TYR C 314 -60.68 18.51 18.80
C TYR C 314 -60.36 17.91 20.15
N GLY C 315 -60.56 16.61 20.19
CA GLY C 315 -60.27 15.91 21.44
C GLY C 315 -58.87 16.24 22.00
N LEU C 316 -57.88 16.31 21.12
CA LEU C 316 -56.56 16.62 21.63
C LEU C 316 -56.48 18.07 22.03
N THR C 317 -56.99 18.90 21.12
CA THR C 317 -56.98 20.32 21.27
C THR C 317 -57.55 20.80 22.58
N ILE C 318 -58.44 20.01 23.15
CA ILE C 318 -59.07 20.49 24.35
C ILE C 318 -59.08 19.48 25.50
N HIS C 319 -58.34 18.41 25.35
CA HIS C 319 -58.38 17.36 26.33
C HIS C 319 -58.21 17.77 27.77
N TRP C 320 -57.14 18.51 27.97
CA TRP C 320 -56.76 18.94 29.30
C TRP C 320 -57.79 19.75 30.05
N GLY C 321 -58.47 20.61 29.29
CA GLY C 321 -59.46 21.52 29.86
C GLY C 321 -60.53 20.74 30.59
N CYS C 322 -61.06 19.81 29.81
CA CYS C 322 -62.08 18.94 30.35
C CYS C 322 -61.53 18.15 31.52
N ALA C 323 -60.35 17.57 31.33
CA ALA C 323 -59.77 16.72 32.36
C ALA C 323 -59.81 17.44 33.68
N LEU C 324 -59.57 18.74 33.59
CA LEU C 324 -59.62 19.53 34.81
C LEU C 324 -61.02 19.60 35.40
N GLU C 325 -61.95 20.01 34.56
CA GLU C 325 -63.34 20.07 35.00
C GLU C 325 -63.80 18.80 35.70
N VAL C 326 -63.49 17.68 35.09
CA VAL C 326 -63.89 16.45 35.74
C VAL C 326 -63.33 16.33 37.14
N ALA C 327 -62.05 16.64 37.21
CA ALA C 327 -61.45 16.53 38.52
C ALA C 327 -62.23 17.36 39.55
N LYS C 328 -62.59 18.54 39.06
CA LYS C 328 -63.41 19.47 39.80
C LYS C 328 -64.70 18.77 40.26
N LEU C 329 -65.46 18.24 39.32
CA LEU C 329 -66.68 17.60 39.78
C LEU C 329 -66.35 16.44 40.67
N PHE C 330 -65.29 15.78 40.26
CA PHE C 330 -64.97 14.63 41.05
C PHE C 330 -64.78 15.05 42.48
N GLY C 331 -64.22 16.24 42.58
CA GLY C 331 -64.00 16.73 43.92
C GLY C 331 -65.30 16.92 44.67
N LYS C 332 -66.25 17.61 44.03
CA LYS C 332 -67.56 17.86 44.62
C LYS C 332 -68.07 16.52 45.09
N VAL C 333 -67.99 15.53 44.22
CA VAL C 333 -68.41 14.22 44.66
C VAL C 333 -67.72 13.85 45.97
N LEU C 334 -66.43 14.06 46.09
CA LEU C 334 -65.82 13.73 47.36
C LEU C 334 -66.37 14.57 48.48
N GLU C 335 -66.65 15.85 48.24
CA GLU C 335 -67.15 16.67 49.33
C GLU C 335 -68.42 16.05 49.87
N GLU C 336 -69.33 15.76 48.94
CA GLU C 336 -70.60 15.15 49.31
C GLU C 336 -70.38 13.87 50.12
N ARG C 337 -69.37 13.08 49.77
CA ARG C 337 -69.14 11.87 50.54
C ARG C 337 -68.42 12.29 51.83
N ASN C 338 -68.21 13.60 51.98
CA ASN C 338 -67.52 14.10 53.17
C ASN C 338 -66.08 13.61 53.19
N LEU C 339 -65.48 13.51 52.00
CA LEU C 339 -64.11 13.07 51.82
C LEU C 339 -63.99 11.56 52.12
N MET D 1 -4.93 1.14 44.13
CA MET D 1 -3.90 1.28 43.11
C MET D 1 -4.28 2.17 41.94
N ARG D 2 -3.36 3.05 41.59
CA ARG D 2 -3.72 3.94 40.52
C ARG D 2 -3.37 3.46 39.15
N VAL D 3 -4.45 3.20 38.42
CA VAL D 3 -4.31 2.75 37.06
C VAL D 3 -4.76 3.85 36.14
N VAL D 4 -4.06 4.00 35.03
CA VAL D 4 -4.46 5.00 34.05
C VAL D 4 -4.42 4.40 32.67
N VAL D 5 -5.58 4.48 32.05
CA VAL D 5 -5.68 3.93 30.73
C VAL D 5 -5.64 5.11 29.80
N ILE D 6 -4.73 5.03 28.85
CA ILE D 6 -4.65 6.11 27.90
C ILE D 6 -5.26 5.58 26.64
N GLY D 7 -6.16 6.42 26.15
CA GLY D 7 -6.95 6.20 24.95
C GLY D 7 -8.33 5.65 25.32
N ALA D 8 -9.32 6.07 24.53
CA ALA D 8 -10.70 5.70 24.77
C ALA D 8 -11.35 5.13 23.50
N GLY D 9 -10.56 4.44 22.68
CA GLY D 9 -11.07 3.80 21.48
C GLY D 9 -11.66 2.50 22.00
N VAL D 10 -11.98 1.61 21.07
CA VAL D 10 -12.53 0.35 21.55
C VAL D 10 -11.52 -0.35 22.44
N ILE D 11 -10.25 -0.20 22.06
CA ILE D 11 -9.24 -0.84 22.88
C ILE D 11 -9.14 -0.32 24.31
N GLY D 12 -8.98 0.99 24.46
CA GLY D 12 -8.87 1.45 25.84
C GLY D 12 -10.04 0.99 26.71
N LEU D 13 -11.23 1.25 26.20
CA LEU D 13 -12.38 0.93 26.99
C LEU D 13 -12.57 -0.50 27.39
N SER D 14 -12.53 -1.36 26.39
CA SER D 14 -12.74 -2.76 26.70
C SER D 14 -11.73 -3.14 27.75
N THR D 15 -10.52 -2.70 27.49
CA THR D 15 -9.46 -3.07 28.39
C THR D 15 -9.74 -2.61 29.79
N ALA D 16 -10.03 -1.33 29.87
CA ALA D 16 -10.31 -0.81 31.18
C ALA D 16 -11.40 -1.60 31.85
N LEU D 17 -12.46 -1.78 31.09
CA LEU D 17 -13.56 -2.50 31.68
C LEU D 17 -13.14 -3.85 32.24
N CYS D 18 -12.54 -4.54 31.31
CA CYS D 18 -12.11 -5.85 31.57
C CYS D 18 -11.24 -5.89 32.81
N ILE D 19 -10.33 -4.94 32.97
CA ILE D 19 -9.46 -4.99 34.13
C ILE D 19 -10.34 -4.82 35.36
N HIS D 20 -11.10 -3.75 35.36
CA HIS D 20 -11.95 -3.43 36.47
C HIS D 20 -12.92 -4.56 36.78
N GLU D 21 -13.50 -5.05 35.72
CA GLU D 21 -14.47 -6.10 35.88
C GLU D 21 -13.88 -7.28 36.62
N ARG D 22 -12.60 -7.55 36.39
CA ARG D 22 -11.89 -8.68 36.96
C ARG D 22 -11.16 -8.49 38.28
N TYR D 23 -10.88 -7.24 38.58
CA TYR D 23 -10.10 -7.03 39.79
C TYR D 23 -10.69 -6.05 40.69
N HIS D 24 -11.80 -5.45 40.29
CA HIS D 24 -12.27 -4.46 41.19
C HIS D 24 -12.32 -4.91 42.63
N SER D 25 -13.06 -5.96 42.87
CA SER D 25 -13.11 -6.41 44.25
C SER D 25 -12.25 -7.64 44.55
N VAL D 26 -11.10 -7.71 43.89
CA VAL D 26 -10.17 -8.79 44.12
C VAL D 26 -9.12 -8.04 44.95
N LEU D 27 -8.97 -6.76 44.60
CA LEU D 27 -8.12 -5.73 45.22
C LEU D 27 -9.14 -4.72 45.74
N GLN D 28 -8.94 -4.14 46.91
CA GLN D 28 -9.95 -3.20 47.38
C GLN D 28 -10.11 -1.84 46.68
N PRO D 29 -9.21 -0.92 47.00
CA PRO D 29 -9.29 0.42 46.42
C PRO D 29 -9.50 0.49 44.92
N LEU D 30 -8.51 -0.01 44.20
CA LEU D 30 -8.52 0.00 42.76
C LEU D 30 -9.06 1.24 42.04
N ASP D 31 -8.16 2.17 41.75
CA ASP D 31 -8.54 3.40 41.07
C ASP D 31 -8.22 3.49 39.58
N VAL D 32 -9.30 3.48 38.81
CA VAL D 32 -9.14 3.60 37.38
C VAL D 32 -9.58 4.91 36.75
N LYS D 33 -8.79 5.41 35.82
CA LYS D 33 -9.13 6.66 35.18
C LYS D 33 -8.70 6.44 33.75
N VAL D 34 -9.37 7.20 32.90
CA VAL D 34 -9.07 7.08 31.50
C VAL D 34 -8.85 8.47 31.00
N TYR D 35 -7.67 8.63 30.41
CA TYR D 35 -7.31 9.89 29.83
C TYR D 35 -7.36 9.64 28.33
N ALA D 36 -7.84 10.64 27.60
CA ALA D 36 -7.83 10.58 26.13
C ALA D 36 -8.13 11.93 25.54
N ASP D 37 -7.38 12.22 24.49
CA ASP D 37 -7.49 13.49 23.81
C ASP D 37 -8.70 13.36 22.90
N ARG D 38 -9.14 12.14 22.58
CA ARG D 38 -10.32 12.03 21.72
C ARG D 38 -11.20 10.94 22.31
N PHE D 39 -12.50 11.21 22.24
CA PHE D 39 -13.54 10.35 22.73
C PHE D 39 -14.57 10.27 21.58
N THR D 40 -15.41 9.24 21.62
CA THR D 40 -16.35 9.13 20.52
C THR D 40 -17.19 10.37 20.46
N PRO D 41 -17.65 10.76 19.30
CA PRO D 41 -17.42 10.10 18.04
C PRO D 41 -16.06 10.36 17.41
N PHE D 42 -15.08 10.77 18.21
CA PHE D 42 -13.84 10.99 17.50
C PHE D 42 -12.74 9.97 17.33
N THR D 43 -12.86 8.78 17.92
CA THR D 43 -11.84 7.76 17.77
C THR D 43 -11.80 7.09 16.42
N THR D 44 -10.70 6.38 16.23
CA THR D 44 -10.55 5.69 14.96
C THR D 44 -11.70 4.71 15.00
N THR D 45 -11.81 4.10 16.17
CA THR D 45 -12.86 3.13 16.38
C THR D 45 -14.19 3.63 15.82
N ASP D 46 -14.55 4.89 16.09
CA ASP D 46 -15.80 5.42 15.55
C ASP D 46 -15.99 5.26 14.05
N VAL D 47 -14.93 5.16 13.29
CA VAL D 47 -15.04 5.04 11.84
C VAL D 47 -14.95 3.62 11.30
N ALA D 48 -14.63 2.63 12.12
CA ALA D 48 -14.54 1.28 11.57
C ALA D 48 -15.84 0.83 10.87
N ALA D 49 -15.63 0.01 9.86
CA ALA D 49 -16.70 -0.57 9.08
C ALA D 49 -17.67 -1.33 10.02
N GLY D 50 -17.17 -1.77 11.17
CA GLY D 50 -18.06 -2.42 12.14
C GLY D 50 -18.34 -3.89 11.97
N LEU D 51 -17.45 -4.57 11.27
CA LEU D 51 -17.66 -5.98 11.03
C LEU D 51 -16.65 -6.88 11.70
N TRP D 52 -17.08 -8.06 12.15
CA TRP D 52 -16.12 -8.97 12.73
C TRP D 52 -15.60 -9.82 11.59
N GLN D 53 -14.31 -9.65 11.27
CA GLN D 53 -13.66 -10.40 10.24
C GLN D 53 -12.18 -10.11 10.21
N PRO D 54 -11.40 -11.07 10.68
CA PRO D 54 -9.97 -10.94 10.70
C PRO D 54 -9.49 -11.02 9.25
N TYR D 55 -8.24 -10.59 9.02
CA TYR D 55 -7.67 -10.64 7.69
C TYR D 55 -7.68 -12.09 7.20
N THR D 56 -7.51 -12.17 5.88
CA THR D 56 -7.48 -13.43 5.09
C THR D 56 -6.21 -14.28 5.23
N SER D 57 -5.07 -13.67 5.08
CA SER D 57 -3.78 -14.36 5.16
C SER D 57 -3.56 -14.96 6.55
N GLU D 58 -2.68 -15.96 6.59
CA GLU D 58 -2.31 -16.67 7.82
C GLU D 58 -1.98 -15.65 8.92
N PRO D 59 -2.28 -15.94 10.20
CA PRO D 59 -2.19 -15.03 11.33
C PRO D 59 -0.76 -14.72 11.58
N SER D 60 -0.63 -13.65 12.44
CA SER D 60 0.66 -13.08 12.88
C SER D 60 1.24 -13.80 14.07
N ASN D 61 0.40 -14.37 14.91
CA ASN D 61 0.85 -15.04 16.13
C ASN D 61 -0.24 -16.12 16.18
N PRO D 62 0.07 -17.23 16.82
CA PRO D 62 -0.93 -18.23 16.97
C PRO D 62 -1.97 -17.54 17.93
N GLN D 63 -1.46 -16.51 18.61
CA GLN D 63 -2.16 -15.69 19.61
C GLN D 63 -3.24 -14.78 19.09
N GLU D 64 -2.88 -14.11 18.02
CA GLU D 64 -3.88 -13.23 17.50
C GLU D 64 -5.05 -14.13 17.04
N ALA D 65 -4.89 -15.41 16.75
CA ALA D 65 -6.09 -16.09 16.30
C ALA D 65 -6.98 -16.32 17.50
N ASN D 66 -6.34 -16.69 18.59
CA ASN D 66 -7.17 -16.96 19.76
C ASN D 66 -7.94 -15.73 20.17
N TRP D 67 -7.24 -14.62 20.26
CA TRP D 67 -7.91 -13.39 20.65
C TRP D 67 -9.13 -13.17 19.79
N ASN D 68 -8.94 -13.42 18.51
CA ASN D 68 -10.07 -13.30 17.61
C ASN D 68 -11.18 -14.25 17.99
N GLN D 69 -10.82 -15.52 18.11
CA GLN D 69 -11.83 -16.45 18.53
C GLN D 69 -12.51 -16.07 19.83
N GLN D 70 -11.70 -15.80 20.83
CA GLN D 70 -12.30 -15.38 22.08
C GLN D 70 -13.23 -14.17 21.89
N THR D 71 -12.81 -13.18 21.11
CA THR D 71 -13.64 -12.00 20.88
C THR D 71 -14.99 -12.44 20.26
N PHE D 72 -14.87 -13.27 19.24
CA PHE D 72 -16.12 -13.69 18.64
C PHE D 72 -17.07 -14.42 19.56
N ASN D 73 -16.53 -15.19 20.46
CA ASN D 73 -17.46 -15.94 21.28
C ASN D 73 -18.18 -15.06 22.24
N TYR D 74 -17.36 -14.18 22.79
CA TYR D 74 -17.86 -13.25 23.75
C TYR D 74 -18.96 -12.51 23.05
N LEU D 75 -18.65 -12.10 21.84
CA LEU D 75 -19.72 -11.37 21.24
C LEU D 75 -20.97 -12.18 21.07
N LEU D 76 -20.79 -13.31 20.40
CA LEU D 76 -21.88 -14.21 20.07
C LEU D 76 -22.74 -14.46 21.30
N SER D 77 -22.04 -14.68 22.41
CA SER D 77 -22.72 -14.96 23.65
C SER D 77 -23.81 -13.91 23.95
N HIS D 78 -23.59 -12.69 23.50
CA HIS D 78 -24.57 -11.66 23.77
C HIS D 78 -25.78 -11.72 22.89
N ILE D 79 -25.61 -12.23 21.67
CA ILE D 79 -26.70 -12.36 20.73
C ILE D 79 -27.65 -13.35 21.36
N GLY D 80 -28.80 -12.79 21.75
CA GLY D 80 -29.85 -13.53 22.41
C GLY D 80 -30.49 -12.63 23.48
N SER D 81 -29.65 -11.77 24.05
CA SER D 81 -30.03 -10.80 25.05
C SER D 81 -30.73 -9.67 24.34
N PRO D 82 -31.53 -8.93 25.09
CA PRO D 82 -32.30 -7.80 24.60
C PRO D 82 -31.42 -6.64 24.23
N ASN D 83 -30.34 -6.51 24.98
CA ASN D 83 -29.44 -5.39 24.76
C ASN D 83 -28.39 -5.41 23.64
N ALA D 84 -28.30 -6.56 23.03
CA ALA D 84 -27.30 -6.71 22.03
C ALA D 84 -27.22 -5.60 21.03
N ALA D 85 -28.36 -5.10 20.57
CA ALA D 85 -28.16 -4.05 19.60
C ALA D 85 -27.87 -2.81 20.38
N ASN D 86 -28.23 -2.82 21.64
CA ASN D 86 -27.89 -1.63 22.37
C ASN D 86 -26.39 -1.63 22.56
N MET D 87 -25.74 -2.78 22.52
CA MET D 87 -24.31 -2.75 22.63
C MET D 87 -23.75 -2.40 21.26
N GLY D 88 -24.58 -2.45 20.21
CA GLY D 88 -24.13 -2.13 18.85
C GLY D 88 -23.84 -3.41 18.06
N LEU D 89 -24.39 -4.51 18.58
CA LEU D 89 -24.27 -5.81 17.94
C LEU D 89 -25.44 -6.41 17.17
N THR D 90 -25.17 -7.08 16.06
CA THR D 90 -26.14 -7.90 15.32
C THR D 90 -25.54 -8.78 14.29
N PRO D 91 -26.25 -9.87 14.07
CA PRO D 91 -25.73 -10.85 13.14
C PRO D 91 -25.96 -10.32 11.77
N VAL D 92 -25.05 -10.64 10.88
CA VAL D 92 -25.15 -10.27 9.49
C VAL D 92 -24.46 -11.38 8.71
N SER D 93 -24.98 -11.64 7.52
CA SER D 93 -24.37 -12.66 6.70
C SER D 93 -23.83 -11.99 5.47
N GLY D 94 -22.91 -12.63 4.77
CA GLY D 94 -22.44 -11.94 3.59
C GLY D 94 -21.36 -12.68 2.84
N TYR D 95 -20.95 -12.00 1.79
CA TYR D 95 -19.96 -12.49 0.88
C TYR D 95 -18.58 -11.91 0.88
N ASN D 96 -17.65 -12.72 0.41
CA ASN D 96 -16.24 -12.37 0.22
C ASN D 96 -15.93 -12.89 -1.16
N LEU D 97 -15.73 -11.91 -2.03
CA LEU D 97 -15.46 -12.18 -3.41
C LEU D 97 -13.99 -12.11 -3.75
N PHE D 98 -13.65 -12.91 -4.75
CA PHE D 98 -12.31 -13.02 -5.25
C PHE D 98 -12.30 -13.28 -6.74
N ARG D 99 -11.12 -13.00 -7.28
CA ARG D 99 -10.99 -13.18 -8.71
C ARG D 99 -10.39 -14.50 -9.15
N GLU D 100 -9.74 -15.17 -8.22
CA GLU D 100 -9.07 -16.42 -8.42
C GLU D 100 -9.41 -17.23 -7.18
N ALA D 101 -9.25 -18.54 -7.25
CA ALA D 101 -9.56 -19.32 -6.07
C ALA D 101 -8.53 -19.00 -5.05
N VAL D 102 -8.88 -19.32 -3.81
CA VAL D 102 -8.09 -19.02 -2.66
C VAL D 102 -8.44 -19.90 -1.45
N PRO D 103 -7.38 -20.14 -0.72
CA PRO D 103 -7.45 -20.92 0.50
C PRO D 103 -8.40 -20.33 1.53
N ASP D 104 -9.06 -21.26 2.19
CA ASP D 104 -10.00 -20.89 3.23
C ASP D 104 -9.32 -20.12 4.33
N PRO D 105 -9.99 -19.15 4.92
CA PRO D 105 -9.35 -18.36 5.97
C PRO D 105 -9.19 -19.19 7.24
N TYR D 106 -8.19 -18.87 8.06
CA TYR D 106 -8.11 -19.65 9.28
C TYR D 106 -9.35 -19.53 10.13
N TRP D 107 -9.99 -18.39 10.03
CA TRP D 107 -11.18 -18.23 10.84
C TRP D 107 -12.43 -18.91 10.30
N LYS D 108 -12.23 -19.66 9.21
CA LYS D 108 -13.36 -20.33 8.59
C LYS D 108 -14.25 -20.95 9.64
N ASP D 109 -13.65 -21.51 10.68
CA ASP D 109 -14.54 -22.11 11.66
C ASP D 109 -14.98 -21.25 12.81
N MET D 110 -14.51 -20.02 12.87
CA MET D 110 -14.94 -19.23 14.00
C MET D 110 -16.25 -18.62 13.61
N VAL D 111 -16.40 -18.36 12.33
CA VAL D 111 -17.64 -17.76 11.93
C VAL D 111 -18.70 -18.82 11.74
N LEU D 112 -19.94 -18.36 11.74
CA LEU D 112 -21.10 -19.22 11.54
C LEU D 112 -21.40 -19.54 10.08
N GLY D 113 -21.54 -20.83 9.79
CA GLY D 113 -21.92 -21.26 8.46
C GLY D 113 -21.01 -21.09 7.26
N PHE D 114 -19.72 -20.96 7.52
CA PHE D 114 -18.83 -20.75 6.39
C PHE D 114 -19.01 -21.76 5.28
N ARG D 115 -18.92 -21.32 4.04
CA ARG D 115 -19.01 -22.19 2.88
C ARG D 115 -18.61 -21.44 1.64
N LYS D 116 -18.16 -22.18 0.64
CA LYS D 116 -17.71 -21.59 -0.62
C LYS D 116 -18.94 -21.28 -1.44
N LEU D 117 -18.92 -20.19 -2.18
CA LEU D 117 -20.13 -19.85 -2.88
C LEU D 117 -20.20 -20.69 -4.10
N THR D 118 -21.42 -20.97 -4.51
CA THR D 118 -21.81 -21.71 -5.70
C THR D 118 -21.85 -20.69 -6.85
N PRO D 119 -21.97 -21.25 -8.02
CA PRO D 119 -22.02 -20.44 -9.22
C PRO D 119 -23.22 -19.53 -9.31
N ARG D 120 -24.42 -20.05 -9.01
CA ARG D 120 -25.59 -19.19 -9.11
C ARG D 120 -25.36 -17.96 -8.29
N GLU D 121 -24.77 -18.25 -7.14
CA GLU D 121 -24.51 -17.19 -6.22
C GLU D 121 -23.56 -16.22 -6.87
N LEU D 122 -22.49 -16.78 -7.40
CA LEU D 122 -21.49 -15.97 -8.05
C LEU D 122 -22.08 -15.21 -9.18
N ASP D 123 -23.14 -15.75 -9.77
CA ASP D 123 -23.65 -15.03 -10.90
C ASP D 123 -24.18 -13.72 -10.37
N MET D 124 -24.48 -13.69 -9.09
CA MET D 124 -24.94 -12.41 -8.59
C MET D 124 -23.87 -11.34 -8.66
N PHE D 125 -22.61 -11.66 -8.49
CA PHE D 125 -21.68 -10.55 -8.47
C PHE D 125 -20.93 -10.73 -9.74
N PRO D 126 -21.46 -10.05 -10.73
CA PRO D 126 -20.95 -10.20 -12.05
C PRO D 126 -19.51 -9.96 -12.09
N ASP D 127 -18.81 -9.16 -11.32
CA ASP D 127 -17.47 -9.56 -11.84
C ASP D 127 -16.71 -10.88 -11.42
N TYR D 128 -16.78 -11.09 -10.11
CA TYR D 128 -16.12 -12.10 -9.37
C TYR D 128 -16.26 -13.47 -9.89
N ARG D 129 -15.37 -14.35 -9.39
CA ARG D 129 -15.28 -15.65 -9.92
C ARG D 129 -15.00 -16.73 -9.00
N TYR D 130 -14.80 -16.40 -7.74
CA TYR D 130 -14.63 -17.35 -6.63
C TYR D 130 -14.79 -16.64 -5.29
N GLY D 131 -15.35 -17.27 -4.22
CA GLY D 131 -15.62 -16.60 -2.96
C GLY D 131 -16.25 -17.45 -1.88
N TRP D 132 -16.48 -16.78 -0.76
CA TRP D 132 -17.04 -17.47 0.37
C TRP D 132 -18.29 -16.78 0.87
N PHE D 133 -18.94 -17.52 1.76
CA PHE D 133 -20.14 -17.08 2.42
C PHE D 133 -20.18 -17.57 3.86
N ASN D 134 -20.64 -16.65 4.71
CA ASN D 134 -20.74 -16.97 6.12
C ASN D 134 -21.50 -15.85 6.79
N THR D 135 -21.92 -16.20 8.00
CA THR D 135 -22.64 -15.23 8.75
C THR D 135 -21.69 -14.87 9.87
N SER D 136 -21.81 -13.62 10.32
CA SER D 136 -20.98 -13.05 11.36
C SER D 136 -21.74 -11.96 12.11
N LEU D 137 -20.97 -11.03 12.68
CA LEU D 137 -21.57 -9.98 13.49
C LEU D 137 -21.15 -8.58 13.17
N ILE D 138 -22.10 -7.69 13.38
CA ILE D 138 -21.79 -6.30 13.21
C ILE D 138 -21.62 -5.85 14.63
N LEU D 139 -20.55 -5.11 14.86
CA LEU D 139 -20.33 -4.58 16.17
C LEU D 139 -19.97 -3.17 15.80
N GLU D 140 -20.93 -2.27 15.97
CA GLU D 140 -20.67 -0.89 15.63
C GLU D 140 -19.88 -0.08 16.64
N GLY D 141 -18.83 0.54 16.11
CA GLY D 141 -17.88 1.33 16.88
C GLY D 141 -18.53 2.29 17.85
N ARG D 142 -19.09 3.35 17.29
CA ARG D 142 -19.75 4.39 18.09
C ARG D 142 -20.64 3.76 19.14
N LYS D 143 -21.68 3.05 18.72
CA LYS D 143 -22.54 2.47 19.73
C LYS D 143 -21.80 1.70 20.81
N TYR D 144 -20.93 0.79 20.40
CA TYR D 144 -20.19 0.01 21.39
C TYR D 144 -19.43 0.91 22.34
N LEU D 145 -18.85 1.95 21.76
CA LEU D 145 -18.09 2.85 22.58
C LEU D 145 -18.94 3.48 23.66
N GLN D 146 -20.10 3.95 23.21
CA GLN D 146 -20.98 4.55 24.20
C GLN D 146 -21.43 3.48 25.20
N TRP D 147 -21.69 2.28 24.72
CA TRP D 147 -22.11 1.27 25.68
C TRP D 147 -21.03 1.09 26.72
N LEU D 148 -19.85 0.78 26.20
CA LEU D 148 -18.68 0.57 27.03
C LEU D 148 -18.58 1.76 27.98
N THR D 149 -18.74 2.93 27.41
CA THR D 149 -18.63 4.03 28.31
C THR D 149 -19.58 4.06 29.52
N GLU D 150 -20.86 3.89 29.22
CA GLU D 150 -21.88 3.92 30.28
C GLU D 150 -21.48 2.82 31.25
N ARG D 151 -21.15 1.66 30.72
CA ARG D 151 -20.76 0.63 31.64
C ARG D 151 -19.66 1.10 32.59
N LEU D 152 -18.53 1.57 32.05
CA LEU D 152 -17.41 1.98 32.88
C LEU D 152 -17.88 3.05 33.83
N THR D 153 -18.66 3.94 33.27
CA THR D 153 -19.07 5.02 34.11
C THR D 153 -19.79 4.54 35.34
N GLU D 154 -20.77 3.68 35.15
CA GLU D 154 -21.52 3.19 36.29
C GLU D 154 -20.64 2.38 37.22
N ARG D 155 -19.56 1.83 36.69
CA ARG D 155 -18.63 1.03 37.47
C ARG D 155 -17.77 2.01 38.22
N GLY D 156 -17.92 3.29 37.91
CA GLY D 156 -17.13 4.28 38.62
C GLY D 156 -15.81 4.71 38.00
N VAL D 157 -15.57 4.42 36.72
CA VAL D 157 -14.32 4.88 36.13
C VAL D 157 -14.36 6.29 35.65
N LYS D 158 -13.32 7.04 36.01
CA LYS D 158 -13.28 8.42 35.59
C LYS D 158 -12.72 8.68 34.22
N PHE D 159 -13.16 9.76 33.57
CA PHE D 159 -12.74 10.07 32.22
C PHE D 159 -12.34 11.52 32.11
N PHE D 160 -11.20 11.74 31.47
CA PHE D 160 -10.66 13.07 31.24
C PHE D 160 -10.14 13.38 29.83
N LEU D 161 -10.56 14.57 29.39
CA LEU D 161 -10.13 15.08 28.10
C LEU D 161 -8.69 15.54 28.33
N ARG D 162 -7.73 14.84 27.73
CA ARG D 162 -6.38 15.24 28.04
C ARG D 162 -5.31 14.62 27.10
N LYS D 163 -4.34 15.47 26.76
CA LYS D 163 -3.30 14.95 25.90
C LYS D 163 -2.14 14.57 26.76
N VAL D 164 -1.72 13.33 26.63
CA VAL D 164 -0.54 12.86 27.33
C VAL D 164 0.70 13.11 26.50
N GLU D 165 1.74 13.66 27.17
CA GLU D 165 3.06 14.00 26.67
C GLU D 165 4.13 12.96 26.92
N SER D 166 3.91 12.15 27.89
CA SER D 166 4.84 11.07 28.18
C SER D 166 4.29 10.28 29.34
N PHE D 167 4.74 9.06 29.46
CA PHE D 167 4.31 8.24 30.58
C PHE D 167 4.96 8.76 31.87
N GLU D 168 6.00 9.61 31.72
CA GLU D 168 6.75 10.16 32.85
C GLU D 168 5.99 11.33 33.43
N GLU D 169 5.15 11.92 32.61
CA GLU D 169 4.27 13.00 33.04
C GLU D 169 3.16 12.37 33.87
N VAL D 170 2.53 11.42 33.24
CA VAL D 170 1.41 10.71 33.82
C VAL D 170 1.81 10.02 35.12
N ALA D 171 3.00 9.53 35.21
CA ALA D 171 3.35 8.82 36.42
C ALA D 171 3.75 9.80 37.58
N ARG D 172 4.36 10.92 37.26
CA ARG D 172 4.66 11.81 38.37
C ARG D 172 3.28 12.22 38.88
N GLY D 173 2.31 12.17 37.99
CA GLY D 173 0.97 12.53 38.45
C GLY D 173 0.40 11.40 39.34
N GLY D 174 1.13 10.36 39.66
CA GLY D 174 0.47 9.35 40.50
C GLY D 174 0.08 7.94 39.98
N ALA D 175 0.03 7.69 38.69
CA ALA D 175 -0.38 6.33 38.32
C ALA D 175 0.39 5.12 38.76
N ASP D 176 -0.27 4.10 39.26
CA ASP D 176 0.55 2.94 39.59
C ASP D 176 0.82 2.09 38.34
N VAL D 177 -0.14 2.06 37.43
CA VAL D 177 -0.02 1.41 36.15
C VAL D 177 -0.50 2.33 34.99
N ILE D 178 0.07 2.12 33.82
CA ILE D 178 -0.46 2.96 32.80
C ILE D 178 -0.83 2.01 31.69
N ILE D 179 -2.06 2.18 31.23
CA ILE D 179 -2.54 1.33 30.16
C ILE D 179 -2.39 1.90 28.78
N ASN D 180 -1.38 1.42 28.04
CA ASN D 180 -1.19 2.05 26.72
C ASN D 180 -2.13 1.59 25.59
N CYS D 181 -3.12 2.49 25.26
CA CYS D 181 -4.00 2.09 24.17
C CYS D 181 -4.26 3.29 23.29
N THR D 182 -3.16 3.87 22.87
CA THR D 182 -3.14 5.06 22.06
C THR D 182 -3.17 4.90 20.56
N GLY D 183 -3.50 3.70 20.13
CA GLY D 183 -3.63 3.48 18.69
C GLY D 183 -2.52 3.94 17.77
N VAL D 184 -2.80 4.44 16.56
CA VAL D 184 -1.67 4.90 15.73
C VAL D 184 -0.77 5.94 16.36
N TRP D 185 -1.39 6.77 17.16
CA TRP D 185 -0.61 7.80 17.77
C TRP D 185 0.30 7.43 18.91
N ALA D 186 0.40 6.12 19.08
CA ALA D 186 1.21 5.57 20.14
C ALA D 186 2.68 5.94 20.01
N GLY D 187 3.05 6.10 18.74
CA GLY D 187 4.45 6.37 18.45
C GLY D 187 4.98 7.59 19.17
N VAL D 188 4.05 8.50 19.33
CA VAL D 188 4.43 9.71 19.97
C VAL D 188 4.92 9.51 21.38
N LEU D 189 4.18 8.77 22.18
CA LEU D 189 4.63 8.54 23.54
C LEU D 189 5.92 7.73 23.63
N GLN D 190 6.26 7.01 22.58
CA GLN D 190 7.47 6.18 22.51
C GLN D 190 7.46 5.55 21.14
N PRO D 191 8.49 5.92 20.40
CA PRO D 191 8.66 5.55 19.02
C PRO D 191 8.53 4.09 18.73
N ASP D 192 7.97 3.86 17.54
CA ASP D 192 7.75 2.51 17.07
C ASP D 192 7.49 2.56 15.60
N PRO D 193 8.57 2.43 14.85
CA PRO D 193 8.55 2.47 13.41
C PRO D 193 7.77 1.33 12.83
N LEU D 194 7.34 0.41 13.67
CA LEU D 194 6.56 -0.70 13.17
C LEU D 194 5.13 -0.34 12.85
N LEU D 195 4.73 0.60 13.68
CA LEU D 195 3.42 1.21 13.65
C LEU D 195 3.27 2.24 12.56
N GLN D 196 2.18 2.13 11.81
CA GLN D 196 1.90 3.09 10.76
C GLN D 196 0.42 3.19 10.50
N PRO D 197 0.03 4.34 9.96
CA PRO D 197 -1.36 4.61 9.63
C PRO D 197 -1.79 3.82 8.39
N GLY D 198 -2.92 3.14 8.51
CA GLY D 198 -3.50 2.40 7.40
C GLY D 198 -4.74 3.25 7.07
N ARG D 199 -4.54 4.32 6.31
CA ARG D 199 -5.65 5.20 6.03
C ARG D 199 -6.80 4.55 5.29
N GLY D 200 -8.00 4.92 5.70
CA GLY D 200 -9.15 4.40 5.01
C GLY D 200 -10.25 5.44 5.02
N GLN D 201 -10.80 5.76 3.86
CA GLN D 201 -11.93 6.68 3.80
C GLN D 201 -13.18 5.82 3.55
N ILE D 202 -14.37 6.31 3.91
CA ILE D 202 -15.58 5.54 3.65
C ILE D 202 -16.73 6.50 3.43
N ILE D 203 -17.83 5.91 3.01
CA ILE D 203 -18.99 6.72 2.78
C ILE D 203 -20.17 5.98 3.38
N LYS D 204 -20.92 6.70 4.21
CA LYS D 204 -22.10 6.15 4.83
C LYS D 204 -23.21 6.55 3.88
N VAL D 205 -24.13 5.65 3.71
CA VAL D 205 -25.15 5.95 2.75
C VAL D 205 -26.40 5.27 3.27
N ASP D 206 -27.54 5.83 2.89
CA ASP D 206 -28.78 5.24 3.36
C ASP D 206 -29.33 4.31 2.29
N ALA D 207 -29.38 3.00 2.56
CA ALA D 207 -29.87 2.02 1.59
C ALA D 207 -30.22 0.74 2.34
N PRO D 208 -31.34 0.83 3.01
CA PRO D 208 -31.91 -0.23 3.82
C PRO D 208 -32.18 -1.49 3.09
N TRP D 209 -32.23 -1.49 1.78
CA TRP D 209 -32.50 -2.80 1.29
C TRP D 209 -31.26 -3.70 1.23
N LEU D 210 -30.08 -3.15 1.51
CA LEU D 210 -28.95 -4.07 1.46
C LEU D 210 -28.85 -4.71 2.84
N LYS D 211 -29.03 -6.03 2.88
CA LYS D 211 -29.03 -6.74 4.15
C LYS D 211 -27.80 -7.61 4.40
N ASN D 212 -26.92 -7.69 3.40
CA ASN D 212 -25.75 -8.55 3.56
C ASN D 212 -24.50 -7.78 3.21
N PHE D 213 -23.42 -8.18 3.88
CA PHE D 213 -22.17 -7.53 3.55
C PHE D 213 -21.58 -8.23 2.32
N ILE D 214 -20.73 -7.46 1.64
CA ILE D 214 -20.06 -7.92 0.45
C ILE D 214 -18.71 -7.24 0.43
N ILE D 215 -17.70 -8.11 0.46
CA ILE D 215 -16.33 -7.65 0.49
C ILE D 215 -15.55 -8.29 -0.64
N THR D 216 -15.06 -7.43 -1.52
CA THR D 216 -14.30 -7.94 -2.64
C THR D 216 -12.84 -7.89 -2.24
N HIS D 217 -12.07 -8.62 -3.03
CA HIS D 217 -10.66 -8.67 -2.78
C HIS D 217 -9.81 -8.69 -4.03
N ASP D 218 -8.85 -7.77 -4.13
CA ASP D 218 -7.88 -7.66 -5.23
C ASP D 218 -6.51 -8.01 -4.64
N LEU D 219 -6.08 -9.22 -4.94
CA LEU D 219 -4.85 -9.79 -4.40
C LEU D 219 -3.63 -8.89 -4.66
N GLU D 220 -3.67 -8.16 -5.76
CA GLU D 220 -2.56 -7.25 -6.11
C GLU D 220 -2.64 -5.93 -5.33
N ARG D 221 -3.79 -5.29 -5.51
CA ARG D 221 -4.11 -3.97 -4.94
C ARG D 221 -3.94 -3.90 -3.41
N GLY D 222 -3.84 -5.05 -2.78
CA GLY D 222 -3.68 -5.12 -1.31
C GLY D 222 -5.07 -5.20 -0.65
N ILE D 223 -5.07 -5.51 0.64
CA ILE D 223 -6.32 -5.68 1.39
C ILE D 223 -7.02 -4.35 1.68
N TYR D 224 -8.31 -4.41 1.46
CA TYR D 224 -9.26 -3.31 1.69
C TYR D 224 -8.97 -2.12 0.78
N ASN D 225 -8.60 -2.47 -0.43
CA ASN D 225 -8.35 -1.50 -1.48
C ASN D 225 -9.36 -1.72 -2.58
N SER D 226 -10.15 -2.72 -2.29
CA SER D 226 -11.22 -3.17 -3.17
C SER D 226 -12.52 -2.69 -2.58
N PRO D 227 -13.57 -2.58 -3.36
CA PRO D 227 -14.83 -2.07 -2.85
C PRO D 227 -15.38 -3.04 -1.85
N TYR D 228 -16.03 -2.47 -0.85
CA TYR D 228 -16.74 -3.30 0.11
C TYR D 228 -17.97 -2.56 0.60
N ILE D 229 -18.94 -3.36 1.01
CA ILE D 229 -20.18 -2.79 1.43
C ILE D 229 -20.60 -3.44 2.69
N ILE D 230 -20.83 -2.62 3.70
CA ILE D 230 -21.24 -3.24 4.94
C ILE D 230 -22.39 -2.55 5.60
N PRO D 231 -23.47 -3.31 5.72
CA PRO D 231 -24.71 -2.89 6.32
C PRO D 231 -24.36 -2.66 7.78
N GLY D 232 -25.09 -1.79 8.44
CA GLY D 232 -24.76 -1.50 9.83
C GLY D 232 -26.10 -1.40 10.52
N LEU D 233 -26.09 -0.88 11.75
CA LEU D 233 -27.31 -0.77 12.51
C LEU D 233 -28.31 0.11 11.80
N GLN D 234 -27.90 1.17 11.11
CA GLN D 234 -28.86 1.93 10.35
C GLN D 234 -28.30 2.19 8.95
N ALA D 235 -27.17 2.89 8.85
CA ALA D 235 -26.61 3.07 7.50
C ALA D 235 -25.74 1.97 6.96
N VAL D 236 -25.39 2.16 5.71
CA VAL D 236 -24.49 1.23 5.09
C VAL D 236 -23.20 1.93 4.85
N THR D 237 -22.13 1.19 5.06
CA THR D 237 -20.83 1.74 4.84
C THR D 237 -20.26 1.21 3.56
N LEU D 238 -19.95 2.16 2.70
CA LEU D 238 -19.32 1.95 1.42
C LEU D 238 -17.85 2.12 1.67
N GLY D 239 -17.08 1.16 1.19
CA GLY D 239 -15.68 1.32 1.46
C GLY D 239 -14.79 0.79 0.39
N GLY D 240 -13.51 1.09 0.59
CA GLY D 240 -12.54 0.65 -0.36
C GLY D 240 -11.13 1.10 -0.32
N THR D 241 -10.62 1.71 0.75
CA THR D 241 -9.18 2.08 0.75
C THR D 241 -8.39 1.73 2.01
N PHE D 242 -7.09 1.52 1.82
CA PHE D 242 -6.29 1.18 2.99
C PHE D 242 -4.90 1.63 2.57
N GLN D 243 -4.52 2.88 2.81
CA GLN D 243 -3.23 3.45 2.40
C GLN D 243 -2.21 3.59 3.50
N VAL D 244 -1.17 2.76 3.42
CA VAL D 244 -0.17 2.81 4.46
C VAL D 244 0.76 3.98 4.52
N GLY D 245 0.98 4.51 5.71
CA GLY D 245 1.83 5.68 5.81
C GLY D 245 1.11 6.95 5.37
N ASN D 246 -0.15 6.88 4.98
CA ASN D 246 -0.81 8.13 4.64
C ASN D 246 -1.46 8.74 5.88
N TRP D 247 -1.12 10.00 6.15
CA TRP D 247 -1.73 10.60 7.30
C TRP D 247 -2.73 11.68 7.04
N ASN D 248 -3.10 11.95 5.78
CA ASN D 248 -4.08 13.04 5.55
C ASN D 248 -5.35 12.61 6.25
N GLU D 249 -5.87 13.47 7.12
CA GLU D 249 -7.11 13.08 7.75
C GLU D 249 -8.33 13.64 7.10
N ILE D 250 -8.18 14.27 5.95
CA ILE D 250 -9.37 14.76 5.29
C ILE D 250 -9.87 13.77 4.26
N ASN D 251 -11.18 13.81 4.02
CA ASN D 251 -11.74 12.93 3.01
C ASN D 251 -11.27 13.48 1.68
N ASN D 252 -10.82 12.62 0.77
CA ASN D 252 -10.40 13.17 -0.50
C ASN D 252 -11.37 12.82 -1.60
N ILE D 253 -11.61 13.79 -2.46
CA ILE D 253 -12.57 13.52 -3.50
C ILE D 253 -12.23 12.30 -4.37
N GLN D 254 -10.94 12.06 -4.60
CA GLN D 254 -10.47 10.97 -5.40
C GLN D 254 -10.98 9.69 -4.90
N ASP D 255 -10.71 9.50 -3.69
CA ASP D 255 -11.10 8.28 -2.98
C ASP D 255 -12.60 8.16 -2.98
N HIS D 256 -13.25 9.21 -2.60
CA HIS D 256 -14.69 9.23 -2.59
C HIS D 256 -15.22 8.67 -3.90
N ASN D 257 -14.63 9.11 -5.00
CA ASN D 257 -15.18 8.55 -6.23
C ASN D 257 -14.76 7.11 -6.41
N THR D 258 -13.50 6.83 -6.17
CA THR D 258 -13.19 5.44 -6.41
C THR D 258 -14.04 4.49 -5.56
N ILE D 259 -14.47 4.96 -4.40
CA ILE D 259 -15.33 4.10 -3.57
C ILE D 259 -16.73 4.09 -4.15
N TRP D 260 -17.19 5.31 -4.35
CA TRP D 260 -18.51 5.39 -4.90
C TRP D 260 -18.66 4.61 -6.20
N GLU D 261 -17.71 4.74 -7.09
CA GLU D 261 -17.95 4.03 -8.34
C GLU D 261 -17.76 2.53 -8.20
N GLY D 262 -16.80 2.19 -7.37
CA GLY D 262 -16.60 0.77 -7.26
C GLY D 262 -17.76 0.03 -6.65
N CYS D 263 -18.33 0.59 -5.60
CA CYS D 263 -19.41 -0.10 -4.95
C CYS D 263 -20.63 -0.06 -5.87
N CYS D 264 -20.78 1.08 -6.48
CA CYS D 264 -21.92 1.27 -7.32
C CYS D 264 -21.86 0.23 -8.39
N ARG D 265 -20.67 -0.15 -8.89
CA ARG D 265 -20.64 -1.16 -9.96
C ARG D 265 -20.77 -2.51 -9.30
N LEU D 266 -20.35 -2.54 -8.06
CA LEU D 266 -20.40 -3.78 -7.30
C LEU D 266 -21.84 -4.12 -6.93
N GLU D 267 -22.62 -3.05 -6.74
CA GLU D 267 -24.05 -3.08 -6.33
C GLU D 267 -24.81 -1.93 -6.99
N PRO D 268 -25.24 -2.10 -8.23
CA PRO D 268 -25.77 -1.00 -9.04
C PRO D 268 -26.97 -0.39 -8.39
N THR D 269 -27.60 -1.09 -7.51
CA THR D 269 -28.81 -0.56 -6.90
C THR D 269 -28.50 0.71 -6.11
N LEU D 270 -27.26 0.83 -5.73
CA LEU D 270 -26.81 1.98 -4.94
C LEU D 270 -27.07 3.27 -5.70
N LYS D 271 -27.46 3.11 -6.92
CA LYS D 271 -27.71 4.25 -7.80
C LYS D 271 -28.68 5.16 -7.10
N ASP D 272 -29.50 4.58 -6.24
CA ASP D 272 -30.49 5.35 -5.53
C ASP D 272 -30.19 5.56 -4.07
N ALA D 273 -29.07 5.05 -3.58
CA ALA D 273 -28.75 5.25 -2.18
C ALA D 273 -28.36 6.70 -1.94
N LYS D 274 -28.76 7.26 -0.81
CA LYS D 274 -28.46 8.65 -0.51
C LYS D 274 -27.24 8.77 0.40
N ILE D 275 -26.28 9.56 -0.04
CA ILE D 275 -25.14 9.63 0.84
C ILE D 275 -25.38 10.44 2.08
N VAL D 276 -25.02 9.88 3.22
CA VAL D 276 -25.24 10.71 4.40
C VAL D 276 -23.97 11.15 5.11
N GLY D 277 -22.81 10.64 4.69
CA GLY D 277 -21.58 11.05 5.34
C GLY D 277 -20.35 10.41 4.75
N GLU D 278 -19.20 11.03 5.01
CA GLU D 278 -17.94 10.47 4.53
C GLU D 278 -16.95 10.61 5.63
N TYR D 279 -16.12 9.60 5.81
CA TYR D 279 -15.18 9.74 6.89
C TYR D 279 -13.93 9.05 6.51
N THR D 280 -12.90 9.47 7.23
CA THR D 280 -11.60 8.89 7.03
C THR D 280 -10.91 8.59 8.35
N GLY D 281 -10.17 7.49 8.44
CA GLY D 281 -9.50 7.07 9.69
C GLY D 281 -8.17 6.36 9.45
N PHE D 282 -7.39 6.24 10.52
CA PHE D 282 -6.09 5.60 10.42
C PHE D 282 -6.02 4.20 11.04
N ARG D 283 -5.85 3.15 10.26
CA ARG D 283 -5.77 1.87 10.96
C ARG D 283 -4.39 1.80 11.58
N PRO D 284 -4.33 1.46 12.84
CA PRO D 284 -3.06 1.38 13.53
C PRO D 284 -2.35 0.12 13.06
N VAL D 285 -1.80 0.28 11.87
CA VAL D 285 -1.09 -0.80 11.22
C VAL D 285 0.22 -1.17 11.91
N ARG D 286 0.47 -2.46 12.06
CA ARG D 286 1.68 -3.01 12.67
C ARG D 286 1.74 -4.50 12.42
N PRO D 287 2.93 -4.96 12.05
CA PRO D 287 3.28 -6.34 11.74
C PRO D 287 2.63 -7.29 12.71
N GLN D 288 2.41 -6.87 13.94
CA GLN D 288 1.76 -7.78 14.86
C GLN D 288 1.54 -6.80 15.99
N VAL D 289 0.52 -7.18 16.79
CA VAL D 289 0.03 -6.31 17.84
C VAL D 289 1.02 -6.10 18.95
N ARG D 290 1.13 -4.91 19.49
CA ARG D 290 2.04 -4.80 20.60
C ARG D 290 1.17 -4.87 21.83
N LEU D 291 1.40 -5.93 22.58
CA LEU D 291 0.63 -6.12 23.78
C LEU D 291 1.58 -6.85 24.73
N GLU D 292 2.24 -6.04 25.53
CA GLU D 292 3.23 -6.54 26.45
C GLU D 292 3.50 -5.49 27.51
N ARG D 293 4.06 -6.03 28.57
CA ARG D 293 4.39 -5.27 29.75
C ARG D 293 5.73 -4.53 29.59
N GLU D 294 5.90 -3.42 30.31
CA GLU D 294 7.15 -2.66 30.22
C GLU D 294 7.27 -1.80 31.47
N GLN D 295 8.36 -2.00 32.20
CA GLN D 295 8.58 -1.24 33.41
C GLN D 295 9.30 0.05 33.00
N LEU D 296 9.10 1.12 33.76
CA LEU D 296 9.74 2.41 33.45
C LEU D 296 10.16 3.08 34.74
N ARG D 297 11.47 3.34 34.83
CA ARG D 297 12.10 3.97 35.98
C ARG D 297 12.12 5.47 35.78
N PHE D 298 11.63 6.18 36.80
CA PHE D 298 11.59 7.63 36.80
C PHE D 298 11.95 8.04 38.22
N GLY D 299 13.18 8.52 38.38
CA GLY D 299 13.66 8.90 39.70
C GLY D 299 13.90 7.59 40.46
N SER D 300 13.44 7.58 41.72
CA SER D 300 13.56 6.40 42.55
C SER D 300 12.34 5.49 42.46
N SER D 301 11.45 5.78 41.50
CA SER D 301 10.24 4.99 41.41
C SER D 301 9.96 4.37 40.05
N ASN D 302 9.69 3.08 40.12
CA ASN D 302 9.33 2.31 38.94
C ASN D 302 7.87 2.49 38.58
N THR D 303 7.56 2.35 37.29
CA THR D 303 6.19 2.48 36.85
C THR D 303 5.94 1.48 35.75
N GLU D 304 4.82 0.79 35.95
CA GLU D 304 4.40 -0.26 35.05
C GLU D 304 3.51 0.13 33.89
N VAL D 305 3.99 -0.26 32.73
CA VAL D 305 3.21 0.00 31.54
C VAL D 305 2.76 -1.27 30.86
N ILE D 306 1.59 -1.22 30.24
CA ILE D 306 1.17 -2.38 29.50
C ILE D 306 0.63 -1.82 28.23
N HIS D 307 1.29 -2.25 27.16
CA HIS D 307 0.94 -1.78 25.85
C HIS D 307 -0.15 -2.62 25.24
N ASN D 308 -0.96 -1.99 24.40
CA ASN D 308 -2.01 -2.73 23.73
C ASN D 308 -2.32 -1.87 22.52
N TYR D 309 -1.58 -2.12 21.45
CA TYR D 309 -1.87 -1.32 20.29
C TYR D 309 -1.36 -1.92 19.00
N GLY D 310 -1.87 -1.43 17.87
CA GLY D 310 -1.47 -1.87 16.53
C GLY D 310 -2.37 -2.96 15.99
N HIS D 311 -3.66 -2.82 16.27
CA HIS D 311 -4.66 -3.80 15.82
C HIS D 311 -5.12 -3.60 14.39
N GLY D 312 -4.33 -2.83 13.66
CA GLY D 312 -4.63 -2.60 12.27
C GLY D 312 -6.10 -2.49 11.90
N GLY D 313 -6.54 -3.37 11.01
CA GLY D 313 -7.92 -3.35 10.55
C GLY D 313 -8.82 -4.37 11.22
N TYR D 314 -8.46 -4.81 12.43
CA TYR D 314 -9.27 -5.80 13.12
C TYR D 314 -9.41 -5.51 14.60
N GLY D 315 -9.19 -4.24 14.89
CA GLY D 315 -9.31 -3.82 16.28
C GLY D 315 -10.63 -4.28 16.92
N LEU D 316 -11.71 -4.18 16.19
CA LEU D 316 -12.97 -4.61 16.79
C LEU D 316 -13.02 -6.11 16.87
N THR D 317 -12.64 -6.71 15.76
CA THR D 317 -12.66 -8.14 15.62
C THR D 317 -11.93 -8.88 16.70
N ILE D 318 -10.96 -8.22 17.29
CA ILE D 318 -10.19 -8.93 18.29
C ILE D 318 -10.02 -8.19 19.60
N HIS D 319 -10.76 -7.11 19.79
CA HIS D 319 -10.57 -6.30 20.96
C HIS D 319 -10.57 -7.01 22.28
N TRP D 320 -11.62 -7.79 22.46
CA TRP D 320 -11.83 -8.49 23.71
C TRP D 320 -10.73 -9.43 24.13
N GLY D 321 -10.17 -10.10 23.13
CA GLY D 321 -9.13 -11.10 23.36
C GLY D 321 -7.96 -10.48 24.10
N CYS D 322 -7.52 -9.40 23.46
CA CYS D 322 -6.43 -8.65 24.05
C CYS D 322 -6.80 -8.13 25.42
N ALA D 323 -8.01 -7.54 25.50
CA ALA D 323 -8.43 -6.94 26.75
C ALA D 323 -8.23 -7.92 27.87
N LEU D 324 -8.50 -9.18 27.55
CA LEU D 324 -8.31 -10.20 28.55
C LEU D 324 -6.85 -10.38 28.93
N GLU D 325 -6.03 -10.59 27.91
CA GLU D 325 -4.61 -10.73 28.15
C GLU D 325 -4.04 -9.63 29.05
N VAL D 326 -4.41 -8.41 28.72
CA VAL D 326 -3.91 -7.34 29.56
C VAL D 326 -4.29 -7.53 31.01
N ALA D 327 -5.55 -7.85 31.19
CA ALA D 327 -5.99 -8.03 32.55
C ALA D 327 -5.08 -9.05 33.27
N LYS D 328 -4.80 -10.10 32.50
CA LYS D 328 -3.92 -11.16 32.92
C LYS D 328 -2.56 -10.56 33.34
N LEU D 329 -1.92 -9.82 32.46
CA LEU D 329 -0.65 -9.28 32.88
C LEU D 329 -0.85 -8.35 34.03
N PHE D 330 -1.94 -7.63 33.92
CA PHE D 330 -2.15 -6.67 34.96
C PHE D 330 -2.15 -7.39 36.28
N GLY D 331 -2.70 -8.58 36.20
CA GLY D 331 -2.76 -9.35 37.42
C GLY D 331 -1.39 -9.68 37.94
N LYS D 332 -0.53 -10.20 37.05
CA LYS D 332 0.84 -10.55 37.40
C LYS D 332 1.42 -9.33 38.08
N VAL D 333 1.25 -8.18 37.45
CA VAL D 333 1.74 -6.99 38.10
C VAL D 333 1.23 -6.92 39.55
N LEU D 334 -0.04 -7.17 39.79
CA LEU D 334 -0.48 -7.12 41.16
C LEU D 334 0.20 -8.18 42.00
N GLU D 335 0.41 -9.36 41.45
CA GLU D 335 1.04 -10.40 42.28
C GLU D 335 2.38 -9.89 42.76
N GLU D 336 3.17 -9.41 41.82
CA GLU D 336 4.48 -8.87 42.14
C GLU D 336 4.40 -7.79 43.22
N ARG D 337 3.36 -6.95 43.19
CA ARG D 337 3.24 -5.93 44.21
C ARG D 337 2.69 -6.63 45.46
N ASN D 338 2.47 -7.93 45.35
CA ASN D 338 1.93 -8.70 46.49
C ASN D 338 0.52 -8.24 46.80
N LEU D 339 -0.22 -7.89 45.74
CA LEU D 339 -1.60 -7.43 45.83
C LEU D 339 -1.65 -6.03 46.46
N MET E 1 5.23 14.79 -37.06
CA MET E 1 5.56 13.77 -38.04
C MET E 1 5.94 12.42 -37.45
N ARG E 2 5.36 11.37 -38.00
CA ARG E 2 5.66 10.10 -37.42
C ARG E 2 6.83 9.39 -38.00
N VAL E 3 7.84 9.29 -37.14
CA VAL E 3 9.05 8.62 -37.51
C VAL E 3 9.13 7.31 -36.74
N VAL E 4 9.63 6.29 -37.41
CA VAL E 4 9.80 5.01 -36.74
C VAL E 4 11.15 4.45 -37.07
N VAL E 5 11.87 4.21 -35.99
CA VAL E 5 13.20 3.68 -36.18
C VAL E 5 13.10 2.22 -35.85
N ILE E 6 13.56 1.41 -36.79
CA ILE E 6 13.53 -0.01 -36.53
C ILE E 6 14.93 -0.40 -36.23
N GLY E 7 15.02 -1.12 -35.12
CA GLY E 7 16.24 -1.64 -34.53
C GLY E 7 16.73 -0.71 -33.42
N ALA E 8 17.31 -1.34 -32.41
CA ALA E 8 17.78 -0.61 -31.24
C ALA E 8 19.23 -0.97 -30.91
N GLY E 9 20.03 -1.24 -31.93
CA GLY E 9 21.44 -1.55 -31.76
C GLY E 9 22.07 -0.16 -31.65
N VAL E 10 23.39 -0.13 -31.72
CA VAL E 10 24.02 1.18 -31.63
C VAL E 10 23.54 2.05 -32.77
N ILE E 11 23.34 1.42 -33.91
CA ILE E 11 22.87 2.20 -35.04
C ILE E 11 21.50 2.82 -34.86
N GLY E 12 20.51 2.01 -34.53
CA GLY E 12 19.20 2.63 -34.38
C GLY E 12 19.22 3.81 -33.41
N LEU E 13 19.75 3.53 -32.24
CA LEU E 13 19.73 4.55 -31.24
C LEU E 13 20.41 5.85 -31.56
N SER E 14 21.67 5.74 -31.95
CA SER E 14 22.39 6.94 -32.24
C SER E 14 21.61 7.72 -33.24
N THR E 15 21.16 6.97 -34.23
CA THR E 15 20.45 7.62 -35.30
C THR E 15 19.24 8.35 -34.80
N ALA E 16 18.45 7.60 -34.06
CA ALA E 16 17.26 8.21 -33.54
C ALA E 16 17.61 9.46 -32.75
N LEU E 17 18.57 9.28 -31.88
CA LEU E 17 18.93 10.43 -31.08
C LEU E 17 19.28 11.65 -31.91
N CYS E 18 20.20 11.34 -32.78
CA CYS E 18 20.72 12.31 -33.64
C CYS E 18 19.62 13.02 -34.38
N ILE E 19 18.63 12.29 -34.88
CA ILE E 19 17.59 12.95 -35.64
C ILE E 19 16.86 13.89 -34.69
N HIS E 20 16.39 13.31 -33.60
CA HIS E 20 15.64 14.07 -32.62
C HIS E 20 16.42 15.25 -32.11
N GLU E 21 17.67 14.97 -31.80
CA GLU E 21 18.51 16.01 -31.27
C GLU E 21 18.55 17.21 -32.19
N ARG E 22 18.52 16.95 -33.49
CA ARG E 22 18.63 17.98 -34.53
C ARG E 22 17.37 18.59 -35.06
N TYR E 23 16.26 17.90 -34.87
CA TYR E 23 15.05 18.43 -35.44
C TYR E 23 13.94 18.52 -34.48
N HIS E 24 14.17 18.08 -33.26
CA HIS E 24 13.02 18.14 -32.41
C HIS E 24 12.31 19.46 -32.43
N SER E 25 13.03 20.51 -32.11
CA SER E 25 12.35 21.78 -32.14
C SER E 25 12.67 22.64 -33.35
N VAL E 26 12.85 21.98 -34.50
CA VAL E 26 13.11 22.68 -35.74
C VAL E 26 11.73 22.52 -36.41
N LEU E 27 11.11 21.38 -36.10
CA LEU E 27 9.77 20.93 -36.49
C LEU E 27 9.05 20.81 -35.15
N GLN E 28 7.79 21.20 -35.06
CA GLN E 28 7.15 21.11 -33.76
C GLN E 28 6.82 19.72 -33.16
N PRO E 29 5.75 19.13 -33.65
CA PRO E 29 5.32 17.84 -33.13
C PRO E 29 6.41 16.77 -33.00
N LEU E 30 6.95 16.40 -34.15
CA LEU E 30 7.98 15.38 -34.22
C LEU E 30 7.85 14.15 -33.32
N ASP E 31 7.21 13.12 -33.84
CA ASP E 31 7.01 11.89 -33.08
C ASP E 31 7.92 10.72 -33.44
N VAL E 32 8.79 10.42 -32.49
CA VAL E 32 9.69 9.31 -32.68
C VAL E 32 9.42 8.06 -31.84
N LYS E 33 9.53 6.90 -32.46
CA LYS E 33 9.29 5.67 -31.72
C LYS E 33 10.33 4.73 -32.28
N VAL E 34 10.65 3.78 -31.44
CA VAL E 34 11.62 2.81 -31.86
C VAL E 34 11.03 1.46 -31.60
N TYR E 35 11.00 0.69 -32.67
CA TYR E 35 10.52 -0.66 -32.60
C TYR E 35 11.74 -1.53 -32.72
N ALA E 36 11.78 -2.62 -31.97
CA ALA E 36 12.85 -3.61 -32.08
C ALA E 36 12.49 -4.88 -31.36
N ASP E 37 12.84 -5.97 -32.00
CA ASP E 37 12.55 -7.29 -31.49
C ASP E 37 13.64 -7.56 -30.47
N ARG E 38 14.76 -6.86 -30.51
CA ARG E 38 15.79 -7.13 -29.50
C ARG E 38 16.33 -5.80 -29.05
N PHE E 39 16.58 -5.75 -27.74
CA PHE E 39 17.08 -4.59 -27.04
C PHE E 39 18.25 -5.11 -26.18
N THR E 40 19.12 -4.22 -25.76
CA THR E 40 20.25 -4.70 -25.00
C THR E 40 19.74 -5.41 -23.77
N PRO E 41 20.47 -6.38 -23.28
CA PRO E 41 21.71 -6.86 -23.81
C PRO E 41 21.60 -7.77 -25.01
N PHE E 42 20.49 -7.71 -25.72
CA PHE E 42 20.48 -8.62 -26.86
C PHE E 42 20.94 -8.29 -28.24
N THR E 43 21.31 -7.04 -28.52
CA THR E 43 21.77 -6.67 -29.86
C THR E 43 23.15 -7.18 -30.21
N THR E 44 23.42 -7.05 -31.51
CA THR E 44 24.72 -7.49 -31.96
C THR E 44 25.65 -6.56 -31.24
N THR E 45 25.25 -5.30 -31.28
CA THR E 45 26.01 -4.27 -30.64
C THR E 45 26.48 -4.71 -29.25
N ASP E 46 25.59 -5.30 -28.45
CA ASP E 46 26.00 -5.78 -27.13
C ASP E 46 27.22 -6.67 -27.10
N VAL E 47 27.53 -7.36 -28.18
CA VAL E 47 28.66 -8.27 -28.19
C VAL E 47 29.94 -7.70 -28.83
N ALA E 48 29.90 -6.52 -29.43
CA ALA E 48 31.12 -6.01 -30.01
C ALA E 48 32.27 -5.91 -29.02
N ALA E 49 33.47 -6.10 -29.57
CA ALA E 49 34.69 -6.02 -28.82
C ALA E 49 34.79 -4.63 -28.13
N GLY E 50 34.11 -3.64 -28.69
CA GLY E 50 34.09 -2.33 -28.03
C GLY E 50 35.24 -1.38 -28.30
N LEU E 51 35.93 -1.61 -29.42
CA LEU E 51 37.05 -0.77 -29.74
C LEU E 51 36.86 0.10 -30.96
N TRP E 52 37.41 1.30 -30.95
CA TRP E 52 37.30 2.12 -32.13
C TRP E 52 38.51 1.79 -33.00
N GLN E 53 38.24 1.18 -34.16
CA GLN E 53 39.28 0.83 -35.09
C GLN E 53 38.67 0.29 -36.37
N PRO E 54 38.72 1.11 -37.41
CA PRO E 54 38.22 0.71 -38.70
C PRO E 54 39.16 -0.35 -39.27
N TYR E 55 38.68 -1.06 -40.29
CA TYR E 55 39.51 -2.08 -40.92
C TYR E 55 40.77 -1.44 -41.45
N THR E 56 41.77 -2.26 -41.74
CA THR E 56 43.05 -1.81 -42.28
C THR E 56 43.00 -1.23 -43.74
N SER E 57 42.38 -2.00 -44.62
CA SER E 57 42.21 -1.61 -46.01
C SER E 57 41.38 -0.37 -46.29
N GLU E 58 41.82 0.38 -47.32
CA GLU E 58 41.22 1.61 -47.79
C GLU E 58 39.73 1.47 -48.15
N PRO E 59 38.86 2.44 -47.78
CA PRO E 59 37.41 2.33 -47.79
C PRO E 59 36.95 2.17 -49.20
N SER E 60 35.83 1.38 -49.32
CA SER E 60 35.12 1.16 -50.61
C SER E 60 34.43 2.46 -51.01
N ASN E 61 33.65 2.96 -50.08
CA ASN E 61 33.01 4.25 -50.23
C ASN E 61 34.04 5.27 -49.76
N PRO E 62 34.14 6.47 -50.33
CA PRO E 62 35.10 7.43 -49.80
C PRO E 62 34.62 7.91 -48.48
N GLN E 63 33.28 7.97 -48.30
CA GLN E 63 32.54 8.47 -47.10
C GLN E 63 32.69 7.72 -45.83
N GLU E 64 33.01 6.46 -46.02
CA GLU E 64 33.26 5.72 -44.81
C GLU E 64 34.37 6.37 -44.01
N ALA E 65 35.39 6.92 -44.63
CA ALA E 65 36.40 7.38 -43.71
C ALA E 65 35.99 8.60 -42.95
N ASN E 66 35.22 9.38 -43.66
CA ASN E 66 34.80 10.55 -42.92
C ASN E 66 33.95 10.17 -41.75
N TRP E 67 32.97 9.32 -41.99
CA TRP E 67 32.10 8.91 -40.91
C TRP E 67 32.92 8.41 -39.73
N ASN E 68 33.94 7.64 -40.07
CA ASN E 68 34.83 7.19 -39.03
C ASN E 68 35.50 8.34 -38.32
N GLN E 69 36.12 9.20 -39.10
CA GLN E 69 36.71 10.36 -38.46
C GLN E 69 35.73 11.14 -37.61
N GLN E 70 34.62 11.49 -38.21
CA GLN E 70 33.62 12.21 -37.44
C GLN E 70 33.26 11.46 -36.15
N THR E 71 33.06 10.14 -36.23
CA THR E 71 32.71 9.36 -35.05
C THR E 71 33.83 9.51 -33.98
N PHE E 72 35.05 9.34 -34.44
CA PHE E 72 36.11 9.47 -33.48
C PHE E 72 36.20 10.81 -32.79
N ASN E 73 35.89 11.87 -33.52
CA ASN E 73 36.06 13.14 -32.87
C ASN E 73 35.02 13.37 -31.83
N TYR E 74 33.83 12.98 -32.24
CA TYR E 74 32.70 13.13 -31.39
C TYR E 74 33.04 12.37 -30.15
N LEU E 75 33.55 11.18 -30.36
CA LEU E 75 33.82 10.49 -29.13
C LEU E 75 34.83 11.19 -28.27
N LEU E 76 35.98 11.45 -28.89
CA LEU E 76 37.10 12.08 -28.20
C LEU E 76 36.63 13.28 -27.41
N SER E 77 35.78 14.06 -28.09
CA SER E 77 35.27 15.26 -27.47
C SER E 77 34.71 15.00 -26.07
N HIS E 78 34.18 13.81 -25.86
CA HIS E 78 33.61 13.51 -24.57
C HIS E 78 34.63 13.20 -23.50
N ILE E 79 35.77 12.66 -23.93
CA ILE E 79 36.85 12.31 -23.01
C ILE E 79 37.30 13.63 -22.45
N GLY E 80 37.01 13.77 -21.15
CA GLY E 80 37.32 14.97 -20.39
C GLY E 80 36.17 15.24 -19.41
N SER E 81 34.97 14.88 -19.86
CA SER E 81 33.74 15.00 -19.09
C SER E 81 33.73 13.88 -18.07
N PRO E 82 32.95 14.08 -17.02
CA PRO E 82 32.81 13.13 -15.93
C PRO E 82 32.07 11.89 -16.36
N ASN E 83 31.14 12.09 -17.28
CA ASN E 83 30.33 10.97 -17.74
C ASN E 83 30.82 9.99 -18.78
N ALA E 84 31.97 10.32 -19.31
CA ALA E 84 32.48 9.51 -20.36
C ALA E 84 32.46 8.03 -20.10
N ALA E 85 32.80 7.62 -18.88
CA ALA E 85 32.77 6.18 -18.75
C ALA E 85 31.34 5.82 -18.53
N ASN E 86 30.55 6.78 -18.11
CA ASN E 86 29.16 6.42 -17.98
C ASN E 86 28.59 6.23 -19.35
N MET E 87 29.17 6.84 -20.38
CA MET E 87 28.65 6.58 -21.70
C MET E 87 29.25 5.26 -22.17
N GLY E 88 30.27 4.75 -21.49
CA GLY E 88 30.89 3.48 -21.87
C GLY E 88 32.19 3.74 -22.64
N LEU E 89 32.69 4.96 -22.49
CA LEU E 89 33.94 5.37 -23.11
C LEU E 89 35.21 5.50 -22.27
N THR E 90 36.35 5.12 -22.84
CA THR E 90 37.68 5.37 -22.27
C THR E 90 38.82 5.13 -23.19
N PRO E 91 39.87 5.86 -22.95
CA PRO E 91 41.00 5.77 -23.82
C PRO E 91 41.70 4.50 -23.51
N VAL E 92 42.28 3.89 -24.54
CA VAL E 92 43.07 2.69 -24.38
C VAL E 92 44.12 2.75 -25.48
N SER E 93 45.28 2.21 -25.16
CA SER E 93 46.34 2.20 -26.14
C SER E 93 46.64 0.77 -26.48
N GLY E 94 47.28 0.51 -27.61
CA GLY E 94 47.55 -0.88 -27.86
C GLY E 94 48.24 -1.14 -29.18
N TYR E 95 48.42 -2.42 -29.38
CA TYR E 95 49.11 -2.94 -30.54
C TYR E 95 48.32 -3.63 -31.62
N ASN E 96 48.92 -3.61 -32.80
CA ASN E 96 48.41 -4.28 -34.00
C ASN E 96 49.64 -4.96 -34.55
N LEU E 97 49.58 -6.28 -34.44
CA LEU E 97 50.66 -7.13 -34.88
C LEU E 97 50.42 -7.72 -36.23
N PHE E 98 51.54 -7.96 -36.91
CA PHE E 98 51.58 -8.53 -38.23
C PHE E 98 52.81 -9.38 -38.41
N ARG E 99 52.67 -10.20 -39.44
CA ARG E 99 53.75 -11.12 -39.72
C ARG E 99 54.74 -10.66 -40.77
N GLU E 100 54.32 -9.68 -41.56
CA GLU E 100 55.08 -9.12 -42.65
C GLU E 100 54.81 -7.63 -42.55
N ALA E 101 55.65 -6.82 -43.17
CA ALA E 101 55.39 -5.40 -43.08
C ALA E 101 54.16 -5.12 -43.88
N VAL E 102 53.59 -3.97 -43.58
CA VAL E 102 52.35 -3.54 -44.15
C VAL E 102 52.15 -2.01 -44.06
N PRO E 103 51.47 -1.56 -45.09
CA PRO E 103 51.13 -0.17 -45.23
C PRO E 103 50.29 0.35 -44.07
N ASP E 104 50.60 1.60 -43.75
CA ASP E 104 49.91 2.27 -42.67
C ASP E 104 48.44 2.38 -42.97
N PRO E 105 47.59 2.27 -41.97
CA PRO E 105 46.15 2.34 -42.21
C PRO E 105 45.72 3.74 -42.59
N TYR E 106 44.65 3.89 -43.34
CA TYR E 106 44.25 5.26 -43.63
C TYR E 106 43.94 6.04 -42.38
N TRP E 107 43.46 5.33 -41.38
CA TRP E 107 43.13 6.05 -40.17
C TRP E 107 44.32 6.39 -39.29
N LYS E 108 45.51 6.10 -39.80
CA LYS E 108 46.71 6.37 -39.03
C LYS E 108 46.61 7.72 -38.35
N ASP E 109 46.06 8.70 -39.05
CA ASP E 109 46.00 9.98 -38.38
C ASP E 109 44.75 10.30 -37.58
N MET E 110 43.80 9.39 -37.59
CA MET E 110 42.61 9.75 -36.84
C MET E 110 42.88 9.35 -35.42
N VAL E 111 43.66 8.29 -35.27
CA VAL E 111 43.94 7.88 -33.91
C VAL E 111 45.05 8.70 -33.32
N LEU E 112 45.13 8.64 -32.00
CA LEU E 112 46.15 9.34 -31.24
C LEU E 112 47.47 8.62 -31.16
N GLY E 113 48.55 9.32 -31.50
CA GLY E 113 49.89 8.76 -31.39
C GLY E 113 50.37 7.61 -32.25
N PHE E 114 49.73 7.42 -33.39
CA PHE E 114 50.13 6.29 -34.20
C PHE E 114 51.61 6.25 -34.46
N ARG E 115 52.19 5.07 -34.47
CA ARG E 115 53.61 4.86 -34.76
C ARG E 115 53.88 3.40 -34.94
N LYS E 116 54.95 3.11 -35.69
CA LYS E 116 55.34 1.72 -35.98
C LYS E 116 56.08 1.20 -34.77
N LEU E 117 55.90 -0.06 -34.44
CA LEU E 117 56.54 -0.52 -33.23
C LEU E 117 57.96 -0.79 -33.54
N THR E 118 58.79 -0.61 -32.52
CA THR E 118 60.22 -0.87 -32.50
C THR E 118 60.39 -2.35 -32.17
N PRO E 119 61.62 -2.77 -32.33
CA PRO E 119 61.98 -4.14 -32.06
C PRO E 119 61.80 -4.56 -30.62
N ARG E 120 62.27 -3.75 -29.68
CA ARG E 120 62.13 -4.15 -28.28
C ARG E 120 60.69 -4.46 -28.00
N GLU E 121 59.89 -3.59 -28.59
CA GLU E 121 58.48 -3.72 -28.40
C GLU E 121 58.06 -5.05 -28.98
N LEU E 122 58.48 -5.26 -30.21
CA LEU E 122 58.13 -6.49 -30.88
C LEU E 122 58.62 -7.67 -30.13
N ASP E 123 59.69 -7.49 -29.38
CA ASP E 123 60.19 -8.65 -28.71
C ASP E 123 59.13 -9.06 -27.72
N MET E 124 58.28 -8.12 -27.35
CA MET E 124 57.24 -8.54 -26.43
C MET E 124 56.31 -9.56 -27.05
N PHE E 125 56.24 -9.72 -28.37
CA PHE E 125 55.31 -10.70 -28.87
C PHE E 125 56.09 -11.30 -30.01
N PRO E 126 56.87 -12.28 -29.65
CA PRO E 126 57.74 -13.05 -30.53
C PRO E 126 57.23 -13.66 -31.86
N ASP E 127 55.96 -13.98 -31.97
CA ASP E 127 55.60 -14.51 -33.25
C ASP E 127 55.44 -13.41 -34.22
N TYR E 128 55.60 -12.16 -33.84
CA TYR E 128 55.35 -11.30 -34.96
C TYR E 128 56.59 -10.58 -35.35
N ARG E 129 56.53 -9.98 -36.54
CA ARG E 129 57.70 -9.32 -37.09
C ARG E 129 57.26 -7.92 -37.37
N TYR E 130 56.02 -7.54 -37.17
CA TYR E 130 55.91 -6.12 -37.53
C TYR E 130 54.69 -5.54 -36.90
N GLY E 131 54.45 -4.24 -36.84
CA GLY E 131 53.20 -3.77 -36.27
C GLY E 131 53.16 -2.29 -35.93
N TRP E 132 52.00 -1.92 -35.41
CA TRP E 132 51.81 -0.53 -35.06
C TRP E 132 51.38 -0.39 -33.62
N PHE E 133 51.40 0.88 -33.23
CA PHE E 133 51.00 1.30 -31.91
C PHE E 133 50.29 2.66 -31.97
N ASN E 134 49.24 2.72 -31.16
CA ASN E 134 48.47 3.95 -31.09
C ASN E 134 47.49 3.82 -29.94
N THR E 135 46.98 4.99 -29.61
CA THR E 135 46.03 5.01 -28.54
C THR E 135 44.73 5.34 -29.24
N SER E 136 43.64 4.83 -28.64
CA SER E 136 42.30 5.00 -29.15
C SER E 136 41.28 4.94 -28.02
N LEU E 137 40.06 4.54 -28.35
CA LEU E 137 38.99 4.52 -27.38
C LEU E 137 38.20 3.25 -27.29
N ILE E 138 37.75 3.00 -26.07
CA ILE E 138 36.90 1.87 -25.89
C ILE E 138 35.55 2.52 -25.79
N LEU E 139 34.61 1.94 -26.50
CA LEU E 139 33.27 2.46 -26.44
C LEU E 139 32.52 1.16 -26.29
N GLU E 140 32.11 0.87 -25.08
CA GLU E 140 31.39 -0.36 -24.84
C GLU E 140 29.93 -0.39 -25.23
N GLY E 141 29.61 -1.40 -26.02
CA GLY E 141 28.27 -1.61 -26.57
C GLY E 141 27.17 -1.44 -25.57
N ARG E 142 27.04 -2.43 -24.69
CA ARG E 142 26.01 -2.44 -23.67
C ARG E 142 25.92 -1.09 -23.00
N LYS E 143 26.98 -0.68 -22.31
CA LYS E 143 26.86 0.61 -21.65
C LYS E 143 26.38 1.75 -22.55
N TYR E 144 27.01 1.89 -23.72
CA TYR E 144 26.58 2.95 -24.62
C TYR E 144 25.11 2.83 -24.95
N LEU E 145 24.69 1.60 -25.17
CA LEU E 145 23.30 1.39 -25.50
C LEU E 145 22.40 1.90 -24.41
N GLN E 146 22.73 1.52 -23.19
CA GLN E 146 21.91 2.00 -22.09
C GLN E 146 22.00 3.52 -22.00
N TRP E 147 23.19 4.05 -22.21
CA TRP E 147 23.27 5.50 -22.12
C TRP E 147 22.33 6.12 -23.14
N LEU E 148 22.57 5.72 -24.38
CA LEU E 148 21.76 6.19 -25.49
C LEU E 148 20.31 6.02 -25.10
N THR E 149 20.01 4.85 -24.57
CA THR E 149 18.63 4.72 -24.23
C THR E 149 18.03 5.75 -23.26
N GLU E 150 18.73 5.93 -22.13
CA GLU E 150 18.24 6.87 -21.12
C GLU E 150 18.13 8.21 -21.82
N ARG E 151 19.16 8.55 -22.57
CA ARG E 151 19.04 9.83 -23.25
C ARG E 151 17.76 9.92 -24.06
N LEU E 152 17.52 8.99 -24.97
CA LEU E 152 16.33 9.04 -25.81
C LEU E 152 15.11 9.08 -24.94
N THR E 153 15.17 8.25 -23.93
CA THR E 153 14.00 8.20 -23.12
C THR E 153 13.62 9.53 -22.54
N GLU E 154 14.61 10.20 -21.95
CA GLU E 154 14.32 11.48 -21.35
C GLU E 154 13.92 12.50 -22.40
N ARG E 155 14.34 12.28 -23.64
CA ARG E 155 14.03 13.16 -24.74
C ARG E 155 12.61 12.83 -25.16
N GLY E 156 12.06 11.79 -24.58
CA GLY E 156 10.69 11.43 -24.92
C GLY E 156 10.48 10.42 -26.03
N VAL E 157 11.51 9.73 -26.45
CA VAL E 157 11.21 8.75 -27.45
C VAL E 157 10.63 7.57 -26.67
N LYS E 158 9.80 6.83 -27.41
CA LYS E 158 9.16 5.66 -26.85
C LYS E 158 9.56 4.40 -27.60
N PHE E 159 9.71 3.38 -26.78
CA PHE E 159 10.14 2.05 -27.17
C PHE E 159 9.15 0.93 -27.20
N PHE E 160 9.33 -0.02 -28.12
CA PHE E 160 8.46 -1.18 -28.22
C PHE E 160 9.20 -2.44 -28.69
N LEU E 161 9.14 -3.46 -27.86
CA LEU E 161 9.85 -4.70 -28.15
C LEU E 161 8.88 -5.38 -29.07
N ARG E 162 9.10 -5.16 -30.35
CA ARG E 162 8.21 -5.67 -31.33
C ARG E 162 9.01 -6.10 -32.55
N LYS E 163 8.60 -7.21 -33.16
CA LYS E 163 9.15 -7.73 -34.39
C LYS E 163 8.49 -7.15 -35.64
N VAL E 164 9.08 -6.17 -36.32
CA VAL E 164 8.34 -5.70 -37.48
C VAL E 164 8.33 -6.80 -38.49
N GLU E 165 7.26 -6.90 -39.27
CA GLU E 165 7.16 -7.98 -40.25
C GLU E 165 7.25 -7.43 -41.66
N SER E 166 6.96 -6.16 -41.83
CA SER E 166 7.05 -5.68 -43.18
C SER E 166 7.13 -4.22 -43.09
N PHE E 167 7.67 -3.67 -44.15
CA PHE E 167 7.74 -2.25 -44.09
C PHE E 167 6.29 -1.94 -44.15
N GLU E 168 5.61 -2.73 -44.97
CA GLU E 168 4.21 -2.45 -45.26
C GLU E 168 3.44 -2.22 -44.02
N GLU E 169 3.54 -3.21 -43.14
CA GLU E 169 2.88 -3.06 -41.86
C GLU E 169 3.19 -1.74 -41.17
N VAL E 170 4.46 -1.43 -41.02
CA VAL E 170 4.81 -0.22 -40.29
C VAL E 170 4.22 1.03 -40.87
N ALA E 171 4.10 0.97 -42.18
CA ALA E 171 3.71 2.13 -42.89
C ALA E 171 2.29 2.33 -42.69
N ARG E 172 1.61 1.17 -42.71
CA ARG E 172 0.18 1.01 -42.54
C ARG E 172 -0.23 1.50 -41.17
N GLY E 173 0.71 1.51 -40.23
CA GLY E 173 0.49 2.00 -38.87
C GLY E 173 0.16 3.50 -38.94
N GLY E 174 1.00 4.23 -39.65
CA GLY E 174 0.78 5.65 -39.86
C GLY E 174 2.13 6.28 -40.04
N ALA E 175 3.18 5.43 -39.97
CA ALA E 175 4.59 5.81 -40.10
C ALA E 175 4.87 6.60 -41.39
N ASP E 176 5.25 7.86 -41.16
CA ASP E 176 5.50 8.88 -42.16
C ASP E 176 6.84 8.62 -42.73
N VAL E 177 7.75 8.22 -41.83
CA VAL E 177 9.12 7.96 -42.18
C VAL E 177 9.65 6.86 -41.26
N ILE E 178 10.16 5.84 -41.95
CA ILE E 178 10.67 4.70 -41.24
C ILE E 178 12.13 4.70 -41.42
N ILE E 179 12.87 4.48 -40.33
CA ILE E 179 14.33 4.41 -40.39
C ILE E 179 14.80 3.02 -40.12
N ASN E 180 15.34 2.50 -41.22
CA ASN E 180 15.74 1.14 -41.12
C ASN E 180 17.13 0.88 -40.61
N CYS E 181 17.27 0.28 -39.42
CA CYS E 181 18.56 -0.02 -38.80
C CYS E 181 18.49 -1.39 -38.18
N THR E 182 18.10 -2.32 -39.03
CA THR E 182 17.91 -3.71 -38.67
C THR E 182 19.09 -4.65 -38.79
N GLY E 183 20.26 -4.05 -38.93
CA GLY E 183 21.46 -4.88 -38.98
C GLY E 183 21.50 -6.08 -39.90
N VAL E 184 22.13 -7.20 -39.54
CA VAL E 184 22.10 -8.34 -40.48
C VAL E 184 20.71 -8.81 -40.91
N TRP E 185 19.81 -8.68 -39.98
CA TRP E 185 18.48 -9.13 -40.30
C TRP E 185 17.64 -8.27 -41.22
N ALA E 186 18.32 -7.29 -41.77
CA ALA E 186 17.69 -6.33 -42.67
C ALA E 186 17.12 -7.00 -43.91
N GLY E 187 17.81 -8.06 -44.27
CA GLY E 187 17.44 -8.75 -45.49
C GLY E 187 15.99 -9.20 -45.50
N VAL E 188 15.57 -9.51 -44.30
CA VAL E 188 14.23 -9.98 -44.19
C VAL E 188 13.22 -8.96 -44.63
N LEU E 189 13.31 -7.73 -44.16
CA LEU E 189 12.38 -6.72 -44.59
C LEU E 189 12.45 -6.38 -46.07
N GLN E 190 13.56 -6.70 -46.71
CA GLN E 190 13.79 -6.44 -48.13
C GLN E 190 15.17 -6.97 -48.42
N PRO E 191 15.16 -7.96 -49.30
CA PRO E 191 16.34 -8.71 -49.67
C PRO E 191 17.51 -7.89 -50.09
N ASP E 192 18.66 -8.45 -49.73
CA ASP E 192 19.93 -7.82 -50.02
C ASP E 192 21.02 -8.81 -49.86
N PRO E 193 21.32 -9.48 -50.95
CA PRO E 193 22.33 -10.52 -51.01
C PRO E 193 23.70 -9.98 -50.71
N LEU E 194 23.81 -8.67 -50.60
CA LEU E 194 25.11 -8.09 -50.30
C LEU E 194 25.51 -8.26 -48.86
N LEU E 195 24.45 -8.23 -48.09
CA LEU E 195 24.45 -8.38 -46.67
C LEU E 195 24.62 -9.81 -46.22
N GLN E 196 25.55 -10.03 -45.29
CA GLN E 196 25.76 -11.35 -44.75
C GLN E 196 26.31 -11.29 -43.35
N PRO E 197 26.06 -12.36 -42.61
CA PRO E 197 26.53 -12.48 -41.24
C PRO E 197 28.04 -12.71 -41.20
N GLY E 198 28.73 -11.92 -40.38
CA GLY E 198 30.16 -12.08 -40.16
C GLY E 198 30.21 -12.62 -38.73
N ARG E 199 30.00 -13.92 -38.58
CA ARG E 199 29.97 -14.47 -37.24
C ARG E 199 31.24 -14.31 -36.45
N GLY E 200 31.06 -14.01 -35.17
CA GLY E 200 32.23 -13.89 -34.34
C GLY E 200 31.86 -14.35 -32.92
N GLN E 201 32.66 -15.25 -32.37
CA GLN E 201 32.44 -15.68 -31.00
C GLN E 201 33.53 -15.01 -30.15
N ILE E 202 33.31 -14.83 -28.86
CA ILE E 202 34.34 -14.23 -28.01
C ILE E 202 34.21 -14.79 -26.61
N ILE E 203 35.21 -14.43 -25.81
CA ILE E 203 35.20 -14.91 -24.46
C ILE E 203 35.57 -13.72 -23.59
N LYS E 204 34.74 -13.47 -22.58
CA LYS E 204 35.00 -12.41 -21.64
C LYS E 204 35.74 -13.11 -20.52
N VAL E 205 36.72 -12.41 -20.00
CA VAL E 205 37.49 -13.06 -18.99
C VAL E 205 37.92 -11.98 -18.03
N ASP E 206 38.17 -12.37 -16.80
CA ASP E 206 38.58 -11.37 -15.83
C ASP E 206 40.09 -11.38 -15.71
N ALA E 207 40.75 -10.28 -16.12
CA ALA E 207 42.20 -10.18 -16.07
C ALA E 207 42.60 -8.71 -16.17
N PRO E 208 42.39 -8.06 -15.04
CA PRO E 208 42.64 -6.66 -14.84
C PRO E 208 44.06 -6.24 -15.07
N TRP E 209 45.00 -7.16 -15.12
CA TRP E 209 46.27 -6.54 -15.36
C TRP E 209 46.52 -6.25 -16.84
N LEU E 210 45.62 -6.68 -17.72
CA LEU E 210 45.92 -6.33 -19.11
C LEU E 210 45.31 -4.94 -19.35
N LYS E 211 46.18 -3.98 -19.65
CA LYS E 211 45.74 -2.61 -19.83
C LYS E 211 45.76 -2.12 -21.27
N ASN E 212 46.26 -2.94 -22.18
CA ASN E 212 46.36 -2.49 -23.57
C ASN E 212 45.76 -3.54 -24.49
N PHE E 213 45.22 -3.03 -25.59
CA PHE E 213 44.69 -3.97 -26.54
C PHE E 213 45.82 -4.49 -27.42
N ILE E 214 45.56 -5.66 -27.97
CA ILE E 214 46.52 -6.32 -28.83
C ILE E 214 45.70 -7.09 -29.86
N ILE E 215 45.94 -6.70 -31.10
CA ILE E 215 45.23 -7.29 -32.22
C ILE E 215 46.22 -7.82 -33.23
N THR E 216 46.15 -9.12 -33.43
CA THR E 216 47.05 -9.71 -34.40
C THR E 216 46.31 -9.80 -35.71
N HIS E 217 47.12 -10.02 -36.73
CA HIS E 217 46.56 -10.11 -38.06
C HIS E 217 47.22 -11.15 -38.93
N ASP E 218 46.42 -12.07 -39.51
CA ASP E 218 46.85 -13.11 -40.45
C ASP E 218 46.26 -12.75 -41.81
N LEU E 219 47.12 -12.24 -42.65
CA LEU E 219 46.74 -11.74 -43.97
C LEU E 219 46.00 -12.80 -44.80
N GLU E 220 46.32 -14.06 -44.57
CA GLU E 220 45.67 -15.16 -45.29
C GLU E 220 44.30 -15.49 -44.70
N ARG E 221 44.34 -15.80 -43.42
CA ARG E 221 43.20 -16.23 -42.61
C ARG E 221 42.00 -15.26 -42.66
N GLY E 222 42.26 -14.05 -43.12
CA GLY E 222 41.21 -13.00 -43.20
C GLY E 222 41.20 -12.18 -41.91
N ILE E 223 40.48 -11.08 -41.94
CA ILE E 223 40.43 -10.16 -40.78
C ILE E 223 39.56 -10.71 -39.64
N TYR E 224 40.14 -10.54 -38.46
CA TYR E 224 39.55 -10.93 -37.17
C TYR E 224 39.35 -12.44 -37.08
N ASN E 225 40.33 -13.13 -37.62
CA ASN E 225 40.37 -14.58 -37.57
C ASN E 225 41.59 -14.97 -36.78
N SER E 226 42.27 -13.92 -36.38
CA SER E 226 43.48 -14.01 -35.60
C SER E 226 43.12 -13.64 -34.18
N PRO E 227 43.92 -14.03 -33.21
CA PRO E 227 43.61 -13.74 -31.82
C PRO E 227 43.66 -12.28 -31.59
N TYR E 228 42.80 -11.82 -30.73
CA TYR E 228 42.85 -10.43 -30.29
C TYR E 228 42.38 -10.33 -28.86
N ILE E 229 42.87 -9.29 -28.22
CA ILE E 229 42.58 -9.12 -26.82
C ILE E 229 42.22 -7.69 -26.60
N ILE E 230 41.05 -7.49 -26.04
CA ILE E 230 40.68 -6.12 -25.79
C ILE E 230 40.09 -5.87 -24.44
N PRO E 231 40.81 -5.05 -23.69
CA PRO E 231 40.47 -4.64 -22.35
C PRO E 231 39.20 -3.85 -22.50
N GLY E 232 38.37 -3.83 -21.47
CA GLY E 232 37.11 -3.13 -21.59
C GLY E 232 36.93 -2.42 -20.27
N LEU E 233 35.73 -1.92 -20.02
CA LEU E 233 35.47 -1.21 -18.79
C LEU E 233 35.70 -2.07 -17.59
N GLN E 234 35.41 -3.37 -17.64
CA GLN E 234 35.74 -4.21 -16.52
C GLN E 234 36.40 -5.49 -17.02
N ALA E 235 35.70 -6.29 -17.84
CA ALA E 235 36.38 -7.47 -18.37
C ALA E 235 37.21 -7.29 -19.61
N VAL E 236 37.88 -8.37 -19.95
CA VAL E 236 38.66 -8.36 -21.15
C VAL E 236 38.00 -9.28 -22.12
N THR E 237 38.01 -8.87 -23.37
CA THR E 237 37.44 -9.67 -24.40
C THR E 237 38.52 -10.32 -25.20
N LEU E 238 38.43 -11.65 -25.20
CA LEU E 238 39.30 -12.53 -25.95
C LEU E 238 38.59 -12.79 -27.24
N GLY E 239 39.32 -12.64 -28.32
CA GLY E 239 38.61 -12.86 -29.55
C GLY E 239 39.47 -13.45 -30.64
N GLY E 240 38.76 -13.77 -31.71
CA GLY E 240 39.44 -14.36 -32.82
C GLY E 240 38.70 -14.95 -33.99
N THR E 241 37.40 -14.71 -34.18
CA THR E 241 36.75 -15.28 -35.38
C THR E 241 35.84 -14.34 -36.17
N PHE E 242 35.73 -14.60 -37.46
CA PHE E 242 34.88 -13.74 -38.27
C PHE E 242 34.49 -14.62 -39.43
N GLN E 243 33.42 -15.39 -39.32
CA GLN E 243 32.97 -16.35 -40.34
C GLN E 243 31.79 -15.89 -41.18
N VAL E 244 32.08 -15.61 -42.44
CA VAL E 244 31.01 -15.13 -43.31
C VAL E 244 29.96 -16.08 -43.75
N GLY E 245 28.72 -15.66 -43.69
CA GLY E 245 27.65 -16.57 -44.05
C GLY E 245 27.35 -17.59 -42.96
N ASN E 246 28.04 -17.54 -41.83
CA ASN E 246 27.67 -18.48 -40.79
C ASN E 246 26.59 -17.90 -39.89
N TRP E 247 25.50 -18.64 -39.74
CA TRP E 247 24.47 -18.11 -38.89
C TRP E 247 24.26 -18.82 -37.59
N ASN E 248 25.08 -19.80 -37.21
CA ASN E 248 24.85 -20.49 -35.94
C ASN E 248 24.98 -19.43 -34.86
N GLU E 249 23.97 -19.31 -34.02
CA GLU E 249 24.13 -18.33 -32.96
C GLU E 249 24.59 -18.89 -31.66
N ILE E 250 24.96 -20.17 -31.64
CA ILE E 250 25.47 -20.70 -30.40
C ILE E 250 26.97 -20.64 -30.34
N ASN E 251 27.50 -20.55 -29.14
CA ASN E 251 28.95 -20.53 -28.99
C ASN E 251 29.41 -21.94 -29.31
N ASN E 252 30.46 -22.09 -30.09
CA ASN E 252 30.91 -23.44 -30.36
C ASN E 252 32.20 -23.77 -29.65
N ILE E 253 32.26 -24.98 -29.13
CA ILE E 253 33.45 -25.32 -28.39
C ILE E 253 34.74 -25.16 -29.19
N GLN E 254 34.80 -25.56 -30.48
CA GLN E 254 36.07 -25.45 -31.22
C GLN E 254 36.47 -24.00 -31.26
N ASP E 255 35.61 -23.11 -31.57
CA ASP E 255 36.00 -21.71 -31.61
C ASP E 255 36.52 -21.28 -30.25
N HIS E 256 35.76 -21.61 -29.25
CA HIS E 256 36.16 -21.30 -27.89
C HIS E 256 37.60 -21.72 -27.69
N ASN E 257 37.94 -22.92 -28.13
CA ASN E 257 39.33 -23.27 -27.90
C ASN E 257 40.25 -22.52 -28.82
N THR E 258 39.89 -22.42 -30.07
CA THR E 258 40.87 -21.71 -30.88
C THR E 258 41.11 -20.29 -30.37
N ILE E 259 40.12 -19.69 -29.72
CA ILE E 259 40.32 -18.36 -29.20
C ILE E 259 41.15 -18.44 -27.92
N TRP E 260 40.64 -19.33 -27.07
CA TRP E 260 41.37 -19.47 -25.86
C TRP E 260 42.83 -19.82 -26.05
N GLU E 261 43.12 -20.74 -26.95
CA GLU E 261 44.52 -21.07 -27.06
C GLU E 261 45.32 -20.01 -27.76
N GLY E 262 44.68 -19.40 -28.73
CA GLY E 262 45.44 -18.40 -29.42
C GLY E 262 45.82 -17.21 -28.56
N CYS E 263 44.88 -16.74 -27.77
CA CYS E 263 45.18 -15.57 -26.97
C CYS E 263 46.16 -15.98 -25.88
N CYS E 264 45.91 -17.16 -25.37
CA CYS E 264 46.71 -17.62 -24.28
C CYS E 264 48.12 -17.67 -24.78
N ARG E 265 48.35 -17.92 -26.06
CA ARG E 265 49.74 -17.93 -26.45
C ARG E 265 50.14 -16.47 -26.62
N LEU E 266 49.27 -15.74 -27.25
CA LEU E 266 49.63 -14.38 -27.48
C LEU E 266 49.97 -13.76 -26.18
N GLU E 267 49.19 -14.06 -25.15
CA GLU E 267 49.36 -13.44 -23.84
C GLU E 267 49.25 -14.46 -22.74
N PRO E 268 50.36 -15.09 -22.48
CA PRO E 268 50.43 -16.16 -21.51
C PRO E 268 49.88 -15.94 -20.14
N THR E 269 49.67 -14.68 -19.74
CA THR E 269 49.17 -14.46 -18.39
C THR E 269 47.77 -14.90 -18.18
N LEU E 270 47.03 -14.94 -19.29
CA LEU E 270 45.66 -15.41 -19.24
C LEU E 270 45.71 -16.79 -18.62
N LYS E 271 46.86 -17.40 -18.44
CA LYS E 271 46.84 -18.73 -17.86
C LYS E 271 46.03 -18.66 -16.58
N ASP E 272 46.05 -17.49 -15.97
CA ASP E 272 45.33 -17.31 -14.72
C ASP E 272 44.06 -16.49 -14.85
N ALA E 273 43.73 -16.04 -16.05
CA ALA E 273 42.50 -15.26 -16.18
C ALA E 273 41.29 -16.17 -16.02
N LYS E 274 40.24 -15.67 -15.38
CA LYS E 274 39.05 -16.47 -15.14
C LYS E 274 37.98 -16.18 -16.18
N ILE E 275 37.50 -17.23 -16.82
CA ILE E 275 36.49 -16.92 -17.81
C ILE E 275 35.17 -16.54 -17.22
N VAL E 276 34.61 -15.45 -17.69
CA VAL E 276 33.31 -15.14 -17.11
C VAL E 276 32.15 -15.21 -18.09
N GLY E 277 32.44 -15.40 -19.37
CA GLY E 277 31.35 -15.50 -20.34
C GLY E 277 31.82 -15.74 -21.76
N GLU E 278 30.91 -16.23 -22.60
CA GLU E 278 31.24 -16.46 -24.00
C GLU E 278 30.08 -16.01 -24.80
N TYR E 279 30.36 -15.37 -25.93
CA TYR E 279 29.23 -14.90 -26.68
C TYR E 279 29.58 -14.98 -28.12
N THR E 280 28.49 -14.98 -28.88
CA THR E 280 28.63 -15.01 -30.31
C THR E 280 27.69 -14.01 -30.99
N GLY E 281 28.11 -13.37 -32.07
CA GLY E 281 27.28 -12.36 -32.76
C GLY E 281 27.52 -12.33 -34.28
N PHE E 282 26.61 -11.66 -34.98
CA PHE E 282 26.72 -11.58 -36.42
C PHE E 282 27.16 -10.21 -36.95
N ARG E 283 28.33 -10.07 -37.53
CA ARG E 283 28.63 -8.73 -38.02
C ARG E 283 27.82 -8.56 -39.30
N PRO E 284 27.13 -7.44 -39.39
CA PRO E 284 26.32 -7.18 -40.58
C PRO E 284 27.25 -6.81 -41.71
N VAL E 285 27.85 -7.87 -42.24
CA VAL E 285 28.78 -7.74 -43.33
C VAL E 285 28.14 -7.30 -44.64
N ARG E 286 28.79 -6.36 -45.32
CA ARG E 286 28.37 -5.82 -46.61
C ARG E 286 29.48 -4.99 -47.22
N PRO E 287 29.67 -5.20 -48.51
CA PRO E 287 30.69 -4.55 -49.34
C PRO E 287 30.78 -3.08 -49.02
N GLN E 288 29.67 -2.46 -48.69
CA GLN E 288 29.74 -1.08 -48.28
C GLN E 288 28.42 -0.86 -47.62
N VAL E 289 28.42 0.16 -46.77
CA VAL E 289 27.27 0.40 -45.93
C VAL E 289 26.05 0.83 -46.73
N ARG E 290 24.87 0.36 -46.36
CA ARG E 290 23.75 0.88 -47.11
C ARG E 290 23.17 1.97 -46.24
N LEU E 291 23.25 3.17 -46.80
CA LEU E 291 22.74 4.31 -46.07
C LEU E 291 22.26 5.25 -47.16
N GLU E 292 20.97 5.11 -47.45
CA GLU E 292 20.35 5.89 -48.50
C GLU E 292 18.85 5.86 -48.29
N ARG E 293 18.27 6.85 -48.95
CA ARG E 293 16.86 7.08 -48.92
C ARG E 293 16.10 6.18 -49.91
N GLU E 294 14.84 5.88 -49.62
CA GLU E 294 14.04 5.04 -50.53
C GLU E 294 12.58 5.31 -50.25
N GLN E 295 11.87 5.71 -51.30
CA GLN E 295 10.45 5.99 -51.17
C GLN E 295 9.72 4.68 -51.40
N LEU E 296 8.54 4.51 -50.78
CA LEU E 296 7.75 3.30 -50.93
C LEU E 296 6.29 3.65 -51.01
N ARG E 297 5.67 3.24 -52.13
CA ARG E 297 4.27 3.49 -52.43
C ARG E 297 3.45 2.32 -51.93
N PHE E 298 2.42 2.65 -51.16
CA PHE E 298 1.49 1.67 -50.59
C PHE E 298 0.11 2.32 -50.69
N GLY E 299 -0.67 1.83 -51.66
CA GLY E 299 -1.98 2.39 -51.90
C GLY E 299 -1.76 3.76 -52.53
N SER E 300 -2.51 4.75 -52.04
CA SER E 300 -2.38 6.11 -52.54
C SER E 300 -1.38 6.93 -51.71
N SER E 301 -0.64 6.26 -50.84
CA SER E 301 0.29 6.99 -50.01
C SER E 301 1.74 6.52 -50.05
N ASN E 302 2.59 7.52 -50.24
CA ASN E 302 4.03 7.28 -50.27
C ASN E 302 4.60 7.22 -48.85
N THR E 303 5.68 6.49 -48.70
CA THR E 303 6.32 6.38 -47.41
C THR E 303 7.82 6.35 -47.58
N GLU E 304 8.44 7.20 -46.78
CA GLU E 304 9.87 7.37 -46.81
C GLU E 304 10.71 6.50 -45.91
N VAL E 305 11.65 5.84 -46.56
CA VAL E 305 12.55 5.00 -45.83
C VAL E 305 13.98 5.50 -45.91
N ILE E 306 14.73 5.28 -44.83
CA ILE E 306 16.12 5.64 -44.89
C ILE E 306 16.83 4.48 -44.27
N HIS E 307 17.66 3.88 -45.09
CA HIS E 307 18.39 2.73 -44.69
C HIS E 307 19.69 3.11 -44.01
N ASN E 308 20.12 2.27 -43.08
CA ASN E 308 21.37 2.52 -42.40
C ASN E 308 21.78 1.16 -41.88
N TYR E 309 22.49 0.43 -42.73
CA TYR E 309 22.88 -0.87 -42.25
C TYR E 309 24.03 -1.48 -43.00
N GLY E 310 24.67 -2.49 -42.42
CA GLY E 310 25.79 -3.21 -43.03
C GLY E 310 27.15 -2.65 -42.62
N HIS E 311 27.23 -2.27 -41.35
CA HIS E 311 28.47 -1.71 -40.80
C HIS E 311 29.49 -2.74 -40.38
N GLY E 312 29.28 -3.95 -40.88
CA GLY E 312 30.21 -5.02 -40.61
C GLY E 312 30.84 -5.03 -39.22
N GLY E 313 32.16 -4.95 -39.17
CA GLY E 313 32.87 -4.99 -37.90
C GLY E 313 33.31 -3.64 -37.40
N TYR E 314 32.63 -2.57 -37.82
CA TYR E 314 33.00 -1.24 -37.37
C TYR E 314 31.81 -0.38 -37.05
N GLY E 315 30.72 -1.08 -36.79
CA GLY E 315 29.50 -0.37 -36.45
C GLY E 315 29.72 0.68 -35.34
N LEU E 316 30.50 0.34 -34.33
CA LEU E 316 30.71 1.31 -33.27
C LEU E 316 31.62 2.41 -33.76
N THR E 317 32.69 1.96 -34.40
CA THR E 317 33.71 2.83 -34.91
C THR E 317 33.20 3.94 -35.77
N ILE E 318 32.07 3.70 -36.41
CA ILE E 318 31.59 4.71 -37.33
C ILE E 318 30.13 5.09 -37.13
N HIS E 319 29.53 4.64 -36.05
CA HIS E 319 28.12 4.86 -35.86
C HIS E 319 27.63 6.27 -36.04
N TRP E 320 28.31 7.16 -35.33
CA TRP E 320 27.93 8.55 -35.31
C TRP E 320 27.91 9.26 -36.64
N GLY E 321 28.90 8.88 -37.47
CA GLY E 321 29.06 9.50 -38.78
C GLY E 321 27.80 9.34 -39.61
N CYS E 322 27.43 8.07 -39.68
CA CYS E 322 26.22 7.74 -40.39
C CYS E 322 25.02 8.42 -39.76
N ALA E 323 24.93 8.33 -38.43
CA ALA E 323 23.78 8.89 -37.74
C ALA E 323 23.56 10.30 -38.20
N LEU E 324 24.67 10.99 -38.43
CA LEU E 324 24.55 12.35 -38.91
C LEU E 324 23.97 12.41 -40.32
N GLU E 325 24.60 11.67 -41.21
CA GLU E 325 24.10 11.63 -42.58
C GLU E 325 22.59 11.38 -42.65
N VAL E 326 22.15 10.40 -41.90
CA VAL E 326 20.72 10.16 -41.93
C VAL E 326 19.92 11.38 -41.55
N ALA E 327 20.37 12.00 -40.48
CA ALA E 327 19.64 13.16 -40.06
C ALA E 327 19.52 14.17 -41.23
N LYS E 328 20.66 14.28 -41.90
CA LYS E 328 20.77 15.11 -43.08
C LYS E 328 19.69 14.71 -44.10
N LEU E 329 19.67 13.44 -44.50
CA LEU E 329 18.65 13.10 -45.47
C LEU E 329 17.29 13.31 -44.87
N PHE E 330 17.23 12.97 -43.60
CA PHE E 330 15.93 13.09 -43.01
C PHE E 330 15.46 14.51 -43.18
N GLY E 331 16.44 15.39 -43.09
CA GLY E 331 16.08 16.77 -43.25
C GLY E 331 15.51 17.06 -44.62
N LYS E 332 16.24 16.61 -45.64
CA LYS E 332 15.82 16.81 -47.03
C LYS E 332 14.38 16.32 -47.10
N VAL E 333 14.14 15.13 -46.57
CA VAL E 333 12.78 14.69 -46.56
C VAL E 333 11.86 15.74 -45.97
N LEU E 334 12.21 16.35 -44.86
CA LEU E 334 11.34 17.38 -44.35
C LEU E 334 11.21 18.54 -45.31
N GLU E 335 12.29 18.93 -45.97
CA GLU E 335 12.19 20.06 -46.87
C GLU E 335 11.13 19.77 -47.91
N GLU E 336 11.26 18.60 -48.53
CA GLU E 336 10.30 18.18 -49.54
C GLU E 336 8.87 18.22 -49.01
N ARG E 337 8.66 17.85 -47.75
CA ARG E 337 7.32 17.91 -47.21
C ARG E 337 7.03 19.37 -46.87
N ASN E 338 8.00 20.23 -47.14
CA ASN E 338 7.83 21.65 -46.85
C ASN E 338 7.73 21.86 -45.35
N LEU E 339 8.48 21.06 -44.60
CA LEU E 339 8.52 21.11 -43.14
C LEU E 339 7.20 20.59 -42.55
N MET F 1 16.48 29.40 14.70
CA MET F 1 17.33 29.01 15.82
C MET F 1 18.65 28.36 15.43
N ARG F 2 19.72 28.82 16.06
CA ARG F 2 20.96 28.24 15.65
C ARG F 2 21.40 27.04 16.42
N VAL F 3 21.41 25.94 15.68
CA VAL F 3 21.81 24.69 16.24
C VAL F 3 23.14 24.30 15.65
N VAL F 4 24.00 23.73 16.48
CA VAL F 4 25.29 23.27 15.99
C VAL F 4 25.57 21.90 16.51
N VAL F 5 25.79 21.02 15.55
CA VAL F 5 26.05 19.66 15.91
C VAL F 5 27.53 19.48 15.76
N ILE F 6 28.14 19.00 16.83
CA ILE F 6 29.56 18.78 16.74
C ILE F 6 29.73 17.29 16.63
N GLY F 7 30.53 16.97 15.61
CA GLY F 7 30.88 15.62 15.22
C GLY F 7 30.00 15.17 14.05
N ALA F 8 30.61 14.38 13.17
CA ALA F 8 29.95 13.90 11.98
C ALA F 8 30.09 12.39 11.84
N GLY F 9 30.10 11.68 12.96
CA GLY F 9 30.16 10.23 12.95
C GLY F 9 28.71 9.82 12.73
N VAL F 10 28.44 8.53 12.93
CA VAL F 10 27.06 8.13 12.74
C VAL F 10 26.17 8.87 13.72
N ILE F 11 26.70 9.09 14.91
CA ILE F 11 25.91 9.81 15.88
C ILE F 11 25.56 11.24 15.50
N GLY F 12 26.57 12.04 15.18
CA GLY F 12 26.20 13.40 14.84
C GLY F 12 25.15 13.47 13.73
N LEU F 13 25.44 12.77 12.66
CA LEU F 13 24.55 12.85 11.54
C LEU F 13 23.13 12.43 11.76
N SER F 14 22.97 11.22 12.28
CA SER F 14 21.64 10.73 12.50
C SER F 14 20.91 11.76 13.32
N THR F 15 21.62 12.19 14.35
CA THR F 15 21.01 13.11 15.26
C THR F 15 20.56 14.36 14.55
N ALA F 16 21.51 14.93 13.84
CA ALA F 16 21.16 16.14 13.14
C ALA F 16 19.97 15.90 12.25
N LEU F 17 20.06 14.83 11.50
CA LEU F 17 18.95 14.58 10.61
C LEU F 17 17.61 14.53 11.31
N CYS F 18 17.66 13.68 12.29
CA CYS F 18 16.53 13.42 13.08
C CYS F 18 15.95 14.71 13.61
N ILE F 19 16.79 15.61 14.10
CA ILE F 19 16.25 16.83 14.68
C ILE F 19 15.57 17.59 13.57
N HIS F 20 16.32 17.82 12.51
CA HIS F 20 15.81 18.58 11.38
C HIS F 20 14.57 17.95 10.81
N GLU F 21 14.65 16.64 10.65
CA GLU F 21 13.55 15.93 10.08
C GLU F 21 12.27 16.19 10.85
N ARG F 22 12.39 16.32 12.16
CA ARG F 22 11.27 16.50 13.07
C ARG F 22 10.83 17.91 13.40
N TYR F 23 11.73 18.85 13.19
CA TYR F 23 11.36 20.19 13.58
C TYR F 23 11.56 21.18 12.52
N HIS F 24 12.08 20.75 11.38
CA HIS F 24 12.31 21.78 10.43
C HIS F 24 11.14 22.70 10.23
N SER F 25 10.02 22.13 9.85
CA SER F 25 8.89 23.02 9.66
C SER F 25 7.87 22.98 10.79
N VAL F 26 8.37 22.82 12.02
CA VAL F 26 7.50 22.83 13.19
C VAL F 26 7.83 24.23 13.73
N LEU F 27 9.11 24.61 13.52
CA LEU F 27 9.74 25.89 13.82
C LEU F 27 10.11 26.43 12.44
N GLN F 28 9.97 27.72 12.19
CA GLN F 28 10.31 28.19 10.85
C GLN F 28 11.78 28.22 10.40
N PRO F 29 12.50 29.22 10.85
CA PRO F 29 13.90 29.36 10.45
C PRO F 29 14.75 28.11 10.56
N LEU F 30 14.91 27.64 11.78
CA LEU F 30 15.71 26.48 12.07
C LEU F 30 17.03 26.30 11.32
N ASP F 31 18.10 26.82 11.90
CA ASP F 31 19.41 26.73 11.28
C ASP F 31 20.36 25.68 11.87
N VAL F 32 20.61 24.67 11.04
CA VAL F 32 21.52 23.64 11.46
C VAL F 32 22.86 23.58 10.74
N LYS F 33 23.92 23.36 11.51
CA LYS F 33 25.25 23.31 10.90
C LYS F 33 25.92 22.21 11.67
N VAL F 34 26.89 21.64 10.98
CA VAL F 34 27.62 20.57 11.60
C VAL F 34 29.08 20.90 11.46
N TYR F 35 29.73 20.92 12.60
CA TYR F 35 31.14 21.16 12.65
C TYR F 35 31.76 19.83 12.99
N ALA F 36 32.89 19.53 12.38
CA ALA F 36 33.66 18.33 12.71
C ALA F 36 35.04 18.39 12.12
N ASP F 37 35.99 17.95 12.92
CA ASP F 37 37.38 17.96 12.55
C ASP F 37 37.57 16.73 11.67
N ARG F 38 36.67 15.75 11.73
CA ARG F 38 36.86 14.58 10.86
C ARG F 38 35.51 14.22 10.31
N PHE F 39 35.55 13.84 9.03
CA PHE F 39 34.40 13.45 8.25
C PHE F 39 34.80 12.13 7.57
N THR F 40 33.80 11.37 7.14
CA THR F 40 34.16 10.10 6.53
C THR F 40 35.06 10.34 5.36
N PRO F 41 35.94 9.42 5.07
CA PRO F 41 36.14 8.18 5.75
C PRO F 41 36.92 8.27 7.05
N PHE F 42 36.98 9.46 7.65
CA PHE F 42 37.77 9.45 8.87
C PHE F 42 37.21 9.20 10.25
N THR F 43 35.89 9.08 10.41
CA THR F 43 35.32 8.84 11.72
C THR F 43 35.53 7.45 12.27
N THR F 44 35.23 7.35 13.55
CA THR F 44 35.39 6.05 14.17
C THR F 44 34.39 5.21 13.45
N THR F 45 33.22 5.82 13.29
CA THR F 45 32.14 5.16 12.60
C THR F 45 32.63 4.48 11.33
N ASP F 46 33.44 5.16 10.53
CA ASP F 46 33.97 4.53 9.32
C ASP F 46 34.64 3.18 9.51
N VAL F 47 35.16 2.89 10.69
CA VAL F 47 35.83 1.63 10.92
C VAL F 47 34.99 0.55 11.60
N ALA F 48 33.79 0.86 12.05
CA ALA F 48 32.99 -0.19 12.68
C ALA F 48 32.81 -1.42 11.79
N ALA F 49 32.72 -2.56 12.47
CA ALA F 49 32.50 -3.83 11.84
C ALA F 49 31.20 -3.78 11.00
N GLY F 50 30.28 -2.89 11.36
CA GLY F 50 29.08 -2.72 10.56
C GLY F 50 27.92 -3.66 10.82
N LEU F 51 27.91 -4.25 12.01
CA LEU F 51 26.85 -5.18 12.33
C LEU F 51 25.92 -4.71 13.42
N TRP F 52 24.63 -5.05 13.32
CA TRP F 52 23.73 -4.67 14.38
C TRP F 52 23.75 -5.80 15.38
N GLN F 53 24.27 -5.52 16.58
CA GLN F 53 24.34 -6.48 17.64
C GLN F 53 24.85 -5.83 18.92
N PRO F 54 23.93 -5.63 19.84
CA PRO F 54 24.28 -5.06 21.13
C PRO F 54 25.09 -6.08 21.90
N TYR F 55 25.77 -5.63 22.95
CA TYR F 55 26.57 -6.52 23.77
C TYR F 55 25.65 -7.61 24.34
N THR F 56 26.30 -8.57 24.90
CA THR F 56 25.59 -9.72 25.43
C THR F 56 24.99 -9.40 26.79
N SER F 57 25.76 -8.76 27.64
CA SER F 57 25.31 -8.42 28.99
C SER F 57 24.18 -7.39 28.93
N GLU F 58 23.37 -7.40 29.98
CA GLU F 58 22.21 -6.52 30.12
C GLU F 58 22.67 -5.05 30.22
N PRO F 59 21.84 -4.06 29.80
CA PRO F 59 22.17 -2.65 29.74
C PRO F 59 22.24 -2.10 31.12
N SER F 60 23.07 -1.05 31.29
CA SER F 60 23.11 -0.32 32.57
C SER F 60 21.88 0.52 32.57
N ASN F 61 21.77 1.36 31.57
CA ASN F 61 20.62 2.22 31.52
C ASN F 61 19.60 1.30 30.96
N PRO F 62 18.44 1.17 31.54
CA PRO F 62 17.58 0.22 30.90
C PRO F 62 17.12 0.80 29.55
N GLN F 63 17.12 2.12 29.42
CA GLN F 63 16.64 2.69 28.18
C GLN F 63 17.34 2.23 27.00
N GLU F 64 18.55 1.77 27.25
CA GLU F 64 19.33 1.39 26.12
C GLU F 64 18.64 0.35 25.29
N ALA F 65 18.07 -0.67 25.92
CA ALA F 65 17.46 -1.74 25.16
C ALA F 65 16.34 -1.25 24.29
N ASN F 66 15.81 -0.12 24.70
CA ASN F 66 14.82 0.39 23.78
C ASN F 66 15.46 1.03 22.59
N TRP F 67 16.44 1.88 22.84
CA TRP F 67 17.11 2.54 21.74
C TRP F 67 17.57 1.52 20.71
N ASN F 68 18.11 0.43 21.24
CA ASN F 68 18.50 -0.64 20.35
C ASN F 68 17.34 -1.18 19.57
N GLN F 69 16.30 -1.55 20.29
CA GLN F 69 15.13 -2.01 19.58
C GLN F 69 14.61 -1.04 18.56
N GLN F 70 14.41 0.20 19.00
CA GLN F 70 13.97 1.20 18.05
C GLN F 70 14.89 1.29 16.84
N THR F 71 16.21 1.27 17.06
CA THR F 71 17.16 1.35 15.94
C THR F 71 16.93 0.16 14.98
N PHE F 72 16.83 -1.02 15.58
CA PHE F 72 16.60 -2.14 14.71
C PHE F 72 15.35 -2.08 13.87
N ASN F 73 14.30 -1.53 14.44
CA ASN F 73 13.09 -1.56 13.66
C ASN F 73 13.16 -0.62 12.50
N TYR F 74 13.71 0.53 12.85
CA TYR F 74 13.85 1.57 11.88
C TYR F 74 14.66 0.97 10.76
N LEU F 75 15.72 0.29 11.17
CA LEU F 75 16.47 -0.22 10.07
C LEU F 75 15.69 -1.19 9.23
N LEU F 76 15.16 -2.21 9.91
CA LEU F 76 14.43 -3.27 9.27
C LEU F 76 13.40 -2.71 8.31
N SER F 77 12.73 -1.67 8.80
CA SER F 77 11.71 -1.04 7.99
C SER F 77 12.21 -0.71 6.58
N HIS F 78 13.49 -0.39 6.47
CA HIS F 78 14.02 -0.03 5.17
C HIS F 78 14.25 -1.20 4.26
N ILE F 79 14.53 -2.37 4.86
CA ILE F 79 14.77 -3.58 4.10
C ILE F 79 13.46 -3.88 3.41
N GLY F 80 13.51 -3.71 2.09
CA GLY F 80 12.36 -3.91 1.22
C GLY F 80 12.40 -2.83 0.12
N SER F 81 12.92 -1.67 0.48
CA SER F 81 13.09 -0.55 -0.41
C SER F 81 14.30 -0.82 -1.28
N PRO F 82 14.34 -0.16 -2.41
CA PRO F 82 15.42 -0.29 -3.39
C PRO F 82 16.71 0.28 -2.89
N ASN F 83 16.58 1.32 -2.09
CA ASN F 83 17.78 1.99 -1.58
C ASN F 83 18.55 1.46 -0.38
N ALA F 84 17.97 0.45 0.22
CA ALA F 84 18.56 -0.08 1.41
C ALA F 84 20.03 -0.32 1.31
N ALA F 85 20.50 -0.85 0.20
CA ALA F 85 21.93 -1.08 0.23
C ALA F 85 22.56 0.23 -0.07
N ASN F 86 21.79 1.13 -0.67
CA ASN F 86 22.42 2.40 -0.90
C ASN F 86 22.56 3.09 0.43
N MET F 87 21.76 2.73 1.42
CA MET F 87 21.96 3.35 2.71
C MET F 87 23.10 2.60 3.39
N GLY F 88 23.50 1.44 2.87
CA GLY F 88 24.59 0.66 3.46
C GLY F 88 24.02 -0.48 4.31
N LEU F 89 22.76 -0.78 4.08
CA LEU F 89 22.07 -1.87 4.75
C LEU F 89 21.81 -3.18 4.03
N THR F 90 21.91 -4.30 4.74
CA THR F 90 21.50 -5.63 4.27
C THR F 90 21.44 -6.67 5.32
N PRO F 91 20.57 -7.61 5.09
CA PRO F 91 20.36 -8.64 6.08
C PRO F 91 21.51 -9.57 5.98
N VAL F 92 21.90 -10.12 7.12
CA VAL F 92 22.96 -11.11 7.19
C VAL F 92 22.59 -12.01 8.36
N SER F 93 22.96 -13.27 8.22
CA SER F 93 22.68 -14.20 9.29
C SER F 93 23.99 -14.68 9.83
N GLY F 94 24.01 -15.23 11.04
CA GLY F 94 25.31 -15.69 11.48
C GLY F 94 25.30 -16.26 12.88
N TYR F 95 26.50 -16.63 13.25
CA TYR F 95 26.77 -17.26 14.52
C TYR F 95 27.48 -16.48 15.59
N ASN F 96 27.23 -16.92 16.83
CA ASN F 96 27.85 -16.40 18.03
C ASN F 96 28.24 -17.65 18.79
N LEU F 97 29.55 -17.82 18.83
CA LEU F 97 30.15 -18.97 19.46
C LEU F 97 30.64 -18.69 20.85
N PHE F 98 30.60 -19.75 21.65
CA PHE F 98 31.02 -19.73 23.02
C PHE F 98 31.62 -21.05 23.42
N ARG F 99 32.34 -20.94 24.53
CA ARG F 99 33.01 -22.11 25.01
C ARG F 99 32.28 -22.89 26.09
N GLU F 100 31.32 -22.22 26.72
CA GLU F 100 30.52 -22.75 27.80
C GLU F 100 29.12 -22.25 27.50
N ALA F 101 28.11 -22.87 28.08
CA ALA F 101 26.78 -22.39 27.80
C ALA F 101 26.65 -21.05 28.44
N VAL F 102 25.65 -20.34 27.95
CA VAL F 102 25.38 -18.98 28.34
C VAL F 102 23.94 -18.54 28.06
N PRO F 103 23.51 -17.69 28.96
CA PRO F 103 22.19 -17.10 28.90
C PRO F 103 21.95 -16.33 27.61
N ASP F 104 20.70 -16.47 27.17
CA ASP F 104 20.27 -15.80 25.96
C ASP F 104 20.41 -14.31 26.10
N PRO F 105 20.76 -13.61 25.04
CA PRO F 105 20.93 -12.16 25.14
C PRO F 105 19.59 -11.47 25.30
N TYR F 106 19.56 -10.30 25.93
CA TYR F 106 18.26 -9.66 26.01
C TYR F 106 17.68 -9.36 24.65
N TRP F 107 18.56 -9.13 23.70
CA TRP F 107 18.04 -8.82 22.39
C TRP F 107 17.57 -10.03 21.59
N LYS F 108 17.61 -11.19 22.25
CA LYS F 108 17.21 -12.41 21.56
C LYS F 108 15.97 -12.16 20.73
N ASP F 109 15.04 -11.38 21.24
CA ASP F 109 13.86 -11.19 20.41
C ASP F 109 13.85 -10.01 19.48
N MET F 110 14.90 -9.22 19.49
CA MET F 110 14.85 -8.08 18.60
C MET F 110 15.34 -8.58 17.28
N VAL F 111 16.25 -9.53 17.32
CA VAL F 111 16.74 -10.02 16.06
C VAL F 111 15.81 -11.04 15.48
N LEU F 112 15.98 -11.27 14.19
CA LEU F 112 15.19 -12.25 13.46
C LEU F 112 15.68 -13.68 13.59
N GLY F 113 14.77 -14.58 13.95
CA GLY F 113 15.09 -15.99 14.02
C GLY F 113 16.05 -16.56 15.05
N PHE F 114 16.23 -15.83 16.14
CA PHE F 114 17.17 -16.32 17.12
C PHE F 114 16.93 -17.75 17.52
N ARG F 115 17.99 -18.51 17.73
CA ARG F 115 17.91 -19.90 18.18
C ARG F 115 19.27 -20.39 18.56
N LYS F 116 19.29 -21.40 19.44
CA LYS F 116 20.55 -21.97 19.92
C LYS F 116 21.05 -22.92 18.85
N LEU F 117 22.36 -22.99 18.67
CA LEU F 117 22.82 -23.83 17.60
C LEU F 117 22.79 -25.23 18.06
N THR F 118 22.57 -26.13 17.11
CA THR F 118 22.58 -27.57 17.26
C THR F 118 24.03 -28.03 17.12
N PRO F 119 24.20 -29.29 17.45
CA PRO F 119 25.52 -29.89 17.38
C PRO F 119 26.11 -29.95 15.99
N ARG F 120 25.32 -30.38 15.00
CA ARG F 120 25.89 -30.47 13.67
C ARG F 120 26.47 -29.15 13.29
N GLU F 121 25.70 -28.15 13.69
CA GLU F 121 26.10 -26.81 13.39
C GLU F 121 27.42 -26.55 14.07
N LEU F 122 27.43 -26.85 15.36
CA LEU F 122 28.62 -26.64 16.13
C LEU F 122 29.77 -27.40 15.58
N ASP F 123 29.47 -28.50 14.91
CA ASP F 123 30.59 -29.26 14.44
C ASP F 123 31.28 -28.40 13.41
N MET F 124 30.55 -27.46 12.85
CA MET F 124 31.24 -26.62 11.90
C MET F 124 32.33 -25.79 12.55
N PHE F 125 32.38 -25.69 13.85
CA PHE F 125 33.45 -24.87 14.38
C PHE F 125 33.89 -25.69 15.54
N PRO F 126 35.06 -26.27 15.35
CA PRO F 126 35.51 -27.20 16.33
C PRO F 126 36.17 -26.68 17.53
N ASP F 127 36.32 -25.36 17.60
CA ASP F 127 36.93 -24.89 18.84
C ASP F 127 35.94 -24.51 19.87
N TYR F 128 34.75 -24.14 19.44
CA TYR F 128 33.67 -23.78 20.35
C TYR F 128 32.71 -24.87 20.71
N ARG F 129 31.95 -24.69 21.79
CA ARG F 129 31.02 -25.72 22.25
C ARG F 129 29.57 -25.29 22.45
N TYR F 130 29.25 -24.03 22.13
CA TYR F 130 27.90 -23.58 22.42
C TYR F 130 27.69 -22.28 21.76
N GLY F 131 26.46 -21.99 21.41
CA GLY F 131 26.27 -20.75 20.68
C GLY F 131 24.87 -20.50 20.16
N TRP F 132 24.75 -19.37 19.49
CA TRP F 132 23.48 -18.99 18.95
C TRP F 132 23.55 -18.71 17.47
N PHE F 133 22.35 -18.57 16.93
CA PHE F 133 22.15 -18.25 15.55
C PHE F 133 20.94 -17.32 15.37
N ASN F 134 21.14 -16.38 14.47
CA ASN F 134 20.08 -15.43 14.18
C ASN F 134 20.50 -14.61 12.96
N THR F 135 19.48 -13.96 12.44
CA THR F 135 19.73 -13.16 11.30
C THR F 135 19.57 -11.75 11.82
N SER F 136 20.32 -10.83 11.20
CA SER F 136 20.34 -9.43 11.55
C SER F 136 20.70 -8.58 10.34
N LEU F 137 21.27 -7.40 10.61
CA LEU F 137 21.58 -6.47 9.55
C LEU F 137 22.97 -5.92 9.53
N ILE F 138 23.42 -5.66 8.33
CA ILE F 138 24.70 -5.03 8.20
C ILE F 138 24.31 -3.61 7.89
N LEU F 139 24.96 -2.70 8.58
CA LEU F 139 24.70 -1.32 8.33
C LEU F 139 26.12 -0.81 8.27
N GLU F 140 26.60 -0.59 7.06
CA GLU F 140 27.95 -0.12 6.91
C GLU F 140 28.19 1.35 7.16
N GLY F 141 29.17 1.59 8.04
CA GLY F 141 29.55 2.93 8.48
C GLY F 141 29.69 3.94 7.36
N ARG F 142 30.76 3.79 6.61
CA ARG F 142 31.06 4.68 5.50
C ARG F 142 29.82 4.92 4.67
N LYS F 143 29.30 3.87 4.04
CA LYS F 143 28.12 4.12 3.22
C LYS F 143 27.02 4.87 3.92
N TYR F 144 26.64 4.43 5.11
CA TYR F 144 25.60 5.11 5.84
C TYR F 144 25.93 6.58 6.05
N LEU F 145 27.19 6.81 6.36
CA LEU F 145 27.61 8.17 6.59
C LEU F 145 27.37 9.03 5.37
N GLN F 146 27.81 8.49 4.24
CA GLN F 146 27.61 9.24 3.02
C GLN F 146 26.11 9.40 2.75
N TRP F 147 25.35 8.34 3.01
CA TRP F 147 23.93 8.49 2.76
C TRP F 147 23.38 9.63 3.59
N LEU F 148 23.61 9.47 4.89
CA LEU F 148 23.18 10.47 5.85
C LEU F 148 23.64 11.82 5.35
N THR F 149 24.89 11.86 4.94
CA THR F 149 25.30 13.16 4.48
C THR F 149 24.50 13.80 3.35
N GLU F 150 24.31 13.03 2.28
CA GLU F 150 23.58 13.53 1.13
C GLU F 150 22.22 13.94 1.64
N ARG F 151 21.62 13.08 2.45
CA ARG F 151 20.33 13.47 2.95
C ARG F 151 20.37 14.85 3.61
N LEU F 152 21.25 15.03 4.60
CA LEU F 152 21.31 16.30 5.33
C LEU F 152 21.58 17.40 4.34
N THR F 153 22.48 17.10 3.44
CA THR F 153 22.82 18.14 2.54
C THR F 153 21.64 18.65 1.78
N GLU F 154 20.87 17.74 1.20
CA GLU F 154 19.72 18.16 0.43
C GLU F 154 18.69 18.84 1.31
N ARG F 155 18.72 18.53 2.59
CA ARG F 155 17.79 19.10 3.55
C ARG F 155 18.32 20.49 3.86
N GLY F 156 19.51 20.80 3.36
CA GLY F 156 20.06 22.12 3.62
C GLY F 156 20.97 22.28 4.81
N VAL F 157 21.26 21.29 5.62
CA VAL F 157 22.16 21.59 6.75
C VAL F 157 23.60 21.93 6.31
N LYS F 158 24.36 22.74 7.03
CA LYS F 158 25.70 22.96 6.48
C LYS F 158 26.89 22.23 7.13
N PHE F 159 27.94 21.94 6.36
CA PHE F 159 29.06 21.26 7.01
C PHE F 159 30.35 22.06 6.98
N PHE F 160 31.10 21.89 8.06
CA PHE F 160 32.40 22.51 8.26
C PHE F 160 33.42 21.64 8.90
N LEU F 161 34.61 21.71 8.32
CA LEU F 161 35.71 20.98 8.90
C LEU F 161 36.20 21.99 9.95
N ARG F 162 36.26 21.59 11.21
CA ARG F 162 36.65 22.58 12.19
C ARG F 162 36.91 21.79 13.46
N LYS F 163 37.93 22.15 14.25
CA LYS F 163 38.18 21.48 15.53
C LYS F 163 37.52 22.42 16.54
N VAL F 164 36.53 21.93 17.26
CA VAL F 164 35.97 22.85 18.21
C VAL F 164 36.92 22.87 19.38
N GLU F 165 37.30 24.08 19.74
CA GLU F 165 38.21 24.24 20.84
C GLU F 165 37.44 24.28 22.17
N SER F 166 36.21 24.78 22.17
CA SER F 166 35.55 24.78 23.47
C SER F 166 34.07 25.01 23.20
N PHE F 167 33.29 24.61 24.20
CA PHE F 167 31.89 24.85 23.97
C PHE F 167 31.73 26.34 23.82
N GLU F 168 32.55 26.97 24.67
CA GLU F 168 32.58 28.42 24.76
C GLU F 168 32.69 29.17 23.43
N GLU F 169 33.65 28.67 22.69
CA GLU F 169 33.93 29.21 21.40
C GLU F 169 32.68 29.25 20.50
N VAL F 170 32.03 28.11 20.60
CA VAL F 170 30.89 27.79 19.74
C VAL F 170 29.77 28.74 19.97
N ALA F 171 29.62 28.91 21.27
CA ALA F 171 28.60 29.71 21.86
C ALA F 171 28.70 31.14 21.41
N ARG F 172 29.83 31.72 21.79
CA ARG F 172 30.16 33.11 21.50
C ARG F 172 29.97 33.31 20.00
N GLY F 173 30.27 32.24 19.28
CA GLY F 173 30.06 32.31 17.85
C GLY F 173 28.59 32.61 17.63
N GLY F 174 27.67 31.83 18.18
CA GLY F 174 26.24 32.11 17.98
C GLY F 174 25.16 31.02 18.09
N ALA F 175 25.48 29.94 18.77
CA ALA F 175 24.52 28.86 18.88
C ALA F 175 23.55 28.93 20.03
N ASP F 176 22.31 28.71 19.60
CA ASP F 176 21.21 28.64 20.53
C ASP F 176 21.38 27.23 21.10
N VAL F 177 21.50 26.20 20.28
CA VAL F 177 21.81 24.91 20.90
C VAL F 177 23.06 24.44 20.24
N ILE F 178 23.66 23.42 20.84
CA ILE F 178 24.86 22.79 20.43
C ILE F 178 24.64 21.34 20.86
N ILE F 179 24.71 20.49 19.85
CA ILE F 179 24.45 19.10 20.15
C ILE F 179 25.76 18.47 20.16
N ASN F 180 26.16 17.78 21.22
CA ASN F 180 27.51 17.27 21.27
C ASN F 180 27.68 15.81 21.01
N CYS F 181 28.32 15.47 19.91
CA CYS F 181 28.45 14.10 19.46
C CYS F 181 29.87 13.86 19.01
N THR F 182 30.76 14.19 19.92
CA THR F 182 32.19 14.11 19.71
C THR F 182 32.89 12.81 20.06
N GLY F 183 32.09 11.78 20.24
CA GLY F 183 32.68 10.47 20.49
C GLY F 183 33.76 10.35 21.55
N VAL F 184 34.78 9.51 21.38
CA VAL F 184 35.81 9.44 22.44
C VAL F 184 36.47 10.78 22.81
N TRP F 185 36.59 11.58 21.78
CA TRP F 185 37.22 12.84 22.04
C TRP F 185 36.44 13.91 22.75
N ALA F 186 35.30 13.47 23.24
CA ALA F 186 34.39 14.35 23.95
C ALA F 186 35.01 14.94 25.21
N GLY F 187 35.90 14.12 25.76
CA GLY F 187 36.51 14.51 27.02
C GLY F 187 37.21 15.86 26.94
N VAL F 188 37.70 16.09 25.76
CA VAL F 188 38.41 17.32 25.58
C VAL F 188 37.55 18.52 25.79
N LEU F 189 36.38 18.56 25.19
CA LEU F 189 35.51 19.71 25.39
C LEU F 189 35.01 19.86 26.83
N GLN F 190 35.07 18.78 27.61
CA GLN F 190 34.63 18.76 29.00
C GLN F 190 34.87 17.36 29.49
N PRO F 191 35.76 17.31 30.47
CA PRO F 191 36.24 16.08 31.04
C PRO F 191 35.19 15.11 31.46
N ASP F 192 35.57 13.84 31.28
CA ASP F 192 34.69 12.74 31.62
C ASP F 192 35.49 11.48 31.67
N PRO F 193 35.98 11.21 32.86
CA PRO F 193 36.81 10.06 33.15
C PRO F 193 36.08 8.77 32.91
N LEU F 194 34.79 8.87 32.65
CA LEU F 194 34.02 7.65 32.42
C LEU F 194 34.26 7.06 31.06
N LEU F 195 34.50 8.04 30.19
CA LEU F 195 34.79 7.85 28.79
C LEU F 195 36.21 7.38 28.54
N GLN F 196 36.35 6.34 27.74
CA GLN F 196 37.67 5.85 27.38
C GLN F 196 37.65 5.16 26.05
N PRO F 197 38.83 5.14 25.42
CA PRO F 197 39.00 4.51 24.12
C PRO F 197 38.96 2.98 24.25
N GLY F 198 38.16 2.36 23.41
CA GLY F 198 38.07 0.90 23.35
C GLY F 198 38.73 0.60 22.00
N ARG F 199 40.06 0.57 21.98
CA ARG F 199 40.75 0.36 20.74
C ARG F 199 40.44 -0.95 20.04
N GLY F 200 40.32 -0.87 18.73
CA GLY F 200 40.08 -2.08 18.00
C GLY F 200 40.73 -1.96 16.63
N GLN F 201 41.54 -2.96 16.27
CA GLN F 201 42.15 -2.97 14.94
C GLN F 201 41.37 -4.02 14.12
N ILE F 202 41.37 -3.92 12.80
CA ILE F 202 40.68 -4.93 11.99
C ILE F 202 41.41 -5.06 10.66
N ILE F 203 40.95 -6.06 9.93
CA ILE F 203 41.56 -6.29 8.65
C ILE F 203 40.42 -6.56 7.68
N LYS F 204 40.43 -5.82 6.59
CA LYS F 204 39.45 -6.01 5.54
C LYS F 204 40.12 -6.98 4.58
N VAL F 205 39.31 -7.87 4.07
CA VAL F 205 39.92 -8.85 3.23
C VAL F 205 38.87 -9.20 2.20
N ASP F 206 39.34 -9.65 1.05
CA ASP F 206 38.39 -9.99 0.01
C ASP F 206 38.13 -11.49 0.03
N ALA F 207 36.91 -11.90 0.37
CA ALA F 207 36.56 -13.32 0.45
C ALA F 207 35.04 -13.46 0.40
N PRO F 208 34.56 -13.27 -0.81
CA PRO F 208 33.16 -13.32 -1.16
C PRO F 208 32.47 -14.60 -0.84
N TRP F 209 33.20 -15.67 -0.60
CA TRP F 209 32.35 -16.79 -0.31
C TRP F 209 31.86 -16.82 1.14
N LEU F 210 32.35 -15.91 1.98
CA LEU F 210 31.82 -15.99 3.34
C LEU F 210 30.55 -15.13 3.34
N LYS F 211 29.42 -15.79 3.61
CA LYS F 211 28.13 -15.12 3.58
C LYS F 211 27.50 -14.89 4.96
N ASN F 212 28.14 -15.42 6.00
CA ASN F 212 27.54 -15.28 7.32
C ASN F 212 28.57 -14.75 8.29
N PHE F 213 28.06 -14.03 9.27
CA PHE F 213 28.97 -13.54 10.28
C PHE F 213 29.18 -14.64 11.31
N ILE F 214 30.32 -14.52 11.98
CA ILE F 214 30.72 -15.47 13.00
C ILE F 214 31.50 -14.68 14.03
N ILE F 215 30.96 -14.71 15.24
CA ILE F 215 31.55 -13.98 16.34
C ILE F 215 31.78 -14.92 17.49
N THR F 216 33.05 -15.05 17.85
CA THR F 216 33.37 -15.91 18.96
C THR F 216 33.45 -15.06 20.19
N HIS F 217 33.41 -15.77 21.32
CA HIS F 217 33.47 -15.08 22.58
C HIS F 217 34.29 -15.81 23.63
N ASP F 218 35.26 -15.10 24.23
CA ASP F 218 36.11 -15.60 25.33
C ASP F 218 35.73 -14.80 26.58
N LEU F 219 34.98 -15.47 27.42
CA LEU F 219 34.42 -14.86 28.64
C LEU F 219 35.51 -14.22 29.51
N GLU F 220 36.70 -14.76 29.46
CA GLU F 220 37.82 -14.22 30.25
C GLU F 220 38.45 -13.00 29.58
N ARG F 221 38.87 -13.25 28.34
CA ARG F 221 39.59 -12.28 27.50
C ARG F 221 38.84 -10.95 27.32
N GLY F 222 37.56 -10.94 27.65
CA GLY F 222 36.71 -9.74 27.51
C GLY F 222 36.05 -9.74 26.13
N ILE F 223 35.09 -8.85 25.95
CA ILE F 223 34.32 -8.77 24.69
C ILE F 223 35.13 -8.15 23.56
N TYR F 224 34.99 -8.82 22.43
CA TYR F 224 35.60 -8.44 21.14
C TYR F 224 37.12 -8.52 21.21
N ASN F 225 37.56 -9.53 21.91
CA ASN F 225 38.99 -9.82 22.05
C ASN F 225 39.23 -11.17 21.43
N SER F 226 38.14 -11.70 20.98
CA SER F 226 38.08 -12.99 20.33
C SER F 226 37.93 -12.75 18.85
N PRO F 227 38.26 -13.70 18.00
CA PRO F 227 38.19 -13.50 16.57
C PRO F 227 36.76 -13.35 16.18
N TYR F 228 36.56 -12.51 15.18
CA TYR F 228 35.24 -12.37 14.59
C TYR F 228 35.36 -12.06 13.12
N ILE F 229 34.32 -12.46 12.41
CA ILE F 229 34.35 -12.29 10.98
C ILE F 229 33.04 -11.74 10.54
N ILE F 230 33.11 -10.61 9.85
CA ILE F 230 31.86 -10.06 9.43
C ILE F 230 31.87 -9.59 8.00
N PRO F 231 30.99 -10.25 7.22
CA PRO F 231 30.80 -10.01 5.82
C PRO F 231 30.24 -8.60 5.76
N GLY F 232 30.46 -7.91 4.65
CA GLY F 232 30.00 -6.54 4.57
C GLY F 232 29.46 -6.40 3.16
N LEU F 233 29.21 -5.18 2.74
CA LEU F 233 28.69 -4.94 1.42
C LEU F 233 29.61 -5.45 0.36
N GLN F 234 30.93 -5.36 0.54
CA GLN F 234 31.82 -5.95 -0.44
C GLN F 234 32.90 -6.75 0.28
N ALA F 235 33.71 -6.11 1.11
CA ALA F 235 34.70 -6.90 1.85
C ALA F 235 34.24 -7.55 3.12
N VAL F 236 35.16 -8.35 3.65
CA VAL F 236 34.88 -8.97 4.91
C VAL F 236 35.80 -8.37 5.92
N THR F 237 35.26 -8.17 7.11
CA THR F 237 36.05 -7.63 8.17
C THR F 237 36.42 -8.71 9.14
N LEU F 238 37.73 -8.84 9.29
CA LEU F 238 38.36 -9.75 10.22
C LEU F 238 38.60 -8.94 11.46
N GLY F 239 38.22 -9.51 12.58
CA GLY F 239 38.43 -8.72 13.76
C GLY F 239 38.75 -9.53 14.98
N GLY F 240 39.09 -8.76 16.01
CA GLY F 240 39.42 -9.40 17.25
C GLY F 240 40.01 -8.65 18.39
N THR F 241 39.99 -7.31 18.44
CA THR F 241 40.54 -6.63 19.63
C THR F 241 39.69 -5.49 20.22
N PHE F 242 39.83 -5.28 21.51
CA PHE F 242 39.05 -4.22 22.12
C PHE F 242 39.88 -3.85 23.34
N GLN F 243 40.83 -2.93 23.22
CA GLN F 243 41.74 -2.54 24.30
C GLN F 243 41.41 -1.22 24.96
N VAL F 244 40.96 -1.31 26.21
CA VAL F 244 40.58 -0.09 26.90
C VAL F 244 41.67 0.84 27.35
N GLY F 245 41.47 2.12 27.13
CA GLY F 245 42.51 3.05 27.51
C GLY F 245 43.68 3.07 26.51
N ASN F 246 43.63 2.26 25.46
CA ASN F 246 44.72 2.35 24.50
C ASN F 246 44.43 3.41 23.45
N TRP F 247 45.36 4.34 23.29
CA TRP F 247 45.11 5.33 22.29
C TRP F 247 45.97 5.27 21.06
N ASN F 248 46.83 4.26 20.89
CA ASN F 248 47.68 4.24 19.68
C ASN F 248 46.73 4.16 18.51
N GLU F 249 46.87 5.07 17.56
CA GLU F 249 45.99 4.95 16.42
C GLU F 249 46.60 4.26 15.24
N ILE F 250 47.78 3.69 15.42
CA ILE F 250 48.35 2.97 14.30
C ILE F 250 48.02 1.49 14.38
N ASN F 251 47.97 0.85 13.22
CA ASN F 251 47.70 -0.58 13.21
C ASN F 251 48.97 -1.22 13.74
N ASN F 252 48.86 -2.20 14.63
CA ASN F 252 50.07 -2.82 15.10
C ASN F 252 50.23 -4.21 14.56
N ILE F 253 51.46 -4.53 14.20
CA ILE F 253 51.66 -5.84 13.62
C ILE F 253 51.21 -6.99 14.52
N GLN F 254 51.40 -6.87 15.84
CA GLN F 254 51.04 -7.99 16.69
C GLN F 254 49.55 -8.26 16.58
N ASP F 255 48.80 -7.24 16.70
CA ASP F 255 47.34 -7.38 16.61
C ASP F 255 46.98 -7.98 15.26
N HIS F 256 47.53 -7.39 14.24
CA HIS F 256 47.29 -7.89 12.90
C HIS F 256 47.48 -9.39 12.89
N ASN F 257 48.55 -9.88 13.50
CA ASN F 257 48.67 -11.32 13.45
C ASN F 257 47.66 -12.00 14.34
N THR F 258 47.51 -11.49 15.54
CA THR F 258 46.56 -12.23 16.34
C THR F 258 45.18 -12.29 15.69
N ILE F 259 44.84 -11.30 14.89
CA ILE F 259 43.55 -11.34 14.22
C ILE F 259 43.62 -12.31 13.05
N TRP F 260 44.66 -12.06 12.27
CA TRP F 260 44.80 -12.93 11.15
C TRP F 260 44.86 -14.40 11.53
N GLU F 261 45.62 -14.72 12.55
CA GLU F 261 45.69 -16.14 12.84
C GLU F 261 44.43 -16.67 13.48
N GLY F 262 43.85 -15.82 14.30
CA GLY F 262 42.67 -16.35 14.93
C GLY F 262 41.52 -16.62 13.98
N CYS F 263 41.31 -15.70 13.05
CA CYS F 263 40.20 -15.89 12.14
C CYS F 263 40.53 -17.04 11.21
N CYS F 264 41.79 -17.05 10.83
CA CYS F 264 42.20 -18.04 9.87
C CYS F 264 41.95 -19.37 10.51
N ARG F 265 42.10 -19.40 11.81
CA ARG F 265 41.86 -20.67 12.47
C ARG F 265 40.42 -20.98 12.34
N LEU F 266 39.68 -19.97 12.76
CA LEU F 266 38.26 -20.10 12.77
C LEU F 266 37.82 -20.48 11.41
N GLU F 267 38.28 -19.75 10.40
CA GLU F 267 37.88 -19.97 9.01
C GLU F 267 39.06 -20.17 8.09
N PRO F 268 39.32 -21.45 7.93
CA PRO F 268 40.42 -21.94 7.14
C PRO F 268 40.43 -21.38 5.72
N THR F 269 39.24 -21.17 5.19
CA THR F 269 39.13 -20.74 3.83
C THR F 269 39.90 -19.47 3.62
N LEU F 270 40.03 -18.68 4.67
CA LEU F 270 40.69 -17.40 4.54
C LEU F 270 42.10 -17.53 4.10
N LYS F 271 42.57 -18.81 4.09
CA LYS F 271 43.93 -19.07 3.68
C LYS F 271 44.13 -18.42 2.33
N ASP F 272 43.04 -18.31 1.59
CA ASP F 272 43.12 -17.71 0.27
C ASP F 272 42.53 -16.33 0.17
N ALA F 273 42.03 -15.78 1.26
CA ALA F 273 41.47 -14.44 1.20
C ALA F 273 42.59 -13.42 1.03
N LYS F 274 42.35 -12.39 0.23
CA LYS F 274 43.38 -11.37 -0.01
C LYS F 274 43.17 -10.16 0.88
N ILE F 275 44.22 -9.80 1.60
CA ILE F 275 43.98 -8.65 2.44
C ILE F 275 43.90 -7.35 1.68
N VAL F 276 42.88 -6.56 1.96
CA VAL F 276 42.87 -5.31 1.23
C VAL F 276 43.04 -4.07 2.11
N GLY F 277 43.06 -4.24 3.42
CA GLY F 277 43.24 -3.09 4.29
C GLY F 277 43.25 -3.42 5.76
N GLU F 278 43.81 -2.52 6.56
CA GLU F 278 43.83 -2.72 8.00
C GLU F 278 43.51 -1.42 8.64
N TYR F 279 42.72 -1.46 9.70
CA TYR F 279 42.38 -0.18 10.28
C TYR F 279 42.25 -0.37 11.74
N THR F 280 42.35 0.77 12.40
CA THR F 280 42.22 0.80 13.83
C THR F 280 41.35 1.96 14.29
N GLY F 281 40.52 1.79 15.31
CA GLY F 281 39.61 2.82 15.81
C GLY F 281 39.38 2.77 17.32
N PHE F 282 38.82 3.86 17.84
CA PHE F 282 38.58 3.93 19.27
C PHE F 282 37.11 3.79 19.67
N ARG F 283 36.70 2.72 20.33
CA ARG F 283 35.29 2.70 20.69
C ARG F 283 35.12 3.67 21.85
N PRO F 284 34.14 4.55 21.75
CA PRO F 284 33.92 5.52 22.80
C PRO F 284 33.27 4.79 23.97
N VAL F 285 34.14 4.10 24.68
CA VAL F 285 33.75 3.32 25.82
C VAL F 285 33.29 4.17 27.01
N ARG F 286 32.19 3.76 27.63
CA ARG F 286 31.60 4.42 28.79
C ARG F 286 30.54 3.53 29.40
N PRO F 287 30.57 3.46 30.73
CA PRO F 287 29.67 2.66 31.56
C PRO F 287 28.25 2.77 31.08
N GLN F 288 27.82 3.93 30.60
CA GLN F 288 26.49 4.03 30.00
C GLN F 288 26.53 5.32 29.22
N VAL F 289 25.72 5.36 28.24
CA VAL F 289 25.77 6.45 27.27
C VAL F 289 25.49 7.79 27.90
N ARG F 290 26.19 8.83 27.48
CA ARG F 290 25.81 10.09 28.05
C ARG F 290 24.93 10.75 27.01
N LEU F 291 23.69 10.92 27.41
CA LEU F 291 22.74 11.53 26.52
C LEU F 291 21.78 12.29 27.43
N GLU F 292 22.11 13.56 27.60
CA GLU F 292 21.36 14.42 28.49
C GLU F 292 21.67 15.86 28.16
N ARG F 293 20.74 16.66 28.63
CA ARG F 293 20.76 18.08 28.44
C ARG F 293 21.68 18.79 29.45
N GLU F 294 22.22 19.94 29.09
CA GLU F 294 23.10 20.68 30.01
C GLU F 294 23.12 22.13 29.57
N GLN F 295 22.75 23.01 30.50
CA GLN F 295 22.73 24.44 30.19
C GLN F 295 24.12 24.96 30.51
N LEU F 296 24.55 26.02 29.81
CA LEU F 296 25.87 26.60 30.03
C LEU F 296 25.78 28.11 29.93
N ARG F 297 26.17 28.77 31.03
CA ARG F 297 26.15 30.22 31.16
C ARG F 297 27.49 30.77 30.72
N PHE F 298 27.42 31.76 29.82
CA PHE F 298 28.60 32.43 29.30
C PHE F 298 28.21 33.90 29.19
N GLY F 299 28.72 34.70 30.13
CA GLY F 299 28.38 36.11 30.17
C GLY F 299 26.93 36.19 30.66
N SER F 300 26.15 37.02 29.99
CA SER F 300 24.73 37.19 30.32
C SER F 300 23.84 36.24 29.51
N SER F 301 24.46 35.31 28.80
CA SER F 301 23.67 34.42 27.97
C SER F 301 23.86 32.94 28.20
N ASN F 302 22.72 32.28 28.36
CA ASN F 302 22.69 30.83 28.54
C ASN F 302 22.80 30.12 27.20
N THR F 303 23.34 28.90 27.24
CA THR F 303 23.47 28.12 26.04
C THR F 303 23.21 26.68 26.35
N GLU F 304 22.36 26.11 25.52
CA GLU F 304 21.93 24.74 25.67
C GLU F 304 22.73 23.66 24.96
N VAL F 305 23.14 22.72 25.78
CA VAL F 305 23.88 21.60 25.23
C VAL F 305 23.14 20.29 25.38
N ILE F 306 23.33 19.41 24.42
CA ILE F 306 22.73 18.12 24.57
C ILE F 306 23.79 17.15 24.16
N HIS F 307 24.15 16.33 25.13
CA HIS F 307 25.20 15.37 24.92
C HIS F 307 24.66 14.09 24.34
N ASN F 308 25.50 13.43 23.55
CA ASN F 308 25.10 12.17 22.97
C ASN F 308 26.42 11.49 22.66
N TYR F 309 26.92 10.78 23.65
CA TYR F 309 28.18 10.12 23.37
C TYR F 309 28.48 8.96 24.30
N GLY F 310 29.42 8.11 23.90
CA GLY F 310 29.86 6.97 24.71
C GLY F 310 29.13 5.68 24.36
N HIS F 311 28.87 5.52 23.06
CA HIS F 311 28.16 4.35 22.57
C HIS F 311 29.03 3.12 22.38
N GLY F 312 30.20 3.17 22.99
CA GLY F 312 31.10 2.05 22.94
C GLY F 312 31.15 1.29 21.63
N GLY F 313 30.85 -0.01 21.70
CA GLY F 313 30.89 -0.85 20.52
C GLY F 313 29.54 -1.12 19.89
N TYR F 314 28.57 -0.23 20.12
CA TYR F 314 27.24 -0.42 19.56
C TYR F 314 26.64 0.86 19.02
N GLY F 315 27.55 1.77 18.74
CA GLY F 315 27.11 3.05 18.20
C GLY F 315 26.15 2.88 17.00
N LEU F 316 26.46 1.95 16.11
CA LEU F 316 25.58 1.78 14.98
C LEU F 316 24.30 1.12 15.41
N THR F 317 24.48 0.08 16.20
CA THR F 317 23.38 -0.72 16.69
C THR F 317 22.31 0.07 17.36
N ILE F 318 22.68 1.20 17.92
CA ILE F 318 21.68 1.94 18.66
C ILE F 318 21.58 3.41 18.29
N HIS F 319 22.24 3.80 17.21
CA HIS F 319 22.29 5.19 16.86
C HIS F 319 20.98 5.93 16.83
N TRP F 320 20.07 5.33 16.09
CA TRP F 320 18.77 5.93 15.85
C TRP F 320 17.95 6.21 17.09
N GLY F 321 18.05 5.28 18.04
CA GLY F 321 17.28 5.37 19.28
C GLY F 321 17.58 6.68 20.00
N CYS F 322 18.87 6.84 20.18
CA CYS F 322 19.35 8.04 20.81
C CYS F 322 18.95 9.27 20.00
N ALA F 323 19.19 9.18 18.68
CA ALA F 323 18.91 10.33 17.83
C ALA F 323 17.53 10.83 18.11
N LEU F 324 16.64 9.88 18.33
CA LEU F 324 15.28 10.28 18.64
C LEU F 324 15.17 11.01 19.96
N GLU F 325 15.69 10.38 21.00
CA GLU F 325 15.68 11.01 22.31
C GLU F 325 16.19 12.46 22.28
N VAL F 326 17.30 12.64 21.60
CA VAL F 326 17.79 14.00 21.53
C VAL F 326 16.77 14.95 20.94
N ALA F 327 16.20 14.49 19.84
CA ALA F 327 15.23 15.36 19.21
C ALA F 327 14.15 15.76 20.24
N LYS F 328 13.76 14.75 21.00
CA LYS F 328 12.81 14.90 22.08
C LYS F 328 13.29 16.01 23.03
N LEU F 329 14.50 15.87 23.57
CA LEU F 329 14.92 16.93 24.48
C LEU F 329 15.01 18.22 23.73
N PHE F 330 15.48 18.08 22.52
CA PHE F 330 15.65 19.31 21.79
C PHE F 330 14.33 20.02 21.74
N GLY F 331 13.31 19.19 21.65
CA GLY F 331 12.00 19.80 21.59
C GLY F 331 11.67 20.56 22.85
N LYS F 332 11.87 19.88 24.00
CA LYS F 332 11.62 20.49 25.29
C LYS F 332 12.34 21.82 25.29
N VAL F 333 13.60 21.80 24.89
CA VAL F 333 14.29 23.07 24.81
C VAL F 333 13.47 24.07 24.01
N LEU F 334 12.93 23.69 22.87
CA LEU F 334 12.12 24.67 22.17
C LEU F 334 10.91 25.10 22.96
N GLU F 335 10.28 24.18 23.67
CA GLU F 335 9.09 24.56 24.41
C GLU F 335 9.46 25.67 25.37
N GLU F 336 10.51 25.42 26.14
CA GLU F 336 10.99 26.40 27.10
C GLU F 336 11.26 27.75 26.44
N ARG F 337 11.79 27.75 25.22
CA ARG F 337 12.03 29.02 24.55
C ARG F 337 10.68 29.50 24.01
N ASN F 338 9.64 28.72 24.27
CA ASN F 338 8.31 29.09 23.79
C ASN F 338 8.28 29.05 22.27
N LEU F 339 9.01 28.11 21.69
CA LEU F 339 9.10 27.91 20.25
C LEU F 339 9.89 29.05 19.62
N MET G 1 -17.45 30.89 -28.54
CA MET G 1 -16.57 31.52 -27.57
C MET G 1 -16.22 30.65 -26.37
N ARG G 2 -14.93 30.61 -26.05
CA ARG G 2 -14.59 29.76 -24.96
C ARG G 2 -14.60 30.39 -23.60
N VAL G 3 -15.57 29.91 -22.83
CA VAL G 3 -15.73 30.37 -21.49
C VAL G 3 -15.31 29.28 -20.54
N VAL G 4 -14.66 29.68 -19.45
CA VAL G 4 -14.26 28.71 -18.46
C VAL G 4 -14.60 29.22 -17.08
N VAL G 5 -15.40 28.41 -16.41
CA VAL G 5 -15.80 28.80 -15.10
C VAL G 5 -14.96 27.99 -14.15
N ILE G 6 -14.31 28.69 -13.24
CA ILE G 6 -13.51 27.97 -12.29
C ILE G 6 -14.28 28.01 -11.01
N GLY G 7 -14.39 26.80 -10.47
CA GLY G 7 -15.09 26.48 -9.24
C GLY G 7 -16.49 25.95 -9.55
N ALA G 8 -16.92 25.02 -8.72
CA ALA G 8 -18.20 24.36 -8.91
C ALA G 8 -19.03 24.40 -7.61
N GLY G 9 -18.90 25.46 -6.84
CA GLY G 9 -19.66 25.64 -5.62
C GLY G 9 -20.99 26.20 -6.13
N VAL G 10 -21.80 26.69 -5.20
CA VAL G 10 -23.06 27.24 -5.66
C VAL G 10 -22.79 28.40 -6.60
N ILE G 11 -21.75 29.14 -6.28
CA ILE G 11 -21.43 30.26 -7.15
C ILE G 11 -21.05 29.89 -8.58
N GLY G 12 -20.06 29.02 -8.71
CA GLY G 12 -19.71 28.70 -10.09
C GLY G 12 -20.91 28.23 -10.91
N LEU G 13 -21.61 27.27 -10.35
CA LEU G 13 -22.69 26.70 -11.10
C LEU G 13 -23.80 27.63 -11.50
N SER G 14 -24.33 28.34 -10.52
CA SER G 14 -25.42 29.23 -10.84
C SER G 14 -24.95 30.14 -11.92
N THR G 15 -23.75 30.63 -11.71
CA THR G 15 -23.22 31.58 -12.65
C THR G 15 -23.16 31.00 -14.04
N ALA G 16 -22.53 29.85 -14.09
CA ALA G 16 -22.41 29.23 -15.39
C ALA G 16 -23.79 29.07 -16.01
N LEU G 17 -24.68 28.53 -15.22
CA LEU G 17 -25.99 28.30 -15.77
C LEU G 17 -26.59 29.56 -16.36
N CYS G 18 -26.58 30.52 -15.46
CA CYS G 18 -27.14 31.77 -15.75
C CYS G 18 -26.54 32.33 -17.03
N ILE G 19 -25.24 32.22 -17.22
CA ILE G 19 -24.65 32.80 -18.42
C ILE G 19 -25.23 32.06 -19.61
N HIS G 20 -25.07 30.75 -19.55
CA HIS G 20 -25.53 29.90 -20.64
C HIS G 20 -27.00 30.08 -20.91
N GLU G 21 -27.75 30.10 -19.83
CA GLU G 21 -29.18 30.23 -19.96
C GLU G 21 -29.54 31.47 -20.75
N ARG G 22 -28.75 32.53 -20.56
CA ARG G 22 -29.00 33.84 -21.18
C ARG G 22 -28.36 34.12 -22.52
N TYR G 23 -27.31 33.37 -22.82
CA TYR G 23 -26.63 33.69 -24.06
C TYR G 23 -26.44 32.53 -24.93
N HIS G 24 -26.86 31.36 -24.47
CA HIS G 24 -26.57 30.28 -25.35
C HIS G 24 -26.94 30.53 -26.78
N SER G 25 -28.21 30.81 -27.00
CA SER G 25 -28.57 31.06 -28.38
C SER G 25 -28.76 32.54 -28.73
N VAL G 26 -27.94 33.38 -28.11
CA VAL G 26 -27.97 34.81 -28.40
C VAL G 26 -26.70 34.92 -29.27
N LEU G 27 -25.73 34.07 -28.92
CA LEU G 27 -24.44 33.85 -29.56
C LEU G 27 -24.53 32.40 -30.02
N GLN G 28 -24.02 32.06 -31.20
CA GLN G 28 -24.16 30.67 -31.62
C GLN G 28 -23.35 29.58 -30.90
N PRO G 29 -22.08 29.48 -31.25
CA PRO G 29 -21.23 28.45 -30.66
C PRO G 29 -21.29 28.31 -29.13
N LEU G 30 -20.88 29.37 -28.47
CA LEU G 30 -20.85 29.41 -27.02
C LEU G 30 -20.40 28.15 -26.28
N ASP G 31 -19.10 28.07 -26.00
CA ASP G 31 -18.54 26.92 -25.30
C ASP G 31 -18.21 27.12 -23.83
N VAL G 32 -19.00 26.44 -23.01
CA VAL G 32 -18.77 26.52 -21.59
C VAL G 32 -18.21 25.27 -20.92
N LYS G 33 -17.25 25.45 -20.03
CA LYS G 33 -16.66 24.31 -19.36
C LYS G 33 -16.45 24.81 -17.95
N VAL G 34 -16.43 23.83 -17.07
CA VAL G 34 -16.23 24.17 -15.69
C VAL G 34 -15.13 23.32 -15.18
N TYR G 35 -14.14 23.99 -14.64
CA TYR G 35 -13.02 23.32 -14.05
C TYR G 35 -13.17 23.52 -12.57
N ALA G 36 -12.85 22.48 -11.80
CA ALA G 36 -12.85 22.59 -10.33
C ALA G 36 -12.15 21.41 -9.73
N ASP G 37 -11.37 21.72 -8.71
CA ASP G 37 -10.59 20.72 -8.00
C ASP G 37 -11.57 20.06 -7.04
N ARG G 38 -12.70 20.68 -6.72
CA ARG G 38 -13.62 20.00 -5.81
C ARG G 38 -15.02 20.21 -6.36
N PHE G 39 -15.80 19.14 -6.25
CA PHE G 39 -17.16 19.07 -6.70
C PHE G 39 -17.95 18.49 -5.51
N THR G 40 -19.27 18.69 -5.52
CA THR G 40 -20.02 18.19 -4.39
C THR G 40 -19.81 16.70 -4.28
N PRO G 41 -19.86 16.16 -3.09
CA PRO G 41 -20.09 16.84 -1.85
C PRO G 41 -18.90 17.58 -1.28
N PHE G 42 -17.92 17.90 -2.11
CA PHE G 42 -16.82 18.58 -1.46
C PHE G 42 -16.69 20.09 -1.34
N THR G 43 -17.59 20.87 -1.95
CA THR G 43 -17.49 22.31 -1.84
C THR G 43 -17.88 22.88 -0.49
N THR G 44 -17.53 24.16 -0.37
CA THR G 44 -17.86 24.81 0.89
C THR G 44 -19.36 24.77 0.89
N THR G 45 -19.89 25.11 -0.28
CA THR G 45 -21.31 25.13 -0.46
C THR G 45 -21.96 23.88 0.16
N ASP G 46 -21.39 22.70 -0.08
CA ASP G 46 -21.95 21.49 0.52
C ASP G 46 -22.16 21.54 2.02
N VAL G 47 -21.43 22.35 2.75
CA VAL G 47 -21.55 22.41 4.19
C VAL G 47 -22.41 23.56 4.72
N ALA G 48 -22.86 24.49 3.87
CA ALA G 48 -23.69 25.56 4.40
C ALA G 48 -24.92 25.05 5.15
N ALA G 49 -25.30 25.85 6.15
CA ALA G 49 -26.47 25.59 6.95
C ALA G 49 -27.71 25.48 6.05
N GLY G 50 -27.67 26.09 4.88
CA GLY G 50 -28.78 25.95 3.94
C GLY G 50 -29.98 26.87 4.11
N LEU G 51 -29.74 27.99 4.78
CA LEU G 51 -30.84 28.90 5.00
C LEU G 51 -30.70 30.23 4.29
N TRP G 52 -31.82 30.80 3.84
CA TRP G 52 -31.73 32.09 3.21
C TRP G 52 -31.88 33.12 4.32
N GLN G 53 -30.80 33.86 4.58
CA GLN G 53 -30.79 34.89 5.58
C GLN G 53 -29.49 35.66 5.54
N PRO G 54 -29.57 36.87 5.02
CA PRO G 54 -28.41 37.74 4.96
C PRO G 54 -28.08 38.16 6.38
N TYR G 55 -26.86 38.68 6.56
CA TYR G 55 -26.43 39.16 7.87
C TYR G 55 -27.40 40.24 8.34
N THR G 56 -27.39 40.56 9.63
CA THR G 56 -28.25 41.61 10.21
C THR G 56 -27.88 43.05 9.73
N SER G 57 -26.61 43.38 9.93
CA SER G 57 -26.05 44.65 9.48
C SER G 57 -26.20 44.97 7.96
N GLU G 58 -26.49 46.26 7.76
CA GLU G 58 -26.70 46.81 6.42
C GLU G 58 -25.44 46.54 5.66
N PRO G 59 -25.60 46.23 4.38
CA PRO G 59 -24.45 45.94 3.55
C PRO G 59 -23.60 47.20 3.30
N SER G 60 -22.37 47.03 2.80
CA SER G 60 -21.49 48.14 2.43
C SER G 60 -21.77 48.56 0.98
N ASN G 61 -21.90 47.55 0.11
CA ASN G 61 -22.23 47.77 -1.30
C ASN G 61 -23.72 47.92 -1.19
N PRO G 62 -24.27 48.87 -1.92
CA PRO G 62 -25.75 48.95 -1.93
C PRO G 62 -26.31 47.60 -2.50
N GLN G 63 -25.69 47.26 -3.63
CA GLN G 63 -26.00 46.08 -4.44
C GLN G 63 -26.31 44.77 -3.74
N GLU G 64 -25.54 44.52 -2.70
CA GLU G 64 -25.74 43.31 -1.92
C GLU G 64 -27.26 43.01 -1.71
N ALA G 65 -27.83 44.01 -1.06
CA ALA G 65 -29.23 43.94 -0.74
C ALA G 65 -30.08 43.63 -1.96
N ASN G 66 -29.76 44.16 -3.14
CA ASN G 66 -30.58 43.76 -4.27
C ASN G 66 -30.35 42.32 -4.64
N TRP G 67 -29.08 41.95 -4.75
CA TRP G 67 -28.77 40.58 -5.10
C TRP G 67 -29.51 39.63 -4.18
N ASN G 68 -29.50 39.98 -2.91
CA ASN G 68 -30.25 39.18 -1.98
C ASN G 68 -31.71 39.14 -2.30
N GLN G 69 -32.30 40.31 -2.46
CA GLN G 69 -33.69 40.31 -2.84
C GLN G 69 -33.96 39.53 -4.10
N GLN G 70 -33.21 39.83 -5.14
CA GLN G 70 -33.39 39.08 -6.36
C GLN G 70 -33.28 37.57 -6.13
N THR G 71 -32.29 37.14 -5.35
CA THR G 71 -32.11 35.71 -5.07
C THR G 71 -33.39 35.16 -4.39
N PHE G 72 -33.84 35.90 -3.39
CA PHE G 72 -35.03 35.40 -2.75
C PHE G 72 -36.24 35.26 -3.62
N ASN G 73 -36.38 36.18 -4.57
CA ASN G 73 -37.60 36.08 -5.34
C ASN G 73 -37.56 34.90 -6.26
N TYR G 74 -36.38 34.79 -6.84
CA TYR G 74 -36.16 33.73 -7.77
C TYR G 74 -36.46 32.47 -7.02
N LEU G 75 -35.93 32.41 -5.81
CA LEU G 75 -36.22 31.18 -5.16
C LEU G 75 -37.69 30.96 -4.95
N LEU G 76 -38.30 31.94 -4.29
CA LEU G 76 -39.70 31.89 -3.93
C LEU G 76 -40.53 31.46 -5.12
N SER G 77 -40.18 32.05 -6.26
CA SER G 77 -40.91 31.75 -7.48
C SER G 77 -41.03 30.24 -7.72
N HIS G 78 -40.04 29.49 -7.27
CA HIS G 78 -40.09 28.06 -7.49
C HIS G 78 -41.01 27.33 -6.56
N ILE G 79 -41.19 27.88 -5.36
CA ILE G 79 -42.06 27.28 -4.36
C ILE G 79 -43.44 27.36 -4.96
N GLY G 80 -43.94 26.16 -5.29
CA GLY G 80 -45.24 25.99 -5.92
C GLY G 80 -45.13 24.85 -6.95
N SER G 81 -43.95 24.76 -7.56
CA SER G 81 -43.62 23.73 -8.52
C SER G 81 -43.36 22.45 -7.77
N PRO G 82 -43.49 21.34 -8.48
CA PRO G 82 -43.29 20.01 -7.95
C PRO G 82 -41.85 19.75 -7.61
N ASN G 83 -40.97 20.34 -8.40
CA ASN G 83 -39.55 20.12 -8.19
C ASN G 83 -38.76 20.88 -7.14
N ALA G 84 -39.44 21.82 -6.54
CA ALA G 84 -38.77 22.63 -5.58
C ALA G 84 -37.94 21.89 -4.58
N ALA G 85 -38.45 20.77 -4.07
CA ALA G 85 -37.57 20.16 -3.08
C ALA G 85 -36.55 19.41 -3.86
N ASN G 86 -36.86 19.12 -5.11
CA ASN G 86 -35.83 18.43 -5.86
C ASN G 86 -34.71 19.43 -6.11
N MET G 87 -35.00 20.72 -6.11
CA MET G 87 -33.91 21.66 -6.28
C MET G 87 -33.24 21.80 -4.91
N GLY G 88 -33.86 21.34 -3.83
CA GLY G 88 -33.28 21.44 -2.50
C GLY G 88 -33.90 22.61 -1.73
N LEU G 89 -35.05 23.06 -2.23
CA LEU G 89 -35.82 24.12 -1.61
C LEU G 89 -37.06 23.82 -0.81
N THR G 90 -37.28 24.55 0.29
CA THR G 90 -38.53 24.52 1.06
C THR G 90 -38.66 25.62 2.05
N PRO G 91 -39.90 25.97 2.30
CA PRO G 91 -40.15 27.07 3.19
C PRO G 91 -39.92 26.57 4.57
N VAL G 92 -39.43 27.46 5.43
CA VAL G 92 -39.24 27.16 6.82
C VAL G 92 -39.43 28.47 7.55
N SER G 93 -39.96 28.36 8.77
CA SER G 93 -40.18 29.56 9.55
C SER G 93 -39.29 29.46 10.75
N GLY G 94 -39.01 30.59 11.41
CA GLY G 94 -38.19 30.42 12.59
C GLY G 94 -37.85 31.72 13.28
N TYR G 95 -37.07 31.52 14.32
CA TYR G 95 -36.64 32.58 15.18
C TYR G 95 -35.22 33.06 15.12
N ASN G 96 -35.06 34.32 15.55
CA ASN G 96 -33.78 34.99 15.68
C ASN G 96 -33.86 35.64 17.03
N LEU G 97 -33.03 35.08 17.91
CA LEU G 97 -32.98 35.50 19.28
C LEU G 97 -31.83 36.44 19.56
N PHE G 98 -32.08 37.30 20.52
CA PHE G 98 -31.14 38.29 20.97
C PHE G 98 -31.28 38.55 22.46
N ARG G 99 -30.20 39.15 22.95
CA ARG G 99 -30.18 39.41 24.37
C ARG G 99 -30.60 40.82 24.77
N GLU G 100 -30.59 41.71 23.80
CA GLU G 100 -30.93 43.10 23.97
C GLU G 100 -31.75 43.44 22.74
N ALA G 101 -32.50 44.52 22.79
CA ALA G 101 -33.28 44.84 21.61
C ALA G 101 -32.33 45.27 20.55
N VAL G 102 -32.84 45.21 19.34
CA VAL G 102 -32.07 45.49 18.14
C VAL G 102 -32.94 45.86 16.95
N PRO G 103 -32.35 46.72 16.16
CA PRO G 103 -32.95 47.22 14.94
C PRO G 103 -33.29 46.10 13.96
N ASP G 104 -34.42 46.33 13.31
CA ASP G 104 -34.90 45.39 12.33
C ASP G 104 -33.90 45.23 11.21
N PRO G 105 -33.77 44.05 10.65
CA PRO G 105 -32.80 43.84 9.59
C PRO G 105 -33.25 44.52 8.30
N TYR G 106 -32.32 44.91 7.44
CA TYR G 106 -32.82 45.51 6.21
C TYR G 106 -33.67 44.56 5.41
N TRP G 107 -33.39 43.29 5.55
CA TRP G 107 -34.19 42.35 4.80
C TRP G 107 -35.56 42.05 5.38
N LYS G 108 -35.88 42.78 6.45
CA LYS G 108 -37.16 42.55 7.12
C LYS G 108 -38.26 42.37 6.10
N ASP G 109 -38.21 43.15 5.03
CA ASP G 109 -39.30 42.97 4.07
C ASP G 109 -39.09 41.99 2.95
N MET G 110 -37.90 41.39 2.89
CA MET G 110 -37.73 40.48 1.78
C MET G 110 -38.30 39.17 2.24
N VAL G 111 -38.18 38.91 3.53
CA VAL G 111 -38.72 37.65 3.99
C VAL G 111 -40.20 37.74 4.21
N LEU G 112 -40.82 36.57 4.28
CA LEU G 112 -42.24 36.45 4.52
C LEU G 112 -42.64 36.55 5.98
N GLY G 113 -43.60 37.42 6.25
CA GLY G 113 -44.14 37.54 7.60
C GLY G 113 -43.32 38.05 8.76
N PHE G 114 -42.28 38.81 8.46
CA PHE G 114 -41.45 39.27 9.54
C PHE G 114 -42.24 39.96 10.64
N ARG G 115 -41.84 39.74 11.89
CA ARG G 115 -42.47 40.36 13.04
C ARG G 115 -41.63 40.11 14.27
N LYS G 116 -41.77 41.01 15.25
CA LYS G 116 -41.00 40.92 16.49
C LYS G 116 -41.69 39.89 17.36
N LEU G 117 -40.92 39.12 18.11
CA LEU G 117 -41.58 38.08 18.87
C LEU G 117 -42.16 38.71 20.08
N THR G 118 -43.26 38.12 20.54
CA THR G 118 -44.00 38.45 21.74
C THR G 118 -43.32 37.70 22.89
N PRO G 119 -43.75 38.09 24.07
CA PRO G 119 -43.23 37.49 25.27
C PRO G 119 -43.51 36.01 25.42
N ARG G 120 -44.75 35.60 25.17
CA ARG G 120 -45.05 34.18 25.33
C ARG G 120 -44.08 33.38 24.51
N GLU G 121 -43.86 33.95 23.34
CA GLU G 121 -42.98 33.30 22.42
C GLU G 121 -41.61 33.24 23.04
N LEU G 122 -41.17 34.39 23.52
CA LEU G 122 -39.88 34.47 24.13
C LEU G 122 -39.77 33.55 25.30
N ASP G 123 -40.91 33.27 25.91
CA ASP G 123 -40.79 32.43 27.08
C ASP G 123 -40.31 31.09 26.58
N MET G 124 -40.55 30.82 25.32
CA MET G 124 -40.06 29.54 24.85
C MET G 124 -38.54 29.45 24.89
N PHE G 125 -37.88 30.62 24.91
CA PHE G 125 -36.42 30.64 24.95
C PHE G 125 -36.21 31.60 26.09
N PRO G 126 -35.65 30.98 27.10
CA PRO G 126 -35.51 31.63 28.38
C PRO G 126 -34.19 32.30 28.67
N ASP G 127 -33.23 32.21 27.77
CA ASP G 127 -32.02 32.90 28.14
C ASP G 127 -32.02 34.03 27.14
N TYR G 128 -33.07 34.17 26.34
CA TYR G 128 -33.15 35.32 25.39
C TYR G 128 -34.23 36.27 25.88
N ARG G 129 -34.18 37.49 25.35
CA ARG G 129 -35.07 38.50 25.85
C ARG G 129 -35.78 39.21 24.73
N TYR G 130 -35.29 39.08 23.51
CA TYR G 130 -35.88 39.79 22.39
C TYR G 130 -35.52 39.05 21.09
N GLY G 131 -36.28 39.39 20.03
CA GLY G 131 -36.05 38.68 18.79
C GLY G 131 -37.12 38.84 17.72
N TRP G 132 -36.88 38.16 16.62
CA TRP G 132 -37.78 38.25 15.52
C TRP G 132 -38.26 36.89 15.08
N PHE G 133 -39.26 36.97 14.22
CA PHE G 133 -39.88 35.83 13.60
C PHE G 133 -40.26 36.11 12.16
N ASN G 134 -40.01 35.09 11.34
CA ASN G 134 -40.35 35.21 9.94
C ASN G 134 -40.18 33.84 9.30
N THR G 135 -40.76 33.78 8.11
CA THR G 135 -40.66 32.55 7.41
C THR G 135 -39.74 32.87 6.25
N SER G 136 -39.00 31.85 5.82
CA SER G 136 -38.04 31.94 4.74
C SER G 136 -37.88 30.60 4.03
N LEU G 137 -36.72 30.39 3.45
CA LEU G 137 -36.48 29.18 2.67
C LEU G 137 -35.22 28.43 2.99
N ILE G 138 -35.33 27.13 2.83
CA ILE G 138 -34.18 26.32 3.00
C ILE G 138 -33.79 26.04 1.58
N LEU G 139 -32.50 26.19 1.31
CA LEU G 139 -32.03 25.90 0.00
C LEU G 139 -30.80 25.09 0.37
N GLU G 140 -30.92 23.79 0.25
CA GLU G 140 -29.79 22.94 0.58
C GLU G 140 -28.68 22.83 -0.44
N GLY G 141 -27.48 23.10 0.05
CA GLY G 141 -26.26 23.10 -0.76
C GLY G 141 -26.13 21.92 -1.69
N ARG G 142 -25.83 20.78 -1.10
CA ARG G 142 -25.65 19.54 -1.86
C ARG G 142 -26.75 19.37 -2.87
N LYS G 143 -27.99 19.23 -2.41
CA LYS G 143 -29.04 19.04 -3.39
C LYS G 143 -29.04 20.07 -4.52
N TYR G 144 -28.99 21.35 -4.15
CA TYR G 144 -28.98 22.38 -5.17
C TYR G 144 -27.83 22.19 -6.15
N LEU G 145 -26.70 21.83 -5.58
CA LEU G 145 -25.55 21.63 -6.43
C LEU G 145 -25.80 20.56 -7.46
N GLN G 146 -26.32 19.45 -6.96
CA GLN G 146 -26.61 18.38 -7.90
C GLN G 146 -27.68 18.84 -8.89
N TRP G 147 -28.66 19.58 -8.42
CA TRP G 147 -29.67 20.01 -9.37
C TRP G 147 -29.02 20.83 -10.46
N LEU G 148 -28.34 21.87 -9.99
CA LEU G 148 -27.63 22.77 -10.88
C LEU G 148 -26.78 21.91 -11.81
N THR G 149 -26.10 20.96 -11.22
CA THR G 149 -25.31 20.19 -12.12
C THR G 149 -26.03 19.49 -13.28
N GLU G 150 -27.10 18.77 -12.94
CA GLU G 150 -27.85 18.03 -13.95
C GLU G 150 -28.32 19.07 -14.95
N ARG G 151 -28.82 20.18 -14.44
CA ARG G 151 -29.25 21.17 -15.40
C ARG G 151 -28.13 21.53 -16.37
N LEU G 152 -26.98 21.94 -15.88
CA LEU G 152 -25.89 22.35 -16.76
C LEU G 152 -25.55 21.22 -17.67
N THR G 153 -25.52 20.05 -17.07
CA THR G 153 -25.13 18.95 -17.89
C THR G 153 -26.00 18.77 -19.09
N GLU G 154 -27.31 18.78 -18.86
CA GLU G 154 -28.22 18.59 -19.98
C GLU G 154 -28.12 19.75 -20.95
N ARG G 155 -27.69 20.91 -20.47
CA ARG G 155 -27.54 22.09 -21.29
C ARG G 155 -26.26 21.91 -22.08
N GLY G 156 -25.51 20.87 -21.75
CA GLY G 156 -24.29 20.63 -22.48
C GLY G 156 -23.00 21.21 -21.91
N VAL G 157 -23.04 21.85 -20.78
CA VAL G 157 -21.78 22.39 -20.33
C VAL G 157 -21.01 21.24 -19.78
N LYS G 158 -19.69 21.39 -19.86
CA LYS G 158 -18.73 20.40 -19.35
C LYS G 158 -17.98 20.69 -18.05
N PHE G 159 -17.57 19.53 -17.54
CA PHE G 159 -16.96 19.68 -16.24
C PHE G 159 -15.78 18.82 -16.15
N PHE G 160 -14.68 19.42 -15.67
CA PHE G 160 -13.37 18.82 -15.44
C PHE G 160 -12.81 19.07 -14.09
N LEU G 161 -12.51 17.89 -13.55
CA LEU G 161 -11.89 17.85 -12.25
C LEU G 161 -10.43 18.27 -12.42
N ARG G 162 -10.00 19.34 -11.77
CA ARG G 162 -8.63 19.81 -11.87
C ARG G 162 -8.32 21.04 -11.00
N LYS G 163 -7.08 21.06 -10.54
CA LYS G 163 -6.66 22.21 -9.75
C LYS G 163 -6.27 23.19 -10.82
N VAL G 164 -6.56 24.47 -10.71
CA VAL G 164 -6.12 25.36 -11.77
C VAL G 164 -4.98 25.97 -11.02
N GLU G 165 -3.86 26.14 -11.74
CA GLU G 165 -2.66 26.73 -11.20
C GLU G 165 -2.51 28.22 -11.33
N SER G 166 -2.99 28.73 -12.49
CA SER G 166 -2.89 30.10 -12.92
C SER G 166 -3.89 30.48 -14.01
N PHE G 167 -4.22 31.76 -14.09
CA PHE G 167 -5.23 32.11 -15.08
C PHE G 167 -4.57 31.96 -16.42
N GLU G 168 -3.28 32.26 -16.41
CA GLU G 168 -2.43 32.24 -17.59
C GLU G 168 -2.54 30.84 -18.11
N GLU G 169 -2.31 29.90 -17.21
CA GLU G 169 -2.37 28.50 -17.60
C GLU G 169 -3.63 28.23 -18.39
N VAL G 170 -4.64 28.96 -18.01
CA VAL G 170 -5.94 28.75 -18.57
C VAL G 170 -5.99 29.56 -19.83
N ALA G 171 -5.71 30.85 -19.68
CA ALA G 171 -5.79 31.75 -20.82
C ALA G 171 -4.93 31.00 -21.80
N ARG G 172 -3.76 30.55 -21.35
CA ARG G 172 -2.83 29.82 -22.19
C ARG G 172 -3.45 28.76 -23.04
N GLY G 173 -4.28 27.91 -22.44
CA GLY G 173 -4.93 26.80 -23.12
C GLY G 173 -6.02 27.04 -24.15
N GLY G 174 -6.70 28.19 -24.05
CA GLY G 174 -7.78 28.59 -24.95
C GLY G 174 -9.03 29.26 -24.35
N ALA G 175 -8.86 30.10 -23.32
CA ALA G 175 -10.04 30.72 -22.71
C ALA G 175 -10.27 32.12 -23.22
N ASP G 176 -11.43 32.34 -23.83
CA ASP G 176 -11.71 33.68 -24.29
C ASP G 176 -12.04 34.42 -23.02
N VAL G 177 -12.72 33.70 -22.15
CA VAL G 177 -13.03 34.29 -20.88
C VAL G 177 -12.87 33.29 -19.80
N ILE G 178 -12.58 33.90 -18.67
CA ILE G 178 -12.48 33.10 -17.49
C ILE G 178 -13.26 33.68 -16.36
N ILE G 179 -14.21 32.85 -15.93
CA ILE G 179 -15.06 33.23 -14.83
C ILE G 179 -14.55 32.63 -13.56
N ASN G 180 -14.09 33.54 -12.70
CA ASN G 180 -13.52 33.14 -11.44
C ASN G 180 -14.47 33.04 -10.20
N CYS G 181 -14.72 31.79 -9.75
CA CYS G 181 -15.60 31.53 -8.63
C CYS G 181 -14.99 30.49 -7.73
N THR G 182 -13.77 30.81 -7.34
CA THR G 182 -12.94 29.96 -6.53
C THR G 182 -13.02 30.12 -5.03
N GLY G 183 -14.07 30.81 -4.60
CA GLY G 183 -14.28 30.94 -3.16
C GLY G 183 -13.11 31.36 -2.28
N VAL G 184 -12.96 30.85 -1.05
CA VAL G 184 -11.80 31.29 -0.26
C VAL G 184 -10.43 31.10 -0.93
N TRP G 185 -10.38 30.04 -1.69
CA TRP G 185 -9.12 29.77 -2.32
C TRP G 185 -8.71 30.61 -3.50
N ALA G 186 -9.52 31.65 -3.69
CA ALA G 186 -9.31 32.57 -4.80
C ALA G 186 -7.96 33.27 -4.72
N GLY G 187 -7.56 33.45 -3.47
CA GLY G 187 -6.33 34.19 -3.23
C GLY G 187 -5.14 33.60 -3.96
N VAL G 188 -5.23 32.30 -4.08
CA VAL G 188 -4.14 31.63 -4.72
C VAL G 188 -3.95 32.05 -6.15
N LEU G 189 -5.01 32.07 -6.93
CA LEU G 189 -4.87 32.51 -8.31
C LEU G 189 -4.46 33.96 -8.46
N GLN G 190 -4.65 34.77 -7.42
CA GLN G 190 -4.31 36.19 -7.42
C GLN G 190 -4.71 36.70 -6.06
N PRO G 191 -3.67 37.14 -5.36
CA PRO G 191 -3.76 37.59 -3.99
C PRO G 191 -4.82 38.59 -3.71
N ASP G 192 -5.36 38.43 -2.50
CA ASP G 192 -6.41 39.30 -2.03
C ASP G 192 -6.54 39.16 -0.55
N PRO G 193 -5.80 39.99 0.14
CA PRO G 193 -5.76 40.01 1.59
C PRO G 193 -7.08 40.34 2.20
N LEU G 194 -8.04 40.72 1.36
CA LEU G 194 -9.35 41.04 1.88
C LEU G 194 -10.15 39.84 2.27
N LEU G 195 -9.85 38.83 1.46
CA LEU G 195 -10.42 37.52 1.55
C LEU G 195 -9.82 36.69 2.66
N GLN G 196 -10.69 36.07 3.46
CA GLN G 196 -10.23 35.20 4.53
C GLN G 196 -11.25 34.16 4.85
N PRO G 197 -10.75 33.06 5.42
CA PRO G 197 -11.61 31.94 5.81
C PRO G 197 -12.41 32.30 7.05
N GLY G 198 -13.71 32.04 6.98
CA GLY G 198 -14.61 32.23 8.12
C GLY G 198 -14.96 30.79 8.50
N ARG G 199 -14.07 30.15 9.25
CA ARG G 199 -14.31 28.76 9.61
C ARG G 199 -15.58 28.51 10.38
N GLY G 200 -16.23 27.42 10.02
CA GLY G 200 -17.42 27.07 10.76
C GLY G 200 -17.54 25.56 10.79
N GLN G 201 -17.72 25.00 11.99
CA GLN G 201 -17.94 23.56 12.11
C GLN G 201 -19.44 23.37 12.40
N ILE G 202 -20.00 22.21 12.11
CA ILE G 202 -21.42 21.98 12.40
C ILE G 202 -21.62 20.50 12.69
N ILE G 203 -22.83 20.23 13.13
CA ILE G 203 -23.15 18.86 13.43
C ILE G 203 -24.53 18.60 12.87
N LYS G 204 -24.62 17.54 12.07
CA LYS G 204 -25.88 17.13 11.51
C LYS G 204 -26.41 16.12 12.51
N VAL G 205 -27.70 16.19 12.71
CA VAL G 205 -28.24 15.32 13.71
C VAL G 205 -29.63 14.97 13.25
N ASP G 206 -30.11 13.82 13.68
CA ASP G 206 -31.43 13.41 13.25
C ASP G 206 -32.43 13.78 14.33
N ALA G 207 -33.35 14.71 14.06
CA ALA G 207 -34.35 15.15 15.03
C ALA G 207 -35.48 15.85 14.29
N PRO G 208 -36.27 15.01 13.67
CA PRO G 208 -37.41 15.38 12.86
C PRO G 208 -38.46 16.16 13.60
N TRP G 209 -38.44 16.18 14.90
CA TRP G 209 -39.52 16.99 15.40
C TRP G 209 -39.19 18.49 15.40
N LEU G 210 -37.95 18.86 15.07
CA LEU G 210 -37.72 20.30 15.07
C LEU G 210 -38.11 20.79 13.67
N LYS G 211 -39.12 21.65 13.62
CA LYS G 211 -39.64 22.14 12.36
C LYS G 211 -39.29 23.59 12.05
N ASN G 212 -38.67 24.28 13.01
CA ASN G 212 -38.38 25.70 12.79
C ASN G 212 -36.94 25.97 13.09
N PHE G 213 -36.41 26.95 12.37
CA PHE G 213 -35.04 27.32 12.66
C PHE G 213 -35.03 28.28 13.85
N ILE G 214 -33.87 28.30 14.49
CA ILE G 214 -33.65 29.13 15.66
C ILE G 214 -32.19 29.53 15.63
N ILE G 215 -32.02 30.84 15.54
CA ILE G 215 -30.69 31.41 15.46
C ILE G 215 -30.51 32.45 16.55
N THR G 216 -29.56 32.17 17.41
CA THR G 216 -29.30 33.10 18.49
C THR G 216 -28.19 34.01 18.05
N HIS G 217 -28.09 35.10 18.79
CA HIS G 217 -27.07 36.07 18.47
C HIS G 217 -26.42 36.69 19.69
N ASP G 218 -25.08 36.66 19.76
CA ASP G 218 -24.27 37.27 20.82
C ASP G 218 -23.49 38.41 20.17
N LEU G 219 -23.98 39.61 20.43
CA LEU G 219 -23.45 40.84 19.83
C LEU G 219 -21.94 40.99 20.06
N GLU G 220 -21.45 40.45 21.16
CA GLU G 220 -20.01 40.53 21.47
C GLU G 220 -19.21 39.46 20.71
N ARG G 221 -19.64 38.24 20.94
CA ARG G 221 -19.01 37.01 20.40
C ARG G 221 -18.87 37.02 18.87
N GLY G 222 -19.58 37.92 18.21
CA GLY G 222 -19.55 38.03 16.73
C GLY G 222 -20.65 37.14 16.14
N ILE G 223 -20.89 37.32 14.86
CA ILE G 223 -21.97 36.59 14.15
C ILE G 223 -21.59 35.12 13.90
N TYR G 224 -22.59 34.31 14.18
CA TYR G 224 -22.58 32.85 14.00
C TYR G 224 -21.55 32.19 14.91
N ASN G 225 -21.47 32.73 16.10
CA ASN G 225 -20.60 32.22 17.15
C ASN G 225 -21.48 31.76 18.28
N SER G 226 -22.74 31.97 18.03
CA SER G 226 -23.81 31.62 18.95
C SER G 226 -24.47 30.37 18.41
N PRO G 227 -25.16 29.61 19.23
CA PRO G 227 -25.78 28.38 18.79
C PRO G 227 -26.85 28.70 17.81
N TYR G 228 -26.98 27.81 16.84
CA TYR G 228 -28.09 27.90 15.90
C TYR G 228 -28.52 26.52 15.47
N ILE G 229 -29.78 26.46 15.10
CA ILE G 229 -30.34 25.19 14.73
C ILE G 229 -31.12 25.35 13.49
N ILE G 230 -30.77 24.56 12.49
CA ILE G 230 -31.52 24.70 11.27
C ILE G 230 -31.93 23.39 10.66
N PRO G 231 -33.25 23.23 10.58
CA PRO G 231 -33.90 22.07 10.04
C PRO G 231 -33.52 22.08 8.58
N GLY G 232 -33.51 20.92 7.94
CA GLY G 232 -33.10 20.87 6.56
C GLY G 232 -34.04 19.88 5.91
N LEU G 233 -33.72 19.46 4.70
CA LEU G 233 -34.57 18.53 3.99
C LEU G 233 -34.72 17.24 4.75
N GLN G 234 -33.69 16.76 5.44
CA GLN G 234 -33.87 15.57 6.24
C GLN G 234 -33.25 15.79 7.62
N ALA G 235 -31.94 16.03 7.68
CA ALA G 235 -31.36 16.32 9.00
C ALA G 235 -31.44 17.74 9.49
N VAL G 236 -31.01 17.88 10.74
CA VAL G 236 -30.96 19.19 11.31
C VAL G 236 -29.53 19.54 11.49
N THR G 237 -29.22 20.80 11.23
CA THR G 237 -27.88 21.27 11.40
C THR G 237 -27.79 22.09 12.64
N LEU G 238 -26.89 21.62 13.49
CA LEU G 238 -26.53 22.24 14.76
C LEU G 238 -25.33 23.09 14.44
N GLY G 239 -25.39 24.33 14.87
CA GLY G 239 -24.25 25.13 14.55
C GLY G 239 -23.91 26.16 15.59
N GLY G 240 -22.77 26.78 15.32
CA GLY G 240 -22.32 27.79 16.24
C GLY G 240 -20.97 28.40 16.14
N THR G 241 -20.20 28.25 15.04
CA THR G 241 -18.90 28.92 15.00
C THR G 241 -18.56 29.67 13.70
N PHE G 242 -17.73 30.69 13.82
CA PHE G 242 -17.39 31.44 12.63
C PHE G 242 -16.05 32.05 12.98
N GLN G 243 -14.94 31.36 12.74
CA GLN G 243 -13.59 31.81 13.11
C GLN G 243 -12.76 32.35 11.96
N VAL G 244 -12.54 33.66 11.99
CA VAL G 244 -11.78 34.26 10.91
C VAL G 244 -10.32 34.01 10.82
N GLY G 245 -9.84 33.71 9.63
CA GLY G 245 -8.42 33.41 9.50
C GLY G 245 -8.09 31.99 9.98
N ASN G 246 -9.07 31.23 10.44
CA ASN G 246 -8.72 29.86 10.80
C ASN G 246 -8.82 28.94 9.60
N TRP G 247 -7.75 28.22 9.34
CA TRP G 247 -7.82 27.32 8.22
C TRP G 247 -7.83 25.85 8.53
N ASN G 248 -7.91 25.44 9.80
CA ASN G 248 -7.90 24.00 10.08
C ASN G 248 -9.14 23.44 9.43
N GLU G 249 -8.98 22.42 8.60
CA GLU G 249 -10.17 21.86 8.02
C GLU G 249 -10.70 20.66 8.73
N ILE G 250 -10.13 20.33 9.88
CA ILE G 250 -10.67 19.20 10.59
C ILE G 250 -11.68 19.63 11.63
N ASN G 251 -12.63 18.74 11.93
CA ASN G 251 -13.61 19.07 12.94
C ASN G 251 -12.86 19.01 14.27
N ASN G 252 -13.07 19.98 15.14
CA ASN G 252 -12.36 19.90 16.40
C ASN G 252 -13.28 19.56 17.54
N ILE G 253 -12.80 18.70 18.42
CA ILE G 253 -13.66 18.30 19.50
C ILE G 253 -14.20 19.46 20.33
N GLN G 254 -13.32 20.48 20.44
CA GLN G 254 -13.68 21.57 21.32
C GLN G 254 -15.00 22.11 20.78
N ASP G 255 -14.96 22.54 19.57
CA ASP G 255 -16.08 23.17 18.86
C ASP G 255 -17.28 22.26 18.93
N HIS G 256 -17.07 21.03 18.59
CA HIS G 256 -18.13 20.05 18.63
C HIS G 256 -18.85 20.16 19.96
N ASN G 257 -18.10 20.26 21.05
CA ASN G 257 -18.86 20.36 22.27
C ASN G 257 -19.50 21.72 22.43
N THR G 258 -18.76 22.76 22.13
CA THR G 258 -19.45 24.01 22.34
C THR G 258 -20.74 24.11 21.52
N ILE G 259 -20.78 23.43 20.39
CA ILE G 259 -22.01 23.48 19.59
C ILE G 259 -23.04 22.56 20.23
N TRP G 260 -22.55 21.37 20.47
CA TRP G 260 -23.48 20.45 21.07
C TRP G 260 -24.08 20.96 22.37
N GLU G 261 -23.27 21.53 23.22
CA GLU G 261 -23.89 21.96 24.46
C GLU G 261 -24.74 23.19 24.31
N GLY G 262 -24.27 24.05 23.43
CA GLY G 262 -25.07 25.24 23.30
C GLY G 262 -26.45 24.99 22.74
N CYS G 263 -26.52 24.16 21.71
CA CYS G 263 -27.81 23.93 21.11
C CYS G 263 -28.67 23.13 22.07
N CYS G 264 -28.00 22.20 22.71
CA CYS G 264 -28.71 21.32 23.58
C CYS G 264 -29.33 22.18 24.64
N ARG G 265 -28.58 23.23 25.02
CA ARG G 265 -29.19 24.12 26.04
C ARG G 265 -30.42 24.83 25.47
N LEU G 266 -30.21 25.45 24.32
CA LEU G 266 -31.24 26.15 23.60
C LEU G 266 -32.42 25.22 23.29
N GLU G 267 -32.15 23.92 23.10
CA GLU G 267 -33.15 22.94 22.66
C GLU G 267 -32.92 21.55 23.19
N PRO G 268 -33.24 21.59 24.45
CA PRO G 268 -33.06 20.44 25.31
C PRO G 268 -33.53 19.12 24.73
N THR G 269 -34.44 19.32 23.80
CA THR G 269 -34.98 18.09 23.27
C THR G 269 -33.94 17.22 22.56
N LEU G 270 -32.91 17.97 22.20
CA LEU G 270 -31.81 17.42 21.44
C LEU G 270 -31.18 16.31 22.19
N LYS G 271 -31.60 16.24 23.44
CA LYS G 271 -31.01 15.27 24.34
C LYS G 271 -31.14 13.91 23.70
N ASP G 272 -32.17 13.77 22.87
CA ASP G 272 -32.40 12.50 22.21
C ASP G 272 -32.08 12.50 20.75
N ALA G 273 -31.60 13.61 20.20
CA ALA G 273 -31.26 13.62 18.79
C ALA G 273 -30.01 12.79 18.55
N LYS G 274 -29.96 12.07 17.44
CA LYS G 274 -28.81 11.22 17.13
C LYS G 274 -27.84 11.91 16.18
N ILE G 275 -26.60 11.99 16.58
CA ILE G 275 -25.72 12.66 15.66
C ILE G 275 -25.40 11.85 14.43
N VAL G 276 -25.53 12.47 13.27
CA VAL G 276 -25.17 11.66 12.12
C VAL G 276 -23.96 12.16 11.36
N GLY G 277 -23.42 13.32 11.73
CA GLY G 277 -22.24 13.82 11.02
C GLY G 277 -21.73 15.14 11.55
N GLU G 278 -20.47 15.43 11.26
CA GLU G 278 -19.90 16.71 11.67
C GLU G 278 -19.09 17.22 10.54
N TYR G 279 -19.15 18.52 10.32
CA TYR G 279 -18.40 19.00 9.19
C TYR G 279 -17.91 20.36 9.51
N THR G 280 -16.89 20.71 8.75
CA THR G 280 -16.30 22.01 8.89
C THR G 280 -16.02 22.66 7.54
N GLY G 281 -16.21 23.96 7.40
CA GLY G 281 -16.02 24.68 6.13
C GLY G 281 -15.49 26.11 6.30
N PHE G 282 -15.03 26.67 5.19
CA PHE G 282 -14.48 28.02 5.24
C PHE G 282 -15.38 29.09 4.60
N ARG G 283 -15.94 30.01 5.36
CA ARG G 283 -16.74 30.99 4.65
C ARG G 283 -15.78 31.94 3.97
N PRO G 284 -16.00 32.19 2.69
CA PRO G 284 -15.13 33.07 1.95
C PRO G 284 -15.42 34.49 2.38
N VAL G 285 -14.87 34.79 3.55
CA VAL G 285 -15.05 36.09 4.16
C VAL G 285 -14.33 37.20 3.41
N ARG G 286 -15.03 38.33 3.24
CA ARG G 286 -14.51 39.52 2.57
C ARG G 286 -15.45 40.70 2.80
N PRO G 287 -14.86 41.84 3.12
CA PRO G 287 -15.52 43.10 3.41
C PRO G 287 -16.65 43.34 2.44
N GLN G 288 -16.32 43.00 1.18
CA GLN G 288 -17.37 43.15 0.18
C GLN G 288 -17.13 42.13 -0.86
N VAL G 289 -18.26 41.70 -1.54
CA VAL G 289 -18.06 40.69 -2.56
C VAL G 289 -17.21 41.17 -3.70
N ARG G 290 -16.35 40.33 -4.24
CA ARG G 290 -15.64 40.81 -5.39
C ARG G 290 -16.35 40.24 -6.59
N LEU G 291 -16.92 41.16 -7.35
CA LEU G 291 -17.65 40.74 -8.52
C LEU G 291 -17.45 41.88 -9.51
N GLU G 292 -16.43 41.70 -10.33
CA GLU G 292 -16.05 42.70 -11.31
C GLU G 292 -15.18 42.05 -12.36
N ARG G 293 -15.15 42.79 -13.45
CA ARG G 293 -14.43 42.41 -14.63
C ARG G 293 -12.93 42.75 -14.52
N GLU G 294 -12.07 42.01 -15.23
CA GLU G 294 -10.64 42.29 -15.19
C GLU G 294 -10.02 41.68 -16.44
N GLN G 295 -9.35 42.54 -17.21
CA GLN G 295 -8.71 42.07 -18.43
C GLN G 295 -7.30 41.60 -18.04
N LEU G 296 -6.75 40.65 -18.78
CA LEU G 296 -5.42 40.12 -18.49
C LEU G 296 -4.69 39.86 -19.79
N ARG G 297 -3.54 40.53 -19.92
CA ARG G 297 -2.68 40.45 -21.09
C ARG G 297 -1.66 39.35 -20.87
N PHE G 298 -1.57 38.46 -21.86
CA PHE G 298 -0.63 37.35 -21.86
C PHE G 298 -0.13 37.23 -23.29
N GLY G 299 1.11 37.68 -23.49
CA GLY G 299 1.69 37.67 -24.83
C GLY G 299 0.96 38.78 -25.61
N SER G 300 0.58 38.45 -26.85
CA SER G 300 -0.13 39.39 -27.70
C SER G 300 -1.65 39.23 -27.56
N SER G 301 -2.09 38.46 -26.57
CA SER G 301 -3.52 38.25 -26.43
C SER G 301 -4.10 38.57 -25.07
N ASN G 302 -5.18 39.35 -25.13
CA ASN G 302 -5.92 39.73 -23.95
C ASN G 302 -6.88 38.63 -23.52
N THR G 303 -7.16 38.58 -22.23
CA THR G 303 -8.09 37.58 -21.72
C THR G 303 -8.92 38.20 -20.64
N GLU G 304 -10.21 37.95 -20.78
CA GLU G 304 -11.20 38.49 -19.88
C GLU G 304 -11.58 37.65 -18.68
N VAL G 305 -11.46 38.30 -17.54
CA VAL G 305 -11.82 37.63 -16.32
C VAL G 305 -13.00 38.31 -15.64
N ILE G 306 -13.81 37.51 -14.97
CA ILE G 306 -14.89 38.11 -14.21
C ILE G 306 -14.89 37.38 -12.91
N HIS G 307 -14.65 38.17 -11.89
CA HIS G 307 -14.57 37.64 -10.56
C HIS G 307 -15.93 37.56 -9.91
N ASN G 308 -16.09 36.59 -9.03
CA ASN G 308 -17.34 36.46 -8.32
C ASN G 308 -16.97 35.66 -7.09
N TYR G 309 -16.56 36.38 -6.06
CA TYR G 309 -16.20 35.63 -4.88
C TYR G 309 -16.20 36.46 -3.61
N GLY G 310 -16.23 35.80 -2.46
CA GLY G 310 -16.19 36.44 -1.15
C GLY G 310 -17.57 36.67 -0.57
N HIS G 311 -18.44 35.70 -0.80
CA HIS G 311 -19.82 35.79 -0.31
C HIS G 311 -20.00 35.38 1.13
N GLY G 312 -18.88 35.35 1.84
CA GLY G 312 -18.92 35.03 3.25
C GLY G 312 -19.93 33.98 3.68
N GLY G 313 -20.83 34.37 4.57
CA GLY G 313 -21.82 33.45 5.09
C GLY G 313 -23.19 33.59 4.45
N TYR G 314 -23.25 34.12 3.23
CA TYR G 314 -24.52 34.29 2.56
C TYR G 314 -24.47 33.93 1.09
N GLY G 315 -23.47 33.12 0.80
CA GLY G 315 -23.31 32.68 -0.58
C GLY G 315 -24.62 32.12 -1.17
N LEU G 316 -25.34 31.34 -0.38
CA LEU G 316 -26.57 30.80 -0.93
C LEU G 316 -27.62 31.88 -1.03
N THR G 317 -27.71 32.63 0.06
CA THR G 317 -28.67 33.69 0.18
C THR G 317 -28.66 34.67 -0.93
N ILE G 318 -27.51 34.82 -1.56
CA ILE G 318 -27.43 35.82 -2.59
C ILE G 318 -26.84 35.33 -3.91
N HIS G 319 -26.69 34.03 -4.05
CA HIS G 319 -26.03 33.51 -5.23
C HIS G 319 -26.52 33.98 -6.56
N TRP G 320 -27.84 33.86 -6.69
CA TRP G 320 -28.49 34.20 -7.93
C TRP G 320 -28.31 35.63 -8.42
N GLY G 321 -28.32 36.54 -7.44
CA GLY G 321 -28.22 37.96 -7.73
C GLY G 321 -26.96 38.25 -8.51
N CYS G 322 -25.89 37.77 -7.89
CA CYS G 322 -24.60 37.92 -8.51
C CYS G 322 -24.56 37.22 -9.86
N ALA G 323 -25.05 35.99 -9.88
CA ALA G 323 -25.01 35.20 -11.11
C ALA G 323 -25.55 36.03 -12.24
N LEU G 324 -26.57 36.79 -11.92
CA LEU G 324 -27.14 37.65 -12.95
C LEU G 324 -26.18 38.74 -13.39
N GLU G 325 -25.68 39.48 -12.40
CA GLU G 325 -24.73 40.52 -12.70
C GLU G 325 -23.60 40.06 -13.61
N VAL G 326 -23.04 38.91 -13.25
CA VAL G 326 -21.98 38.42 -14.11
C VAL G 326 -22.42 38.25 -15.54
N ALA G 327 -23.59 37.64 -15.68
CA ALA G 327 -24.06 37.44 -17.02
C ALA G 327 -24.10 38.78 -17.78
N LYS G 328 -24.56 39.77 -17.04
CA LYS G 328 -24.62 41.14 -17.50
C LYS G 328 -23.22 41.58 -17.99
N LEU G 329 -22.23 41.49 -17.11
CA LEU G 329 -20.93 41.92 -17.58
C LEU G 329 -20.49 41.05 -18.71
N PHE G 330 -20.81 39.78 -18.55
CA PHE G 330 -20.34 38.90 -19.57
C PHE G 330 -20.87 39.38 -20.89
N GLY G 331 -22.08 39.91 -20.80
CA GLY G 331 -22.66 40.39 -22.04
C GLY G 331 -21.87 41.54 -22.62
N LYS G 332 -21.57 42.53 -21.77
CA LYS G 332 -20.79 43.69 -22.18
C LYS G 332 -19.56 43.15 -22.87
N VAL G 333 -18.90 42.20 -22.23
CA VAL G 333 -17.76 41.62 -22.89
C VAL G 333 -18.13 41.18 -24.30
N LEU G 334 -19.25 40.51 -24.48
CA LEU G 334 -19.57 40.13 -25.84
C LEU G 334 -19.80 41.34 -26.72
N GLU G 335 -20.41 42.38 -26.20
CA GLU G 335 -20.66 43.54 -27.05
C GLU G 335 -19.33 44.04 -27.59
N GLU G 336 -18.40 44.24 -26.67
CA GLU G 336 -17.07 44.70 -27.04
C GLU G 336 -16.43 43.79 -28.11
N ARG G 337 -16.66 42.49 -28.03
CA ARG G 337 -16.09 41.61 -29.04
C ARG G 337 -16.99 41.72 -30.27
N ASN G 338 -18.02 42.55 -30.17
CA ASN G 338 -18.96 42.71 -31.29
C ASN G 338 -19.71 41.41 -31.53
N LEU G 339 -20.00 40.71 -30.44
CA LEU G 339 -20.74 39.44 -30.47
C LEU G 339 -19.85 38.35 -31.07
N MET H 1 -57.93 -9.45 -30.26
CA MET H 1 -58.70 -10.27 -29.34
C MET H 1 -58.91 -9.65 -27.96
N ARG H 2 -60.14 -9.71 -27.49
CA ARG H 2 -60.34 -9.09 -26.22
C ARG H 2 -60.17 -9.96 -25.03
N VAL H 3 -59.12 -9.61 -24.29
CA VAL H 3 -58.80 -10.33 -23.09
C VAL H 3 -59.10 -9.45 -21.91
N VAL H 4 -59.62 -10.06 -20.85
CA VAL H 4 -59.90 -9.31 -19.64
C VAL H 4 -59.40 -10.07 -18.45
N VAL H 5 -58.53 -9.38 -17.74
CA VAL H 5 -57.96 -10.01 -16.57
C VAL H 5 -58.69 -9.41 -15.40
N ILE H 6 -59.22 -10.29 -14.57
CA ILE H 6 -59.91 -9.79 -13.41
C ILE H 6 -58.99 -10.05 -12.26
N GLY H 7 -58.82 -8.96 -11.51
CA GLY H 7 -57.97 -8.87 -10.33
C GLY H 7 -56.62 -8.26 -10.70
N ALA H 8 -56.09 -7.50 -9.76
CA ALA H 8 -54.84 -6.79 -9.96
C ALA H 8 -53.87 -7.05 -8.81
N GLY H 9 -53.91 -8.25 -8.25
CA GLY H 9 -53.00 -8.64 -7.18
C GLY H 9 -51.75 -9.07 -7.94
N VAL H 10 -50.83 -9.70 -7.22
CA VAL H 10 -49.64 -10.12 -7.93
C VAL H 10 -50.01 -11.09 -9.04
N ILE H 11 -51.02 -11.90 -8.75
CA ILE H 11 -51.43 -12.85 -9.77
C ILE H 11 -51.98 -12.22 -11.04
N GLY H 12 -52.97 -11.36 -10.90
CA GLY H 12 -53.49 -10.79 -12.13
C GLY H 12 -52.40 -10.14 -12.99
N LEU H 13 -51.64 -9.29 -12.34
CA LEU H 13 -50.64 -8.57 -13.08
C LEU H 13 -49.60 -9.38 -13.79
N SER H 14 -48.96 -10.24 -13.03
CA SER H 14 -47.91 -11.03 -13.62
C SER H 14 -48.51 -11.73 -14.82
N THR H 15 -49.67 -12.28 -14.56
CA THR H 15 -50.31 -13.04 -15.60
C THR H 15 -50.54 -12.21 -16.84
N ALA H 16 -51.16 -11.08 -16.59
CA ALA H 16 -51.43 -10.23 -17.72
C ALA H 16 -50.15 -9.91 -18.45
N LEU H 17 -49.18 -9.51 -17.68
CA LEU H 17 -47.94 -9.16 -18.32
C LEU H 17 -47.40 -10.27 -19.21
N CYS H 18 -47.31 -11.38 -18.52
CA CYS H 18 -46.79 -12.55 -19.11
C CYS H 18 -47.53 -12.86 -20.40
N ILE H 19 -48.84 -12.75 -20.41
CA ILE H 19 -49.57 -13.10 -21.62
C ILE H 19 -49.15 -12.12 -22.70
N HIS H 20 -49.29 -10.85 -22.38
CA HIS H 20 -48.97 -9.81 -23.33
C HIS H 20 -47.54 -9.90 -23.80
N GLU H 21 -46.68 -10.11 -22.84
CA GLU H 21 -45.27 -10.18 -23.15
C GLU H 21 -45.00 -11.23 -24.20
N ARG H 22 -45.75 -12.33 -24.13
CA ARG H 22 -45.58 -13.48 -25.02
C ARG H 22 -46.38 -13.52 -26.30
N TYR H 23 -47.46 -12.75 -26.34
CA TYR H 23 -48.28 -12.85 -27.52
C TYR H 23 -48.57 -11.54 -28.11
N HIS H 24 -48.10 -10.48 -27.50
CA HIS H 24 -48.50 -9.24 -28.11
C HIS H 24 -48.29 -9.21 -29.59
N SER H 25 -47.07 -9.41 -30.01
CA SER H 25 -46.87 -9.39 -31.45
C SER H 25 -46.72 -10.76 -32.09
N VAL H 26 -47.47 -11.72 -31.56
CA VAL H 26 -47.47 -13.08 -32.12
C VAL H 26 -48.83 -13.05 -32.84
N LEU H 27 -49.75 -12.31 -32.22
CA LEU H 27 -51.12 -12.00 -32.66
C LEU H 27 -51.08 -10.48 -32.83
N GLN H 28 -51.73 -9.93 -33.85
CA GLN H 28 -51.64 -8.48 -34.00
C GLN H 28 -52.36 -7.56 -33.00
N PRO H 29 -53.66 -7.43 -33.17
CA PRO H 29 -54.43 -6.55 -32.30
C PRO H 29 -54.18 -6.71 -30.81
N LEU H 30 -54.52 -7.89 -30.30
CA LEU H 30 -54.38 -8.20 -28.89
C LEU H 30 -54.74 -7.13 -27.87
N ASP H 31 -55.99 -7.12 -27.44
CA ASP H 31 -56.46 -6.14 -26.47
C ASP H 31 -56.62 -6.63 -25.03
N VAL H 32 -55.73 -6.10 -24.20
CA VAL H 32 -55.80 -6.45 -22.80
C VAL H 32 -56.27 -5.37 -21.84
N LYS H 33 -57.12 -5.75 -20.90
CA LYS H 33 -57.62 -4.76 -19.96
C LYS H 33 -57.67 -5.53 -18.66
N VAL H 34 -57.58 -4.74 -17.61
CA VAL H 34 -57.60 -5.35 -16.31
C VAL H 34 -58.64 -4.63 -15.52
N TYR H 35 -59.57 -5.42 -15.01
CA TYR H 35 -60.60 -4.90 -14.17
C TYR H 35 -60.27 -5.38 -12.78
N ALA H 36 -60.49 -4.52 -11.80
CA ALA H 36 -60.33 -4.90 -10.39
C ALA H 36 -60.95 -3.87 -9.48
N ASP H 37 -61.60 -4.40 -8.46
CA ASP H 37 -62.29 -3.57 -7.49
C ASP H 37 -61.21 -3.07 -6.54
N ARG H 38 -60.05 -3.72 -6.48
CA ARG H 38 -59.01 -3.22 -5.57
C ARG H 38 -57.69 -3.28 -6.32
N PHE H 39 -56.91 -2.24 -6.09
CA PHE H 39 -55.61 -2.05 -6.67
C PHE H 39 -54.69 -1.69 -5.50
N THR H 40 -53.39 -1.85 -5.70
CA THR H 40 -52.51 -1.55 -4.58
C THR H 40 -52.70 -0.13 -4.17
N PRO H 41 -52.50 0.18 -2.90
CA PRO H 41 -52.12 -0.73 -1.86
C PRO H 41 -53.24 -1.58 -1.31
N PHE H 42 -54.31 -1.75 -2.06
CA PHE H 42 -55.32 -2.58 -1.44
C PHE H 42 -55.44 -4.08 -1.59
N THR H 43 -54.62 -4.71 -2.43
CA THR H 43 -54.71 -6.15 -2.61
C THR H 43 -54.16 -6.97 -1.45
N THR H 44 -54.49 -8.25 -1.53
CA THR H 44 -54.02 -9.11 -0.47
C THR H 44 -52.53 -9.05 -0.64
N THR H 45 -52.14 -9.15 -1.90
CA THR H 45 -50.75 -9.09 -2.25
C THR H 45 -50.03 -7.98 -1.48
N ASP H 46 -50.63 -6.79 -1.42
CA ASP H 46 -50.00 -5.70 -0.67
C ASP H 46 -49.61 -6.03 0.77
N VAL H 47 -50.26 -6.99 1.39
CA VAL H 47 -49.95 -7.32 2.78
C VAL H 47 -49.04 -8.52 2.97
N ALA H 48 -48.69 -9.26 1.92
CA ALA H 48 -47.81 -10.40 2.13
C ALA H 48 -46.49 -10.02 2.80
N ALA H 49 -46.00 -10.98 3.57
CA ALA H 49 -44.76 -10.85 4.28
C ALA H 49 -43.62 -10.54 3.28
N GLY H 50 -43.80 -10.93 2.02
CA GLY H 50 -42.81 -10.58 1.01
C GLY H 50 -41.61 -11.48 0.85
N LEU H 51 -41.75 -12.71 1.32
CA LEU H 51 -40.64 -13.63 1.22
C LEU H 51 -40.86 -14.80 0.28
N TRP H 52 -39.80 -15.24 -0.39
CA TRP H 52 -39.97 -16.40 -1.23
C TRP H 52 -39.69 -17.61 -0.37
N GLN H 53 -40.73 -18.41 -0.14
CA GLN H 53 -40.62 -19.61 0.63
C GLN H 53 -41.92 -20.40 0.61
N PRO H 54 -41.90 -21.48 -0.14
CA PRO H 54 -43.06 -22.34 -0.24
C PRO H 54 -43.23 -23.05 1.10
N TYR H 55 -44.41 -23.62 1.32
CA TYR H 55 -44.68 -24.34 2.55
C TYR H 55 -43.66 -25.48 2.68
N THR H 56 -43.52 -26.05 3.85
CA THR H 56 -42.53 -27.07 4.06
C THR H 56 -42.92 -28.41 3.56
N SER H 57 -44.21 -28.66 3.62
CA SER H 57 -44.81 -29.90 3.15
C SER H 57 -44.70 -30.05 1.63
N GLU H 58 -44.46 -31.27 1.16
CA GLU H 58 -44.37 -31.56 -0.27
C GLU H 58 -45.70 -31.16 -0.83
N PRO H 59 -45.63 -30.51 -1.97
CA PRO H 59 -46.88 -30.03 -2.58
C PRO H 59 -47.89 -31.13 -3.00
N SER H 60 -49.16 -30.78 -3.20
CA SER H 60 -50.10 -31.80 -3.67
C SER H 60 -49.95 -31.97 -5.20
N ASN H 61 -49.73 -30.86 -5.90
CA ASN H 61 -49.59 -30.88 -7.33
C ASN H 61 -48.11 -31.03 -7.57
N PRO H 62 -47.74 -32.03 -8.36
CA PRO H 62 -46.34 -32.17 -8.75
C PRO H 62 -45.92 -30.87 -9.50
N GLN H 63 -46.92 -30.12 -9.93
CA GLN H 63 -46.67 -28.89 -10.67
C GLN H 63 -46.40 -27.61 -9.88
N GLU H 64 -46.77 -27.69 -8.62
CA GLU H 64 -46.48 -26.55 -7.80
C GLU H 64 -44.96 -26.46 -7.68
N ALA H 65 -44.29 -27.55 -7.35
CA ALA H 65 -42.86 -27.43 -7.19
C ALA H 65 -42.17 -26.78 -8.35
N ASN H 66 -42.69 -27.06 -9.53
CA ASN H 66 -42.01 -26.43 -10.65
C ASN H 66 -42.28 -24.95 -10.71
N TRP H 67 -43.55 -24.59 -10.59
CA TRP H 67 -43.91 -23.20 -10.63
C TRP H 67 -43.06 -22.41 -9.64
N ASN H 68 -42.91 -23.01 -8.47
CA ASN H 68 -42.06 -22.39 -7.48
C ASN H 68 -40.65 -22.25 -7.97
N GLN H 69 -40.09 -23.36 -8.42
CA GLN H 69 -38.76 -23.25 -8.95
C GLN H 69 -38.64 -22.23 -10.06
N GLN H 70 -39.49 -22.35 -11.05
CA GLN H 70 -39.46 -21.36 -12.11
C GLN H 70 -39.55 -19.94 -11.58
N THR H 71 -40.45 -19.69 -10.61
CA THR H 71 -40.59 -18.35 -10.05
C THR H 71 -39.23 -17.91 -9.43
N PHE H 72 -38.66 -18.81 -8.65
CA PHE H 72 -37.40 -18.42 -8.07
C PHE H 72 -36.30 -18.10 -9.03
N ASN H 73 -36.28 -18.80 -10.15
CA ASN H 73 -35.16 -18.53 -11.03
C ASN H 73 -35.31 -17.21 -11.69
N TYR H 74 -36.55 -17.01 -12.09
CA TYR H 74 -36.88 -15.79 -12.78
C TYR H 74 -36.49 -14.69 -11.83
N LEU H 75 -36.87 -14.88 -10.58
CA LEU H 75 -36.50 -13.79 -9.74
C LEU H 75 -35.02 -13.57 -9.67
N LEU H 76 -34.35 -14.66 -9.28
CA LEU H 76 -32.91 -14.64 -9.09
C LEU H 76 -32.23 -13.97 -10.26
N SER H 77 -32.70 -14.34 -11.45
CA SER H 77 -32.13 -13.80 -12.67
C SER H 77 -32.04 -12.27 -12.61
N HIS H 78 -32.96 -11.64 -11.92
CA HIS H 78 -32.94 -10.20 -11.86
C HIS H 78 -31.92 -9.63 -10.92
N ILE H 79 -31.60 -10.40 -9.88
CA ILE H 79 -30.62 -9.98 -8.90
C ILE H 79 -29.31 -9.92 -9.66
N GLY H 80 -28.86 -8.67 -9.80
CA GLY H 80 -27.64 -8.34 -10.53
C GLY H 80 -27.87 -7.03 -11.31
N SER H 81 -29.12 -6.85 -11.74
CA SER H 81 -29.56 -5.67 -12.45
C SER H 81 -29.73 -4.56 -11.44
N PRO H 82 -29.70 -3.34 -11.94
CA PRO H 82 -29.83 -2.14 -11.13
C PRO H 82 -31.22 -1.97 -10.58
N ASN H 83 -32.17 -2.44 -11.36
CA ASN H 83 -33.56 -2.28 -10.95
C ASN H 83 -34.23 -3.24 -9.97
N ALA H 84 -33.47 -4.26 -9.65
CA ALA H 84 -34.02 -5.27 -8.80
C ALA H 84 -34.73 -4.75 -7.58
N ALA H 85 -34.17 -3.74 -6.93
CA ALA H 85 -34.91 -3.34 -5.75
C ALA H 85 -36.02 -2.48 -6.25
N ASN H 86 -35.86 -1.95 -7.44
CA ASN H 86 -36.98 -1.17 -7.91
C ASN H 86 -38.12 -2.11 -8.22
N MET H 87 -37.83 -3.37 -8.49
CA MET H 87 -38.93 -4.28 -8.71
C MET H 87 -39.44 -4.71 -7.35
N GLY H 88 -38.69 -4.44 -6.27
CA GLY H 88 -39.11 -4.81 -4.92
C GLY H 88 -38.40 -6.10 -4.48
N LEU H 89 -37.32 -6.40 -5.18
CA LEU H 89 -36.49 -7.56 -4.87
C LEU H 89 -35.15 -7.38 -4.17
N THR H 90 -34.80 -8.30 -3.28
CA THR H 90 -33.47 -8.40 -2.66
C THR H 90 -33.22 -9.66 -1.92
N PRO H 91 -31.97 -10.02 -1.90
CA PRO H 91 -31.61 -11.27 -1.27
C PRO H 91 -31.67 -11.05 0.20
N VAL H 92 -32.06 -12.10 0.92
CA VAL H 92 -32.09 -12.07 2.35
C VAL H 92 -31.80 -13.50 2.79
N SER H 93 -31.14 -13.62 3.93
CA SER H 93 -30.82 -14.94 4.43
C SER H 93 -31.56 -15.10 5.74
N GLY H 94 -31.75 -16.32 6.19
CA GLY H 94 -32.44 -16.41 7.46
C GLY H 94 -32.68 -17.82 7.92
N TYR H 95 -33.35 -17.84 9.06
CA TYR H 95 -33.67 -19.06 9.76
C TYR H 95 -35.09 -19.56 9.76
N ASN H 96 -35.20 -20.87 9.95
CA ASN H 96 -36.45 -21.58 10.10
C ASN H 96 -36.21 -22.48 11.29
N LEU H 97 -36.93 -22.11 12.35
CA LEU H 97 -36.82 -22.80 13.61
C LEU H 97 -37.93 -23.80 13.82
N PHE H 98 -37.57 -24.82 14.58
CA PHE H 98 -38.44 -25.91 14.94
C PHE H 98 -38.12 -26.44 16.31
N ARG H 99 -39.14 -27.14 16.81
CA ARG H 99 -38.99 -27.67 18.13
C ARG H 99 -38.52 -29.12 18.20
N GLU H 100 -38.65 -29.81 17.09
CA GLU H 100 -38.29 -31.21 16.94
C GLU H 100 -37.63 -31.28 15.58
N ALA H 101 -36.87 -32.33 15.33
CA ALA H 101 -36.24 -32.40 14.04
C ALA H 101 -37.32 -32.64 13.03
N VAL H 102 -36.96 -32.34 11.79
CA VAL H 102 -37.85 -32.39 10.67
C VAL H 102 -37.13 -32.51 9.34
N PRO H 103 -37.82 -33.22 8.48
CA PRO H 103 -37.37 -33.46 7.12
C PRO H 103 -37.15 -32.17 6.34
N ASP H 104 -36.10 -32.24 5.53
CA ASP H 104 -35.74 -31.12 4.70
C ASP H 104 -36.86 -30.77 3.76
N PRO H 105 -37.06 -29.51 3.45
CA PRO H 105 -38.15 -29.12 2.56
C PRO H 105 -37.86 -29.53 1.14
N TYR H 106 -38.88 -29.77 0.32
CA TYR H 106 -38.54 -30.10 -1.04
C TYR H 106 -37.78 -29.01 -1.73
N TRP H 107 -38.04 -27.79 -1.32
CA TRP H 107 -37.34 -26.71 -1.98
C TRP H 107 -35.91 -26.50 -1.49
N LYS H 108 -35.46 -27.41 -0.64
CA LYS H 108 -34.12 -27.28 -0.09
C LYS H 108 -33.15 -26.88 -1.18
N ASP H 109 -33.33 -27.44 -2.37
CA ASP H 109 -32.36 -27.07 -3.39
C ASP H 109 -32.70 -25.89 -4.27
N MET H 110 -33.88 -25.31 -4.07
CA MET H 110 -34.19 -24.21 -4.96
C MET H 110 -33.57 -23.00 -4.32
N VAL H 111 -33.53 -23.00 -3.00
CA VAL H 111 -32.94 -21.84 -2.37
C VAL H 111 -31.45 -21.94 -2.36
N LEU H 112 -30.82 -20.79 -2.13
CA LEU H 112 -29.38 -20.69 -2.05
C LEU H 112 -28.80 -21.05 -0.69
N GLY H 113 -27.82 -21.94 -0.69
CA GLY H 113 -27.12 -22.29 0.54
C GLY H 113 -27.80 -23.05 1.66
N PHE H 114 -28.87 -23.75 1.34
CA PHE H 114 -29.57 -24.44 2.39
C PHE H 114 -28.66 -25.30 3.25
N ARG H 115 -28.90 -25.33 4.55
CA ARG H 115 -28.14 -26.15 5.48
C ARG H 115 -28.83 -26.17 6.82
N LYS H 116 -28.58 -27.23 7.58
CA LYS H 116 -29.19 -27.39 8.91
C LYS H 116 -28.40 -26.54 9.88
N LEU H 117 -29.07 -25.94 10.84
CA LEU H 117 -28.33 -25.06 11.71
C LEU H 117 -27.60 -25.89 12.69
N THR H 118 -26.46 -25.38 13.12
CA THR H 118 -25.59 -25.91 14.14
C THR H 118 -26.11 -25.42 15.49
N PRO H 119 -25.55 -26.01 16.51
CA PRO H 119 -25.92 -25.67 17.87
C PRO H 119 -25.63 -24.24 18.26
N ARG H 120 -24.43 -23.75 17.94
CA ARG H 120 -24.11 -22.39 18.34
C ARG H 120 -25.17 -21.47 17.81
N GLU H 121 -25.53 -21.80 16.59
CA GLU H 121 -26.52 -21.01 15.91
C GLU H 121 -27.80 -21.09 16.70
N LEU H 122 -28.18 -22.33 16.99
CA LEU H 122 -29.40 -22.55 17.72
C LEU H 122 -29.35 -21.88 19.05
N ASP H 123 -28.16 -21.71 19.58
CA ASP H 123 -28.13 -21.10 20.89
C ASP H 123 -28.66 -19.71 20.72
N MET H 124 -28.58 -19.19 19.50
CA MET H 124 -29.13 -17.86 19.36
C MET H 124 -30.62 -17.82 19.59
N PHE H 125 -31.25 -18.96 19.54
CA PHE H 125 -32.70 -19.10 19.64
C PHE H 125 -33.06 -20.37 20.48
N PRO H 126 -32.99 -20.21 21.80
CA PRO H 126 -33.12 -21.32 22.73
C PRO H 126 -34.40 -22.04 22.93
N ASP H 127 -35.47 -21.48 22.37
CA ASP H 127 -36.73 -22.17 22.56
C ASP H 127 -36.74 -23.17 21.48
N TYR H 128 -35.96 -22.93 20.44
CA TYR H 128 -35.99 -23.94 19.41
C TYR H 128 -35.05 -25.11 19.56
N ARG H 129 -35.41 -26.26 18.95
CA ARG H 129 -34.60 -27.49 19.01
C ARG H 129 -34.03 -27.86 17.64
N TYR H 130 -34.34 -27.10 16.63
CA TYR H 130 -33.90 -27.60 15.36
C TYR H 130 -34.19 -26.61 14.27
N GLY H 131 -33.46 -26.68 13.20
CA GLY H 131 -33.82 -25.74 12.15
C GLY H 131 -32.90 -25.68 10.96
N TRP H 132 -33.26 -24.81 10.05
CA TRP H 132 -32.50 -24.67 8.85
C TRP H 132 -32.07 -23.23 8.64
N PHE H 133 -31.18 -23.13 7.65
CA PHE H 133 -30.65 -21.87 7.21
C PHE H 133 -30.44 -21.86 5.70
N ASN H 134 -30.78 -20.71 5.13
CA ASN H 134 -30.61 -20.55 3.70
C ASN H 134 -30.86 -19.09 3.37
N THR H 135 -30.43 -18.78 2.15
CA THR H 135 -30.61 -17.45 1.71
C THR H 135 -31.66 -17.56 0.63
N SER H 136 -32.44 -16.49 0.50
CA SER H 136 -33.52 -16.40 -0.45
C SER H 136 -33.76 -14.94 -0.87
N LEU H 137 -35.00 -14.66 -1.27
CA LEU H 137 -35.32 -13.33 -1.75
C LEU H 137 -36.53 -12.68 -1.16
N ILE H 138 -36.44 -11.37 -1.08
CA ILE H 138 -37.57 -10.64 -0.61
C ILE H 138 -38.12 -10.10 -1.90
N LEU H 139 -39.43 -10.22 -2.03
CA LEU H 139 -40.06 -9.69 -3.21
C LEU H 139 -41.23 -9.01 -2.55
N GLU H 140 -41.13 -7.70 -2.43
CA GLU H 140 -42.20 -6.96 -1.81
C GLU H 140 -43.43 -6.67 -2.65
N GLY H 141 -44.56 -7.06 -2.08
CA GLY H 141 -45.87 -6.93 -2.73
C GLY H 141 -46.10 -5.61 -3.39
N ARG H 142 -46.34 -4.60 -2.56
CA ARG H 142 -46.61 -3.25 -3.04
C ARG H 142 -45.63 -2.86 -4.12
N LYS H 143 -44.35 -2.78 -3.79
CA LYS H 143 -43.42 -2.38 -4.84
C LYS H 143 -43.56 -3.18 -6.13
N TYR H 144 -43.56 -4.50 -6.01
CA TYR H 144 -43.70 -5.32 -7.21
C TYR H 144 -44.95 -4.97 -7.99
N LEU H 145 -46.01 -4.75 -7.23
CA LEU H 145 -47.26 -4.42 -7.89
C LEU H 145 -47.13 -3.16 -8.71
N GLN H 146 -46.55 -2.16 -8.07
CA GLN H 146 -46.37 -0.92 -8.81
C GLN H 146 -45.43 -1.15 -10.00
N TRP H 147 -44.40 -1.95 -9.79
CA TRP H 147 -43.51 -2.17 -10.92
C TRP H 147 -44.29 -2.78 -12.05
N LEU H 148 -44.91 -3.91 -11.73
CA LEU H 148 -45.73 -4.64 -12.68
C LEU H 148 -46.67 -3.64 -13.32
N THR H 149 -47.28 -2.83 -12.49
CA THR H 149 -48.16 -1.91 -13.13
C THR H 149 -47.59 -1.00 -14.20
N GLU H 150 -46.49 -0.33 -13.85
CA GLU H 150 -45.86 0.60 -14.78
C GLU H 150 -45.52 -0.21 -16.01
N ARG H 151 -44.96 -1.39 -15.79
CA ARG H 151 -44.64 -2.16 -16.96
C ARG H 151 -45.87 -2.35 -17.86
N LEU H 152 -46.97 -2.88 -17.32
CA LEU H 152 -48.15 -3.13 -18.12
C LEU H 152 -48.59 -1.86 -18.76
N THR H 153 -48.55 -0.83 -17.94
CA THR H 153 -49.04 0.40 -18.48
C THR H 153 -48.31 0.83 -19.72
N GLU H 154 -46.99 0.81 -19.65
CA GLU H 154 -46.21 1.22 -20.80
C GLU H 154 -46.42 0.27 -21.97
N ARG H 155 -46.80 -0.95 -21.67
CA ARG H 155 -47.04 -1.97 -22.68
C ARG H 155 -48.41 -1.67 -23.26
N GLY H 156 -49.11 -0.73 -22.66
CA GLY H 156 -50.42 -0.38 -23.19
C GLY H 156 -51.62 -1.09 -22.58
N VAL H 157 -51.38 -1.83 -21.53
CA VAL H 157 -52.51 -2.50 -20.92
C VAL H 157 -53.35 -1.50 -20.16
N LYS H 158 -54.63 -1.43 -20.42
CA LYS H 158 -55.43 -0.48 -19.66
C LYS H 158 -55.99 -0.95 -18.30
N PHE H 159 -56.24 0.02 -17.40
CA PHE H 159 -56.81 -0.38 -16.11
C PHE H 159 -58.02 0.34 -15.63
N PHE H 160 -58.90 -0.41 -14.95
CA PHE H 160 -60.17 0.07 -14.45
C PHE H 160 -60.56 -0.52 -13.09
N LEU H 161 -61.02 0.40 -12.23
CA LEU H 161 -61.50 0.09 -10.88
C LEU H 161 -62.94 -0.35 -11.07
N ARG H 162 -63.22 -1.63 -10.85
CA ARG H 162 -64.58 -2.10 -11.05
C ARG H 162 -64.93 -3.39 -10.41
N LYS H 163 -66.07 -3.43 -9.76
CA LYS H 163 -66.38 -4.72 -9.23
C LYS H 163 -67.06 -5.45 -10.37
N VAL H 164 -66.56 -6.64 -10.62
CA VAL H 164 -67.22 -7.49 -11.56
C VAL H 164 -68.22 -8.31 -10.73
N GLU H 165 -69.43 -8.38 -11.26
CA GLU H 165 -70.52 -9.10 -10.62
C GLU H 165 -70.73 -10.52 -11.21
N SER H 166 -70.27 -10.65 -12.45
CA SER H 166 -70.38 -11.93 -13.14
C SER H 166 -69.48 -12.17 -14.32
N PHE H 167 -69.14 -13.44 -14.43
CA PHE H 167 -68.37 -13.59 -15.62
C PHE H 167 -69.30 -13.22 -16.77
N GLU H 168 -70.56 -13.52 -16.51
CA GLU H 168 -71.64 -13.33 -17.48
C GLU H 168 -71.55 -11.96 -18.11
N GLU H 169 -71.79 -10.99 -17.23
CA GLU H 169 -71.67 -9.57 -17.54
C GLU H 169 -70.54 -9.33 -18.56
N VAL H 170 -69.30 -9.55 -18.13
CA VAL H 170 -68.20 -9.32 -19.02
C VAL H 170 -68.34 -10.09 -20.27
N ALA H 171 -68.71 -11.33 -20.03
CA ALA H 171 -68.87 -12.32 -21.04
C ALA H 171 -69.78 -11.75 -22.11
N ARG H 172 -71.05 -11.60 -21.71
CA ARG H 172 -72.05 -11.04 -22.62
C ARG H 172 -71.65 -9.57 -22.61
N GLY H 173 -70.63 -9.23 -23.37
CA GLY H 173 -70.24 -7.84 -23.27
C GLY H 173 -69.07 -7.74 -24.18
N GLY H 174 -69.00 -8.73 -25.06
CA GLY H 174 -67.93 -8.83 -26.04
C GLY H 174 -66.61 -8.98 -25.29
N ALA H 175 -66.46 -10.19 -24.77
CA ALA H 175 -65.28 -10.52 -24.00
C ALA H 175 -64.66 -11.83 -24.53
N ASP H 176 -63.66 -11.77 -25.39
CA ASP H 176 -63.16 -13.05 -25.91
C ASP H 176 -62.48 -13.98 -24.87
N VAL H 177 -61.61 -13.40 -24.05
CA VAL H 177 -61.02 -14.16 -22.97
C VAL H 177 -60.96 -13.47 -21.62
N ILE H 178 -61.25 -14.28 -20.60
CA ILE H 178 -61.24 -13.76 -19.26
C ILE H 178 -60.40 -14.68 -18.40
N ILE H 179 -59.57 -14.01 -17.63
CA ILE H 179 -58.65 -14.74 -16.83
C ILE H 179 -58.90 -14.19 -15.52
N ASN H 180 -59.53 -15.10 -14.81
CA ASN H 180 -59.93 -14.94 -13.45
C ASN H 180 -58.79 -15.08 -12.44
N CYS H 181 -58.41 -13.99 -11.82
CA CYS H 181 -57.39 -13.94 -10.79
C CYS H 181 -57.90 -13.11 -9.63
N THR H 182 -59.06 -13.51 -9.18
CA THR H 182 -59.79 -12.87 -8.11
C THR H 182 -59.53 -13.30 -6.70
N GLY H 183 -58.44 -14.04 -6.53
CA GLY H 183 -58.05 -14.44 -5.18
C GLY H 183 -59.11 -15.04 -4.27
N VAL H 184 -59.11 -14.78 -2.96
CA VAL H 184 -60.17 -15.40 -2.14
C VAL H 184 -61.61 -15.11 -2.58
N TRP H 185 -61.76 -13.93 -3.12
CA TRP H 185 -63.08 -13.58 -3.54
C TRP H 185 -63.62 -14.17 -4.80
N ALA H 186 -62.85 -15.14 -5.29
CA ALA H 186 -63.18 -15.83 -6.51
C ALA H 186 -64.51 -16.57 -6.41
N GLY H 187 -64.76 -16.99 -5.18
CA GLY H 187 -65.96 -17.79 -4.96
C GLY H 187 -67.23 -17.10 -5.41
N VAL H 188 -67.15 -15.80 -5.28
CA VAL H 188 -68.30 -15.05 -5.64
C VAL H 188 -68.66 -15.19 -7.10
N LEU H 189 -67.71 -15.04 -7.99
CA LEU H 189 -68.01 -15.20 -9.39
C LEU H 189 -68.44 -16.62 -9.79
N GLN H 190 -68.12 -17.60 -8.95
CA GLN H 190 -68.46 -19.00 -9.18
C GLN H 190 -67.91 -19.75 -8.00
N PRO H 191 -68.85 -20.34 -7.28
CA PRO H 191 -68.60 -21.03 -6.05
C PRO H 191 -67.51 -22.05 -6.09
N ASP H 192 -66.84 -22.12 -4.94
CA ASP H 192 -65.73 -23.04 -4.78
C ASP H 192 -65.43 -23.18 -3.32
N PRO H 193 -66.08 -24.14 -2.73
CA PRO H 193 -65.95 -24.44 -1.31
C PRO H 193 -64.56 -24.85 -0.94
N LEU H 194 -63.72 -25.04 -1.94
CA LEU H 194 -62.35 -25.44 -1.65
C LEU H 194 -61.50 -24.31 -1.13
N LEU H 195 -61.90 -23.18 -1.69
CA LEU H 195 -61.34 -21.88 -1.42
C LEU H 195 -61.79 -21.30 -0.11
N GLN H 196 -60.84 -20.82 0.70
CA GLN H 196 -61.16 -20.19 1.95
C GLN H 196 -60.11 -19.20 2.36
N PRO H 197 -60.53 -18.23 3.18
CA PRO H 197 -59.65 -17.20 3.68
C PRO H 197 -58.69 -17.77 4.73
N GLY H 198 -57.41 -17.47 4.55
CA GLY H 198 -56.38 -17.86 5.51
C GLY H 198 -55.99 -16.52 6.13
N ARG H 199 -56.78 -16.05 7.08
CA ARG H 199 -56.51 -14.76 7.67
C ARG H 199 -55.15 -14.62 8.32
N GLY H 200 -54.55 -13.47 8.11
CA GLY H 200 -53.28 -13.25 8.76
C GLY H 200 -53.15 -11.76 9.07
N GLN H 201 -52.84 -11.44 10.32
CA GLN H 201 -52.60 -10.05 10.69
C GLN H 201 -51.08 -9.89 10.83
N ILE H 202 -50.55 -8.67 10.70
CA ILE H 202 -49.11 -8.47 10.88
C ILE H 202 -48.87 -7.07 11.41
N ILE H 203 -47.62 -6.87 11.77
CA ILE H 203 -47.28 -5.57 12.28
C ILE H 203 -45.96 -5.18 11.61
N LYS H 204 -45.96 -3.98 11.04
CA LYS H 204 -44.78 -3.44 10.43
C LYS H 204 -44.13 -2.64 11.54
N VAL H 205 -42.83 -2.72 11.56
CA VAL H 205 -42.18 -2.04 12.64
C VAL H 205 -40.86 -1.57 12.09
N ASP H 206 -40.33 -0.51 12.68
CA ASP H 206 -39.06 -0.01 12.19
C ASP H 206 -37.94 -0.54 13.06
N ALA H 207 -37.07 -1.39 12.50
CA ALA H 207 -35.96 -1.98 13.24
C ALA H 207 -34.92 -2.50 12.25
N PRO H 208 -34.21 -1.53 11.71
CA PRO H 208 -33.17 -1.73 10.74
C PRO H 208 -32.05 -2.61 11.18
N TRP H 209 -31.91 -2.88 12.44
CA TRP H 209 -30.78 -3.75 12.64
C TRP H 209 -31.11 -5.21 12.39
N LEU H 210 -32.38 -5.54 12.15
CA LEU H 210 -32.60 -6.97 11.89
C LEU H 210 -32.39 -7.17 10.39
N LYS H 211 -31.38 -7.98 10.06
CA LYS H 211 -31.03 -8.20 8.66
C LYS H 211 -31.40 -9.58 8.13
N ASN H 212 -31.90 -10.45 9.00
CA ASN H 212 -32.22 -11.80 8.54
C ASN H 212 -33.62 -12.17 8.96
N PHE H 213 -34.23 -13.01 8.13
CA PHE H 213 -35.55 -13.46 8.50
C PHE H 213 -35.42 -14.62 9.47
N ILE H 214 -36.50 -14.79 10.23
CA ILE H 214 -36.57 -15.83 11.23
C ILE H 214 -38.03 -16.25 11.29
N ILE H 215 -38.22 -17.53 10.98
CA ILE H 215 -39.55 -18.10 10.94
C ILE H 215 -39.58 -19.33 11.83
N THR H 216 -40.44 -19.25 12.84
CA THR H 216 -40.56 -20.37 13.74
C THR H 216 -41.72 -21.20 13.25
N HIS H 217 -41.73 -22.42 13.77
CA HIS H 217 -42.78 -23.34 13.40
C HIS H 217 -43.28 -24.20 14.54
N ASP H 218 -44.60 -24.20 14.78
CA ASP H 218 -45.28 -25.03 15.78
C ASP H 218 -46.12 -26.04 15.01
N LEU H 219 -45.61 -27.25 14.99
CA LEU H 219 -46.21 -28.36 14.23
C LEU H 219 -47.68 -28.58 14.59
N GLU H 220 -48.04 -28.28 15.82
CA GLU H 220 -49.43 -28.44 16.29
C GLU H 220 -50.31 -27.27 15.84
N ARG H 221 -49.86 -26.10 16.25
CA ARG H 221 -50.55 -24.81 16.04
C ARG H 221 -50.87 -24.53 14.56
N GLY H 222 -50.25 -25.27 13.67
CA GLY H 222 -50.45 -25.09 12.21
C GLY H 222 -49.43 -24.09 11.67
N ILE H 223 -49.35 -24.01 10.36
CA ILE H 223 -48.37 -23.13 9.69
C ILE H 223 -48.76 -21.66 9.77
N TYR H 224 -47.73 -20.88 10.08
CA TYR H 224 -47.78 -19.42 10.18
C TYR H 224 -48.70 -18.98 11.33
N ASN H 225 -48.62 -19.74 12.39
CA ASN H 225 -49.36 -19.45 13.62
C ASN H 225 -48.35 -19.19 14.70
N SER H 226 -47.13 -19.32 14.26
CA SER H 226 -45.96 -19.13 15.11
C SER H 226 -45.37 -17.79 14.75
N PRO H 227 -44.58 -17.19 15.62
CA PRO H 227 -44.03 -15.88 15.35
C PRO H 227 -43.08 -15.98 14.20
N TYR H 228 -43.06 -14.92 13.42
CA TYR H 228 -42.07 -14.81 12.36
C TYR H 228 -41.70 -13.35 12.15
N ILE H 229 -40.48 -13.20 11.65
CA ILE H 229 -39.98 -11.86 11.48
C ILE H 229 -39.34 -11.77 10.14
N ILE H 230 -39.81 -10.81 9.37
CA ILE H 230 -39.22 -10.69 8.07
C ILE H 230 -38.89 -9.29 7.67
N PRO H 231 -37.58 -9.08 7.48
CA PRO H 231 -37.01 -7.82 7.10
C PRO H 231 -37.54 -7.56 5.71
N GLY H 232 -37.64 -6.30 5.33
CA GLY H 232 -38.21 -5.99 4.02
C GLY H 232 -37.34 -4.88 3.48
N LEU H 233 -37.81 -4.24 2.42
CA LEU H 233 -37.05 -3.18 1.81
C LEU H 233 -36.82 -2.05 2.78
N GLN H 234 -37.76 -1.73 3.66
CA GLN H 234 -37.48 -0.72 4.66
C GLN H 234 -37.94 -1.22 6.02
N ALA H 235 -39.22 -1.50 6.20
CA ALA H 235 -39.64 -2.04 7.49
C ALA H 235 -39.50 -3.52 7.69
N VAL H 236 -39.78 -3.91 8.93
CA VAL H 236 -39.76 -5.31 9.23
C VAL H 236 -41.17 -5.72 9.51
N THR H 237 -41.51 -6.91 9.05
CA THR H 237 -42.81 -7.43 9.28
C THR H 237 -42.76 -8.48 10.34
N LEU H 238 -43.55 -8.20 11.38
CA LEU H 238 -43.76 -9.07 12.52
C LEU H 238 -44.99 -9.87 12.18
N GLY H 239 -44.87 -11.16 12.37
CA GLY H 239 -46.04 -11.92 12.02
C GLY H 239 -46.26 -13.13 12.89
N GLY H 240 -47.42 -13.72 12.63
CA GLY H 240 -47.76 -14.88 13.38
C GLY H 240 -49.12 -15.50 13.32
N THR H 241 -50.00 -15.17 12.38
CA THR H 241 -51.31 -15.84 12.35
C THR H 241 -51.79 -16.33 10.99
N PHE H 242 -52.60 -17.38 11.00
CA PHE H 242 -53.09 -17.89 9.74
C PHE H 242 -54.37 -18.59 10.12
N GLN H 243 -55.51 -17.89 10.15
CA GLN H 243 -56.81 -18.43 10.58
C GLN H 243 -57.77 -18.76 9.46
N VAL H 244 -57.98 -20.06 9.25
CA VAL H 244 -58.86 -20.45 8.17
C VAL H 244 -60.32 -20.23 8.31
N GLY H 245 -60.95 -19.71 7.26
CA GLY H 245 -62.36 -19.43 7.37
C GLY H 245 -62.63 -18.13 8.13
N ASN H 246 -61.61 -17.44 8.62
CA ASN H 246 -61.91 -16.19 9.28
C ASN H 246 -61.95 -15.04 8.27
N TRP H 247 -63.06 -14.31 8.29
CA TRP H 247 -63.11 -13.22 7.35
C TRP H 247 -63.06 -11.84 7.95
N ASN H 248 -62.84 -11.68 9.25
CA ASN H 248 -62.81 -10.32 9.81
C ASN H 248 -61.66 -9.62 9.13
N GLU H 249 -61.91 -8.46 8.55
CA GLU H 249 -60.80 -7.77 7.95
C GLU H 249 -60.18 -6.71 8.81
N ILE H 250 -60.61 -6.63 10.06
CA ILE H 250 -59.98 -5.64 10.91
C ILE H 250 -58.87 -6.24 11.71
N ASN H 251 -57.90 -5.41 12.06
CA ASN H 251 -56.79 -5.89 12.88
C ASN H 251 -57.38 -6.12 14.27
N ASN H 252 -57.07 -7.23 14.90
CA ASN H 252 -57.62 -7.40 16.23
C ASN H 252 -56.58 -7.27 17.30
N ILE H 253 -56.95 -6.61 18.38
CA ILE H 253 -55.97 -6.40 19.41
C ILE H 253 -55.33 -7.69 19.93
N GLN H 254 -56.21 -8.70 20.00
CA GLN H 254 -55.84 -9.99 20.52
C GLN H 254 -54.54 -10.38 19.78
N ASP H 255 -54.67 -10.55 18.49
CA ASP H 255 -53.65 -11.00 17.57
C ASP H 255 -52.43 -10.10 17.66
N HIS H 256 -52.69 -8.82 17.59
CA HIS H 256 -51.63 -7.85 17.71
C HIS H 256 -50.76 -8.20 18.89
N ASN H 257 -51.37 -8.52 20.01
CA ASN H 257 -50.48 -8.84 21.11
C ASN H 257 -49.82 -10.19 20.92
N THR H 258 -50.60 -11.16 20.51
CA THR H 258 -49.88 -12.42 20.40
C THR H 258 -48.70 -12.33 19.43
N ILE H 259 -48.79 -11.46 18.44
CA ILE H 259 -47.68 -11.31 17.52
C ILE H 259 -46.57 -10.52 18.20
N TRP H 260 -47.02 -9.40 18.72
CA TRP H 260 -46.04 -8.59 19.38
C TRP H 260 -45.29 -9.33 20.46
N GLU H 261 -45.99 -10.07 21.28
CA GLU H 261 -45.23 -10.71 22.34
C GLU H 261 -44.40 -11.87 21.85
N GLY H 262 -44.96 -12.56 20.88
CA GLY H 262 -44.18 -13.68 20.44
C GLY H 262 -42.88 -13.30 19.76
N CYS H 263 -42.93 -12.29 18.93
CA CYS H 263 -41.73 -11.91 18.23
C CYS H 263 -40.76 -11.30 19.22
N CYS H 264 -41.34 -10.52 20.11
CA CYS H 264 -40.54 -9.81 21.04
C CYS H 264 -39.80 -10.84 21.84
N ARG H 265 -40.46 -11.97 21.91
CA ARG H 265 -39.89 -13.05 22.63
C ARG H 265 -38.81 -13.69 21.86
N LEU H 266 -39.01 -13.83 20.56
CA LEU H 266 -38.02 -14.42 19.66
C LEU H 266 -36.81 -13.46 19.50
N GLU H 267 -37.05 -12.14 19.51
CA GLU H 267 -36.13 -11.01 19.30
C GLU H 267 -36.30 -9.90 20.27
N PRO H 268 -35.55 -10.06 21.29
CA PRO H 268 -35.67 -9.21 22.40
C PRO H 268 -35.30 -7.84 22.05
N THR H 269 -34.56 -7.70 20.99
CA THR H 269 -34.09 -6.38 20.64
C THR H 269 -35.21 -5.55 20.16
N LEU H 270 -36.33 -6.23 19.95
CA LEU H 270 -37.47 -5.61 19.39
C LEU H 270 -38.08 -4.64 20.30
N LYS H 271 -37.68 -4.73 21.55
CA LYS H 271 -38.16 -3.96 22.68
C LYS H 271 -38.11 -2.51 22.30
N ASP H 272 -37.19 -2.19 21.40
CA ASP H 272 -37.03 -0.81 20.97
C ASP H 272 -37.53 -0.53 19.58
N ALA H 273 -38.07 -1.53 18.90
CA ALA H 273 -38.57 -1.27 17.56
C ALA H 273 -39.85 -0.44 17.63
N LYS H 274 -40.02 0.48 16.69
CA LYS H 274 -41.21 1.34 16.70
C LYS H 274 -42.28 0.82 15.75
N ILE H 275 -43.47 0.64 16.27
CA ILE H 275 -44.45 0.15 15.34
C ILE H 275 -44.92 1.16 14.35
N VAL H 276 -44.93 0.78 13.08
CA VAL H 276 -45.41 1.79 12.15
C VAL H 276 -46.71 1.42 11.46
N GLY H 277 -47.20 0.20 11.65
CA GLY H 277 -48.45 -0.17 11.02
C GLY H 277 -48.89 -1.59 11.33
N GLU H 278 -50.19 -1.85 11.14
CA GLU H 278 -50.70 -3.19 11.36
C GLU H 278 -51.64 -3.50 10.25
N TYR H 279 -51.61 -4.73 9.78
CA TYR H 279 -52.49 -5.00 8.67
C TYR H 279 -52.94 -6.41 8.78
N THR H 280 -54.05 -6.63 8.09
CA THR H 280 -54.61 -7.95 8.05
C THR H 280 -55.05 -8.33 6.64
N GLY H 281 -54.88 -9.58 6.22
CA GLY H 281 -55.23 -10.04 4.88
C GLY H 281 -55.72 -11.49 4.82
N PHE H 282 -56.32 -11.84 3.68
CA PHE H 282 -56.85 -13.19 3.54
C PHE H 282 -56.03 -14.09 2.61
N ARG H 283 -55.39 -15.12 3.10
CA ARG H 283 -54.68 -15.93 2.13
C ARG H 283 -55.72 -16.76 1.39
N PRO H 284 -55.64 -16.75 0.08
CA PRO H 284 -56.61 -17.49 -0.71
C PRO H 284 -56.26 -18.97 -0.60
N VAL H 285 -56.66 -19.50 0.54
CA VAL H 285 -56.42 -20.88 0.87
C VAL H 285 -57.22 -21.85 0.00
N ARG H 286 -56.56 -22.90 -0.47
CA ARG H 286 -57.15 -23.96 -1.28
C ARG H 286 -56.18 -25.12 -1.40
N PRO H 287 -56.74 -26.32 -1.24
CA PRO H 287 -56.05 -27.61 -1.29
C PRO H 287 -55.04 -27.62 -2.40
N GLN H 288 -55.31 -27.10 -3.60
CA GLN H 288 -54.33 -27.04 -4.69
C GLN H 288 -54.78 -25.78 -5.34
N VAL H 289 -53.92 -25.22 -6.15
CA VAL H 289 -54.23 -24.03 -6.93
C VAL H 289 -55.21 -24.31 -8.04
N ARG H 290 -56.13 -23.39 -8.30
CA ARG H 290 -56.98 -23.67 -9.42
C ARG H 290 -56.40 -22.86 -10.56
N LEU H 291 -55.94 -23.60 -11.54
CA LEU H 291 -55.36 -22.95 -12.70
C LEU H 291 -55.67 -23.89 -13.86
N GLU H 292 -56.78 -23.57 -14.50
CA GLU H 292 -57.27 -24.37 -15.59
C GLU H 292 -58.26 -23.55 -16.39
N ARG H 293 -58.42 -24.07 -17.60
CA ARG H 293 -59.28 -23.48 -18.58
C ARG H 293 -60.75 -23.87 -18.38
N GLU H 294 -61.68 -23.03 -18.82
CA GLU H 294 -63.11 -23.34 -18.67
C GLU H 294 -63.87 -22.52 -19.69
N GLN H 295 -64.62 -23.23 -20.53
CA GLN H 295 -65.42 -22.55 -21.57
C GLN H 295 -66.76 -22.20 -20.92
N LEU H 296 -67.39 -21.13 -21.39
CA LEU H 296 -68.69 -20.71 -20.85
C LEU H 296 -69.56 -20.21 -21.97
N ARG H 297 -70.72 -20.87 -22.11
CA ARG H 297 -71.72 -20.58 -23.14
C ARG H 297 -72.71 -19.57 -22.59
N PHE H 298 -72.91 -18.51 -23.36
CA PHE H 298 -73.84 -17.44 -23.03
C PHE H 298 -74.51 -17.06 -24.35
N GLY H 299 -75.77 -17.50 -24.49
CA GLY H 299 -76.49 -17.25 -25.72
C GLY H 299 -75.87 -18.16 -26.78
N SER H 300 -75.64 -17.59 -27.96
CA SER H 300 -75.03 -18.33 -29.06
C SER H 300 -73.50 -18.18 -29.08
N SER H 301 -72.95 -17.60 -28.02
CA SER H 301 -71.52 -17.39 -28.01
C SER H 301 -70.78 -17.96 -26.81
N ASN H 302 -69.72 -18.68 -27.15
CA ASN H 302 -68.83 -19.26 -26.15
C ASN H 302 -67.83 -18.23 -25.65
N THR H 303 -67.39 -18.44 -24.40
CA THR H 303 -66.42 -17.54 -23.82
C THR H 303 -65.46 -18.32 -22.98
N GLU H 304 -64.19 -18.03 -23.23
CA GLU H 304 -63.10 -18.70 -22.57
C GLU H 304 -62.59 -18.09 -21.28
N VAL H 305 -62.58 -18.96 -20.28
CA VAL H 305 -62.06 -18.53 -19.01
C VAL H 305 -60.82 -19.30 -18.60
N ILE H 306 -59.93 -18.62 -17.89
CA ILE H 306 -58.77 -19.34 -17.41
C ILE H 306 -58.62 -18.87 -16.00
N HIS H 307 -58.73 -19.85 -15.12
CA HIS H 307 -58.66 -19.58 -13.72
C HIS H 307 -57.23 -19.60 -13.23
N ASN H 308 -56.96 -18.81 -12.21
CA ASN H 308 -55.64 -18.79 -11.63
C ASN H 308 -55.86 -18.25 -10.25
N TYR H 309 -56.14 -19.17 -9.33
CA TYR H 309 -56.36 -18.67 -7.99
C TYR H 309 -56.21 -19.72 -6.92
N GLY H 310 -56.04 -19.29 -5.67
CA GLY H 310 -55.92 -20.18 -4.51
C GLY H 310 -54.48 -20.49 -4.15
N HIS H 311 -53.64 -19.47 -4.29
CA HIS H 311 -52.21 -19.61 -3.99
C HIS H 311 -51.86 -19.49 -2.53
N GLY H 312 -52.89 -19.62 -1.70
CA GLY H 312 -52.69 -19.58 -0.28
C GLY H 312 -51.63 -18.61 0.23
N GLY H 313 -50.64 -19.14 0.92
CA GLY H 313 -49.58 -18.32 1.49
C GLY H 313 -48.30 -18.30 0.67
N TYR H 314 -48.39 -18.58 -0.62
CA TYR H 314 -47.20 -18.59 -1.46
C TYR H 314 -47.43 -17.96 -2.81
N GLY H 315 -48.46 -17.13 -2.82
CA GLY H 315 -48.78 -16.44 -4.06
C GLY H 315 -47.55 -15.74 -4.68
N LEU H 316 -46.74 -15.12 -3.86
CA LEU H 316 -45.59 -14.45 -4.42
C LEU H 316 -44.56 -15.47 -4.86
N THR H 317 -44.34 -16.41 -3.94
CA THR H 317 -43.37 -17.44 -4.13
C THR H 317 -43.52 -18.20 -5.42
N ILE H 318 -44.74 -18.24 -5.93
CA ILE H 318 -44.93 -19.04 -7.12
C ILE H 318 -45.68 -18.32 -8.24
N HIS H 319 -45.84 -17.02 -8.10
CA HIS H 319 -46.64 -16.30 -9.06
C HIS H 319 -46.30 -16.50 -10.51
N TRP H 320 -45.02 -16.32 -10.78
CA TRP H 320 -44.52 -16.39 -12.13
C TRP H 320 -44.75 -17.71 -12.85
N GLY H 321 -44.63 -18.78 -12.07
CA GLY H 321 -44.76 -20.13 -12.63
C GLY H 321 -46.12 -20.30 -13.29
N CYS H 322 -47.10 -19.97 -12.47
CA CYS H 322 -48.45 -20.03 -12.95
C CYS H 322 -48.65 -19.08 -14.12
N ALA H 323 -48.16 -17.85 -13.96
CA ALA H 323 -48.35 -16.85 -15.00
C ALA H 323 -47.96 -17.43 -16.33
N LEU H 324 -46.90 -18.22 -16.28
CA LEU H 324 -46.45 -18.86 -17.52
C LEU H 324 -47.46 -19.86 -18.04
N GLU H 325 -47.83 -20.78 -17.17
CA GLU H 325 -48.82 -21.77 -17.56
C GLU H 325 -50.06 -21.17 -18.22
N VAL H 326 -50.56 -20.12 -17.58
CA VAL H 326 -51.72 -19.50 -18.19
C VAL H 326 -51.45 -19.05 -19.61
N ALA H 327 -50.31 -18.40 -19.76
CA ALA H 327 -50.00 -17.93 -21.08
C ALA H 327 -50.06 -19.10 -22.09
N LYS H 328 -49.50 -20.20 -21.61
CA LYS H 328 -49.50 -21.45 -22.34
C LYS H 328 -50.95 -21.82 -22.73
N LEU H 329 -51.83 -21.93 -21.74
CA LEU H 329 -53.17 -22.29 -22.14
C LEU H 329 -53.75 -21.22 -23.01
N PHE H 330 -53.40 -20.01 -22.65
CA PHE H 330 -53.99 -18.96 -23.42
C PHE H 330 -53.63 -19.17 -24.87
N GLY H 331 -52.42 -19.67 -25.02
CA GLY H 331 -51.98 -19.90 -26.37
C GLY H 331 -52.84 -20.93 -27.07
N LYS H 332 -53.04 -22.06 -26.40
CA LYS H 332 -53.86 -23.14 -26.94
C LYS H 332 -55.17 -22.51 -27.36
N VAL H 333 -55.74 -21.71 -26.47
CA VAL H 333 -56.95 -21.05 -26.87
C VAL H 333 -56.76 -20.33 -28.20
N LEU H 334 -55.67 -19.61 -28.39
CA LEU H 334 -55.50 -18.97 -29.68
C LEU H 334 -55.39 -19.98 -30.79
N GLU H 335 -54.72 -21.10 -30.56
CA GLU H 335 -54.57 -22.06 -31.64
C GLU H 335 -55.95 -22.48 -32.10
N GLU H 336 -56.77 -22.87 -31.15
CA GLU H 336 -58.13 -23.29 -31.44
C GLU H 336 -58.89 -22.21 -32.23
N ARG H 337 -58.67 -20.94 -31.92
CA ARG H 337 -59.34 -19.91 -32.66
C ARG H 337 -58.59 -19.75 -33.99
N ASN H 338 -57.56 -20.55 -34.17
CA ASN H 338 -56.77 -20.47 -35.40
C ASN H 338 -56.05 -19.14 -35.48
N LEU H 339 -55.62 -18.65 -34.32
CA LEU H 339 -54.91 -17.38 -34.19
C LEU H 339 -55.85 -16.22 -34.46
#